data_6BUT
#
_entry.id   6BUT
#
loop_
_entity.id
_entity.type
_entity.pdbx_description
1 polymer Calmodulin-1
2 polymer 'Sodium channel protein type 2 subunit alpha'
#
loop_
_entity_poly.entity_id
_entity_poly.type
_entity_poly.pdbx_seq_one_letter_code
_entity_poly.pdbx_strand_id
1 'polypeptide(L)'
;ADQLTEEQIAEFKEAFSLFDKDGDGTITTKELGTVMRSLGQNPTEAELQDMINEVDADGNGTIDFPEFLTMMARKMKDTD
SEEEIREAFRVFDKDGNGYISAAELRHVMTNLGEKLTDEEVDEMIREADIDGDGQVNYEEFVQMMTAK
;
A
2 'polypeptide(L)' GPGSKRKQEEVSAIIIQRAYRRYLLKQKVKK B
#
# COMPACT_ATOMS: atom_id res chain seq x y z
N ALA A 1 0.66 8.63 -1.89
CA ALA A 1 0.61 7.72 -0.73
C ALA A 1 -0.83 7.30 -0.38
N ASP A 2 -1.62 8.18 0.24
CA ASP A 2 -2.98 7.88 0.77
C ASP A 2 -4.14 8.44 -0.07
N GLN A 3 -3.86 9.17 -1.16
CA GLN A 3 -4.89 9.73 -2.04
C GLN A 3 -5.70 8.62 -2.76
N LEU A 4 -7.02 8.79 -2.84
CA LEU A 4 -7.89 7.97 -3.67
C LEU A 4 -7.86 8.42 -5.14
N THR A 5 -8.02 7.47 -6.06
CA THR A 5 -8.30 7.73 -7.48
C THR A 5 -9.77 8.03 -7.69
N GLU A 6 -10.11 8.65 -8.82
CA GLU A 6 -11.50 8.87 -9.25
C GLU A 6 -12.30 7.55 -9.35
N GLU A 7 -11.66 6.42 -9.68
CA GLU A 7 -12.28 5.10 -9.70
C GLU A 7 -12.62 4.58 -8.29
N GLN A 8 -11.69 4.73 -7.34
CA GLN A 8 -11.95 4.43 -5.91
C GLN A 8 -13.07 5.33 -5.36
N ILE A 9 -13.02 6.63 -5.66
CA ILE A 9 -14.01 7.60 -5.17
C ILE A 9 -15.40 7.28 -5.72
N ALA A 10 -15.56 6.99 -7.01
CA ALA A 10 -16.86 6.64 -7.59
C ALA A 10 -17.40 5.28 -7.09
N GLU A 11 -16.53 4.29 -6.82
CA GLU A 11 -16.92 3.02 -6.22
C GLU A 11 -17.42 3.20 -4.78
N PHE A 12 -16.68 3.96 -3.96
CA PHE A 12 -17.10 4.33 -2.61
C PHE A 12 -18.34 5.25 -2.60
N LYS A 13 -18.47 6.17 -3.57
CA LYS A 13 -19.64 7.03 -3.78
C LYS A 13 -20.92 6.21 -3.95
N GLU A 14 -20.89 5.24 -4.86
CA GLU A 14 -22.02 4.34 -5.12
C GLU A 14 -22.35 3.48 -3.90
N ALA A 15 -21.36 2.78 -3.33
CA ALA A 15 -21.58 1.91 -2.17
C ALA A 15 -22.03 2.66 -0.91
N PHE A 16 -21.58 3.89 -0.69
CA PHE A 16 -22.04 4.74 0.39
C PHE A 16 -23.49 5.23 0.16
N SER A 17 -23.78 5.73 -1.05
CA SER A 17 -25.10 6.22 -1.46
C SER A 17 -26.18 5.12 -1.44
N LEU A 18 -25.80 3.85 -1.64
CA LEU A 18 -26.68 2.67 -1.47
C LEU A 18 -27.31 2.57 -0.08
N PHE A 19 -26.75 3.24 0.94
CA PHE A 19 -27.23 3.28 2.32
C PHE A 19 -27.58 4.71 2.80
N ASP A 20 -27.50 5.72 1.92
CA ASP A 20 -27.95 7.08 2.21
C ASP A 20 -29.50 7.13 2.23
N LYS A 21 -30.06 7.63 3.34
CA LYS A 21 -31.50 7.67 3.63
C LYS A 21 -32.26 8.79 2.91
N ASP A 22 -31.59 9.86 2.48
CA ASP A 22 -32.22 11.09 1.97
C ASP A 22 -31.60 11.66 0.69
N GLY A 23 -30.44 11.15 0.27
CA GLY A 23 -29.63 11.73 -0.81
C GLY A 23 -28.78 12.94 -0.35
N ASP A 24 -28.69 13.17 0.97
CA ASP A 24 -27.97 14.29 1.59
C ASP A 24 -26.44 14.06 1.71
N GLY A 25 -25.95 12.88 1.32
CA GLY A 25 -24.54 12.49 1.39
C GLY A 25 -24.10 11.95 2.76
N THR A 26 -24.99 11.29 3.51
CA THR A 26 -24.71 10.78 4.86
C THR A 26 -25.33 9.39 5.15
N ILE A 27 -24.77 8.67 6.13
CA ILE A 27 -25.26 7.39 6.70
C ILE A 27 -25.17 7.41 8.23
N THR A 28 -25.72 6.40 8.91
CA THR A 28 -25.52 6.18 10.36
C THR A 28 -24.23 5.42 10.67
N THR A 29 -23.76 5.55 11.90
CA THR A 29 -22.66 4.77 12.47
C THR A 29 -22.95 3.26 12.49
N LYS A 30 -24.23 2.87 12.58
CA LYS A 30 -24.69 1.47 12.48
C LYS A 30 -24.55 0.90 11.06
N GLU A 31 -24.87 1.70 10.04
CA GLU A 31 -24.75 1.31 8.63
C GLU A 31 -23.30 1.26 8.11
N LEU A 32 -22.34 1.91 8.77
CA LEU A 32 -20.93 1.97 8.35
C LEU A 32 -20.38 0.59 7.98
N GLY A 33 -20.41 -0.39 8.90
CA GLY A 33 -19.85 -1.72 8.63
C GLY A 33 -20.63 -2.49 7.56
N THR A 34 -21.93 -2.21 7.41
CA THR A 34 -22.74 -2.77 6.31
C THR A 34 -22.35 -2.17 4.96
N VAL A 35 -22.05 -0.87 4.93
CA VAL A 35 -21.48 -0.18 3.77
C VAL A 35 -20.10 -0.73 3.44
N MET A 36 -19.20 -0.93 4.41
CA MET A 36 -17.90 -1.58 4.19
C MET A 36 -18.04 -2.98 3.57
N ARG A 37 -19.01 -3.78 4.03
CA ARG A 37 -19.31 -5.11 3.47
C ARG A 37 -19.88 -5.05 2.05
N SER A 38 -20.47 -3.92 1.63
CA SER A 38 -20.84 -3.68 0.22
C SER A 38 -19.60 -3.51 -0.69
N LEU A 39 -18.50 -2.96 -0.16
CA LEU A 39 -17.18 -2.96 -0.80
C LEU A 39 -16.43 -4.32 -0.65
N GLY A 40 -17.07 -5.32 -0.03
CA GLY A 40 -16.50 -6.65 0.22
C GLY A 40 -15.58 -6.76 1.45
N GLN A 41 -15.34 -5.65 2.17
CA GLN A 41 -14.54 -5.62 3.40
C GLN A 41 -15.42 -5.86 4.62
N ASN A 42 -15.14 -6.91 5.41
CA ASN A 42 -15.84 -7.17 6.67
C ASN A 42 -15.00 -6.72 7.89
N PRO A 43 -15.23 -5.51 8.43
CA PRO A 43 -14.50 -4.98 9.58
C PRO A 43 -14.88 -5.65 10.91
N THR A 44 -13.97 -5.61 11.87
CA THR A 44 -14.21 -6.01 13.27
C THR A 44 -15.02 -4.92 14.01
N GLU A 45 -15.84 -5.29 14.99
CA GLU A 45 -16.60 -4.32 15.80
C GLU A 45 -15.68 -3.34 16.57
N ALA A 46 -14.51 -3.80 17.01
CA ALA A 46 -13.48 -2.97 17.63
C ALA A 46 -12.87 -1.94 16.65
N GLU A 47 -12.67 -2.31 15.38
CA GLU A 47 -12.22 -1.37 14.34
C GLU A 47 -13.28 -0.31 14.06
N LEU A 48 -14.55 -0.72 13.90
CA LEU A 48 -15.67 0.20 13.68
C LEU A 48 -15.79 1.22 14.82
N GLN A 49 -15.75 0.75 16.08
CA GLN A 49 -15.81 1.62 17.25
C GLN A 49 -14.62 2.61 17.30
N ASP A 50 -13.41 2.17 16.98
CA ASP A 50 -12.21 3.03 16.93
C ASP A 50 -12.30 4.10 15.81
N MET A 51 -12.79 3.74 14.62
CA MET A 51 -13.00 4.69 13.52
C MET A 51 -14.12 5.70 13.84
N ILE A 52 -15.23 5.24 14.43
CA ILE A 52 -16.35 6.11 14.84
C ILE A 52 -15.96 7.02 16.02
N ASN A 53 -15.06 6.62 16.92
CA ASN A 53 -14.57 7.50 17.99
C ASN A 53 -13.92 8.79 17.45
N GLU A 54 -13.23 8.70 16.32
CA GLU A 54 -12.56 9.84 15.68
C GLU A 54 -13.50 10.62 14.74
N VAL A 55 -14.33 9.92 13.96
CA VAL A 55 -15.28 10.50 13.00
C VAL A 55 -16.49 11.15 13.67
N ASP A 56 -17.11 10.46 14.63
CA ASP A 56 -18.30 10.90 15.36
C ASP A 56 -17.98 11.37 16.80
N ALA A 57 -16.92 12.18 16.95
CA ALA A 57 -16.50 12.70 18.25
C ALA A 57 -17.57 13.55 18.96
N ASP A 58 -18.51 14.13 18.21
CA ASP A 58 -19.67 14.89 18.74
C ASP A 58 -20.87 14.00 19.15
N GLY A 59 -20.84 12.70 18.85
CA GLY A 59 -21.87 11.73 19.25
C GLY A 59 -23.23 11.87 18.53
N ASN A 60 -23.22 12.26 17.26
CA ASN A 60 -24.42 12.49 16.44
C ASN A 60 -25.06 11.17 15.92
N GLY A 61 -24.32 10.06 15.90
CA GLY A 61 -24.73 8.77 15.34
C GLY A 61 -24.69 8.71 13.80
N THR A 62 -24.00 9.66 13.15
CA THR A 62 -23.97 9.82 11.68
C THR A 62 -22.56 10.09 11.12
N ILE A 63 -22.40 9.82 9.83
CA ILE A 63 -21.16 9.95 9.04
C ILE A 63 -21.49 10.57 7.68
N ASP A 64 -20.66 11.49 7.20
CA ASP A 64 -20.75 12.04 5.83
C ASP A 64 -19.86 11.26 4.85
N PHE A 65 -20.18 11.32 3.56
CA PHE A 65 -19.37 10.75 2.47
C PHE A 65 -17.85 11.00 2.61
N PRO A 66 -17.35 12.24 2.81
CA PRO A 66 -15.92 12.49 2.95
C PRO A 66 -15.32 11.95 4.27
N GLU A 67 -16.09 11.87 5.35
CA GLU A 67 -15.66 11.22 6.59
C GLU A 67 -15.59 9.69 6.46
N PHE A 68 -16.40 9.08 5.59
CA PHE A 68 -16.25 7.68 5.22
C PHE A 68 -14.99 7.46 4.37
N LEU A 69 -14.75 8.28 3.34
CA LEU A 69 -13.52 8.16 2.53
C LEU A 69 -12.24 8.38 3.34
N THR A 70 -12.30 9.26 4.35
CA THR A 70 -11.24 9.49 5.34
C THR A 70 -10.75 8.19 5.99
N MET A 71 -11.65 7.30 6.43
CA MET A 71 -11.25 6.02 7.02
C MET A 71 -10.93 4.97 5.95
N MET A 72 -11.62 4.99 4.80
CA MET A 72 -11.38 4.04 3.71
C MET A 72 -9.98 4.18 3.11
N ALA A 73 -9.42 5.40 3.07
CA ALA A 73 -8.02 5.64 2.74
C ALA A 73 -7.08 4.86 3.69
N ARG A 74 -7.23 5.04 5.01
CA ARG A 74 -6.42 4.36 6.04
C ARG A 74 -6.60 2.85 6.02
N LYS A 75 -7.82 2.34 5.79
CA LYS A 75 -8.10 0.90 5.62
C LYS A 75 -7.40 0.30 4.39
N MET A 76 -7.24 1.05 3.29
CA MET A 76 -6.40 0.63 2.17
C MET A 76 -4.90 0.71 2.51
N LYS A 77 -4.45 1.72 3.28
CA LYS A 77 -3.05 1.88 3.70
C LYS A 77 -2.53 0.77 4.61
N ASP A 78 -3.39 -0.04 5.23
CA ASP A 78 -2.99 -1.18 6.08
C ASP A 78 -2.10 -2.24 5.37
N THR A 79 -1.98 -2.21 4.04
CA THR A 79 -1.08 -3.08 3.27
C THR A 79 0.06 -2.34 2.54
N ASP A 80 0.12 -1.00 2.53
CA ASP A 80 1.14 -0.24 1.77
C ASP A 80 1.46 1.19 2.30
N SER A 81 1.14 1.52 3.56
CA SER A 81 1.50 2.82 4.17
C SER A 81 3.01 3.04 4.21
N GLU A 82 3.47 4.29 4.19
CA GLU A 82 4.91 4.61 4.31
C GLU A 82 5.50 4.08 5.63
N GLU A 83 4.77 4.22 6.75
CA GLU A 83 5.19 3.69 8.06
C GLU A 83 5.17 2.15 8.10
N GLU A 84 4.20 1.52 7.42
CA GLU A 84 4.11 0.06 7.28
C GLU A 84 5.30 -0.50 6.48
N ILE A 85 5.65 0.13 5.35
CA ILE A 85 6.82 -0.24 4.52
C ILE A 85 8.12 0.01 5.28
N ARG A 86 8.31 1.17 5.96
CA ARG A 86 9.52 1.46 6.76
C ARG A 86 9.71 0.45 7.89
N GLU A 87 8.64 0.03 8.57
CA GLU A 87 8.69 -1.01 9.60
C GLU A 87 8.99 -2.39 8.99
N ALA A 88 8.30 -2.75 7.90
CA ALA A 88 8.53 -4.00 7.17
C ALA A 88 9.96 -4.12 6.63
N PHE A 89 10.56 -3.04 6.17
CA PHE A 89 11.97 -3.00 5.79
C PHE A 89 12.91 -3.13 6.99
N ARG A 90 12.62 -2.43 8.09
CA ARG A 90 13.44 -2.48 9.32
C ARG A 90 13.53 -3.89 9.92
N VAL A 91 12.55 -4.75 9.68
CA VAL A 91 12.56 -6.19 9.99
C VAL A 91 13.67 -6.94 9.22
N PHE A 92 13.99 -6.52 7.98
CA PHE A 92 15.06 -7.08 7.16
C PHE A 92 16.41 -6.35 7.30
N ASP A 93 16.42 -5.07 7.71
CA ASP A 93 17.65 -4.30 7.98
C ASP A 93 18.48 -4.98 9.09
N LYS A 94 19.65 -5.52 8.72
CA LYS A 94 20.51 -6.34 9.59
C LYS A 94 21.26 -5.53 10.67
N ASP A 95 21.44 -4.23 10.47
CA ASP A 95 22.31 -3.37 11.29
C ASP A 95 21.59 -2.16 11.92
N GLY A 96 20.38 -1.83 11.46
CA GLY A 96 19.68 -0.57 11.79
C GLY A 96 20.27 0.65 11.05
N ASN A 97 21.00 0.40 9.96
CA ASN A 97 21.74 1.40 9.19
C ASN A 97 20.88 2.18 8.16
N GLY A 98 19.57 1.90 8.04
CA GLY A 98 18.69 2.55 7.07
C GLY A 98 18.81 1.99 5.65
N TYR A 99 19.39 0.79 5.52
CA TYR A 99 19.65 0.11 4.24
C TYR A 99 19.53 -1.42 4.41
N ILE A 100 19.38 -2.13 3.28
CA ILE A 100 19.31 -3.59 3.17
C ILE A 100 20.25 -4.04 2.04
N SER A 101 20.97 -5.16 2.21
CA SER A 101 21.85 -5.63 1.14
C SER A 101 21.06 -6.07 -0.10
N ALA A 102 21.56 -5.82 -1.31
CA ALA A 102 20.79 -6.11 -2.53
C ALA A 102 20.43 -7.59 -2.69
N ALA A 103 21.38 -8.49 -2.43
CA ALA A 103 21.14 -9.93 -2.41
C ALA A 103 20.20 -10.38 -1.25
N GLU A 104 20.19 -9.64 -0.14
CA GLU A 104 19.28 -9.88 0.99
C GLU A 104 17.83 -9.50 0.63
N LEU A 105 17.59 -8.30 0.09
CA LEU A 105 16.25 -7.89 -0.34
C LEU A 105 15.76 -8.77 -1.50
N ARG A 106 16.65 -9.11 -2.46
CA ARG A 106 16.36 -10.08 -3.55
C ARG A 106 15.97 -11.46 -3.01
N HIS A 107 16.63 -11.94 -1.95
CA HIS A 107 16.23 -13.15 -1.25
C HIS A 107 14.82 -13.02 -0.71
N VAL A 108 14.53 -12.04 0.16
CA VAL A 108 13.19 -11.95 0.79
C VAL A 108 12.09 -11.80 -0.26
N MET A 109 12.31 -10.92 -1.24
CA MET A 109 11.32 -10.61 -2.28
C MET A 109 11.02 -11.78 -3.24
N THR A 110 11.86 -12.81 -3.23
CA THR A 110 11.65 -14.05 -4.00
C THR A 110 11.57 -15.32 -3.14
N ASN A 111 11.54 -15.18 -1.82
CA ASN A 111 11.23 -16.25 -0.86
C ASN A 111 9.84 -16.10 -0.26
N LEU A 112 9.51 -14.88 0.14
CA LEU A 112 8.35 -14.55 0.96
C LEU A 112 7.35 -13.67 0.20
N GLY A 113 6.09 -13.69 0.65
CA GLY A 113 5.00 -13.03 -0.08
C GLY A 113 4.68 -13.66 -1.43
N GLU A 114 4.24 -12.81 -2.35
CA GLU A 114 3.73 -13.18 -3.68
C GLU A 114 4.81 -13.65 -4.68
N LYS A 115 6.11 -13.45 -4.35
CA LYS A 115 7.29 -13.56 -5.22
C LYS A 115 7.29 -12.54 -6.36
N LEU A 116 8.40 -11.82 -6.52
CA LEU A 116 8.68 -11.00 -7.71
C LEU A 116 9.26 -11.90 -8.83
N THR A 117 9.03 -11.53 -10.09
CA THR A 117 9.62 -12.20 -11.26
C THR A 117 11.13 -11.97 -11.32
N ASP A 118 11.86 -12.81 -12.05
CA ASP A 118 13.31 -12.70 -12.27
C ASP A 118 13.78 -11.31 -12.71
N GLU A 119 13.10 -10.70 -13.69
CA GLU A 119 13.41 -9.35 -14.19
C GLU A 119 12.85 -8.23 -13.28
N GLU A 120 11.84 -8.54 -12.47
CA GLU A 120 11.13 -7.60 -11.60
C GLU A 120 11.88 -7.35 -10.29
N VAL A 121 12.45 -8.41 -9.68
CA VAL A 121 13.36 -8.28 -8.54
C VAL A 121 14.68 -7.62 -8.94
N ASP A 122 15.16 -7.87 -10.16
CA ASP A 122 16.32 -7.17 -10.73
C ASP A 122 16.00 -5.68 -10.97
N GLU A 123 14.83 -5.36 -11.53
CA GLU A 123 14.36 -3.97 -11.69
C GLU A 123 14.33 -3.22 -10.36
N MET A 124 13.90 -3.88 -9.27
CA MET A 124 13.94 -3.31 -7.92
C MET A 124 15.36 -2.89 -7.55
N ILE A 125 16.38 -3.75 -7.70
CA ILE A 125 17.75 -3.38 -7.29
C ILE A 125 18.26 -2.14 -8.07
N ARG A 126 17.89 -1.96 -9.35
CA ARG A 126 18.34 -0.81 -10.17
C ARG A 126 17.95 0.56 -9.59
N GLU A 127 16.85 0.62 -8.84
CA GLU A 127 16.26 1.85 -8.30
C GLU A 127 16.22 1.89 -6.75
N ALA A 128 16.28 0.73 -6.10
CA ALA A 128 16.47 0.54 -4.66
C ALA A 128 17.94 0.79 -4.23
N ASP A 129 18.93 0.46 -5.05
CA ASP A 129 20.35 0.84 -4.88
C ASP A 129 20.64 2.16 -5.61
N ILE A 130 21.42 3.05 -4.97
CA ILE A 130 21.80 4.36 -5.52
C ILE A 130 22.67 4.28 -6.79
N ASP A 131 23.52 3.25 -6.94
CA ASP A 131 24.49 3.14 -8.06
C ASP A 131 24.78 1.69 -8.53
N GLY A 132 24.20 0.68 -7.88
CA GLY A 132 24.42 -0.74 -8.19
C GLY A 132 25.63 -1.37 -7.48
N ASP A 133 26.04 -0.83 -6.34
CA ASP A 133 27.13 -1.36 -5.50
C ASP A 133 26.79 -2.66 -4.73
N GLY A 134 25.51 -3.04 -4.71
CA GLY A 134 24.95 -4.18 -3.97
C GLY A 134 24.33 -3.80 -2.61
N GLN A 135 23.97 -2.54 -2.43
CA GLN A 135 23.35 -2.00 -1.21
C GLN A 135 22.10 -1.20 -1.57
N VAL A 136 20.92 -1.78 -1.32
CA VAL A 136 19.65 -1.07 -1.40
C VAL A 136 19.50 -0.13 -0.22
N ASN A 137 19.15 1.13 -0.45
CA ASN A 137 18.80 2.06 0.62
C ASN A 137 17.29 2.25 0.72
N TYR A 138 16.67 1.38 1.52
CA TYR A 138 15.22 1.28 1.64
C TYR A 138 14.56 2.57 2.17
N GLU A 139 15.25 3.38 2.97
CA GLU A 139 14.71 4.63 3.53
C GLU A 139 14.40 5.68 2.45
N GLU A 140 15.11 5.65 1.31
CA GLU A 140 14.79 6.44 0.12
C GLU A 140 13.77 5.69 -0.79
N PHE A 141 13.90 4.37 -0.89
CA PHE A 141 13.05 3.51 -1.72
C PHE A 141 11.58 3.55 -1.29
N VAL A 142 11.30 3.52 0.02
CA VAL A 142 9.96 3.68 0.59
C VAL A 142 9.33 5.04 0.23
N GLN A 143 10.11 6.12 0.28
CA GLN A 143 9.66 7.45 -0.13
C GLN A 143 9.37 7.48 -1.65
N MET A 144 10.24 6.88 -2.46
CA MET A 144 10.07 6.77 -3.92
C MET A 144 8.80 5.98 -4.30
N MET A 145 8.55 4.83 -3.66
CA MET A 145 7.38 3.99 -3.92
C MET A 145 6.06 4.66 -3.52
N THR A 146 6.04 5.37 -2.38
CA THR A 146 4.83 6.01 -1.85
C THR A 146 4.54 7.40 -2.43
N ALA A 147 5.53 8.10 -3.00
CA ALA A 147 5.35 9.38 -3.67
C ALA A 147 4.53 9.26 -4.98
N LYS A 148 3.60 10.21 -5.20
CA LYS A 148 2.88 10.39 -6.48
C LYS A 148 3.77 11.11 -7.50
N GLY B 1 16.56 -20.43 18.16
CA GLY B 1 17.84 -19.95 17.59
C GLY B 1 17.96 -18.43 17.71
N PRO B 2 19.18 -17.88 17.84
CA PRO B 2 19.41 -16.44 17.98
C PRO B 2 18.96 -15.66 16.73
N GLY B 3 18.36 -14.47 16.95
CA GLY B 3 17.92 -13.57 15.88
C GLY B 3 16.66 -14.01 15.10
N SER B 4 15.95 -15.04 15.57
CA SER B 4 14.74 -15.58 14.90
C SER B 4 13.62 -14.54 14.75
N LYS B 5 12.98 -14.53 13.58
CA LYS B 5 11.97 -13.52 13.19
C LYS B 5 10.95 -13.96 12.13
N ARG B 6 10.88 -15.26 11.80
CA ARG B 6 10.13 -15.83 10.66
C ARG B 6 8.65 -15.42 10.59
N LYS B 7 7.97 -15.32 11.75
CA LYS B 7 6.58 -14.85 11.87
C LYS B 7 6.38 -13.47 11.21
N GLN B 8 7.29 -12.54 11.50
CA GLN B 8 7.22 -11.16 11.01
C GLN B 8 7.88 -11.01 9.63
N GLU B 9 8.98 -11.74 9.41
CA GLU B 9 9.76 -11.71 8.17
C GLU B 9 8.90 -12.02 6.93
N GLU B 10 8.10 -13.09 6.99
CA GLU B 10 7.32 -13.58 5.86
C GLU B 10 6.12 -12.68 5.48
N VAL B 11 5.68 -11.83 6.41
CA VAL B 11 4.51 -10.94 6.25
C VAL B 11 4.91 -9.50 5.94
N SER B 12 6.05 -9.06 6.47
CA SER B 12 6.67 -7.76 6.17
C SER B 12 6.99 -7.64 4.68
N ALA B 13 7.47 -8.72 4.07
CA ALA B 13 7.80 -8.75 2.65
C ALA B 13 6.59 -8.34 1.79
N ILE B 14 5.39 -8.81 2.15
CA ILE B 14 4.17 -8.60 1.35
C ILE B 14 3.85 -7.11 1.22
N ILE B 15 4.02 -6.35 2.30
CA ILE B 15 3.77 -4.90 2.35
C ILE B 15 4.65 -4.15 1.33
N ILE B 16 5.94 -4.51 1.25
CA ILE B 16 6.88 -3.98 0.26
C ILE B 16 6.50 -4.45 -1.16
N GLN B 17 6.01 -5.68 -1.33
CA GLN B 17 5.56 -6.19 -2.65
C GLN B 17 4.35 -5.39 -3.19
N ARG B 18 3.37 -5.06 -2.33
CA ARG B 18 2.23 -4.19 -2.70
C ARG B 18 2.71 -2.82 -3.16
N ALA B 19 3.58 -2.19 -2.37
CA ALA B 19 4.17 -0.89 -2.69
C ALA B 19 4.99 -0.92 -3.99
N TYR B 20 5.77 -1.98 -4.21
CA TYR B 20 6.64 -2.10 -5.37
C TYR B 20 5.85 -2.25 -6.67
N ARG B 21 4.92 -3.21 -6.75
CA ARG B 21 4.11 -3.40 -7.97
C ARG B 21 3.18 -2.21 -8.25
N ARG B 22 2.76 -1.45 -7.22
CA ARG B 22 2.07 -0.16 -7.40
C ARG B 22 2.98 0.88 -8.05
N TYR B 23 4.23 0.98 -7.60
CA TYR B 23 5.24 1.86 -8.20
C TYR B 23 5.63 1.45 -9.62
N LEU B 24 5.66 0.15 -9.95
CA LEU B 24 5.97 -0.33 -11.31
C LEU B 24 5.08 0.32 -12.40
N LEU B 25 3.84 0.72 -12.06
CA LEU B 25 2.93 1.44 -12.96
C LEU B 25 3.50 2.80 -13.41
N LYS B 26 4.25 3.50 -12.54
CA LYS B 26 4.93 4.77 -12.86
C LYS B 26 6.08 4.59 -13.87
N GLN B 27 6.76 3.44 -13.85
CA GLN B 27 7.80 3.10 -14.83
C GLN B 27 7.25 2.71 -16.22
N LYS B 28 5.92 2.59 -16.37
CA LYS B 28 5.22 2.31 -17.65
C LYS B 28 4.07 3.29 -17.97
N VAL B 29 4.05 4.44 -17.31
CA VAL B 29 2.97 5.46 -17.43
C VAL B 29 2.91 6.07 -18.84
N LYS B 30 1.70 6.43 -19.30
CA LYS B 30 1.46 7.11 -20.58
C LYS B 30 2.07 8.52 -20.60
N LYS B 31 2.72 8.88 -21.71
CA LYS B 31 3.36 10.19 -21.99
C LYS B 31 3.24 10.56 -23.47
N ALA A 1 -4.28 10.77 -17.61
CA ALA A 1 -5.67 11.07 -17.22
C ALA A 1 -6.05 10.38 -15.90
N ASP A 2 -7.06 10.89 -15.19
CA ASP A 2 -7.57 10.36 -13.91
C ASP A 2 -8.75 9.36 -14.05
N GLN A 3 -9.04 8.90 -15.27
CA GLN A 3 -10.16 8.00 -15.56
C GLN A 3 -9.98 6.61 -14.90
N LEU A 4 -11.08 6.06 -14.37
CA LEU A 4 -11.17 4.68 -13.92
C LEU A 4 -11.38 3.73 -15.11
N THR A 5 -10.87 2.49 -15.01
CA THR A 5 -11.17 1.40 -15.96
C THR A 5 -12.62 0.95 -15.80
N GLU A 6 -13.17 0.30 -16.82
CA GLU A 6 -14.49 -0.33 -16.76
C GLU A 6 -14.61 -1.37 -15.63
N GLU A 7 -13.50 -2.03 -15.27
CA GLU A 7 -13.43 -2.97 -14.15
C GLU A 7 -13.47 -2.26 -12.78
N GLN A 8 -12.74 -1.16 -12.63
CA GLN A 8 -12.81 -0.32 -11.43
C GLN A 8 -14.17 0.38 -11.28
N ILE A 9 -14.75 0.86 -12.37
CA ILE A 9 -16.10 1.44 -12.39
C ILE A 9 -17.13 0.40 -11.94
N ALA A 10 -17.06 -0.84 -12.44
CA ALA A 10 -17.96 -1.92 -12.01
C ALA A 10 -17.77 -2.32 -10.53
N GLU A 11 -16.52 -2.33 -10.02
CA GLU A 11 -16.24 -2.60 -8.60
C GLU A 11 -16.80 -1.49 -7.68
N PHE A 12 -16.57 -0.22 -8.03
CA PHE A 12 -17.12 0.92 -7.31
C PHE A 12 -18.65 1.04 -7.46
N LYS A 13 -19.23 0.65 -8.60
CA LYS A 13 -20.68 0.64 -8.87
C LYS A 13 -21.43 -0.15 -7.80
N GLU A 14 -20.93 -1.36 -7.51
CA GLU A 14 -21.50 -2.25 -6.49
C GLU A 14 -21.39 -1.61 -5.09
N ALA A 15 -20.19 -1.24 -4.66
CA ALA A 15 -19.97 -0.69 -3.32
C ALA A 15 -20.66 0.67 -3.08
N PHE A 16 -20.86 1.49 -4.12
CA PHE A 16 -21.58 2.75 -4.04
C PHE A 16 -23.11 2.53 -3.96
N SER A 17 -23.68 1.75 -4.89
CA SER A 17 -25.12 1.42 -4.89
C SER A 17 -25.55 0.60 -3.68
N LEU A 18 -24.61 -0.08 -3.01
CA LEU A 18 -24.77 -0.73 -1.70
C LEU A 18 -25.33 0.23 -0.62
N PHE A 19 -25.06 1.54 -0.75
CA PHE A 19 -25.50 2.58 0.20
C PHE A 19 -26.46 3.61 -0.42
N ASP A 20 -26.83 3.46 -1.70
CA ASP A 20 -27.84 4.30 -2.34
C ASP A 20 -29.24 3.99 -1.77
N LYS A 21 -29.72 4.91 -0.92
CA LYS A 21 -30.98 4.80 -0.15
C LYS A 21 -32.25 5.17 -0.93
N ASP A 22 -32.11 5.71 -2.15
CA ASP A 22 -33.23 6.20 -2.98
C ASP A 22 -33.36 5.48 -4.34
N GLY A 23 -32.29 4.86 -4.84
CA GLY A 23 -32.20 4.29 -6.19
C GLY A 23 -31.87 5.31 -7.28
N ASP A 24 -31.50 6.54 -6.91
CA ASP A 24 -31.20 7.65 -7.82
C ASP A 24 -29.75 7.68 -8.35
N GLY A 25 -28.88 6.76 -7.91
CA GLY A 25 -27.45 6.74 -8.25
C GLY A 25 -26.61 7.69 -7.39
N THR A 26 -27.04 7.94 -6.14
CA THR A 26 -26.43 8.92 -5.21
C THR A 26 -26.36 8.39 -3.76
N ILE A 27 -25.49 8.97 -2.93
CA ILE A 27 -25.35 8.72 -1.47
C ILE A 27 -25.27 10.05 -0.70
N THR A 28 -25.30 10.00 0.63
CA THR A 28 -25.00 11.16 1.49
C THR A 28 -23.50 11.33 1.74
N THR A 29 -23.13 12.54 2.15
CA THR A 29 -21.80 12.87 2.66
C THR A 29 -21.42 12.09 3.92
N LYS A 30 -22.40 11.60 4.71
CA LYS A 30 -22.15 10.73 5.87
C LYS A 30 -21.99 9.24 5.53
N GLU A 31 -22.71 8.74 4.51
CA GLU A 31 -22.49 7.38 3.96
C GLU A 31 -21.16 7.25 3.19
N LEU A 32 -20.57 8.36 2.67
CA LEU A 32 -19.31 8.33 1.92
C LEU A 32 -18.22 7.49 2.61
N GLY A 33 -17.85 7.84 3.84
CA GLY A 33 -16.78 7.12 4.55
C GLY A 33 -17.12 5.65 4.82
N THR A 34 -18.40 5.31 4.91
CA THR A 34 -18.89 3.92 5.05
C THR A 34 -18.81 3.17 3.72
N VAL A 35 -19.06 3.85 2.60
CA VAL A 35 -18.82 3.32 1.25
C VAL A 35 -17.32 3.08 1.03
N MET A 36 -16.45 3.99 1.52
CA MET A 36 -14.99 3.79 1.52
C MET A 36 -14.57 2.60 2.40
N ARG A 37 -15.16 2.43 3.60
CA ARG A 37 -14.93 1.25 4.46
C ARG A 37 -15.36 -0.06 3.78
N SER A 38 -16.43 -0.06 2.98
CA SER A 38 -16.83 -1.18 2.12
C SER A 38 -15.78 -1.48 1.04
N LEU A 39 -15.13 -0.43 0.49
CA LEU A 39 -13.96 -0.51 -0.39
C LEU A 39 -12.63 -0.68 0.38
N GLY A 40 -12.67 -1.27 1.58
CA GLY A 40 -11.51 -1.73 2.35
C GLY A 40 -10.61 -0.65 2.98
N GLN A 41 -11.07 0.60 3.09
CA GLN A 41 -10.26 1.73 3.57
C GLN A 41 -11.07 2.69 4.46
N ASN A 42 -10.55 3.01 5.65
CA ASN A 42 -11.19 3.89 6.63
C ASN A 42 -10.55 5.29 6.64
N PRO A 43 -11.08 6.29 5.89
CA PRO A 43 -10.61 7.68 5.91
C PRO A 43 -10.91 8.36 7.26
N THR A 44 -10.15 9.41 7.61
CA THR A 44 -10.42 10.24 8.79
C THR A 44 -11.58 11.21 8.56
N GLU A 45 -12.19 11.71 9.64
CA GLU A 45 -13.26 12.73 9.56
C GLU A 45 -12.77 14.02 8.88
N ALA A 46 -11.53 14.43 9.15
CA ALA A 46 -10.90 15.58 8.52
C ALA A 46 -10.62 15.37 7.02
N GLU A 47 -10.14 14.18 6.63
CA GLU A 47 -9.92 13.83 5.22
C GLU A 47 -11.24 13.75 4.44
N LEU A 48 -12.29 13.15 5.01
CA LEU A 48 -13.63 13.16 4.43
C LEU A 48 -14.14 14.60 4.24
N GLN A 49 -14.02 15.45 5.26
CA GLN A 49 -14.42 16.86 5.18
C GLN A 49 -13.65 17.62 4.08
N ASP A 50 -12.34 17.38 3.94
CA ASP A 50 -11.51 17.98 2.88
C ASP A 50 -11.92 17.53 1.47
N MET A 51 -12.28 16.26 1.27
CA MET A 51 -12.81 15.76 -0.01
C MET A 51 -14.23 16.29 -0.30
N ILE A 52 -15.11 16.32 0.70
CA ILE A 52 -16.48 16.83 0.60
C ILE A 52 -16.52 18.35 0.37
N ASN A 53 -15.54 19.12 0.84
CA ASN A 53 -15.46 20.56 0.58
C ASN A 53 -15.39 20.90 -0.93
N GLU A 54 -14.76 20.04 -1.74
CA GLU A 54 -14.74 20.16 -3.21
C GLU A 54 -15.98 19.50 -3.86
N VAL A 55 -16.32 18.27 -3.45
CA VAL A 55 -17.42 17.47 -4.03
C VAL A 55 -18.81 18.05 -3.76
N ASP A 56 -19.04 18.55 -2.55
CA ASP A 56 -20.30 19.16 -2.10
C ASP A 56 -20.13 20.65 -1.76
N ALA A 57 -19.49 21.41 -2.67
CA ALA A 57 -19.32 22.85 -2.52
C ALA A 57 -20.66 23.62 -2.41
N ASP A 58 -21.75 23.05 -2.92
CA ASP A 58 -23.12 23.57 -2.80
C ASP A 58 -23.78 23.30 -1.42
N GLY A 59 -23.20 22.41 -0.60
CA GLY A 59 -23.68 22.09 0.75
C GLY A 59 -25.00 21.31 0.82
N ASN A 60 -25.32 20.49 -0.18
CA ASN A 60 -26.56 19.71 -0.25
C ASN A 60 -26.56 18.45 0.64
N GLY A 61 -25.39 17.99 1.11
CA GLY A 61 -25.21 16.78 1.90
C GLY A 61 -25.22 15.47 1.08
N THR A 62 -25.01 15.54 -0.24
CA THR A 62 -25.12 14.40 -1.18
C THR A 62 -24.01 14.35 -2.22
N ILE A 63 -23.82 13.16 -2.80
CA ILE A 63 -22.76 12.80 -3.76
C ILE A 63 -23.34 11.86 -4.82
N ASP A 64 -23.03 12.07 -6.10
CA ASP A 64 -23.38 11.14 -7.19
C ASP A 64 -22.30 10.07 -7.39
N PHE A 65 -22.65 8.93 -7.98
CA PHE A 65 -21.71 7.86 -8.33
C PHE A 65 -20.42 8.37 -9.03
N PRO A 66 -20.48 9.13 -10.15
CA PRO A 66 -19.27 9.62 -10.82
C PRO A 66 -18.55 10.72 -10.04
N GLU A 67 -19.24 11.46 -9.16
CA GLU A 67 -18.62 12.47 -8.29
C GLU A 67 -17.81 11.80 -7.16
N PHE A 68 -18.27 10.65 -6.65
CA PHE A 68 -17.50 9.84 -5.68
C PHE A 68 -16.22 9.26 -6.30
N LEU A 69 -16.26 8.79 -7.55
CA LEU A 69 -15.09 8.18 -8.20
C LEU A 69 -13.90 9.15 -8.34
N THR A 70 -14.14 10.46 -8.35
CA THR A 70 -13.07 11.47 -8.48
C THR A 70 -12.00 11.37 -7.38
N MET A 71 -12.40 11.06 -6.15
CA MET A 71 -11.46 10.86 -5.03
C MET A 71 -10.90 9.43 -5.00
N MET A 72 -11.68 8.44 -5.44
CA MET A 72 -11.22 7.04 -5.51
C MET A 72 -10.07 6.87 -6.52
N ALA A 73 -10.09 7.64 -7.62
CA ALA A 73 -8.99 7.72 -8.58
C ALA A 73 -7.65 8.12 -7.93
N ARG A 74 -7.68 9.03 -6.94
CA ARG A 74 -6.50 9.47 -6.17
C ARG A 74 -6.13 8.49 -5.06
N LYS A 75 -7.12 7.95 -4.33
CA LYS A 75 -6.91 6.99 -3.22
C LYS A 75 -6.23 5.69 -3.67
N MET A 76 -6.41 5.26 -4.92
CA MET A 76 -5.71 4.10 -5.49
C MET A 76 -4.19 4.25 -5.63
N LYS A 77 -3.61 5.46 -5.53
CA LYS A 77 -2.17 5.69 -5.77
C LYS A 77 -1.24 4.95 -4.81
N ASP A 78 -1.65 4.72 -3.57
CA ASP A 78 -0.90 3.93 -2.58
C ASP A 78 -1.74 2.75 -2.05
N THR A 79 -1.19 1.54 -2.14
CA THR A 79 -1.78 0.31 -1.58
C THR A 79 -1.47 0.12 -0.09
N ASP A 80 -0.41 0.74 0.42
CA ASP A 80 0.17 0.52 1.75
C ASP A 80 0.73 1.81 2.37
N SER A 81 0.72 1.89 3.71
CA SER A 81 1.26 3.03 4.46
C SER A 81 2.78 3.08 4.42
N GLU A 82 3.35 4.29 4.31
CA GLU A 82 4.79 4.51 4.44
C GLU A 82 5.35 4.02 5.78
N GLU A 83 4.57 4.18 6.86
CA GLU A 83 4.92 3.69 8.20
C GLU A 83 5.05 2.16 8.23
N GLU A 84 4.16 1.48 7.50
CA GLU A 84 4.11 0.01 7.41
C GLU A 84 5.28 -0.54 6.59
N ILE A 85 5.55 0.05 5.42
CA ILE A 85 6.66 -0.33 4.54
C ILE A 85 8.01 -0.10 5.24
N ARG A 86 8.21 1.05 5.91
CA ARG A 86 9.45 1.35 6.62
C ARG A 86 9.71 0.39 7.78
N GLU A 87 8.68 0.04 8.56
CA GLU A 87 8.78 -0.97 9.62
C GLU A 87 9.06 -2.38 9.04
N ALA A 88 8.36 -2.75 7.97
CA ALA A 88 8.56 -4.01 7.26
C ALA A 88 9.98 -4.14 6.67
N PHE A 89 10.55 -3.05 6.15
CA PHE A 89 11.94 -3.01 5.72
C PHE A 89 12.92 -3.12 6.89
N ARG A 90 12.67 -2.41 8.00
CA ARG A 90 13.52 -2.47 9.20
C ARG A 90 13.59 -3.87 9.80
N VAL A 91 12.58 -4.71 9.62
CA VAL A 91 12.62 -6.15 9.96
C VAL A 91 13.70 -6.91 9.16
N PHE A 92 14.01 -6.50 7.92
CA PHE A 92 15.09 -7.06 7.10
C PHE A 92 16.44 -6.32 7.26
N ASP A 93 16.44 -5.04 7.65
CA ASP A 93 17.67 -4.26 7.91
C ASP A 93 18.50 -4.95 9.01
N LYS A 94 19.72 -5.37 8.65
CA LYS A 94 20.61 -6.22 9.46
C LYS A 94 21.10 -5.60 10.77
N ASP A 95 21.12 -4.26 10.88
CA ASP A 95 21.72 -3.55 12.02
C ASP A 95 21.04 -2.19 12.35
N GLY A 96 19.99 -1.81 11.61
CA GLY A 96 19.38 -0.47 11.69
C GLY A 96 20.22 0.61 10.99
N ASN A 97 20.92 0.22 9.92
CA ASN A 97 21.81 1.09 9.15
C ASN A 97 21.09 1.95 8.09
N GLY A 98 19.76 1.82 7.94
CA GLY A 98 18.98 2.54 6.92
C GLY A 98 19.11 1.93 5.52
N TYR A 99 19.46 0.64 5.45
CA TYR A 99 19.71 -0.08 4.21
C TYR A 99 19.50 -1.60 4.35
N ILE A 100 19.34 -2.27 3.20
CA ILE A 100 19.24 -3.73 3.04
C ILE A 100 20.19 -4.15 1.91
N SER A 101 20.87 -5.29 1.98
CA SER A 101 21.70 -5.73 0.84
C SER A 101 20.87 -6.01 -0.41
N ALA A 102 21.46 -5.84 -1.59
CA ALA A 102 20.77 -6.14 -2.84
C ALA A 102 20.41 -7.64 -2.95
N ALA A 103 21.33 -8.53 -2.58
CA ALA A 103 21.08 -9.96 -2.49
C ALA A 103 20.10 -10.31 -1.35
N GLU A 104 20.13 -9.55 -0.26
CA GLU A 104 19.26 -9.72 0.92
C GLU A 104 17.80 -9.33 0.63
N LEU A 105 17.55 -8.18 -0.05
CA LEU A 105 16.21 -7.79 -0.49
C LEU A 105 15.73 -8.70 -1.64
N ARG A 106 16.60 -9.04 -2.60
CA ARG A 106 16.27 -10.02 -3.67
C ARG A 106 15.87 -11.38 -3.10
N HIS A 107 16.56 -11.86 -2.05
CA HIS A 107 16.17 -13.07 -1.33
C HIS A 107 14.75 -12.93 -0.80
N VAL A 108 14.47 -11.99 0.10
CA VAL A 108 13.16 -11.92 0.76
C VAL A 108 12.01 -11.62 -0.20
N MET A 109 12.23 -10.79 -1.22
CA MET A 109 11.26 -10.51 -2.27
C MET A 109 10.99 -11.68 -3.23
N THR A 110 11.82 -12.74 -3.19
CA THR A 110 11.62 -13.97 -3.97
C THR A 110 11.52 -15.24 -3.10
N ASN A 111 11.54 -15.09 -1.77
CA ASN A 111 11.34 -16.15 -0.77
C ASN A 111 10.00 -16.01 -0.04
N LEU A 112 9.59 -14.79 0.29
CA LEU A 112 8.45 -14.50 1.18
C LEU A 112 7.44 -13.58 0.51
N GLY A 113 6.14 -13.85 0.74
CA GLY A 113 5.05 -13.12 0.09
C GLY A 113 4.77 -13.54 -1.35
N GLU A 114 4.35 -12.58 -2.16
CA GLU A 114 3.84 -12.76 -3.54
C GLU A 114 4.92 -13.17 -4.57
N LYS A 115 6.22 -13.08 -4.20
CA LYS A 115 7.41 -13.53 -4.95
C LYS A 115 7.54 -12.93 -6.36
N LEU A 116 8.39 -11.90 -6.46
CA LEU A 116 8.71 -11.20 -7.71
C LEU A 116 9.38 -12.13 -8.76
N THR A 117 9.17 -11.84 -10.04
CA THR A 117 9.91 -12.47 -11.15
C THR A 117 11.37 -12.03 -11.13
N ASP A 118 12.27 -12.78 -11.78
CA ASP A 118 13.71 -12.46 -11.81
C ASP A 118 14.02 -11.08 -12.43
N GLU A 119 13.32 -10.70 -13.50
CA GLU A 119 13.42 -9.37 -14.12
C GLU A 119 12.79 -8.27 -13.25
N GLU A 120 11.72 -8.59 -12.52
CA GLU A 120 10.98 -7.67 -11.66
C GLU A 120 11.76 -7.33 -10.37
N VAL A 121 12.42 -8.33 -9.77
CA VAL A 121 13.29 -8.13 -8.60
C VAL A 121 14.61 -7.45 -8.99
N ASP A 122 15.14 -7.69 -10.19
CA ASP A 122 16.29 -6.94 -10.72
C ASP A 122 15.92 -5.48 -11.02
N GLU A 123 14.71 -5.22 -11.54
CA GLU A 123 14.17 -3.86 -11.69
C GLU A 123 14.10 -3.14 -10.34
N MET A 124 13.72 -3.84 -9.26
CA MET A 124 13.79 -3.32 -7.91
C MET A 124 15.23 -2.95 -7.54
N ILE A 125 16.23 -3.84 -7.66
CA ILE A 125 17.61 -3.49 -7.27
C ILE A 125 18.13 -2.27 -8.06
N ARG A 126 17.79 -2.14 -9.35
CA ARG A 126 18.18 -1.02 -10.23
C ARG A 126 17.78 0.37 -9.70
N GLU A 127 16.72 0.46 -8.90
CA GLU A 127 16.18 1.73 -8.34
C GLU A 127 16.19 1.80 -6.80
N ALA A 128 16.24 0.65 -6.12
CA ALA A 128 16.44 0.49 -4.68
C ALA A 128 17.91 0.72 -4.26
N ASP A 129 18.89 0.37 -5.11
CA ASP A 129 20.31 0.73 -4.95
C ASP A 129 20.65 1.91 -5.89
N ILE A 130 21.07 3.03 -5.31
CA ILE A 130 21.38 4.28 -6.02
C ILE A 130 22.72 4.22 -6.77
N ASP A 131 23.70 3.44 -6.27
CA ASP A 131 25.06 3.32 -6.84
C ASP A 131 25.25 2.06 -7.71
N GLY A 132 24.46 1.01 -7.47
CA GLY A 132 24.59 -0.31 -8.09
C GLY A 132 25.71 -1.19 -7.51
N ASP A 133 26.25 -0.83 -6.35
CA ASP A 133 27.36 -1.54 -5.66
C ASP A 133 26.90 -2.77 -4.83
N GLY A 134 25.58 -3.05 -4.83
CA GLY A 134 24.94 -4.18 -4.14
C GLY A 134 24.33 -3.84 -2.78
N GLN A 135 24.02 -2.57 -2.53
CA GLN A 135 23.39 -2.08 -1.29
C GLN A 135 22.15 -1.24 -1.60
N VAL A 136 20.97 -1.82 -1.39
CA VAL A 136 19.70 -1.08 -1.46
C VAL A 136 19.55 -0.18 -0.25
N ASN A 137 19.25 1.11 -0.45
CA ASN A 137 18.82 1.97 0.65
C ASN A 137 17.31 2.08 0.65
N TYR A 138 16.67 1.22 1.45
CA TYR A 138 15.21 1.20 1.55
C TYR A 138 14.65 2.55 2.02
N GLU A 139 15.38 3.34 2.82
CA GLU A 139 14.91 4.64 3.32
C GLU A 139 14.56 5.63 2.19
N GLU A 140 15.35 5.64 1.10
CA GLU A 140 15.03 6.37 -0.12
C GLU A 140 13.92 5.67 -0.92
N PHE A 141 13.95 4.33 -0.95
CA PHE A 141 13.03 3.50 -1.71
C PHE A 141 11.58 3.59 -1.23
N VAL A 142 11.33 3.59 0.10
CA VAL A 142 9.97 3.76 0.65
C VAL A 142 9.39 5.08 0.16
N GLN A 143 10.20 6.14 0.28
CA GLN A 143 9.74 7.49 0.02
C GLN A 143 9.40 7.67 -1.48
N MET A 144 10.19 7.02 -2.35
CA MET A 144 9.93 6.92 -3.80
C MET A 144 8.69 6.08 -4.12
N MET A 145 8.54 4.88 -3.54
CA MET A 145 7.38 4.01 -3.82
C MET A 145 6.05 4.68 -3.42
N THR A 146 6.04 5.34 -2.25
CA THR A 146 4.86 6.03 -1.67
C THR A 146 4.68 7.47 -2.16
N ALA A 147 5.42 7.90 -3.20
CA ALA A 147 5.34 9.26 -3.73
C ALA A 147 3.94 9.62 -4.27
N LYS A 148 3.46 10.83 -3.97
CA LYS A 148 2.10 11.32 -4.25
C LYS A 148 1.94 11.89 -5.67
N GLY B 1 14.22 -3.13 17.97
CA GLY B 1 13.73 -2.42 16.77
C GLY B 1 14.04 -3.21 15.50
N PRO B 2 14.98 -2.76 14.65
CA PRO B 2 15.37 -3.46 13.41
C PRO B 2 15.84 -4.91 13.62
N GLY B 3 15.58 -5.77 12.64
CA GLY B 3 15.80 -7.22 12.68
C GLY B 3 14.75 -7.98 13.51
N SER B 4 14.03 -8.93 12.90
CA SER B 4 13.04 -9.79 13.59
C SER B 4 12.93 -11.21 13.01
N LYS B 5 12.26 -12.10 13.75
CA LYS B 5 12.13 -13.55 13.50
C LYS B 5 11.25 -13.87 12.28
N ARG B 6 11.34 -15.10 11.77
CA ARG B 6 10.65 -15.59 10.55
C ARG B 6 9.14 -15.31 10.52
N LYS B 7 8.46 -15.39 11.67
CA LYS B 7 7.01 -15.10 11.81
C LYS B 7 6.64 -13.67 11.37
N GLN B 8 7.49 -12.68 11.68
CA GLN B 8 7.34 -11.30 11.21
C GLN B 8 8.00 -11.08 9.83
N GLU B 9 9.14 -11.71 9.57
CA GLU B 9 9.90 -11.61 8.32
C GLU B 9 9.05 -11.97 7.09
N GLU B 10 8.30 -13.08 7.17
CA GLU B 10 7.49 -13.60 6.07
C GLU B 10 6.30 -12.68 5.69
N VAL B 11 5.84 -11.87 6.63
CA VAL B 11 4.65 -11.00 6.47
C VAL B 11 5.03 -9.56 6.14
N SER B 12 6.17 -9.10 6.67
CA SER B 12 6.79 -7.82 6.32
C SER B 12 7.05 -7.71 4.82
N ALA B 13 7.50 -8.81 4.19
CA ALA B 13 7.80 -8.86 2.77
C ALA B 13 6.56 -8.48 1.93
N ILE B 14 5.38 -8.94 2.33
CA ILE B 14 4.14 -8.76 1.55
C ILE B 14 3.76 -7.27 1.41
N ILE B 15 3.96 -6.50 2.47
CA ILE B 15 3.71 -5.04 2.51
C ILE B 15 4.56 -4.31 1.46
N ILE B 16 5.84 -4.69 1.34
CA ILE B 16 6.77 -4.14 0.35
C ILE B 16 6.44 -4.66 -1.06
N GLN B 17 6.10 -5.96 -1.21
CA GLN B 17 5.70 -6.57 -2.49
C GLN B 17 4.53 -5.80 -3.14
N ARG B 18 3.47 -5.54 -2.36
CA ARG B 18 2.29 -4.77 -2.77
C ARG B 18 2.65 -3.35 -3.18
N ALA B 19 3.36 -2.62 -2.32
CA ALA B 19 3.82 -1.25 -2.60
C ALA B 19 4.73 -1.18 -3.84
N TYR B 20 5.51 -2.22 -4.12
CA TYR B 20 6.40 -2.26 -5.27
C TYR B 20 5.65 -2.36 -6.60
N ARG B 21 4.69 -3.29 -6.76
CA ARG B 21 3.93 -3.36 -8.03
C ARG B 21 3.04 -2.12 -8.22
N ARG B 22 2.57 -1.50 -7.13
CA ARG B 22 1.92 -0.18 -7.16
C ARG B 22 2.86 0.89 -7.72
N TYR B 23 4.13 0.89 -7.32
CA TYR B 23 5.14 1.77 -7.89
C TYR B 23 5.45 1.46 -9.37
N LEU B 24 5.51 0.18 -9.76
CA LEU B 24 5.63 -0.21 -11.17
C LEU B 24 4.48 0.37 -12.01
N LEU B 25 3.25 0.39 -11.48
CA LEU B 25 2.09 1.05 -12.12
C LEU B 25 2.22 2.58 -12.16
N LYS B 26 2.91 3.22 -11.20
CA LYS B 26 3.26 4.66 -11.29
C LYS B 26 4.27 4.91 -12.41
N GLN B 27 5.30 4.07 -12.55
CA GLN B 27 6.26 4.14 -13.67
C GLN B 27 5.60 4.00 -15.05
N LYS B 28 4.47 3.26 -15.14
CA LYS B 28 3.69 3.08 -16.36
C LYS B 28 2.90 4.34 -16.79
N VAL B 29 2.69 5.32 -15.90
CA VAL B 29 1.90 6.55 -16.18
C VAL B 29 2.63 7.88 -15.94
N LYS B 30 3.71 7.92 -15.16
CA LYS B 30 4.47 9.16 -14.87
C LYS B 30 5.32 9.64 -16.06
N LYS B 31 5.67 10.94 -16.07
CA LYS B 31 6.54 11.59 -17.07
C LYS B 31 7.99 11.09 -17.00
N ALA A 1 -8.67 12.68 -14.30
CA ALA A 1 -9.89 11.83 -14.32
C ALA A 1 -9.70 10.54 -13.53
N ASP A 2 -10.80 9.88 -13.14
CA ASP A 2 -10.82 8.65 -12.33
C ASP A 2 -11.77 7.56 -12.92
N GLN A 3 -12.01 7.60 -14.23
CA GLN A 3 -12.78 6.59 -14.97
C GLN A 3 -12.10 5.20 -14.92
N LEU A 4 -12.91 4.14 -14.82
CA LEU A 4 -12.43 2.77 -14.97
C LEU A 4 -12.44 2.31 -16.44
N THR A 5 -11.45 1.51 -16.84
CA THR A 5 -11.40 0.86 -18.16
C THR A 5 -12.44 -0.27 -18.26
N GLU A 6 -12.78 -0.70 -19.48
CA GLU A 6 -13.67 -1.85 -19.69
C GLU A 6 -13.13 -3.14 -19.04
N GLU A 7 -11.80 -3.32 -19.00
CA GLU A 7 -11.13 -4.45 -18.35
C GLU A 7 -11.23 -4.38 -16.82
N GLN A 8 -11.04 -3.20 -16.22
CA GLN A 8 -11.22 -2.98 -14.78
C GLN A 8 -12.69 -3.19 -14.38
N ILE A 9 -13.64 -2.64 -15.17
CA ILE A 9 -15.08 -2.78 -14.93
C ILE A 9 -15.49 -4.27 -15.00
N ALA A 10 -15.00 -5.02 -15.99
CA ALA A 10 -15.26 -6.46 -16.11
C ALA A 10 -14.67 -7.29 -14.96
N GLU A 11 -13.48 -6.92 -14.46
CA GLU A 11 -12.87 -7.57 -13.28
C GLU A 11 -13.69 -7.31 -12.00
N PHE A 12 -14.11 -6.06 -11.77
CA PHE A 12 -14.98 -5.68 -10.66
C PHE A 12 -16.39 -6.30 -10.78
N LYS A 13 -16.92 -6.47 -12.00
CA LYS A 13 -18.25 -7.06 -12.28
C LYS A 13 -18.40 -8.44 -11.66
N GLU A 14 -17.42 -9.32 -11.89
CA GLU A 14 -17.41 -10.68 -11.35
C GLU A 14 -17.26 -10.69 -9.82
N ALA A 15 -16.27 -9.97 -9.29
CA ALA A 15 -16.03 -9.86 -7.84
C ALA A 15 -17.20 -9.24 -7.06
N PHE A 16 -17.94 -8.30 -7.64
CA PHE A 16 -19.12 -7.73 -7.03
C PHE A 16 -20.33 -8.69 -7.08
N SER A 17 -20.61 -9.27 -8.25
CA SER A 17 -21.69 -10.25 -8.45
C SER A 17 -21.52 -11.51 -7.60
N LEU A 18 -20.28 -11.82 -7.20
CA LEU A 18 -19.91 -12.91 -6.28
C LEU A 18 -20.65 -12.86 -4.92
N PHE A 19 -21.18 -11.69 -4.54
CA PHE A 19 -21.88 -11.44 -3.28
C PHE A 19 -23.25 -10.75 -3.47
N ASP A 20 -23.70 -10.59 -4.73
CA ASP A 20 -25.00 -9.99 -5.05
C ASP A 20 -26.15 -10.89 -4.62
N LYS A 21 -27.06 -10.26 -3.87
CA LYS A 21 -28.14 -10.90 -3.13
C LYS A 21 -29.23 -11.50 -4.01
N ASP A 22 -29.56 -10.80 -5.10
CA ASP A 22 -30.73 -11.08 -5.95
C ASP A 22 -30.40 -11.28 -7.44
N GLY A 23 -29.19 -10.89 -7.87
CA GLY A 23 -28.80 -10.79 -9.28
C GLY A 23 -29.18 -9.44 -9.92
N ASP A 24 -29.66 -8.49 -9.12
CA ASP A 24 -30.11 -7.15 -9.56
C ASP A 24 -28.99 -6.08 -9.60
N GLY A 25 -27.73 -6.46 -9.31
CA GLY A 25 -26.57 -5.57 -9.38
C GLY A 25 -26.26 -4.79 -8.10
N THR A 26 -26.53 -5.36 -6.92
CA THR A 26 -26.26 -4.71 -5.61
C THR A 26 -25.71 -5.68 -4.54
N ILE A 27 -24.94 -5.16 -3.58
CA ILE A 27 -24.42 -5.86 -2.38
C ILE A 27 -24.78 -5.09 -1.10
N THR A 28 -24.53 -5.69 0.07
CA THR A 28 -24.60 -5.00 1.37
C THR A 28 -23.31 -4.26 1.71
N THR A 29 -23.42 -3.24 2.56
CA THR A 29 -22.29 -2.51 3.14
C THR A 29 -21.41 -3.41 4.01
N LYS A 30 -21.95 -4.49 4.60
CA LYS A 30 -21.19 -5.50 5.35
C LYS A 30 -20.38 -6.46 4.46
N GLU A 31 -20.90 -6.88 3.30
CA GLU A 31 -20.13 -7.70 2.35
C GLU A 31 -19.14 -6.93 1.47
N LEU A 32 -19.21 -5.59 1.43
CA LEU A 32 -18.28 -4.72 0.70
C LEU A 32 -16.82 -5.17 0.88
N GLY A 33 -16.36 -5.23 2.12
CA GLY A 33 -14.98 -5.60 2.44
C GLY A 33 -14.65 -7.07 2.14
N THR A 34 -15.64 -7.96 2.07
CA THR A 34 -15.48 -9.33 1.60
C THR A 34 -15.24 -9.36 0.09
N VAL A 35 -15.95 -8.52 -0.68
CA VAL A 35 -15.73 -8.40 -2.14
C VAL A 35 -14.41 -7.68 -2.46
N MET A 36 -13.98 -6.67 -1.68
CA MET A 36 -12.65 -6.05 -1.82
C MET A 36 -11.51 -7.07 -1.72
N ARG A 37 -11.63 -8.05 -0.82
CA ARG A 37 -10.66 -9.15 -0.67
C ARG A 37 -10.63 -10.10 -1.87
N SER A 38 -11.70 -10.17 -2.67
CA SER A 38 -11.71 -10.87 -3.97
C SER A 38 -10.87 -10.14 -5.02
N LEU A 39 -10.76 -8.79 -4.95
CA LEU A 39 -9.83 -7.96 -5.72
C LEU A 39 -8.42 -7.88 -5.08
N GLY A 40 -8.19 -8.58 -3.96
CA GLY A 40 -6.91 -8.65 -3.26
C GLY A 40 -6.62 -7.50 -2.27
N GLN A 41 -7.53 -6.53 -2.12
CA GLN A 41 -7.42 -5.50 -1.08
C GLN A 41 -8.13 -5.94 0.20
N ASN A 42 -7.43 -5.92 1.34
CA ASN A 42 -7.97 -6.21 2.66
C ASN A 42 -8.14 -4.89 3.44
N PRO A 43 -9.32 -4.25 3.36
CA PRO A 43 -9.62 -3.01 4.09
C PRO A 43 -9.88 -3.25 5.58
N THR A 44 -9.59 -2.25 6.40
CA THR A 44 -9.98 -2.20 7.82
C THR A 44 -11.45 -1.78 7.98
N GLU A 45 -12.04 -1.98 9.16
CA GLU A 45 -13.39 -1.47 9.47
C GLU A 45 -13.46 0.07 9.40
N ALA A 46 -12.38 0.76 9.79
CA ALA A 46 -12.25 2.21 9.66
C ALA A 46 -12.18 2.67 8.20
N GLU A 47 -11.41 1.99 7.34
CA GLU A 47 -11.38 2.24 5.89
C GLU A 47 -12.77 2.03 5.27
N LEU A 48 -13.44 0.92 5.59
CA LEU A 48 -14.78 0.62 5.07
C LEU A 48 -15.81 1.69 5.48
N GLN A 49 -15.89 2.07 6.76
CA GLN A 49 -16.84 3.09 7.21
C GLN A 49 -16.54 4.46 6.57
N ASP A 50 -15.27 4.84 6.42
CA ASP A 50 -14.87 6.09 5.75
C ASP A 50 -15.27 6.11 4.26
N MET A 51 -15.09 4.99 3.54
CA MET A 51 -15.57 4.86 2.16
C MET A 51 -17.10 4.83 2.08
N ILE A 52 -17.79 4.10 2.97
CA ILE A 52 -19.26 3.97 2.94
C ILE A 52 -19.95 5.32 3.24
N ASN A 53 -19.31 6.22 3.99
CA ASN A 53 -19.83 7.59 4.23
C ASN A 53 -20.08 8.38 2.92
N GLU A 54 -19.39 8.04 1.82
CA GLU A 54 -19.61 8.65 0.49
C GLU A 54 -20.79 8.01 -0.29
N VAL A 55 -21.24 6.81 0.09
CA VAL A 55 -22.20 5.99 -0.68
C VAL A 55 -23.51 5.64 0.04
N ASP A 56 -23.55 5.67 1.37
CA ASP A 56 -24.73 5.29 2.16
C ASP A 56 -24.96 6.19 3.39
N ALA A 57 -24.87 7.51 3.21
CA ALA A 57 -25.16 8.49 4.26
C ALA A 57 -26.60 8.41 4.81
N ASP A 58 -27.54 7.88 4.02
CA ASP A 58 -28.94 7.65 4.41
C ASP A 58 -29.18 6.33 5.17
N GLY A 59 -28.18 5.44 5.28
CA GLY A 59 -28.23 4.23 6.12
C GLY A 59 -29.14 3.10 5.60
N ASN A 60 -29.15 2.86 4.28
CA ASN A 60 -29.90 1.77 3.64
C ASN A 60 -29.22 0.39 3.83
N GLY A 61 -27.91 0.39 4.09
CA GLY A 61 -27.04 -0.79 4.23
C GLY A 61 -26.73 -1.52 2.91
N THR A 62 -26.90 -0.87 1.76
CA THR A 62 -26.67 -1.45 0.42
C THR A 62 -25.91 -0.51 -0.53
N ILE A 63 -25.29 -1.11 -1.55
CA ILE A 63 -24.42 -0.47 -2.55
C ILE A 63 -24.72 -1.08 -3.92
N ASP A 64 -24.79 -0.27 -4.98
CA ASP A 64 -24.92 -0.75 -6.36
C ASP A 64 -23.55 -1.02 -7.00
N PHE A 65 -23.50 -1.85 -8.05
CA PHE A 65 -22.27 -2.10 -8.82
C PHE A 65 -21.50 -0.83 -9.22
N PRO A 66 -22.10 0.15 -9.93
CA PRO A 66 -21.41 1.38 -10.32
C PRO A 66 -21.12 2.31 -9.12
N GLU A 67 -21.86 2.17 -8.01
CA GLU A 67 -21.59 2.90 -6.77
C GLU A 67 -20.32 2.36 -6.08
N PHE A 68 -20.12 1.03 -6.04
CA PHE A 68 -18.91 0.42 -5.49
C PHE A 68 -17.66 0.86 -6.25
N LEU A 69 -17.72 0.97 -7.58
CA LEU A 69 -16.58 1.36 -8.39
C LEU A 69 -16.04 2.77 -8.06
N THR A 70 -16.87 3.64 -7.45
CA THR A 70 -16.47 5.01 -7.07
C THR A 70 -15.32 5.03 -6.05
N MET A 71 -15.32 4.10 -5.09
CA MET A 71 -14.22 3.97 -4.12
C MET A 71 -13.06 3.12 -4.68
N MET A 72 -13.36 2.13 -5.53
CA MET A 72 -12.33 1.26 -6.13
C MET A 72 -11.38 2.03 -7.06
N ALA A 73 -11.89 3.02 -7.81
CA ALA A 73 -11.05 3.94 -8.58
C ALA A 73 -10.01 4.66 -7.70
N ARG A 74 -10.45 5.16 -6.53
CA ARG A 74 -9.59 5.85 -5.55
C ARG A 74 -8.62 4.90 -4.85
N LYS A 75 -9.04 3.68 -4.50
CA LYS A 75 -8.16 2.63 -3.93
C LYS A 75 -7.10 2.12 -4.90
N MET A 76 -7.33 2.19 -6.22
CA MET A 76 -6.26 1.94 -7.21
C MET A 76 -5.28 3.11 -7.34
N LYS A 77 -5.75 4.36 -7.16
CA LYS A 77 -4.90 5.57 -7.12
C LYS A 77 -4.05 5.65 -5.83
N ASP A 78 -4.59 5.17 -4.71
CA ASP A 78 -3.94 5.08 -3.39
C ASP A 78 -2.63 4.24 -3.41
N THR A 79 -1.82 4.37 -2.36
CA THR A 79 -0.58 3.60 -2.13
C THR A 79 -0.44 3.22 -0.65
N ASP A 80 0.19 2.06 -0.35
CA ASP A 80 0.42 1.55 1.00
C ASP A 80 1.19 2.51 1.93
N SER A 81 0.97 2.38 3.24
CA SER A 81 1.49 3.30 4.27
C SER A 81 3.02 3.36 4.32
N GLU A 82 3.56 4.58 4.31
CA GLU A 82 5.00 4.85 4.36
C GLU A 82 5.64 4.41 5.69
N GLU A 83 4.91 4.51 6.81
CA GLU A 83 5.32 3.96 8.11
C GLU A 83 5.43 2.42 8.06
N GLU A 84 4.47 1.76 7.42
CA GLU A 84 4.38 0.29 7.36
C GLU A 84 5.50 -0.31 6.51
N ILE A 85 5.71 0.22 5.31
CA ILE A 85 6.80 -0.19 4.40
C ILE A 85 8.17 0.03 5.07
N ARG A 86 8.39 1.21 5.68
CA ARG A 86 9.64 1.54 6.36
C ARG A 86 9.96 0.61 7.53
N GLU A 87 8.97 0.25 8.35
CA GLU A 87 9.16 -0.70 9.44
C GLU A 87 9.32 -2.15 8.95
N ALA A 88 8.55 -2.56 7.93
CA ALA A 88 8.68 -3.86 7.26
C ALA A 88 10.06 -4.04 6.59
N PHE A 89 10.64 -2.97 6.04
CA PHE A 89 12.02 -2.95 5.57
C PHE A 89 13.02 -3.06 6.73
N ARG A 90 12.81 -2.35 7.83
CA ARG A 90 13.70 -2.39 9.01
C ARG A 90 13.81 -3.78 9.65
N VAL A 91 12.79 -4.64 9.49
CA VAL A 91 12.82 -6.07 9.83
C VAL A 91 13.85 -6.87 9.01
N PHE A 92 14.12 -6.47 7.76
CA PHE A 92 15.15 -7.08 6.90
C PHE A 92 16.54 -6.41 7.00
N ASP A 93 16.60 -5.15 7.44
CA ASP A 93 17.87 -4.42 7.65
C ASP A 93 18.76 -5.18 8.66
N LYS A 94 19.99 -5.48 8.25
CA LYS A 94 20.94 -6.35 8.98
C LYS A 94 21.43 -5.76 10.30
N ASP A 95 21.49 -4.43 10.41
CA ASP A 95 22.13 -3.70 11.53
C ASP A 95 21.33 -2.49 12.06
N GLY A 96 20.26 -2.09 11.38
CA GLY A 96 19.54 -0.83 11.64
C GLY A 96 20.22 0.39 10.98
N ASN A 97 20.98 0.16 9.91
CA ASN A 97 21.77 1.17 9.18
C ASN A 97 20.92 2.03 8.20
N GLY A 98 19.63 1.73 8.03
CA GLY A 98 18.73 2.43 7.08
C GLY A 98 18.82 1.90 5.64
N TYR A 99 19.37 0.69 5.47
CA TYR A 99 19.58 0.05 4.16
C TYR A 99 19.46 -1.49 4.26
N ILE A 100 19.31 -2.15 3.11
CA ILE A 100 19.26 -3.61 2.95
C ILE A 100 20.22 -4.03 1.84
N SER A 101 20.99 -5.11 2.00
CA SER A 101 21.84 -5.59 0.90
C SER A 101 21.01 -6.07 -0.29
N ALA A 102 21.46 -5.81 -1.52
CA ALA A 102 20.69 -6.11 -2.73
C ALA A 102 20.33 -7.61 -2.85
N ALA A 103 21.29 -8.50 -2.53
CA ALA A 103 21.04 -9.94 -2.45
C ALA A 103 20.06 -10.33 -1.33
N GLU A 104 20.02 -9.59 -0.22
CA GLU A 104 19.09 -9.83 0.89
C GLU A 104 17.66 -9.36 0.56
N LEU A 105 17.49 -8.19 -0.08
CA LEU A 105 16.17 -7.75 -0.54
C LEU A 105 15.67 -8.64 -1.71
N ARG A 106 16.55 -9.03 -2.64
CA ARG A 106 16.23 -10.00 -3.70
C ARG A 106 15.84 -11.36 -3.13
N HIS A 107 16.51 -11.84 -2.08
CA HIS A 107 16.13 -13.05 -1.34
C HIS A 107 14.70 -12.92 -0.83
N VAL A 108 14.41 -11.95 0.05
CA VAL A 108 13.10 -11.88 0.71
C VAL A 108 11.95 -11.60 -0.27
N MET A 109 12.17 -10.79 -1.31
CA MET A 109 11.18 -10.54 -2.37
C MET A 109 10.89 -11.75 -3.28
N THR A 110 11.75 -12.77 -3.25
CA THR A 110 11.58 -14.02 -4.02
C THR A 110 11.46 -15.28 -3.14
N ASN A 111 11.55 -15.14 -1.81
CA ASN A 111 11.31 -16.19 -0.82
C ASN A 111 9.95 -16.04 -0.12
N LEU A 112 9.53 -14.81 0.15
CA LEU A 112 8.39 -14.47 0.99
C LEU A 112 7.39 -13.59 0.23
N GLY A 113 6.15 -13.56 0.70
CA GLY A 113 5.04 -12.94 -0.01
C GLY A 113 4.63 -13.68 -1.29
N GLU A 114 4.25 -12.92 -2.31
CA GLU A 114 3.76 -13.44 -3.60
C GLU A 114 4.89 -13.95 -4.52
N LYS A 115 6.16 -13.69 -4.16
CA LYS A 115 7.41 -14.04 -4.87
C LYS A 115 7.48 -13.42 -6.28
N LEU A 116 8.27 -12.35 -6.42
CA LEU A 116 8.49 -11.65 -7.68
C LEU A 116 9.23 -12.53 -8.71
N THR A 117 9.04 -12.29 -10.01
CA THR A 117 9.86 -12.92 -11.07
C THR A 117 11.30 -12.37 -11.02
N ASP A 118 12.26 -13.08 -11.62
CA ASP A 118 13.66 -12.63 -11.70
C ASP A 118 13.84 -11.22 -12.30
N GLU A 119 13.21 -10.92 -13.44
CA GLU A 119 13.28 -9.58 -14.04
C GLU A 119 12.48 -8.53 -13.24
N GLU A 120 11.42 -8.94 -12.55
CA GLU A 120 10.59 -8.06 -11.69
C GLU A 120 11.35 -7.62 -10.43
N VAL A 121 12.07 -8.54 -9.79
CA VAL A 121 12.94 -8.24 -8.64
C VAL A 121 14.24 -7.55 -9.06
N ASP A 122 14.79 -7.85 -10.24
CA ASP A 122 15.93 -7.12 -10.81
C ASP A 122 15.56 -5.67 -11.13
N GLU A 123 14.33 -5.41 -11.60
CA GLU A 123 13.78 -4.07 -11.78
C GLU A 123 13.65 -3.29 -10.45
N MET A 124 13.54 -3.99 -9.31
CA MET A 124 13.60 -3.35 -7.99
C MET A 124 15.02 -2.90 -7.70
N ILE A 125 16.02 -3.80 -7.80
CA ILE A 125 17.43 -3.46 -7.48
C ILE A 125 17.93 -2.29 -8.35
N ARG A 126 17.48 -2.20 -9.62
CA ARG A 126 17.77 -1.09 -10.55
C ARG A 126 17.53 0.30 -9.92
N GLU A 127 16.40 0.49 -9.24
CA GLU A 127 16.09 1.75 -8.56
C GLU A 127 16.66 1.79 -7.13
N ALA A 128 16.50 0.67 -6.42
CA ALA A 128 16.73 0.53 -4.99
C ALA A 128 18.21 0.58 -4.58
N ASP A 129 19.14 0.06 -5.40
CA ASP A 129 20.60 0.16 -5.21
C ASP A 129 21.15 1.54 -5.59
N ILE A 130 20.76 2.54 -4.80
CA ILE A 130 21.12 3.96 -4.97
C ILE A 130 22.64 4.18 -4.87
N ASP A 131 23.35 3.35 -4.09
CA ASP A 131 24.82 3.37 -4.01
C ASP A 131 25.51 2.75 -5.24
N GLY A 132 24.81 1.95 -6.04
CA GLY A 132 25.34 1.23 -7.21
C GLY A 132 26.31 0.08 -6.89
N ASP A 133 26.42 -0.30 -5.60
CA ASP A 133 27.40 -1.24 -5.04
C ASP A 133 26.73 -2.43 -4.34
N GLY A 134 25.55 -2.85 -4.80
CA GLY A 134 24.77 -3.96 -4.23
C GLY A 134 24.18 -3.65 -2.86
N GLN A 135 23.89 -2.37 -2.59
CA GLN A 135 23.39 -1.87 -1.30
C GLN A 135 22.11 -1.07 -1.54
N VAL A 136 20.96 -1.76 -1.48
CA VAL A 136 19.66 -1.10 -1.59
C VAL A 136 19.46 -0.17 -0.41
N ASN A 137 19.24 1.11 -0.67
CA ASN A 137 18.89 2.06 0.38
C ASN A 137 17.37 2.21 0.45
N TYR A 138 16.76 1.33 1.24
CA TYR A 138 15.31 1.25 1.35
C TYR A 138 14.68 2.56 1.82
N GLU A 139 15.35 3.36 2.68
CA GLU A 139 14.74 4.54 3.28
C GLU A 139 14.28 5.56 2.22
N GLU A 140 15.09 5.78 1.19
CA GLU A 140 14.72 6.59 0.01
C GLU A 140 13.84 5.81 -0.97
N PHE A 141 13.99 4.49 -1.07
CA PHE A 141 13.10 3.63 -1.88
C PHE A 141 11.65 3.66 -1.40
N VAL A 142 11.39 3.68 -0.08
CA VAL A 142 10.03 3.86 0.47
C VAL A 142 9.46 5.18 0.00
N GLN A 143 10.25 6.26 0.15
CA GLN A 143 9.77 7.60 -0.14
C GLN A 143 9.43 7.76 -1.63
N MET A 144 10.20 7.08 -2.49
CA MET A 144 9.96 6.98 -3.94
C MET A 144 8.73 6.13 -4.29
N MET A 145 8.57 4.93 -3.71
CA MET A 145 7.40 4.07 -3.98
C MET A 145 6.08 4.73 -3.54
N THR A 146 6.10 5.44 -2.42
CA THR A 146 4.96 6.18 -1.84
C THR A 146 4.73 7.58 -2.43
N ALA A 147 5.52 8.01 -3.42
CA ALA A 147 5.34 9.29 -4.11
C ALA A 147 4.04 9.35 -4.93
N LYS A 148 3.50 10.57 -5.12
CA LYS A 148 2.35 10.88 -5.99
C LYS A 148 2.80 11.72 -7.21
N GLY B 1 6.16 -21.99 18.63
CA GLY B 1 6.59 -21.08 17.55
C GLY B 1 7.97 -21.44 17.02
N PRO B 2 8.45 -20.75 15.96
CA PRO B 2 9.72 -21.06 15.29
C PRO B 2 10.99 -20.62 16.05
N GLY B 3 10.86 -19.79 17.10
CA GLY B 3 11.98 -19.26 17.90
C GLY B 3 12.81 -18.16 17.20
N SER B 4 12.35 -17.67 16.06
CA SER B 4 13.01 -16.68 15.19
C SER B 4 11.99 -15.72 14.55
N LYS B 5 12.45 -14.61 13.97
CA LYS B 5 11.61 -13.54 13.39
C LYS B 5 10.76 -13.91 12.17
N ARG B 6 10.82 -15.16 11.67
CA ARG B 6 10.17 -15.64 10.44
C ARG B 6 8.68 -15.27 10.33
N LYS B 7 7.95 -15.31 11.45
CA LYS B 7 6.52 -14.94 11.53
C LYS B 7 6.24 -13.50 11.08
N GLN B 8 7.11 -12.56 11.46
CA GLN B 8 7.07 -11.16 11.00
C GLN B 8 7.77 -10.96 9.64
N GLU B 9 8.89 -11.63 9.42
CA GLU B 9 9.70 -11.54 8.19
C GLU B 9 8.88 -11.88 6.93
N GLU B 10 8.10 -12.96 6.98
CA GLU B 10 7.31 -13.45 5.85
C GLU B 10 6.17 -12.51 5.44
N VAL B 11 5.69 -11.68 6.38
CA VAL B 11 4.54 -10.76 6.18
C VAL B 11 4.98 -9.33 5.93
N SER B 12 6.13 -8.93 6.48
CA SER B 12 6.82 -7.65 6.18
C SER B 12 7.08 -7.54 4.68
N ALA B 13 7.47 -8.65 4.04
CA ALA B 13 7.76 -8.70 2.62
C ALA B 13 6.52 -8.28 1.81
N ILE B 14 5.32 -8.73 2.19
CA ILE B 14 4.07 -8.48 1.44
C ILE B 14 3.71 -6.99 1.39
N ILE B 15 3.95 -6.26 2.48
CA ILE B 15 3.74 -4.80 2.56
C ILE B 15 4.57 -4.06 1.50
N ILE B 16 5.84 -4.46 1.35
CA ILE B 16 6.76 -3.94 0.33
C ILE B 16 6.35 -4.43 -1.08
N GLN B 17 5.92 -5.69 -1.23
CA GLN B 17 5.48 -6.25 -2.53
C GLN B 17 4.28 -5.48 -3.10
N ARG B 18 3.29 -5.15 -2.26
CA ARG B 18 2.12 -4.33 -2.65
C ARG B 18 2.55 -2.95 -3.12
N ALA B 19 3.40 -2.26 -2.34
CA ALA B 19 3.98 -0.98 -2.70
C ALA B 19 4.81 -1.03 -3.99
N TYR B 20 5.51 -2.15 -4.23
CA TYR B 20 6.35 -2.32 -5.40
C TYR B 20 5.55 -2.43 -6.71
N ARG B 21 4.55 -3.32 -6.80
CA ARG B 21 3.70 -3.38 -8.01
C ARG B 21 2.86 -2.10 -8.18
N ARG B 22 2.48 -1.42 -7.09
CA ARG B 22 1.87 -0.08 -7.17
C ARG B 22 2.80 0.95 -7.79
N TYR B 23 4.09 0.90 -7.45
CA TYR B 23 5.15 1.72 -8.04
C TYR B 23 5.47 1.35 -9.49
N LEU B 24 5.38 0.07 -9.86
CA LEU B 24 5.54 -0.38 -11.24
C LEU B 24 4.56 0.33 -12.21
N LEU B 25 3.34 0.64 -11.75
CA LEU B 25 2.36 1.43 -12.51
C LEU B 25 2.74 2.92 -12.64
N LYS B 26 3.60 3.45 -11.76
CA LYS B 26 4.13 4.83 -11.79
C LYS B 26 5.33 4.96 -12.73
N GLN B 27 6.27 4.01 -12.66
CA GLN B 27 7.54 4.00 -13.42
C GLN B 27 7.43 3.43 -14.85
N LYS B 28 6.25 2.99 -15.29
CA LYS B 28 6.02 2.28 -16.56
C LYS B 28 6.49 3.05 -17.80
N VAL B 29 7.01 2.31 -18.80
CA VAL B 29 7.44 2.85 -20.10
C VAL B 29 6.26 3.38 -20.93
N LYS B 30 6.51 4.40 -21.76
CA LYS B 30 5.53 4.97 -22.70
C LYS B 30 5.11 3.94 -23.77
N LYS B 31 3.80 3.86 -24.04
CA LYS B 31 3.17 2.95 -25.02
C LYS B 31 1.85 3.51 -25.57
N ALA A 1 -6.79 2.65 -5.79
CA ALA A 1 -6.76 4.12 -5.64
C ALA A 1 -8.15 4.72 -5.83
N ASP A 2 -8.42 5.89 -5.24
CA ASP A 2 -9.76 6.51 -5.23
C ASP A 2 -10.22 7.16 -6.55
N GLN A 3 -9.32 7.33 -7.53
CA GLN A 3 -9.69 7.80 -8.87
C GLN A 3 -10.52 6.74 -9.62
N LEU A 4 -11.65 7.14 -10.20
CA LEU A 4 -12.40 6.31 -11.13
C LEU A 4 -11.92 6.53 -12.57
N THR A 5 -11.68 5.44 -13.30
CA THR A 5 -11.42 5.43 -14.74
C THR A 5 -12.76 5.36 -15.51
N GLU A 6 -12.73 5.64 -16.82
CA GLU A 6 -13.90 5.41 -17.69
C GLU A 6 -14.35 3.94 -17.71
N GLU A 7 -13.43 3.00 -17.50
CA GLU A 7 -13.72 1.55 -17.40
C GLU A 7 -14.43 1.20 -16.08
N GLN A 8 -13.99 1.76 -14.94
CA GLN A 8 -14.71 1.62 -13.68
C GLN A 8 -16.08 2.30 -13.71
N ILE A 9 -16.20 3.47 -14.34
CA ILE A 9 -17.48 4.16 -14.47
C ILE A 9 -18.44 3.36 -15.36
N ALA A 10 -17.98 2.75 -16.45
CA ALA A 10 -18.79 1.85 -17.28
C ALA A 10 -19.21 0.56 -16.54
N GLU A 11 -18.33 -0.03 -15.73
CA GLU A 11 -18.65 -1.18 -14.86
C GLU A 11 -19.71 -0.82 -13.81
N PHE A 12 -19.53 0.31 -13.12
CA PHE A 12 -20.48 0.82 -12.13
C PHE A 12 -21.80 1.25 -12.79
N LYS A 13 -21.78 1.80 -14.01
CA LYS A 13 -22.97 2.13 -14.83
C LYS A 13 -23.87 0.91 -14.99
N GLU A 14 -23.29 -0.20 -15.45
CA GLU A 14 -23.99 -1.45 -15.69
C GLU A 14 -24.53 -2.04 -14.38
N ALA A 15 -23.68 -2.20 -13.36
CA ALA A 15 -24.08 -2.79 -12.07
C ALA A 15 -25.13 -1.96 -11.31
N PHE A 16 -25.13 -0.63 -11.47
CA PHE A 16 -26.14 0.26 -10.90
C PHE A 16 -27.47 0.17 -11.66
N SER A 17 -27.43 0.29 -12.99
CA SER A 17 -28.59 0.20 -13.89
C SER A 17 -29.28 -1.17 -13.83
N LEU A 18 -28.54 -2.22 -13.44
CA LEU A 18 -29.06 -3.56 -13.14
C LEU A 18 -30.18 -3.58 -12.09
N PHE A 19 -30.25 -2.56 -11.24
CA PHE A 19 -31.25 -2.39 -10.18
C PHE A 19 -32.14 -1.14 -10.36
N ASP A 20 -31.92 -0.35 -11.43
CA ASP A 20 -32.77 0.78 -11.80
C ASP A 20 -34.12 0.28 -12.38
N LYS A 21 -35.21 0.54 -11.66
CA LYS A 21 -36.58 0.09 -12.01
C LYS A 21 -37.35 1.02 -12.96
N ASP A 22 -36.86 2.24 -13.21
CA ASP A 22 -37.54 3.26 -14.03
C ASP A 22 -36.77 3.65 -15.31
N GLY A 23 -35.46 3.41 -15.36
CA GLY A 23 -34.56 3.90 -16.42
C GLY A 23 -34.14 5.36 -16.26
N ASP A 24 -34.47 6.00 -15.12
CA ASP A 24 -34.16 7.39 -14.81
C ASP A 24 -32.72 7.60 -14.27
N GLY A 25 -31.95 6.53 -14.07
CA GLY A 25 -30.58 6.58 -13.54
C GLY A 25 -30.52 6.61 -12.01
N THR A 26 -31.46 5.96 -11.31
CA THR A 26 -31.57 5.97 -9.84
C THR A 26 -31.95 4.60 -9.24
N ILE A 27 -31.66 4.39 -7.94
CA ILE A 27 -32.02 3.22 -7.11
C ILE A 27 -32.51 3.67 -5.72
N THR A 28 -33.05 2.74 -4.93
CA THR A 28 -33.33 2.99 -3.49
C THR A 28 -32.11 2.78 -2.61
N THR A 29 -32.14 3.38 -1.41
CA THR A 29 -31.15 3.17 -0.34
C THR A 29 -31.11 1.70 0.13
N LYS A 30 -32.20 0.94 -0.03
CA LYS A 30 -32.26 -0.51 0.25
C LYS A 30 -31.50 -1.34 -0.80
N GLU A 31 -31.65 -1.01 -2.07
CA GLU A 31 -30.96 -1.67 -3.20
C GLU A 31 -29.47 -1.34 -3.31
N LEU A 32 -28.99 -0.27 -2.66
CA LEU A 32 -27.58 0.13 -2.65
C LEU A 32 -26.66 -1.05 -2.33
N GLY A 33 -26.85 -1.70 -1.17
CA GLY A 33 -25.96 -2.80 -0.76
C GLY A 33 -26.03 -4.01 -1.69
N THR A 34 -27.16 -4.22 -2.37
CA THR A 34 -27.33 -5.26 -3.41
C THR A 34 -26.61 -4.90 -4.70
N VAL A 35 -26.62 -3.62 -5.07
CA VAL A 35 -25.79 -3.09 -6.16
C VAL A 35 -24.29 -3.24 -5.83
N MET A 36 -23.89 -3.01 -4.57
CA MET A 36 -22.52 -3.29 -4.08
C MET A 36 -22.19 -4.78 -4.09
N ARG A 37 -23.12 -5.67 -3.73
CA ARG A 37 -22.95 -7.13 -3.83
C ARG A 37 -22.75 -7.60 -5.29
N SER A 38 -23.41 -6.96 -6.26
CA SER A 38 -23.13 -7.15 -7.69
C SER A 38 -21.71 -6.72 -8.07
N LEU A 39 -21.20 -5.64 -7.46
CA LEU A 39 -19.81 -5.19 -7.51
C LEU A 39 -18.86 -5.93 -6.52
N GLY A 40 -19.19 -7.17 -6.17
CA GLY A 40 -18.32 -8.12 -5.46
C GLY A 40 -18.04 -7.83 -3.98
N GLN A 41 -18.81 -6.96 -3.32
CA GLN A 41 -18.56 -6.55 -1.92
C GLN A 41 -19.87 -6.42 -1.11
N ASN A 42 -19.90 -7.00 0.09
CA ASN A 42 -21.09 -7.08 0.94
C ASN A 42 -20.95 -6.21 2.22
N PRO A 43 -21.29 -4.90 2.16
CA PRO A 43 -21.28 -4.00 3.32
C PRO A 43 -22.37 -4.37 4.36
N THR A 44 -22.14 -4.01 5.63
CA THR A 44 -23.14 -4.14 6.71
C THR A 44 -24.24 -3.07 6.61
N GLU A 45 -25.36 -3.28 7.29
CA GLU A 45 -26.45 -2.28 7.37
C GLU A 45 -25.97 -0.95 7.99
N ALA A 46 -25.07 -1.01 8.99
CA ALA A 46 -24.47 0.16 9.62
C ALA A 46 -23.52 0.90 8.66
N GLU A 47 -22.67 0.17 7.92
CA GLU A 47 -21.77 0.75 6.91
C GLU A 47 -22.55 1.40 5.76
N LEU A 48 -23.63 0.77 5.30
CA LEU A 48 -24.54 1.35 4.31
C LEU A 48 -25.21 2.62 4.84
N GLN A 49 -25.74 2.62 6.08
CA GLN A 49 -26.34 3.80 6.69
C GLN A 49 -25.34 4.97 6.82
N ASP A 50 -24.09 4.67 7.20
CA ASP A 50 -22.99 5.66 7.27
C ASP A 50 -22.64 6.27 5.90
N MET A 51 -22.67 5.49 4.82
CA MET A 51 -22.49 6.01 3.45
C MET A 51 -23.73 6.78 2.95
N ILE A 52 -24.94 6.30 3.24
CA ILE A 52 -26.22 6.94 2.85
C ILE A 52 -26.39 8.30 3.54
N ASN A 53 -25.83 8.51 4.75
CA ASN A 53 -25.88 9.80 5.44
C ASN A 53 -25.27 10.97 4.63
N GLU A 54 -24.27 10.70 3.78
CA GLU A 54 -23.67 11.69 2.86
C GLU A 54 -24.49 11.90 1.57
N VAL A 55 -25.40 10.97 1.24
CA VAL A 55 -26.12 10.87 -0.05
C VAL A 55 -27.58 11.28 0.06
N ASP A 56 -28.28 10.87 1.12
CA ASP A 56 -29.71 11.03 1.33
C ASP A 56 -30.03 11.79 2.63
N ALA A 57 -29.37 12.92 2.84
CA ALA A 57 -29.63 13.80 3.99
C ALA A 57 -31.08 14.33 4.05
N ASP A 58 -31.76 14.40 2.90
CA ASP A 58 -33.18 14.76 2.78
C ASP A 58 -34.16 13.61 3.18
N GLY A 59 -33.68 12.37 3.30
CA GLY A 59 -34.48 11.21 3.72
C GLY A 59 -35.50 10.73 2.69
N ASN A 60 -35.24 10.90 1.38
CA ASN A 60 -36.14 10.49 0.29
C ASN A 60 -36.13 8.97 0.03
N GLY A 61 -35.10 8.25 0.49
CA GLY A 61 -34.91 6.81 0.29
C GLY A 61 -34.34 6.42 -1.07
N THR A 62 -33.72 7.36 -1.80
CA THR A 62 -33.21 7.18 -3.17
C THR A 62 -31.79 7.73 -3.39
N ILE A 63 -31.14 7.23 -4.45
CA ILE A 63 -29.76 7.51 -4.84
C ILE A 63 -29.67 7.61 -6.38
N ASP A 64 -28.96 8.59 -6.91
CA ASP A 64 -28.64 8.68 -8.34
C ASP A 64 -27.33 7.97 -8.68
N PHE A 65 -27.14 7.56 -9.94
CA PHE A 65 -25.89 6.96 -10.43
C PHE A 65 -24.61 7.71 -9.98
N PRO A 66 -24.44 9.03 -10.24
CA PRO A 66 -23.25 9.75 -9.81
C PRO A 66 -23.16 9.96 -8.30
N GLU A 67 -24.29 9.95 -7.59
CA GLU A 67 -24.32 10.03 -6.13
C GLU A 67 -23.89 8.72 -5.46
N PHE A 68 -24.13 7.57 -6.10
CA PHE A 68 -23.59 6.27 -5.68
C PHE A 68 -22.05 6.19 -5.83
N LEU A 69 -21.51 6.71 -6.93
CA LEU A 69 -20.06 6.62 -7.21
C LEU A 69 -19.18 7.35 -6.17
N THR A 70 -19.74 8.32 -5.42
CA THR A 70 -19.00 9.06 -4.38
C THR A 70 -18.46 8.13 -3.28
N MET A 71 -19.20 7.10 -2.88
CA MET A 71 -18.75 6.13 -1.87
C MET A 71 -17.87 5.02 -2.48
N MET A 72 -18.09 4.67 -3.75
CA MET A 72 -17.26 3.69 -4.47
C MET A 72 -15.81 4.16 -4.55
N ALA A 73 -15.59 5.46 -4.76
CA ALA A 73 -14.26 6.07 -4.74
C ALA A 73 -13.50 5.81 -3.41
N ARG A 74 -14.18 5.91 -2.26
CA ARG A 74 -13.58 5.57 -0.93
C ARG A 74 -13.32 4.06 -0.80
N LYS A 75 -14.26 3.21 -1.24
CA LYS A 75 -14.11 1.74 -1.21
C LYS A 75 -12.95 1.25 -2.08
N MET A 76 -12.59 1.97 -3.14
CA MET A 76 -11.43 1.74 -4.01
C MET A 76 -10.08 2.25 -3.44
N LYS A 77 -10.07 2.97 -2.31
CA LYS A 77 -8.88 3.65 -1.75
C LYS A 77 -7.89 2.72 -1.01
N ASP A 78 -7.65 1.53 -1.55
CA ASP A 78 -6.57 0.63 -1.10
C ASP A 78 -5.20 1.31 -1.30
N THR A 79 -4.45 1.49 -0.20
CA THR A 79 -3.23 2.32 -0.15
C THR A 79 -2.17 1.67 0.77
N ASP A 80 -0.91 1.65 0.33
CA ASP A 80 0.21 1.13 1.11
C ASP A 80 0.87 2.23 1.96
N SER A 81 0.91 2.04 3.29
CA SER A 81 1.41 3.04 4.25
C SER A 81 2.95 3.15 4.22
N GLU A 82 3.46 4.39 4.14
CA GLU A 82 4.89 4.69 4.14
C GLU A 82 5.61 4.19 5.40
N GLU A 83 4.99 4.36 6.58
CA GLU A 83 5.57 3.95 7.85
C GLU A 83 5.49 2.42 8.05
N GLU A 84 4.48 1.76 7.48
CA GLU A 84 4.39 0.29 7.46
C GLU A 84 5.47 -0.32 6.57
N ILE A 85 5.69 0.25 5.39
CA ILE A 85 6.77 -0.14 4.47
C ILE A 85 8.13 0.02 5.18
N ARG A 86 8.38 1.15 5.85
CA ARG A 86 9.61 1.38 6.63
C ARG A 86 9.82 0.31 7.69
N GLU A 87 8.82 -0.02 8.51
CA GLU A 87 8.97 -1.03 9.57
C GLU A 87 9.15 -2.45 9.01
N ALA A 88 8.42 -2.78 7.94
CA ALA A 88 8.57 -4.02 7.18
C ALA A 88 9.92 -4.13 6.45
N PHE A 89 10.56 -3.01 6.12
CA PHE A 89 11.94 -3.00 5.64
C PHE A 89 12.93 -3.18 6.80
N ARG A 90 12.71 -2.51 7.93
CA ARG A 90 13.61 -2.50 9.10
C ARG A 90 13.82 -3.89 9.72
N VAL A 91 12.84 -4.79 9.61
CA VAL A 91 12.99 -6.22 9.98
C VAL A 91 13.96 -7.00 9.07
N PHE A 92 14.23 -6.51 7.85
CA PHE A 92 15.21 -7.09 6.91
C PHE A 92 16.60 -6.41 6.95
N ASP A 93 16.70 -5.22 7.55
CA ASP A 93 17.94 -4.43 7.67
C ASP A 93 19.04 -5.21 8.43
N LYS A 94 20.26 -5.17 7.90
CA LYS A 94 21.42 -5.92 8.38
C LYS A 94 21.82 -5.58 9.83
N ASP A 95 21.67 -4.32 10.26
CA ASP A 95 22.12 -3.85 11.58
C ASP A 95 21.29 -2.68 12.17
N GLY A 96 20.16 -2.34 11.56
CA GLY A 96 19.40 -1.12 11.85
C GLY A 96 20.07 0.14 11.27
N ASN A 97 20.84 -0.03 10.19
CA ASN A 97 21.68 1.00 9.55
C ASN A 97 20.91 1.93 8.57
N GLY A 98 19.62 1.68 8.33
CA GLY A 98 18.75 2.44 7.41
C GLY A 98 18.82 1.96 5.95
N TYR A 99 19.28 0.73 5.71
CA TYR A 99 19.46 0.14 4.39
C TYR A 99 19.31 -1.40 4.43
N ILE A 100 19.16 -2.03 3.26
CA ILE A 100 19.07 -3.50 3.08
C ILE A 100 20.03 -3.93 1.96
N SER A 101 20.77 -5.03 2.14
CA SER A 101 21.66 -5.52 1.08
C SER A 101 20.87 -6.03 -0.13
N ALA A 102 21.37 -5.80 -1.34
CA ALA A 102 20.64 -6.13 -2.57
C ALA A 102 20.33 -7.64 -2.69
N ALA A 103 21.27 -8.50 -2.31
CA ALA A 103 21.05 -9.94 -2.23
C ALA A 103 20.03 -10.34 -1.14
N GLU A 104 19.95 -9.59 -0.04
CA GLU A 104 18.99 -9.81 1.04
C GLU A 104 17.57 -9.41 0.63
N LEU A 105 17.39 -8.26 -0.02
CA LEU A 105 16.09 -7.83 -0.56
C LEU A 105 15.66 -8.71 -1.75
N ARG A 106 16.59 -9.13 -2.63
CA ARG A 106 16.29 -10.15 -3.65
C ARG A 106 15.87 -11.47 -3.02
N HIS A 107 16.50 -11.90 -1.92
CA HIS A 107 16.06 -13.06 -1.14
C HIS A 107 14.63 -12.87 -0.60
N VAL A 108 14.35 -11.86 0.23
CA VAL A 108 12.99 -11.73 0.83
C VAL A 108 11.91 -11.60 -0.22
N MET A 109 12.18 -10.86 -1.30
CA MET A 109 11.16 -10.58 -2.31
C MET A 109 10.87 -11.79 -3.22
N THR A 110 11.73 -12.82 -3.21
CA THR A 110 11.56 -14.07 -3.97
C THR A 110 11.48 -15.33 -3.11
N ASN A 111 11.64 -15.21 -1.79
CA ASN A 111 11.44 -16.27 -0.79
C ASN A 111 10.07 -16.17 -0.10
N LEU A 112 9.46 -14.98 -0.08
CA LEU A 112 8.27 -14.64 0.72
C LEU A 112 7.23 -13.94 -0.15
N GLY A 113 6.02 -13.77 0.40
CA GLY A 113 4.93 -13.05 -0.26
C GLY A 113 4.42 -13.71 -1.53
N GLU A 114 4.15 -12.87 -2.53
CA GLU A 114 3.69 -13.28 -3.87
C GLU A 114 4.85 -13.80 -4.77
N LYS A 115 6.10 -13.69 -4.29
CA LYS A 115 7.38 -14.06 -4.92
C LYS A 115 7.57 -13.44 -6.32
N LEU A 116 8.32 -12.34 -6.36
CA LEU A 116 8.58 -11.57 -7.59
C LEU A 116 9.34 -12.39 -8.65
N THR A 117 9.15 -12.05 -9.93
CA THR A 117 9.88 -12.63 -11.06
C THR A 117 11.36 -12.19 -11.05
N ASP A 118 12.24 -12.91 -11.77
CA ASP A 118 13.68 -12.61 -11.86
C ASP A 118 13.99 -11.18 -12.39
N GLU A 119 13.35 -10.76 -13.48
CA GLU A 119 13.48 -9.40 -14.01
C GLU A 119 12.77 -8.35 -13.12
N GLU A 120 11.68 -8.74 -12.46
CA GLU A 120 10.87 -7.88 -11.58
C GLU A 120 11.62 -7.51 -10.29
N VAL A 121 12.28 -8.48 -9.67
CA VAL A 121 13.12 -8.25 -8.47
C VAL A 121 14.43 -7.54 -8.82
N ASP A 122 15.01 -7.79 -10.00
CA ASP A 122 16.17 -7.00 -10.45
C ASP A 122 15.78 -5.55 -10.80
N GLU A 123 14.60 -5.33 -11.38
CA GLU A 123 14.03 -3.98 -11.60
C GLU A 123 13.89 -3.19 -10.29
N MET A 124 13.67 -3.87 -9.16
CA MET A 124 13.73 -3.25 -7.84
C MET A 124 15.16 -2.82 -7.53
N ILE A 125 16.16 -3.72 -7.57
CA ILE A 125 17.55 -3.40 -7.21
C ILE A 125 18.11 -2.23 -8.04
N ARG A 126 17.77 -2.16 -9.34
CA ARG A 126 18.20 -1.10 -10.29
C ARG A 126 17.85 0.33 -9.84
N GLU A 127 16.84 0.51 -8.98
CA GLU A 127 16.38 1.82 -8.47
C GLU A 127 16.40 1.93 -6.92
N ALA A 128 16.26 0.81 -6.22
CA ALA A 128 16.39 0.67 -4.77
C ALA A 128 17.85 0.88 -4.31
N ASP A 129 18.85 0.48 -5.11
CA ASP A 129 20.25 0.83 -4.93
C ASP A 129 20.63 1.98 -5.90
N ILE A 130 21.00 3.13 -5.34
CA ILE A 130 21.34 4.35 -6.07
C ILE A 130 22.75 4.29 -6.71
N ASP A 131 23.68 3.55 -6.10
CA ASP A 131 25.09 3.45 -6.54
C ASP A 131 25.38 2.19 -7.39
N GLY A 132 24.62 1.11 -7.18
CA GLY A 132 24.81 -0.19 -7.84
C GLY A 132 25.88 -1.09 -7.19
N ASP A 133 26.36 -0.74 -6.00
CA ASP A 133 27.37 -1.50 -5.23
C ASP A 133 26.81 -2.74 -4.49
N GLY A 134 25.49 -2.96 -4.55
CA GLY A 134 24.78 -4.07 -3.91
C GLY A 134 24.13 -3.70 -2.56
N GLN A 135 23.79 -2.42 -2.35
CA GLN A 135 23.17 -1.89 -1.13
C GLN A 135 21.93 -1.06 -1.46
N VAL A 136 20.75 -1.67 -1.37
CA VAL A 136 19.48 -0.94 -1.45
C VAL A 136 19.36 -0.01 -0.24
N ASN A 137 19.05 1.26 -0.48
CA ASN A 137 18.73 2.18 0.61
C ASN A 137 17.23 2.39 0.70
N TYR A 138 16.58 1.57 1.53
CA TYR A 138 15.13 1.51 1.64
C TYR A 138 14.51 2.83 2.13
N GLU A 139 15.25 3.68 2.85
CA GLU A 139 14.80 5.02 3.26
C GLU A 139 14.56 5.98 2.08
N GLU A 140 15.35 5.86 1.00
CA GLU A 140 15.07 6.56 -0.26
C GLU A 140 13.96 5.85 -1.06
N PHE A 141 13.98 4.51 -1.05
CA PHE A 141 13.04 3.69 -1.82
C PHE A 141 11.59 3.81 -1.33
N VAL A 142 11.34 3.76 -0.03
CA VAL A 142 9.98 3.93 0.56
C VAL A 142 9.36 5.28 0.19
N GLN A 143 10.16 6.37 0.22
CA GLN A 143 9.75 7.71 -0.22
C GLN A 143 9.42 7.77 -1.72
N MET A 144 10.26 7.17 -2.57
CA MET A 144 10.02 7.09 -4.02
C MET A 144 8.78 6.24 -4.37
N MET A 145 8.64 5.08 -3.73
CA MET A 145 7.60 4.10 -3.99
C MET A 145 6.20 4.62 -3.60
N THR A 146 6.11 5.35 -2.48
CA THR A 146 4.87 6.00 -2.00
C THR A 146 4.60 7.40 -2.58
N ALA A 147 5.48 7.95 -3.42
CA ALA A 147 5.36 9.31 -3.96
C ALA A 147 4.08 9.54 -4.79
N LYS A 148 3.61 10.80 -4.84
CA LYS A 148 2.45 11.24 -5.64
C LYS A 148 2.79 11.34 -7.14
N GLY B 1 0.87 -19.20 21.48
CA GLY B 1 1.10 -20.12 20.34
C GLY B 1 2.49 -19.95 19.74
N PRO B 2 2.76 -20.55 18.56
CA PRO B 2 4.05 -20.48 17.87
C PRO B 2 4.49 -19.05 17.49
N GLY B 3 5.81 -18.83 17.44
CA GLY B 3 6.41 -17.53 17.16
C GLY B 3 7.92 -17.60 16.92
N SER B 4 8.39 -16.99 15.82
CA SER B 4 9.78 -16.87 15.39
C SER B 4 9.93 -15.71 14.40
N LYS B 5 11.16 -15.28 14.09
CA LYS B 5 11.46 -14.20 13.14
C LYS B 5 10.76 -14.38 11.79
N ARG B 6 10.74 -15.62 11.27
CA ARG B 6 10.11 -16.00 9.98
C ARG B 6 8.62 -15.64 9.90
N LYS B 7 7.90 -15.68 11.04
CA LYS B 7 6.46 -15.36 11.14
C LYS B 7 6.17 -13.89 10.79
N GLN B 8 7.02 -12.96 11.24
CA GLN B 8 6.95 -11.54 10.88
C GLN B 8 7.62 -11.25 9.53
N GLU B 9 8.76 -11.86 9.26
CA GLU B 9 9.59 -11.67 8.06
C GLU B 9 8.78 -11.94 6.77
N GLU B 10 8.04 -13.06 6.72
CA GLU B 10 7.24 -13.48 5.56
C GLU B 10 6.08 -12.54 5.23
N VAL B 11 5.54 -11.86 6.24
CA VAL B 11 4.36 -10.97 6.09
C VAL B 11 4.77 -9.51 5.85
N SER B 12 5.90 -9.11 6.44
CA SER B 12 6.55 -7.82 6.19
C SER B 12 6.90 -7.65 4.72
N ALA B 13 7.40 -8.70 4.08
CA ALA B 13 7.76 -8.68 2.67
C ALA B 13 6.56 -8.22 1.81
N ILE B 14 5.35 -8.75 2.08
CA ILE B 14 4.15 -8.52 1.26
C ILE B 14 3.78 -7.03 1.18
N ILE B 15 3.96 -6.28 2.28
CA ILE B 15 3.74 -4.83 2.36
C ILE B 15 4.63 -4.08 1.34
N ILE B 16 5.88 -4.50 1.20
CA ILE B 16 6.83 -3.98 0.21
C ILE B 16 6.47 -4.48 -1.20
N GLN B 17 6.06 -5.75 -1.38
CA GLN B 17 5.67 -6.29 -2.71
C GLN B 17 4.44 -5.57 -3.28
N ARG B 18 3.42 -5.28 -2.45
CA ARG B 18 2.25 -4.47 -2.80
C ARG B 18 2.69 -3.09 -3.28
N ALA B 19 3.46 -2.38 -2.46
CA ALA B 19 3.96 -1.04 -2.77
C ALA B 19 4.85 -1.01 -4.01
N TYR B 20 5.64 -2.06 -4.23
CA TYR B 20 6.50 -2.18 -5.39
C TYR B 20 5.70 -2.30 -6.69
N ARG B 21 4.73 -3.22 -6.74
CA ARG B 21 3.80 -3.33 -7.89
C ARG B 21 2.94 -2.07 -8.06
N ARG B 22 2.56 -1.40 -6.96
CA ARG B 22 1.88 -0.10 -6.99
C ARG B 22 2.71 0.93 -7.76
N TYR B 23 4.01 0.99 -7.48
CA TYR B 23 4.95 1.83 -8.22
C TYR B 23 5.14 1.38 -9.69
N LEU B 24 5.21 0.07 -9.96
CA LEU B 24 5.29 -0.46 -11.34
C LEU B 24 4.08 -0.05 -12.20
N LEU B 25 2.88 0.00 -11.61
CA LEU B 25 1.68 0.55 -12.25
C LEU B 25 1.74 2.08 -12.38
N LYS B 26 2.13 2.78 -11.31
CA LYS B 26 2.25 4.26 -11.23
C LYS B 26 3.19 4.85 -12.28
N GLN B 27 4.26 4.12 -12.65
CA GLN B 27 5.22 4.49 -13.69
C GLN B 27 4.62 4.75 -15.09
N LYS B 28 3.36 4.38 -15.35
CA LYS B 28 2.64 4.79 -16.57
C LYS B 28 2.45 6.30 -16.66
N VAL B 29 2.22 6.97 -15.52
CA VAL B 29 2.12 8.43 -15.39
C VAL B 29 3.50 9.08 -15.50
N LYS B 30 3.57 10.26 -16.15
CA LYS B 30 4.81 11.05 -16.35
C LYS B 30 4.68 12.45 -15.71
N LYS B 31 5.81 13.07 -15.39
CA LYS B 31 5.92 14.36 -14.67
C LYS B 31 7.09 15.21 -15.20
N ALA A 1 -5.72 15.73 3.44
CA ALA A 1 -7.12 15.53 3.92
C ALA A 1 -7.96 14.79 2.88
N ASP A 2 -9.04 14.14 3.31
CA ASP A 2 -10.03 13.45 2.44
C ASP A 2 -10.95 14.47 1.72
N GLN A 3 -10.40 15.14 0.71
CA GLN A 3 -11.03 16.22 -0.06
C GLN A 3 -10.69 16.12 -1.56
N LEU A 4 -11.56 16.66 -2.42
CA LEU A 4 -11.36 16.78 -3.88
C LEU A 4 -11.10 18.24 -4.31
N THR A 5 -10.34 18.42 -5.38
CA THR A 5 -10.18 19.72 -6.07
C THR A 5 -11.43 20.08 -6.88
N GLU A 6 -11.61 21.35 -7.23
CA GLU A 6 -12.75 21.77 -8.09
C GLU A 6 -12.72 21.10 -9.47
N GLU A 7 -11.54 20.81 -10.02
CA GLU A 7 -11.36 20.08 -11.28
C GLU A 7 -11.77 18.59 -11.14
N GLN A 8 -11.37 17.92 -10.05
CA GLN A 8 -11.80 16.56 -9.75
C GLN A 8 -13.32 16.48 -9.55
N ILE A 9 -13.90 17.42 -8.81
CA ILE A 9 -15.35 17.50 -8.56
C ILE A 9 -16.11 17.70 -9.87
N ALA A 10 -15.65 18.59 -10.75
CA ALA A 10 -16.27 18.82 -12.07
C ALA A 10 -16.16 17.61 -13.02
N GLU A 11 -15.06 16.87 -12.98
CA GLU A 11 -14.91 15.61 -13.71
C GLU A 11 -15.87 14.51 -13.20
N PHE A 12 -15.94 14.34 -11.87
CA PHE A 12 -16.86 13.40 -11.23
C PHE A 12 -18.33 13.79 -11.43
N LYS A 13 -18.64 15.09 -11.50
CA LYS A 13 -19.98 15.65 -11.79
C LYS A 13 -20.55 15.05 -13.08
N GLU A 14 -19.76 15.10 -14.15
CA GLU A 14 -20.15 14.56 -15.46
C GLU A 14 -20.24 13.03 -15.44
N ALA A 15 -19.21 12.33 -14.93
CA ALA A 15 -19.19 10.87 -14.89
C ALA A 15 -20.29 10.26 -14.02
N PHE A 16 -20.72 10.94 -12.96
CA PHE A 16 -21.85 10.55 -12.12
C PHE A 16 -23.19 10.78 -12.84
N SER A 17 -23.40 11.99 -13.37
CA SER A 17 -24.60 12.38 -14.12
C SER A 17 -24.82 11.52 -15.38
N LEU A 18 -23.74 10.95 -15.94
CA LEU A 18 -23.76 9.98 -17.03
C LEU A 18 -24.62 8.72 -16.75
N PHE A 19 -24.88 8.42 -15.47
CA PHE A 19 -25.68 7.29 -15.00
C PHE A 19 -26.90 7.73 -14.15
N ASP A 20 -27.14 9.03 -14.00
CA ASP A 20 -28.34 9.57 -13.34
C ASP A 20 -29.58 9.35 -14.21
N LYS A 21 -30.48 8.48 -13.75
CA LYS A 21 -31.70 8.05 -14.44
C LYS A 21 -32.84 9.08 -14.48
N ASP A 22 -32.81 10.09 -13.59
CA ASP A 22 -33.93 11.04 -13.38
C ASP A 22 -33.56 12.52 -13.61
N GLY A 23 -32.27 12.86 -13.56
CA GLY A 23 -31.78 14.25 -13.56
C GLY A 23 -31.81 14.93 -12.18
N ASP A 24 -32.09 14.18 -11.11
CA ASP A 24 -32.19 14.67 -9.72
C ASP A 24 -30.83 14.78 -9.00
N GLY A 25 -29.72 14.40 -9.64
CA GLY A 25 -28.38 14.39 -9.05
C GLY A 25 -28.07 13.14 -8.21
N THR A 26 -28.65 11.99 -8.58
CA THR A 26 -28.51 10.70 -7.88
C THR A 26 -28.33 9.51 -8.84
N ILE A 27 -27.78 8.39 -8.34
CA ILE A 27 -27.65 7.09 -9.04
C ILE A 27 -28.13 5.96 -8.13
N THR A 28 -28.28 4.75 -8.67
CA THR A 28 -28.51 3.53 -7.87
C THR A 28 -27.21 2.96 -7.31
N THR A 29 -27.33 2.17 -6.25
CA THR A 29 -26.22 1.37 -5.68
C THR A 29 -25.67 0.35 -6.68
N LYS A 30 -26.49 -0.12 -7.63
CA LYS A 30 -26.07 -1.02 -8.72
C LYS A 30 -25.15 -0.33 -9.74
N GLU A 31 -25.46 0.91 -10.13
CA GLU A 31 -24.64 1.66 -11.10
C GLU A 31 -23.40 2.34 -10.52
N LEU A 32 -23.19 2.34 -9.19
CA LEU A 32 -22.00 2.90 -8.54
C LEU A 32 -20.72 2.35 -9.17
N GLY A 33 -20.54 1.04 -9.23
CA GLY A 33 -19.32 0.45 -9.78
C GLY A 33 -19.14 0.71 -11.27
N THR A 34 -20.24 0.89 -12.02
CA THR A 34 -20.23 1.32 -13.43
C THR A 34 -19.73 2.76 -13.57
N VAL A 35 -20.18 3.65 -12.67
CA VAL A 35 -19.71 5.03 -12.59
C VAL A 35 -18.21 5.08 -12.20
N MET A 36 -17.76 4.23 -11.27
CA MET A 36 -16.32 4.09 -10.93
C MET A 36 -15.49 3.55 -12.12
N ARG A 37 -16.04 2.62 -12.91
CA ARG A 37 -15.41 2.11 -14.16
C ARG A 37 -15.34 3.17 -15.26
N SER A 38 -16.33 4.07 -15.35
CA SER A 38 -16.26 5.26 -16.22
C SER A 38 -15.13 6.21 -15.80
N LEU A 39 -14.87 6.32 -14.48
CA LEU A 39 -13.70 7.01 -13.89
C LEU A 39 -12.42 6.15 -13.83
N GLY A 40 -12.31 5.11 -14.66
CA GLY A 40 -11.09 4.32 -14.88
C GLY A 40 -10.69 3.35 -13.76
N GLN A 41 -11.50 3.25 -12.69
CA GLN A 41 -11.33 2.27 -11.61
C GLN A 41 -11.98 0.93 -12.01
N ASN A 42 -11.92 -0.09 -11.14
CA ASN A 42 -12.72 -1.31 -11.26
C ASN A 42 -12.80 -2.02 -9.89
N PRO A 43 -13.64 -1.53 -8.96
CA PRO A 43 -13.82 -2.09 -7.62
C PRO A 43 -14.50 -3.47 -7.65
N THR A 44 -14.25 -4.28 -6.61
CA THR A 44 -14.92 -5.58 -6.42
C THR A 44 -16.35 -5.42 -5.87
N GLU A 45 -17.19 -6.46 -5.99
CA GLU A 45 -18.51 -6.51 -5.34
C GLU A 45 -18.38 -6.34 -3.82
N ALA A 46 -17.41 -7.00 -3.19
CA ALA A 46 -17.16 -6.89 -1.75
C ALA A 46 -16.79 -5.46 -1.33
N GLU A 47 -15.93 -4.78 -2.11
CA GLU A 47 -15.53 -3.40 -1.84
C GLU A 47 -16.69 -2.40 -2.05
N LEU A 48 -17.45 -2.55 -3.15
CA LEU A 48 -18.65 -1.74 -3.39
C LEU A 48 -19.68 -1.92 -2.27
N GLN A 49 -19.95 -3.16 -1.86
CA GLN A 49 -20.90 -3.48 -0.80
C GLN A 49 -20.47 -2.91 0.57
N ASP A 50 -19.16 -2.92 0.87
CA ASP A 50 -18.62 -2.28 2.09
C ASP A 50 -18.76 -0.75 2.08
N MET A 51 -18.53 -0.10 0.93
CA MET A 51 -18.75 1.36 0.78
C MET A 51 -20.25 1.71 0.84
N ILE A 52 -21.12 0.93 0.20
CA ILE A 52 -22.58 1.12 0.24
C ILE A 52 -23.16 0.83 1.64
N ASN A 53 -22.55 -0.06 2.45
CA ASN A 53 -22.99 -0.29 3.83
C ASN A 53 -22.90 0.98 4.71
N GLU A 54 -21.96 1.88 4.44
CA GLU A 54 -21.88 3.20 5.07
C GLU A 54 -22.76 4.25 4.36
N VAL A 55 -22.68 4.34 3.03
CA VAL A 55 -23.38 5.35 2.21
C VAL A 55 -24.91 5.18 2.20
N ASP A 56 -25.39 3.94 2.14
CA ASP A 56 -26.81 3.56 2.06
C ASP A 56 -27.26 2.76 3.30
N ALA A 57 -26.87 3.21 4.49
CA ALA A 57 -27.18 2.52 5.76
C ALA A 57 -28.70 2.34 6.02
N ASP A 58 -29.54 3.22 5.45
CA ASP A 58 -31.01 3.13 5.51
C ASP A 58 -31.66 2.24 4.43
N GLY A 59 -30.88 1.71 3.48
CA GLY A 59 -31.33 0.73 2.48
C GLY A 59 -32.26 1.27 1.39
N ASN A 60 -31.99 2.48 0.87
CA ASN A 60 -32.77 3.15 -0.18
C ASN A 60 -32.48 2.57 -1.58
N GLY A 61 -31.32 1.94 -1.78
CA GLY A 61 -30.79 1.50 -3.07
C GLY A 61 -30.27 2.64 -3.96
N THR A 62 -30.03 3.83 -3.39
CA THR A 62 -29.62 5.06 -4.12
C THR A 62 -28.52 5.85 -3.40
N ILE A 63 -27.83 6.69 -4.18
CA ILE A 63 -26.66 7.49 -3.79
C ILE A 63 -26.78 8.88 -4.42
N ASP A 64 -26.50 9.95 -3.68
CA ASP A 64 -26.43 11.33 -4.23
C ASP A 64 -25.02 11.65 -4.72
N PHE A 65 -24.87 12.61 -5.64
CA PHE A 65 -23.56 13.09 -6.11
C PHE A 65 -22.55 13.38 -4.97
N PRO A 66 -22.87 14.21 -3.96
CA PRO A 66 -21.92 14.50 -2.87
C PRO A 66 -21.70 13.30 -1.93
N GLU A 67 -22.64 12.35 -1.86
CA GLU A 67 -22.47 11.11 -1.10
C GLU A 67 -21.53 10.14 -1.80
N PHE A 68 -21.57 10.05 -3.15
CA PHE A 68 -20.61 9.30 -3.95
C PHE A 68 -19.18 9.83 -3.79
N LEU A 69 -19.01 11.16 -3.77
CA LEU A 69 -17.66 11.75 -3.64
C LEU A 69 -16.97 11.43 -2.31
N THR A 70 -17.70 11.02 -1.27
CA THR A 70 -17.11 10.65 0.04
C THR A 70 -16.13 9.47 -0.07
N MET A 71 -16.42 8.48 -0.93
CA MET A 71 -15.50 7.35 -1.18
C MET A 71 -14.42 7.69 -2.21
N MET A 72 -14.74 8.51 -3.21
CA MET A 72 -13.77 8.96 -4.22
C MET A 72 -12.65 9.79 -3.57
N ALA A 73 -12.97 10.59 -2.55
CA ALA A 73 -11.99 11.35 -1.78
C ALA A 73 -10.88 10.45 -1.19
N ARG A 74 -11.27 9.29 -0.64
CA ARG A 74 -10.33 8.31 -0.04
C ARG A 74 -9.63 7.43 -1.09
N LYS A 75 -10.34 7.00 -2.13
CA LYS A 75 -9.76 6.28 -3.29
C LYS A 75 -8.67 7.11 -4.00
N MET A 76 -8.88 8.42 -4.10
CA MET A 76 -7.92 9.38 -4.67
C MET A 76 -6.72 9.67 -3.75
N LYS A 77 -6.83 9.43 -2.44
CA LYS A 77 -5.77 9.61 -1.42
C LYS A 77 -4.76 8.44 -1.38
N ASP A 78 -4.36 8.00 -2.57
CA ASP A 78 -3.56 6.80 -2.82
C ASP A 78 -2.16 6.86 -2.19
N THR A 79 -1.89 5.99 -1.20
CA THR A 79 -0.58 5.79 -0.54
C THR A 79 -0.52 4.40 0.11
N ASP A 80 0.58 3.67 -0.10
CA ASP A 80 0.77 2.26 0.30
C ASP A 80 1.21 2.05 1.77
N SER A 81 0.77 2.92 2.68
CA SER A 81 1.15 2.95 4.12
C SER A 81 2.67 3.09 4.34
N GLU A 82 3.17 4.32 4.20
CA GLU A 82 4.59 4.68 4.22
C GLU A 82 5.35 4.22 5.48
N GLU A 83 4.74 4.38 6.67
CA GLU A 83 5.32 3.93 7.93
C GLU A 83 5.37 2.39 8.04
N GLU A 84 4.39 1.69 7.46
CA GLU A 84 4.33 0.23 7.43
C GLU A 84 5.44 -0.35 6.55
N ILE A 85 5.66 0.24 5.36
CA ILE A 85 6.76 -0.14 4.46
C ILE A 85 8.10 0.07 5.17
N ARG A 86 8.31 1.23 5.83
CA ARG A 86 9.54 1.51 6.59
C ARG A 86 9.81 0.47 7.68
N GLU A 87 8.82 0.11 8.49
CA GLU A 87 9.01 -0.90 9.54
C GLU A 87 9.18 -2.32 8.98
N ALA A 88 8.44 -2.68 7.93
CA ALA A 88 8.58 -3.92 7.17
C ALA A 88 9.94 -4.04 6.45
N PHE A 89 10.58 -2.93 6.11
CA PHE A 89 11.96 -2.91 5.64
C PHE A 89 12.94 -3.04 6.81
N ARG A 90 12.70 -2.34 7.93
CA ARG A 90 13.61 -2.31 9.09
C ARG A 90 13.82 -3.69 9.72
N VAL A 91 12.83 -4.58 9.65
CA VAL A 91 12.98 -6.00 10.02
C VAL A 91 13.94 -6.79 9.10
N PHE A 92 14.15 -6.36 7.85
CA PHE A 92 15.12 -6.93 6.90
C PHE A 92 16.50 -6.25 6.95
N ASP A 93 16.56 -4.99 7.41
CA ASP A 93 17.80 -4.28 7.73
C ASP A 93 18.46 -4.92 8.98
N LYS A 94 19.01 -6.13 8.81
CA LYS A 94 19.53 -7.01 9.88
C LYS A 94 20.70 -6.40 10.67
N ASP A 95 21.39 -5.40 10.12
CA ASP A 95 22.47 -4.64 10.78
C ASP A 95 22.00 -3.29 11.38
N GLY A 96 20.82 -2.79 11.02
CA GLY A 96 20.24 -1.53 11.50
C GLY A 96 20.93 -0.26 10.97
N ASN A 97 21.36 -0.27 9.70
CA ASN A 97 22.15 0.80 9.06
C ASN A 97 21.33 1.74 8.14
N GLY A 98 20.01 1.60 8.04
CA GLY A 98 19.13 2.45 7.21
C GLY A 98 19.11 2.06 5.72
N TYR A 99 19.53 0.83 5.41
CA TYR A 99 19.60 0.26 4.07
C TYR A 99 19.54 -1.28 4.16
N ILE A 100 19.30 -1.93 3.03
CA ILE A 100 19.27 -3.39 2.88
C ILE A 100 20.32 -3.81 1.85
N SER A 101 20.88 -5.01 1.96
CA SER A 101 21.77 -5.53 0.92
C SER A 101 20.98 -6.04 -0.29
N ALA A 102 21.47 -5.85 -1.51
CA ALA A 102 20.73 -6.24 -2.73
C ALA A 102 20.41 -7.75 -2.77
N ALA A 103 21.33 -8.61 -2.31
CA ALA A 103 21.10 -10.04 -2.15
C ALA A 103 20.06 -10.37 -1.06
N GLU A 104 19.96 -9.55 0.00
CA GLU A 104 18.97 -9.72 1.06
C GLU A 104 17.56 -9.32 0.61
N LEU A 105 17.40 -8.19 -0.10
CA LEU A 105 16.09 -7.79 -0.65
C LEU A 105 15.67 -8.72 -1.80
N ARG A 106 16.60 -9.19 -2.65
CA ARG A 106 16.29 -10.25 -3.62
C ARG A 106 15.90 -11.56 -2.94
N HIS A 107 16.52 -11.91 -1.81
CA HIS A 107 16.07 -13.03 -0.97
C HIS A 107 14.65 -12.79 -0.47
N VAL A 108 14.36 -11.77 0.36
CA VAL A 108 13.01 -11.61 0.95
C VAL A 108 11.92 -11.50 -0.10
N MET A 109 12.18 -10.81 -1.19
CA MET A 109 11.15 -10.54 -2.20
C MET A 109 10.83 -11.75 -3.08
N THR A 110 11.65 -12.80 -3.04
CA THR A 110 11.46 -14.05 -3.79
C THR A 110 11.44 -15.31 -2.92
N ASN A 111 11.73 -15.19 -1.62
CA ASN A 111 11.57 -16.23 -0.60
C ASN A 111 10.21 -16.16 0.10
N LEU A 112 9.59 -14.97 0.11
CA LEU A 112 8.40 -14.61 0.90
C LEU A 112 7.38 -13.87 0.01
N GLY A 113 6.14 -13.76 0.49
CA GLY A 113 5.10 -12.97 -0.16
C GLY A 113 4.64 -13.48 -1.54
N GLU A 114 4.14 -12.54 -2.35
CA GLU A 114 3.69 -12.75 -3.73
C GLU A 114 4.88 -12.80 -4.73
N LYS A 115 5.86 -13.66 -4.39
CA LYS A 115 7.23 -13.85 -4.94
C LYS A 115 7.47 -13.16 -6.29
N LEU A 116 8.32 -12.13 -6.29
CA LEU A 116 8.70 -11.39 -7.51
C LEU A 116 9.34 -12.30 -8.56
N THR A 117 9.09 -12.00 -9.83
CA THR A 117 9.77 -12.64 -10.97
C THR A 117 11.26 -12.27 -10.99
N ASP A 118 12.11 -13.06 -11.63
CA ASP A 118 13.55 -12.81 -11.78
C ASP A 118 13.89 -11.41 -12.32
N GLU A 119 13.18 -10.97 -13.37
CA GLU A 119 13.32 -9.62 -13.95
C GLU A 119 12.67 -8.53 -13.08
N GLU A 120 11.62 -8.87 -12.33
CA GLU A 120 10.87 -7.95 -11.46
C GLU A 120 11.68 -7.55 -10.22
N VAL A 121 12.34 -8.54 -9.59
CA VAL A 121 13.22 -8.31 -8.44
C VAL A 121 14.52 -7.62 -8.87
N ASP A 122 15.04 -7.94 -10.06
CA ASP A 122 16.19 -7.24 -10.66
C ASP A 122 15.86 -5.77 -10.99
N GLU A 123 14.66 -5.48 -11.49
CA GLU A 123 14.16 -4.11 -11.68
C GLU A 123 14.18 -3.33 -10.35
N MET A 124 13.72 -3.97 -9.26
CA MET A 124 13.78 -3.42 -7.90
C MET A 124 15.21 -3.12 -7.47
N ILE A 125 16.17 -4.04 -7.67
CA ILE A 125 17.58 -3.78 -7.32
C ILE A 125 18.10 -2.57 -8.10
N ARG A 126 17.86 -2.51 -9.41
CA ARG A 126 18.35 -1.43 -10.30
C ARG A 126 17.89 -0.03 -9.92
N GLU A 127 16.73 0.11 -9.25
CA GLU A 127 16.19 1.41 -8.83
C GLU A 127 16.26 1.69 -7.31
N ALA A 128 16.43 0.67 -6.46
CA ALA A 128 16.68 0.83 -5.02
C ALA A 128 18.18 0.97 -4.67
N ASP A 129 19.09 0.38 -5.45
CA ASP A 129 20.55 0.47 -5.29
C ASP A 129 21.09 1.83 -5.79
N ILE A 130 20.73 2.91 -5.09
CA ILE A 130 21.08 4.29 -5.47
C ILE A 130 22.60 4.57 -5.44
N ASP A 131 23.38 3.75 -4.71
CA ASP A 131 24.84 3.79 -4.71
C ASP A 131 25.48 3.03 -5.90
N GLY A 132 24.72 2.18 -6.60
CA GLY A 132 25.21 1.32 -7.68
C GLY A 132 26.25 0.29 -7.22
N ASP A 133 26.15 -0.18 -5.96
CA ASP A 133 27.16 -0.98 -5.27
C ASP A 133 26.57 -2.16 -4.47
N GLY A 134 25.38 -2.63 -4.84
CA GLY A 134 24.67 -3.73 -4.18
C GLY A 134 24.03 -3.35 -2.83
N GLN A 135 23.76 -2.06 -2.61
CA GLN A 135 23.27 -1.50 -1.34
C GLN A 135 21.94 -0.77 -1.57
N VAL A 136 20.84 -1.52 -1.45
CA VAL A 136 19.48 -1.01 -1.68
C VAL A 136 19.03 -0.11 -0.53
N ASN A 137 18.95 1.20 -0.79
CA ASN A 137 18.60 2.16 0.24
C ASN A 137 17.08 2.25 0.39
N TYR A 138 16.55 1.46 1.32
CA TYR A 138 15.12 1.33 1.53
C TYR A 138 14.47 2.64 2.00
N GLU A 139 15.19 3.54 2.68
CA GLU A 139 14.65 4.83 3.13
C GLU A 139 14.39 5.80 1.95
N GLU A 140 15.22 5.77 0.90
CA GLU A 140 14.93 6.46 -0.35
C GLU A 140 13.85 5.70 -1.16
N PHE A 141 13.92 4.37 -1.16
CA PHE A 141 13.01 3.50 -1.92
C PHE A 141 11.56 3.59 -1.45
N VAL A 142 11.30 3.64 -0.14
CA VAL A 142 9.94 3.81 0.41
C VAL A 142 9.33 5.15 -0.02
N GLN A 143 10.09 6.25 0.00
CA GLN A 143 9.67 7.55 -0.51
C GLN A 143 9.40 7.52 -2.02
N MET A 144 10.23 6.83 -2.79
CA MET A 144 10.05 6.66 -4.23
C MET A 144 8.80 5.84 -4.57
N MET A 145 8.56 4.71 -3.89
CA MET A 145 7.42 3.84 -4.15
C MET A 145 6.08 4.49 -3.77
N THR A 146 6.03 5.17 -2.61
CA THR A 146 4.79 5.80 -2.08
C THR A 146 4.38 7.09 -2.80
N ALA A 147 5.23 7.68 -3.63
CA ALA A 147 4.85 8.79 -4.51
C ALA A 147 3.79 8.33 -5.53
N LYS A 148 2.62 8.99 -5.53
CA LYS A 148 1.45 8.64 -6.37
C LYS A 148 1.77 8.72 -7.87
N GLY B 1 21.04 -16.19 16.20
CA GLY B 1 20.94 -15.95 14.74
C GLY B 1 20.67 -14.47 14.43
N PRO B 2 20.15 -14.15 13.23
CA PRO B 2 19.82 -12.79 12.81
C PRO B 2 18.76 -12.09 13.67
N GLY B 3 18.73 -10.75 13.62
CA GLY B 3 17.76 -9.93 14.36
C GLY B 3 16.29 -10.06 13.92
N SER B 4 16.03 -10.53 12.71
CA SER B 4 14.68 -10.67 12.14
C SER B 4 13.83 -11.73 12.86
N LYS B 5 12.60 -11.36 13.22
CA LYS B 5 11.56 -12.28 13.73
C LYS B 5 10.92 -13.02 12.55
N ARG B 6 11.22 -14.33 12.38
CA ARG B 6 10.81 -15.13 11.21
C ARG B 6 9.31 -15.12 10.90
N LYS B 7 8.45 -15.03 11.92
CA LYS B 7 6.98 -14.92 11.76
C LYS B 7 6.53 -13.58 11.16
N GLN B 8 7.21 -12.49 11.54
CA GLN B 8 6.98 -11.14 11.01
C GLN B 8 7.67 -10.93 9.64
N GLU B 9 8.82 -11.57 9.42
CA GLU B 9 9.65 -11.44 8.20
C GLU B 9 8.84 -11.74 6.93
N GLU B 10 8.11 -12.85 6.91
CA GLU B 10 7.35 -13.33 5.74
C GLU B 10 6.15 -12.43 5.36
N VAL B 11 5.59 -11.73 6.34
CA VAL B 11 4.40 -10.86 6.16
C VAL B 11 4.78 -9.41 5.89
N SER B 12 5.90 -8.97 6.46
CA SER B 12 6.53 -7.67 6.17
C SER B 12 6.88 -7.53 4.69
N ALA B 13 7.37 -8.60 4.08
CA ALA B 13 7.74 -8.62 2.67
C ALA B 13 6.54 -8.18 1.79
N ILE B 14 5.34 -8.69 2.07
CA ILE B 14 4.15 -8.46 1.25
C ILE B 14 3.78 -6.96 1.16
N ILE B 15 3.95 -6.22 2.27
CA ILE B 15 3.72 -4.77 2.34
C ILE B 15 4.60 -4.03 1.33
N ILE B 16 5.87 -4.42 1.23
CA ILE B 16 6.82 -3.89 0.24
C ILE B 16 6.46 -4.37 -1.18
N GLN B 17 6.05 -5.63 -1.37
CA GLN B 17 5.69 -6.16 -2.70
C GLN B 17 4.49 -5.42 -3.32
N ARG B 18 3.46 -5.14 -2.52
CA ARG B 18 2.25 -4.44 -2.96
C ARG B 18 2.53 -2.97 -3.28
N ALA B 19 3.34 -2.31 -2.46
CA ALA B 19 3.87 -0.97 -2.76
C ALA B 19 4.75 -0.97 -4.03
N TYR B 20 5.52 -2.04 -4.25
CA TYR B 20 6.39 -2.16 -5.40
C TYR B 20 5.62 -2.33 -6.71
N ARG B 21 4.65 -3.25 -6.78
CA ARG B 21 3.80 -3.41 -7.98
C ARG B 21 2.98 -2.15 -8.28
N ARG B 22 2.56 -1.37 -7.27
CA ARG B 22 1.97 -0.03 -7.46
C ARG B 22 2.96 0.96 -8.09
N TYR B 23 4.24 0.88 -7.72
CA TYR B 23 5.29 1.68 -8.34
C TYR B 23 5.61 1.22 -9.78
N LEU B 24 5.59 -0.09 -10.07
CA LEU B 24 5.82 -0.63 -11.41
C LEU B 24 4.91 0.01 -12.47
N LEU B 25 3.66 0.35 -12.13
CA LEU B 25 2.74 1.08 -13.01
C LEU B 25 3.32 2.43 -13.49
N LYS B 26 4.05 3.14 -12.62
CA LYS B 26 4.70 4.43 -12.93
C LYS B 26 5.86 4.27 -13.93
N GLN B 27 6.55 3.13 -13.92
CA GLN B 27 7.54 2.76 -14.95
C GLN B 27 6.86 2.28 -16.25
N LYS B 28 5.74 1.56 -16.15
CA LYS B 28 5.00 0.96 -17.29
C LYS B 28 4.27 1.98 -18.15
N VAL B 29 3.66 3.01 -17.56
CA VAL B 29 2.96 4.08 -18.28
C VAL B 29 3.95 4.88 -19.16
N LYS B 30 3.56 5.14 -20.42
CA LYS B 30 4.40 5.79 -21.44
C LYS B 30 4.83 7.21 -21.04
N LYS B 31 6.11 7.53 -21.25
CA LYS B 31 6.72 8.86 -21.10
C LYS B 31 6.59 9.69 -22.38
N ALA A 1 -7.87 4.48 -13.03
CA ALA A 1 -9.23 5.09 -13.00
C ALA A 1 -9.61 5.52 -11.58
N ASP A 2 -10.52 6.49 -11.44
CA ASP A 2 -11.02 7.02 -10.15
C ASP A 2 -12.20 6.23 -9.55
N GLN A 3 -12.80 5.29 -10.30
CA GLN A 3 -13.94 4.49 -9.83
C GLN A 3 -13.63 3.62 -8.59
N LEU A 4 -14.66 3.41 -7.76
CA LEU A 4 -14.55 2.66 -6.50
C LEU A 4 -14.86 1.16 -6.64
N THR A 5 -14.14 0.34 -5.86
CA THR A 5 -14.44 -1.08 -5.62
C THR A 5 -15.50 -1.23 -4.52
N GLU A 6 -16.15 -2.38 -4.47
CA GLU A 6 -17.08 -2.74 -3.38
C GLU A 6 -16.40 -2.75 -1.99
N GLU A 7 -15.10 -3.04 -1.92
CA GLU A 7 -14.31 -3.00 -0.68
C GLU A 7 -14.06 -1.54 -0.21
N GLN A 8 -13.69 -0.65 -1.14
CA GLN A 8 -13.55 0.79 -0.87
C GLN A 8 -14.89 1.40 -0.46
N ILE A 9 -15.98 1.04 -1.13
CA ILE A 9 -17.34 1.51 -0.81
C ILE A 9 -17.76 1.06 0.59
N ALA A 10 -17.51 -0.19 0.99
CA ALA A 10 -17.81 -0.67 2.34
C ALA A 10 -16.94 -0.02 3.43
N GLU A 11 -15.66 0.27 3.14
CA GLU A 11 -14.80 1.04 4.06
C GLU A 11 -15.30 2.48 4.24
N PHE A 12 -15.67 3.15 3.14
CA PHE A 12 -16.26 4.49 3.18
C PHE A 12 -17.67 4.48 3.80
N LYS A 13 -18.46 3.42 3.62
CA LYS A 13 -19.78 3.21 4.24
C LYS A 13 -19.69 3.25 5.77
N GLU A 14 -18.76 2.49 6.36
CA GLU A 14 -18.53 2.50 7.80
C GLU A 14 -18.05 3.86 8.31
N ALA A 15 -17.03 4.45 7.68
CA ALA A 15 -16.51 5.77 8.05
C ALA A 15 -17.53 6.90 7.91
N PHE A 16 -18.43 6.85 6.93
CA PHE A 16 -19.50 7.82 6.78
C PHE A 16 -20.61 7.63 7.83
N SER A 17 -21.07 6.40 8.02
CA SER A 17 -22.08 6.03 9.02
C SER A 17 -21.64 6.35 10.45
N LEU A 18 -20.32 6.41 10.69
CA LEU A 18 -19.70 6.83 11.96
C LEU A 18 -20.12 8.22 12.44
N PHE A 19 -20.64 9.07 11.55
CA PHE A 19 -21.08 10.44 11.82
C PHE A 19 -22.49 10.74 11.29
N ASP A 20 -23.21 9.73 10.79
CA ASP A 20 -24.59 9.83 10.35
C ASP A 20 -25.52 10.09 11.54
N LYS A 21 -26.38 11.11 11.41
CA LYS A 21 -27.26 11.66 12.44
C LYS A 21 -28.24 10.65 13.05
N ASP A 22 -28.76 9.70 12.27
CA ASP A 22 -29.79 8.73 12.72
C ASP A 22 -29.87 7.43 11.89
N GLY A 23 -28.93 7.20 10.98
CA GLY A 23 -29.01 6.13 9.97
C GLY A 23 -29.77 6.58 8.70
N ASP A 24 -29.83 7.89 8.45
CA ASP A 24 -30.53 8.51 7.31
C ASP A 24 -29.73 8.47 6.00
N GLY A 25 -28.45 8.07 6.04
CA GLY A 25 -27.52 8.08 4.90
C GLY A 25 -26.91 9.45 4.61
N THR A 26 -26.84 10.36 5.61
CA THR A 26 -26.30 11.72 5.46
C THR A 26 -25.49 12.20 6.67
N ILE A 27 -24.49 13.05 6.44
CA ILE A 27 -23.65 13.76 7.44
C ILE A 27 -23.77 15.28 7.27
N THR A 28 -23.20 16.06 8.18
CA THR A 28 -23.02 17.52 8.05
C THR A 28 -21.74 17.88 7.30
N THR A 29 -21.72 19.08 6.73
CA THR A 29 -20.51 19.69 6.14
C THR A 29 -19.40 19.90 7.17
N LYS A 30 -19.74 20.11 8.46
CA LYS A 30 -18.77 20.23 9.56
C LYS A 30 -18.15 18.87 9.98
N GLU A 31 -18.90 17.77 9.94
CA GLU A 31 -18.36 16.42 10.20
C GLU A 31 -17.57 15.84 9.03
N LEU A 32 -17.73 16.36 7.80
CA LEU A 32 -17.05 15.86 6.58
C LEU A 32 -15.57 15.59 6.83
N GLY A 33 -14.81 16.62 7.22
CA GLY A 33 -13.36 16.50 7.43
C GLY A 33 -12.99 15.52 8.55
N THR A 34 -13.88 15.31 9.53
CA THR A 34 -13.70 14.31 10.59
C THR A 34 -13.90 12.89 10.08
N VAL A 35 -14.84 12.67 9.15
CA VAL A 35 -14.95 11.37 8.47
C VAL A 35 -13.78 11.14 7.48
N MET A 36 -13.22 12.21 6.88
CA MET A 36 -11.96 12.12 6.11
C MET A 36 -10.76 11.77 7.02
N ARG A 37 -10.69 12.34 8.24
CA ARG A 37 -9.69 11.96 9.26
C ARG A 37 -9.80 10.48 9.67
N SER A 38 -11.02 9.95 9.77
CA SER A 38 -11.28 8.51 9.96
C SER A 38 -10.77 7.65 8.77
N LEU A 39 -10.77 8.22 7.55
CA LEU A 39 -10.20 7.63 6.33
C LEU A 39 -8.72 8.00 6.08
N GLY A 40 -7.98 8.36 7.14
CA GLY A 40 -6.52 8.50 7.11
C GLY A 40 -5.99 9.75 6.40
N GLN A 41 -6.74 10.85 6.35
CA GLN A 41 -6.26 12.14 5.83
C GLN A 41 -6.92 13.33 6.54
N ASN A 42 -6.14 14.38 6.83
CA ASN A 42 -6.62 15.60 7.48
C ASN A 42 -6.61 16.79 6.50
N PRO A 43 -7.70 17.02 5.73
CA PRO A 43 -7.82 18.14 4.80
C PRO A 43 -7.87 19.49 5.53
N THR A 44 -7.42 20.56 4.86
CA THR A 44 -7.50 21.93 5.40
C THR A 44 -8.94 22.46 5.37
N GLU A 45 -9.23 23.49 6.16
CA GLU A 45 -10.53 24.19 6.16
C GLU A 45 -10.84 24.79 4.78
N ALA A 46 -9.84 25.31 4.08
CA ALA A 46 -9.98 25.84 2.71
C ALA A 46 -10.25 24.73 1.67
N GLU A 47 -9.59 23.57 1.80
CA GLU A 47 -9.81 22.40 0.94
C GLU A 47 -11.22 21.83 1.13
N LEU A 48 -11.68 21.69 2.39
CA LEU A 48 -13.05 21.29 2.71
C LEU A 48 -14.07 22.30 2.15
N GLN A 49 -13.86 23.60 2.35
CA GLN A 49 -14.71 24.66 1.82
C GLN A 49 -14.83 24.62 0.29
N ASP A 50 -13.72 24.36 -0.43
CA ASP A 50 -13.70 24.23 -1.89
C ASP A 50 -14.51 23.02 -2.38
N MET A 51 -14.39 21.87 -1.71
CA MET A 51 -15.19 20.67 -2.01
C MET A 51 -16.69 20.88 -1.68
N ILE A 52 -16.99 21.50 -0.54
CA ILE A 52 -18.39 21.79 -0.12
C ILE A 52 -19.05 22.83 -1.03
N ASN A 53 -18.30 23.77 -1.64
CA ASN A 53 -18.87 24.69 -2.63
C ASN A 53 -19.42 23.98 -3.88
N GLU A 54 -18.88 22.81 -4.25
CA GLU A 54 -19.44 21.95 -5.31
C GLU A 54 -20.52 21.00 -4.79
N VAL A 55 -20.28 20.34 -3.65
CA VAL A 55 -21.17 19.31 -3.05
C VAL A 55 -22.47 19.89 -2.46
N ASP A 56 -22.39 21.05 -1.81
CA ASP A 56 -23.50 21.73 -1.12
C ASP A 56 -23.83 23.09 -1.75
N ALA A 57 -23.97 23.13 -3.08
CA ALA A 57 -24.20 24.36 -3.85
C ALA A 57 -25.47 25.14 -3.42
N ASP A 58 -26.48 24.46 -2.86
CA ASP A 58 -27.73 25.06 -2.36
C ASP A 58 -27.69 25.44 -0.86
N GLY A 59 -26.57 25.20 -0.16
CA GLY A 59 -26.35 25.66 1.22
C GLY A 59 -27.18 24.95 2.30
N ASN A 60 -27.35 23.63 2.20
CA ASN A 60 -28.10 22.81 3.16
C ASN A 60 -27.34 22.53 4.46
N GLY A 61 -26.00 22.63 4.44
CA GLY A 61 -25.09 22.22 5.50
C GLY A 61 -24.94 20.69 5.66
N THR A 62 -25.33 19.91 4.64
CA THR A 62 -25.38 18.44 4.68
C THR A 62 -24.90 17.77 3.39
N ILE A 63 -24.54 16.49 3.49
CA ILE A 63 -23.95 15.66 2.44
C ILE A 63 -24.54 14.25 2.53
N ASP A 64 -24.92 13.64 1.41
CA ASP A 64 -25.33 12.23 1.34
C ASP A 64 -24.14 11.28 1.17
N PHE A 65 -24.31 10.01 1.56
CA PHE A 65 -23.30 8.96 1.36
C PHE A 65 -22.70 8.93 -0.06
N PRO A 66 -23.50 8.80 -1.15
CA PRO A 66 -22.95 8.77 -2.50
C PRO A 66 -22.38 10.13 -2.96
N GLU A 67 -22.81 11.24 -2.37
CA GLU A 67 -22.23 12.56 -2.64
C GLU A 67 -20.84 12.70 -2.03
N PHE A 68 -20.61 12.17 -0.81
CA PHE A 68 -19.28 12.12 -0.20
C PHE A 68 -18.28 11.29 -1.02
N LEU A 69 -18.72 10.16 -1.57
CA LEU A 69 -17.84 9.29 -2.37
C LEU A 69 -17.32 9.98 -3.65
N THR A 70 -17.97 11.06 -4.12
CA THR A 70 -17.51 11.82 -5.30
C THR A 70 -16.14 12.47 -5.10
N MET A 71 -15.80 12.92 -3.88
CA MET A 71 -14.46 13.43 -3.59
C MET A 71 -13.50 12.29 -3.25
N MET A 72 -13.95 11.25 -2.53
CA MET A 72 -13.13 10.08 -2.16
C MET A 72 -12.65 9.27 -3.37
N ALA A 73 -13.32 9.37 -4.53
CA ALA A 73 -12.84 8.84 -5.80
C ALA A 73 -11.47 9.44 -6.23
N ARG A 74 -11.24 10.73 -5.95
CA ARG A 74 -10.04 11.49 -6.33
C ARG A 74 -9.05 11.70 -5.15
N LYS A 75 -9.58 11.90 -3.94
CA LYS A 75 -8.87 11.96 -2.64
C LYS A 75 -8.48 10.59 -2.07
N MET A 76 -8.61 9.50 -2.84
CA MET A 76 -8.51 8.12 -2.36
C MET A 76 -7.17 7.78 -1.68
N LYS A 77 -7.22 7.45 -0.38
CA LYS A 77 -6.07 6.96 0.43
C LYS A 77 -5.89 5.43 0.30
N ASP A 78 -5.98 4.92 -0.94
CA ASP A 78 -5.91 3.49 -1.25
C ASP A 78 -4.47 2.94 -1.35
N THR A 79 -3.46 3.80 -1.55
CA THR A 79 -2.05 3.42 -1.66
C THR A 79 -1.51 2.82 -0.34
N ASP A 80 -0.60 1.86 -0.46
CA ASP A 80 0.00 1.14 0.67
C ASP A 80 0.79 2.08 1.61
N SER A 81 0.59 1.92 2.93
CA SER A 81 1.04 2.86 3.96
C SER A 81 2.57 2.96 4.08
N GLU A 82 3.09 4.20 4.05
CA GLU A 82 4.52 4.51 4.07
C GLU A 82 5.23 4.02 5.34
N GLU A 83 4.64 4.25 6.51
CA GLU A 83 5.18 3.81 7.80
C GLU A 83 5.19 2.27 7.92
N GLU A 84 4.20 1.60 7.32
CA GLU A 84 4.11 0.13 7.30
C GLU A 84 5.23 -0.47 6.45
N ILE A 85 5.45 0.08 5.24
CA ILE A 85 6.56 -0.30 4.36
C ILE A 85 7.91 -0.06 5.06
N ARG A 86 8.10 1.11 5.68
CA ARG A 86 9.34 1.46 6.39
C ARG A 86 9.65 0.49 7.54
N GLU A 87 8.66 0.10 8.34
CA GLU A 87 8.85 -0.87 9.42
C GLU A 87 9.03 -2.32 8.89
N ALA A 88 8.27 -2.71 7.87
CA ALA A 88 8.42 -3.98 7.16
C ALA A 88 9.78 -4.12 6.44
N PHE A 89 10.40 -3.00 6.05
CA PHE A 89 11.77 -2.99 5.58
C PHE A 89 12.77 -3.12 6.73
N ARG A 90 12.55 -2.40 7.85
CA ARG A 90 13.46 -2.37 9.00
C ARG A 90 13.71 -3.76 9.61
N VAL A 91 12.74 -4.67 9.55
CA VAL A 91 12.89 -6.08 9.97
C VAL A 91 13.80 -6.92 9.04
N PHE A 92 14.10 -6.43 7.82
CA PHE A 92 15.06 -7.04 6.90
C PHE A 92 16.46 -6.38 6.92
N ASP A 93 16.62 -5.21 7.56
CA ASP A 93 17.90 -4.49 7.64
C ASP A 93 18.97 -5.35 8.34
N LYS A 94 20.03 -5.68 7.59
CA LYS A 94 21.06 -6.65 7.98
C LYS A 94 22.12 -6.09 8.93
N ASP A 95 22.25 -4.77 9.03
CA ASP A 95 23.28 -4.07 9.82
C ASP A 95 22.73 -3.10 10.89
N GLY A 96 21.44 -2.73 10.81
CA GLY A 96 20.82 -1.69 11.63
C GLY A 96 21.14 -0.26 11.15
N ASN A 97 21.55 -0.11 9.89
CA ASN A 97 22.09 1.14 9.31
C ASN A 97 21.07 1.95 8.47
N GLY A 98 19.81 1.53 8.39
CA GLY A 98 18.75 2.23 7.63
C GLY A 98 18.74 1.88 6.13
N TYR A 99 19.23 0.70 5.77
CA TYR A 99 19.33 0.18 4.40
C TYR A 99 19.22 -1.36 4.41
N ILE A 100 19.04 -1.98 3.25
CA ILE A 100 18.98 -3.44 3.08
C ILE A 100 19.98 -3.86 2.00
N SER A 101 20.70 -4.96 2.22
CA SER A 101 21.63 -5.47 1.19
C SER A 101 20.86 -5.96 -0.04
N ALA A 102 21.35 -5.72 -1.25
CA ALA A 102 20.62 -6.05 -2.48
C ALA A 102 20.29 -7.55 -2.60
N ALA A 103 21.24 -8.42 -2.22
CA ALA A 103 21.03 -9.88 -2.15
C ALA A 103 20.04 -10.27 -1.03
N GLU A 104 19.96 -9.51 0.06
CA GLU A 104 19.03 -9.75 1.17
C GLU A 104 17.60 -9.33 0.81
N LEU A 105 17.40 -8.18 0.15
CA LEU A 105 16.10 -7.77 -0.36
C LEU A 105 15.65 -8.69 -1.51
N ARG A 106 16.56 -9.09 -2.42
CA ARG A 106 16.28 -10.11 -3.46
C ARG A 106 15.88 -11.45 -2.85
N HIS A 107 16.54 -11.89 -1.76
CA HIS A 107 16.11 -13.08 -1.01
C HIS A 107 14.67 -12.93 -0.54
N VAL A 108 14.36 -11.95 0.32
CA VAL A 108 13.04 -11.87 0.94
C VAL A 108 11.92 -11.59 -0.06
N MET A 109 12.17 -10.79 -1.10
CA MET A 109 11.22 -10.53 -2.19
C MET A 109 10.96 -11.73 -3.11
N THR A 110 11.79 -12.78 -3.06
CA THR A 110 11.59 -14.02 -3.82
C THR A 110 11.41 -15.27 -2.95
N ASN A 111 11.52 -15.12 -1.62
CA ASN A 111 11.24 -16.13 -0.60
C ASN A 111 9.84 -15.94 0.02
N LEU A 112 9.48 -14.71 0.36
CA LEU A 112 8.31 -14.40 1.20
C LEU A 112 7.33 -13.46 0.48
N GLY A 113 6.03 -13.72 0.66
CA GLY A 113 4.96 -12.96 0.03
C GLY A 113 4.73 -13.28 -1.44
N GLU A 114 4.34 -12.27 -2.22
CA GLU A 114 3.87 -12.39 -3.61
C GLU A 114 4.98 -12.63 -4.67
N LYS A 115 6.13 -13.17 -4.25
CA LYS A 115 7.35 -13.57 -5.00
C LYS A 115 7.56 -12.83 -6.34
N LEU A 116 8.45 -11.83 -6.33
CA LEU A 116 8.87 -11.11 -7.53
C LEU A 116 9.51 -12.07 -8.57
N THR A 117 9.28 -11.81 -9.85
CA THR A 117 9.95 -12.52 -10.95
C THR A 117 11.44 -12.16 -10.99
N ASP A 118 12.29 -12.97 -11.64
CA ASP A 118 13.74 -12.73 -11.72
C ASP A 118 14.11 -11.35 -12.30
N GLU A 119 13.45 -10.94 -13.40
CA GLU A 119 13.63 -9.61 -14.00
C GLU A 119 12.97 -8.48 -13.16
N GLU A 120 11.96 -8.81 -12.36
CA GLU A 120 11.18 -7.87 -11.54
C GLU A 120 11.91 -7.51 -10.25
N VAL A 121 12.52 -8.50 -9.59
CA VAL A 121 13.38 -8.29 -8.42
C VAL A 121 14.69 -7.61 -8.83
N ASP A 122 15.22 -7.91 -10.02
CA ASP A 122 16.35 -7.19 -10.61
C ASP A 122 15.97 -5.72 -10.93
N GLU A 123 14.78 -5.46 -11.48
CA GLU A 123 14.26 -4.11 -11.70
C GLU A 123 14.22 -3.31 -10.39
N MET A 124 13.77 -3.94 -9.30
CA MET A 124 13.81 -3.36 -7.96
C MET A 124 15.24 -2.92 -7.58
N ILE A 125 16.26 -3.78 -7.72
CA ILE A 125 17.62 -3.38 -7.34
C ILE A 125 18.12 -2.18 -8.17
N ARG A 126 17.74 -2.03 -9.46
CA ARG A 126 18.19 -0.91 -10.31
C ARG A 126 17.85 0.48 -9.73
N GLU A 127 16.69 0.58 -9.07
CA GLU A 127 16.13 1.83 -8.54
C GLU A 127 16.16 1.93 -6.99
N ALA A 128 16.28 0.79 -6.31
CA ALA A 128 16.46 0.68 -4.86
C ALA A 128 17.94 0.85 -4.42
N ASP A 129 18.91 0.41 -5.23
CA ASP A 129 20.35 0.55 -4.95
C ASP A 129 20.85 2.01 -5.08
N ILE A 130 21.68 2.44 -4.12
CA ILE A 130 22.26 3.79 -4.06
C ILE A 130 23.21 4.11 -5.24
N ASP A 131 23.92 3.13 -5.79
CA ASP A 131 24.95 3.35 -6.83
C ASP A 131 25.23 2.12 -7.73
N GLY A 132 24.47 1.03 -7.57
CA GLY A 132 24.77 -0.27 -8.18
C GLY A 132 25.83 -1.06 -7.39
N ASP A 133 26.03 -0.74 -6.11
CA ASP A 133 27.08 -1.26 -5.23
C ASP A 133 26.59 -2.41 -4.30
N GLY A 134 25.39 -2.95 -4.56
CA GLY A 134 24.75 -4.01 -3.79
C GLY A 134 24.09 -3.55 -2.48
N GLN A 135 23.79 -2.25 -2.35
CA GLN A 135 23.22 -1.63 -1.14
C GLN A 135 21.92 -0.88 -1.50
N VAL A 136 20.77 -1.49 -1.22
CA VAL A 136 19.46 -0.84 -1.38
C VAL A 136 19.19 0.09 -0.21
N ASN A 137 18.90 1.37 -0.49
CA ASN A 137 18.40 2.27 0.54
C ASN A 137 16.87 2.30 0.53
N TYR A 138 16.30 1.52 1.45
CA TYR A 138 14.86 1.36 1.56
C TYR A 138 14.14 2.63 2.04
N GLU A 139 14.81 3.53 2.79
CA GLU A 139 14.19 4.79 3.26
C GLU A 139 14.00 5.80 2.12
N GLU A 140 14.86 5.77 1.11
CA GLU A 140 14.65 6.49 -0.15
C GLU A 140 13.59 5.76 -1.01
N PHE A 141 13.67 4.43 -1.06
CA PHE A 141 12.79 3.57 -1.87
C PHE A 141 11.31 3.64 -1.45
N VAL A 142 11.01 3.60 -0.15
CA VAL A 142 9.64 3.72 0.38
C VAL A 142 9.00 5.05 -0.03
N GLN A 143 9.70 6.18 0.13
CA GLN A 143 9.22 7.50 -0.27
C GLN A 143 9.00 7.62 -1.79
N MET A 144 9.84 6.95 -2.60
CA MET A 144 9.65 6.84 -4.05
C MET A 144 8.43 5.97 -4.42
N MET A 145 8.26 4.80 -3.79
CA MET A 145 7.16 3.88 -4.11
C MET A 145 5.78 4.48 -3.78
N THR A 146 5.66 5.19 -2.64
CA THR A 146 4.41 5.79 -2.17
C THR A 146 4.06 7.14 -2.83
N ALA A 147 4.92 7.66 -3.70
CA ALA A 147 4.74 8.94 -4.40
C ALA A 147 3.49 8.96 -5.31
N LYS A 148 2.83 10.13 -5.39
CA LYS A 148 1.58 10.37 -6.12
C LYS A 148 1.32 11.87 -6.34
N GLY B 1 9.17 -12.83 19.66
CA GLY B 1 9.46 -13.73 20.80
C GLY B 1 9.92 -15.11 20.32
N PRO B 2 9.24 -16.19 20.72
CA PRO B 2 9.63 -17.56 20.36
C PRO B 2 9.51 -17.85 18.86
N GLY B 3 10.39 -18.70 18.33
CA GLY B 3 10.47 -19.03 16.90
C GLY B 3 11.08 -17.92 16.02
N SER B 4 11.83 -16.98 16.63
CA SER B 4 12.38 -15.75 16.02
C SER B 4 11.34 -14.81 15.38
N LYS B 5 11.80 -13.71 14.77
CA LYS B 5 10.93 -12.70 14.13
C LYS B 5 10.30 -13.14 12.80
N ARG B 6 10.43 -14.41 12.39
CA ARG B 6 9.84 -14.97 11.15
C ARG B 6 8.33 -14.73 11.02
N LYS B 7 7.61 -14.69 12.15
CA LYS B 7 6.18 -14.31 12.23
C LYS B 7 5.88 -12.93 11.61
N GLN B 8 6.81 -11.99 11.76
CA GLN B 8 6.77 -10.66 11.13
C GLN B 8 7.49 -10.63 9.77
N GLU B 9 8.64 -11.30 9.63
CA GLU B 9 9.48 -11.30 8.40
C GLU B 9 8.68 -11.73 7.15
N GLU B 10 7.92 -12.82 7.27
CA GLU B 10 7.18 -13.43 6.15
C GLU B 10 5.97 -12.60 5.68
N VAL B 11 5.49 -11.69 6.52
CA VAL B 11 4.30 -10.83 6.25
C VAL B 11 4.70 -9.41 5.87
N SER B 12 5.82 -8.92 6.43
CA SER B 12 6.45 -7.65 6.08
C SER B 12 6.80 -7.59 4.59
N ALA B 13 7.27 -8.69 4.04
CA ALA B 13 7.62 -8.80 2.63
C ALA B 13 6.40 -8.44 1.75
N ILE B 14 5.19 -8.88 2.14
CA ILE B 14 3.97 -8.66 1.34
C ILE B 14 3.63 -7.16 1.22
N ILE B 15 3.81 -6.40 2.30
CA ILE B 15 3.60 -4.94 2.33
C ILE B 15 4.47 -4.24 1.29
N ILE B 16 5.74 -4.65 1.17
CA ILE B 16 6.69 -4.15 0.15
C ILE B 16 6.35 -4.69 -1.24
N GLN B 17 5.96 -5.96 -1.39
CA GLN B 17 5.57 -6.57 -2.68
C GLN B 17 4.40 -5.80 -3.33
N ARG B 18 3.37 -5.50 -2.53
CA ARG B 18 2.21 -4.68 -2.93
C ARG B 18 2.64 -3.29 -3.38
N ALA B 19 3.40 -2.59 -2.54
CA ALA B 19 3.92 -1.27 -2.83
C ALA B 19 4.81 -1.24 -4.09
N TYR B 20 5.59 -2.30 -4.32
CA TYR B 20 6.46 -2.39 -5.48
C TYR B 20 5.67 -2.58 -6.78
N ARG B 21 4.74 -3.54 -6.84
CA ARG B 21 3.86 -3.69 -8.02
C ARG B 21 2.98 -2.44 -8.26
N ARG B 22 2.55 -1.75 -7.20
CA ARG B 22 1.87 -0.44 -7.28
C ARG B 22 2.77 0.59 -7.99
N TYR B 23 4.03 0.64 -7.61
CA TYR B 23 5.06 1.50 -8.19
C TYR B 23 5.49 1.11 -9.61
N LEU B 24 5.49 -0.18 -9.98
CA LEU B 24 5.78 -0.64 -11.34
C LEU B 24 4.90 0.05 -12.41
N LEU B 25 3.66 0.40 -12.05
CA LEU B 25 2.74 1.18 -12.91
C LEU B 25 3.21 2.65 -13.10
N LYS B 26 3.88 3.22 -12.09
CA LYS B 26 4.38 4.61 -12.04
C LYS B 26 5.66 4.83 -12.84
N GLN B 27 6.40 3.75 -13.15
CA GLN B 27 7.56 3.79 -14.05
C GLN B 27 7.20 4.26 -15.48
N LYS B 28 5.96 4.02 -15.92
CA LYS B 28 5.42 4.46 -17.22
C LYS B 28 5.20 5.98 -17.21
N VAL B 29 6.01 6.71 -17.98
CA VAL B 29 6.08 8.19 -18.01
C VAL B 29 6.27 8.77 -16.58
N LYS B 30 7.30 8.26 -15.88
CA LYS B 30 7.67 8.66 -14.51
C LYS B 30 7.99 10.16 -14.42
N LYS B 31 7.57 10.80 -13.31
CA LYS B 31 7.74 12.23 -13.00
C LYS B 31 7.93 12.46 -11.49
N ALA A 1 0.50 12.43 1.05
CA ALA A 1 0.27 13.77 0.48
C ALA A 1 -1.21 14.17 0.62
N ASP A 2 -1.49 15.47 0.79
CA ASP A 2 -2.86 15.99 0.97
C ASP A 2 -3.63 16.14 -0.35
N GLN A 3 -2.94 16.25 -1.49
CA GLN A 3 -3.56 16.37 -2.82
C GLN A 3 -4.30 15.08 -3.22
N LEU A 4 -5.51 15.21 -3.75
CA LEU A 4 -6.24 14.09 -4.34
C LEU A 4 -5.82 13.85 -5.81
N THR A 5 -5.73 12.59 -6.22
CA THR A 5 -5.49 12.19 -7.62
C THR A 5 -6.71 12.48 -8.50
N GLU A 6 -6.53 12.54 -9.83
CA GLU A 6 -7.66 12.69 -10.77
C GLU A 6 -8.69 11.56 -10.65
N GLU A 7 -8.23 10.34 -10.34
CA GLU A 7 -9.09 9.16 -10.10
C GLU A 7 -9.90 9.29 -8.80
N GLN A 8 -9.27 9.75 -7.71
CA GLN A 8 -9.94 10.03 -6.44
C GLN A 8 -10.96 11.16 -6.59
N ILE A 9 -10.59 12.25 -7.27
CA ILE A 9 -11.49 13.39 -7.51
C ILE A 9 -12.70 12.96 -8.35
N ALA A 10 -12.51 12.13 -9.39
CA ALA A 10 -13.60 11.61 -10.21
C ALA A 10 -14.54 10.65 -9.42
N GLU A 11 -14.00 9.83 -8.52
CA GLU A 11 -14.78 8.97 -7.61
C GLU A 11 -15.58 9.81 -6.57
N PHE A 12 -14.96 10.86 -6.02
CA PHE A 12 -15.65 11.80 -5.13
C PHE A 12 -16.69 12.64 -5.87
N LYS A 13 -16.46 12.98 -7.14
CA LYS A 13 -17.40 13.69 -8.03
C LYS A 13 -18.72 12.93 -8.15
N GLU A 14 -18.67 11.64 -8.50
CA GLU A 14 -19.87 10.83 -8.69
C GLU A 14 -20.59 10.46 -7.38
N ALA A 15 -19.87 10.40 -6.24
CA ALA A 15 -20.47 10.28 -4.90
C ALA A 15 -21.14 11.58 -4.44
N PHE A 16 -20.52 12.74 -4.66
CA PHE A 16 -21.04 14.03 -4.21
C PHE A 16 -22.25 14.49 -5.04
N SER A 17 -22.14 14.44 -6.37
CA SER A 17 -23.23 14.77 -7.30
C SER A 17 -24.45 13.84 -7.17
N LEU A 18 -24.30 12.68 -6.50
CA LEU A 18 -25.40 11.77 -6.14
C LEU A 18 -26.47 12.43 -5.25
N PHE A 19 -26.12 13.51 -4.56
CA PHE A 19 -26.97 14.25 -3.61
C PHE A 19 -27.12 15.74 -3.97
N ASP A 20 -26.41 16.21 -5.00
CA ASP A 20 -26.60 17.55 -5.54
C ASP A 20 -27.98 17.64 -6.24
N LYS A 21 -28.85 18.50 -5.72
CA LYS A 21 -30.26 18.68 -6.16
C LYS A 21 -30.48 19.82 -7.17
N ASP A 22 -29.47 20.67 -7.40
CA ASP A 22 -29.54 21.81 -8.31
C ASP A 22 -28.64 21.66 -9.56
N GLY A 23 -27.63 20.79 -9.49
CA GLY A 23 -26.57 20.69 -10.50
C GLY A 23 -25.50 21.80 -10.36
N ASP A 24 -25.55 22.57 -9.28
CA ASP A 24 -24.66 23.72 -9.00
C ASP A 24 -23.31 23.30 -8.36
N GLY A 25 -23.11 22.02 -8.08
CA GLY A 25 -21.91 21.47 -7.45
C GLY A 25 -21.90 21.57 -5.92
N THR A 26 -23.07 21.45 -5.27
CA THR A 26 -23.23 21.59 -3.80
C THR A 26 -24.19 20.55 -3.19
N ILE A 27 -24.04 20.25 -1.89
CA ILE A 27 -24.93 19.41 -1.06
C ILE A 27 -25.27 20.12 0.27
N THR A 28 -26.23 19.59 1.03
CA THR A 28 -26.48 20.03 2.41
C THR A 28 -25.53 19.39 3.42
N THR A 29 -25.37 20.04 4.58
CA THR A 29 -24.65 19.50 5.74
C THR A 29 -25.28 18.20 6.28
N LYS A 30 -26.60 18.01 6.08
CA LYS A 30 -27.31 16.75 6.42
C LYS A 30 -26.89 15.59 5.51
N GLU A 31 -26.70 15.85 4.22
CA GLU A 31 -26.32 14.85 3.21
C GLU A 31 -24.84 14.44 3.25
N LEU A 32 -23.96 15.23 3.87
CA LEU A 32 -22.50 14.99 3.91
C LEU A 32 -22.18 13.54 4.26
N GLY A 33 -22.63 13.07 5.43
CA GLY A 33 -22.35 11.71 5.89
C GLY A 33 -22.95 10.62 5.01
N THR A 34 -24.04 10.93 4.30
CA THR A 34 -24.66 10.03 3.31
C THR A 34 -23.79 9.90 2.05
N VAL A 35 -23.17 10.98 1.58
CA VAL A 35 -22.18 10.91 0.48
C VAL A 35 -20.85 10.30 0.94
N MET A 36 -20.47 10.42 2.22
CA MET A 36 -19.34 9.64 2.79
C MET A 36 -19.66 8.14 2.85
N ARG A 37 -20.89 7.75 3.20
CA ARG A 37 -21.36 6.34 3.16
C ARG A 37 -21.31 5.75 1.74
N SER A 38 -21.61 6.57 0.72
CA SER A 38 -21.39 6.20 -0.69
C SER A 38 -19.90 5.95 -1.01
N LEU A 39 -19.00 6.71 -0.37
CA LEU A 39 -17.54 6.50 -0.37
C LEU A 39 -17.05 5.46 0.67
N GLY A 40 -17.89 4.48 1.00
CA GLY A 40 -17.54 3.29 1.78
C GLY A 40 -17.21 3.50 3.26
N GLN A 41 -17.54 4.66 3.84
CA GLN A 41 -17.19 5.00 5.22
C GLN A 41 -18.34 5.72 5.95
N ASN A 42 -18.69 5.23 7.15
CA ASN A 42 -19.77 5.78 7.98
C ASN A 42 -19.19 6.58 9.16
N PRO A 43 -19.03 7.92 9.03
CA PRO A 43 -18.51 8.79 10.09
C PRO A 43 -19.49 8.92 11.28
N THR A 44 -18.95 9.27 12.45
CA THR A 44 -19.72 9.56 13.68
C THR A 44 -20.44 10.92 13.56
N GLU A 45 -21.57 11.12 14.23
CA GLU A 45 -22.31 12.40 14.17
C GLU A 45 -21.54 13.60 14.76
N ALA A 46 -20.76 13.39 15.82
CA ALA A 46 -19.85 14.40 16.37
C ALA A 46 -18.63 14.68 15.46
N GLU A 47 -18.15 13.66 14.75
CA GLU A 47 -17.10 13.78 13.73
C GLU A 47 -17.59 14.61 12.52
N LEU A 48 -18.80 14.34 12.03
CA LEU A 48 -19.46 15.15 11.01
C LEU A 48 -19.66 16.60 11.48
N GLN A 49 -20.13 16.82 12.72
CA GLN A 49 -20.31 18.16 13.28
C GLN A 49 -18.99 18.94 13.34
N ASP A 50 -17.87 18.30 13.71
CA ASP A 50 -16.55 18.92 13.71
C ASP A 50 -16.06 19.26 12.28
N MET A 51 -16.22 18.34 11.32
CA MET A 51 -15.87 18.58 9.92
C MET A 51 -16.75 19.67 9.27
N ILE A 52 -18.01 19.79 9.66
CA ILE A 52 -18.89 20.89 9.23
C ILE A 52 -18.50 22.21 9.92
N ASN A 53 -18.07 22.22 11.19
CA ASN A 53 -17.57 23.44 11.84
C ASN A 53 -16.34 24.05 11.13
N GLU A 54 -15.50 23.21 10.51
CA GLU A 54 -14.37 23.62 9.66
C GLU A 54 -14.79 24.16 8.27
N VAL A 55 -16.02 23.90 7.82
CA VAL A 55 -16.50 24.15 6.43
C VAL A 55 -17.65 25.17 6.36
N ASP A 56 -18.69 25.00 7.17
CA ASP A 56 -19.89 25.83 7.23
C ASP A 56 -19.87 26.79 8.44
N ALA A 57 -18.77 27.52 8.63
CA ALA A 57 -18.63 28.50 9.71
C ALA A 57 -19.66 29.65 9.61
N ASP A 58 -20.21 29.91 8.42
CA ASP A 58 -21.28 30.87 8.17
C ASP A 58 -22.69 30.35 8.59
N GLY A 59 -22.85 29.04 8.81
CA GLY A 59 -24.10 28.40 9.22
C GLY A 59 -25.19 28.35 8.14
N ASN A 60 -24.83 28.26 6.86
CA ASN A 60 -25.76 28.23 5.73
C ASN A 60 -26.45 26.86 5.53
N GLY A 61 -25.90 25.78 6.11
CA GLY A 61 -26.38 24.40 5.97
C GLY A 61 -25.96 23.72 4.66
N THR A 62 -24.94 24.22 3.97
CA THR A 62 -24.49 23.73 2.65
C THR A 62 -22.96 23.60 2.53
N ILE A 63 -22.53 22.81 1.55
CA ILE A 63 -21.14 22.44 1.25
C ILE A 63 -20.95 22.40 -0.27
N ASP A 64 -19.85 22.93 -0.80
CA ASP A 64 -19.48 22.79 -2.23
C ASP A 64 -18.61 21.54 -2.45
N PHE A 65 -18.60 21.00 -3.68
CA PHE A 65 -17.75 19.88 -4.07
C PHE A 65 -16.27 20.01 -3.62
N PRO A 66 -15.54 21.10 -3.96
CA PRO A 66 -14.15 21.25 -3.52
C PRO A 66 -14.02 21.52 -2.02
N GLU A 67 -15.06 22.03 -1.36
CA GLU A 67 -15.09 22.22 0.10
C GLU A 67 -15.27 20.88 0.83
N PHE A 68 -16.03 19.93 0.28
CA PHE A 68 -16.11 18.56 0.77
C PHE A 68 -14.76 17.83 0.70
N LEU A 69 -14.02 18.00 -0.41
CA LEU A 69 -12.74 17.31 -0.59
C LEU A 69 -11.67 17.70 0.45
N THR A 70 -11.80 18.85 1.12
CA THR A 70 -10.85 19.30 2.15
C THR A 70 -10.78 18.35 3.36
N MET A 71 -11.92 17.74 3.75
CA MET A 71 -11.94 16.72 4.82
C MET A 71 -11.58 15.33 4.30
N MET A 72 -11.95 15.01 3.05
CA MET A 72 -11.59 13.73 2.42
C MET A 72 -10.07 13.60 2.27
N ALA A 73 -9.35 14.69 2.01
CA ALA A 73 -7.88 14.73 2.03
C ALA A 73 -7.27 14.27 3.38
N ARG A 74 -7.95 14.55 4.51
CA ARG A 74 -7.56 14.12 5.87
C ARG A 74 -7.97 12.68 6.18
N LYS A 75 -9.15 12.24 5.72
CA LYS A 75 -9.64 10.85 5.86
C LYS A 75 -8.81 9.84 5.04
N MET A 76 -8.34 10.26 3.86
CA MET A 76 -7.51 9.48 2.93
C MET A 76 -6.04 9.32 3.38
N LYS A 77 -5.33 8.37 2.77
CA LYS A 77 -3.91 8.06 3.00
C LYS A 77 -3.22 7.57 1.71
N ASP A 78 -1.90 7.72 1.64
CA ASP A 78 -1.07 7.14 0.57
C ASP A 78 -1.13 5.59 0.55
N THR A 79 -0.93 5.00 -0.63
CA THR A 79 -1.08 3.55 -0.87
C THR A 79 -0.10 2.70 -0.06
N ASP A 80 -0.59 1.56 0.44
CA ASP A 80 0.18 0.49 1.11
C ASP A 80 0.91 0.88 2.42
N SER A 81 0.61 2.08 2.98
CA SER A 81 1.13 2.63 4.25
C SER A 81 2.66 2.75 4.35
N GLU A 82 3.17 3.98 4.23
CA GLU A 82 4.59 4.32 4.30
C GLU A 82 5.28 3.83 5.61
N GLU A 83 4.61 3.98 6.75
CA GLU A 83 5.14 3.56 8.06
C GLU A 83 5.24 2.03 8.16
N GLU A 84 4.28 1.32 7.56
CA GLU A 84 4.26 -0.15 7.51
C GLU A 84 5.39 -0.68 6.64
N ILE A 85 5.62 -0.05 5.48
CA ILE A 85 6.73 -0.39 4.58
C ILE A 85 8.08 -0.13 5.26
N ARG A 86 8.28 1.04 5.91
CA ARG A 86 9.51 1.34 6.67
C ARG A 86 9.77 0.32 7.78
N GLU A 87 8.75 -0.06 8.55
CA GLU A 87 8.86 -1.08 9.60
C GLU A 87 9.17 -2.48 9.02
N ALA A 88 8.46 -2.87 7.96
CA ALA A 88 8.67 -4.13 7.25
C ALA A 88 10.08 -4.24 6.65
N PHE A 89 10.62 -3.14 6.10
CA PHE A 89 12.00 -3.07 5.64
C PHE A 89 13.00 -3.19 6.79
N ARG A 90 12.75 -2.52 7.92
CA ARG A 90 13.67 -2.53 9.07
C ARG A 90 13.81 -3.91 9.72
N VAL A 91 12.84 -4.81 9.51
CA VAL A 91 12.90 -6.25 9.84
C VAL A 91 13.90 -7.02 8.96
N PHE A 92 14.22 -6.51 7.76
CA PHE A 92 15.25 -7.06 6.85
C PHE A 92 16.60 -6.34 6.95
N ASP A 93 16.62 -5.07 7.38
CA ASP A 93 17.85 -4.29 7.63
C ASP A 93 18.73 -5.01 8.67
N LYS A 94 19.94 -5.43 8.26
CA LYS A 94 20.83 -6.30 9.04
C LYS A 94 21.48 -5.66 10.27
N ASP A 95 21.50 -4.32 10.37
CA ASP A 95 22.15 -3.59 11.47
C ASP A 95 21.39 -2.31 11.94
N GLY A 96 20.22 -2.02 11.35
CA GLY A 96 19.44 -0.81 11.61
C GLY A 96 20.04 0.45 10.99
N ASN A 97 20.87 0.31 9.94
CA ASN A 97 21.60 1.39 9.28
C ASN A 97 20.71 2.27 8.36
N GLY A 98 19.44 1.91 8.14
CA GLY A 98 18.52 2.60 7.22
C GLY A 98 18.66 2.13 5.77
N TYR A 99 19.20 0.92 5.56
CA TYR A 99 19.43 0.32 4.25
C TYR A 99 19.38 -1.22 4.31
N ILE A 100 19.25 -1.87 3.15
CA ILE A 100 19.22 -3.32 2.96
C ILE A 100 20.23 -3.69 1.86
N SER A 101 20.98 -4.78 2.03
CA SER A 101 21.83 -5.28 0.93
C SER A 101 21.00 -5.78 -0.24
N ALA A 102 21.41 -5.51 -1.48
CA ALA A 102 20.65 -5.85 -2.68
C ALA A 102 20.33 -7.35 -2.78
N ALA A 103 21.32 -8.21 -2.47
CA ALA A 103 21.14 -9.66 -2.41
C ALA A 103 20.17 -10.10 -1.29
N GLU A 104 20.10 -9.36 -0.18
CA GLU A 104 19.16 -9.64 0.92
C GLU A 104 17.72 -9.22 0.56
N LEU A 105 17.52 -8.06 -0.08
CA LEU A 105 16.19 -7.66 -0.56
C LEU A 105 15.72 -8.58 -1.70
N ARG A 106 16.62 -8.96 -2.62
CA ARG A 106 16.33 -9.95 -3.68
C ARG A 106 16.00 -11.33 -3.11
N HIS A 107 16.68 -11.76 -2.05
CA HIS A 107 16.33 -12.97 -1.30
C HIS A 107 14.90 -12.88 -0.80
N VAL A 108 14.59 -11.93 0.08
CA VAL A 108 13.27 -11.87 0.73
C VAL A 108 12.13 -11.62 -0.26
N MET A 109 12.34 -10.78 -1.29
CA MET A 109 11.35 -10.55 -2.34
C MET A 109 11.11 -11.75 -3.27
N THR A 110 12.00 -12.75 -3.30
CA THR A 110 11.77 -14.03 -4.00
C THR A 110 11.65 -15.26 -3.07
N ASN A 111 11.66 -15.07 -1.74
CA ASN A 111 11.44 -16.11 -0.74
C ASN A 111 10.10 -15.98 -0.01
N LEU A 112 9.70 -14.75 0.31
CA LEU A 112 8.59 -14.45 1.21
C LEU A 112 7.56 -13.53 0.55
N GLY A 113 6.28 -13.80 0.77
CA GLY A 113 5.19 -13.07 0.14
C GLY A 113 4.94 -13.45 -1.32
N GLU A 114 4.44 -12.49 -2.09
CA GLU A 114 3.89 -12.68 -3.44
C GLU A 114 4.92 -12.92 -4.58
N LYS A 115 6.18 -13.27 -4.24
CA LYS A 115 7.36 -13.49 -5.10
C LYS A 115 7.46 -12.55 -6.32
N LEU A 116 8.39 -11.59 -6.28
CA LEU A 116 8.75 -10.80 -7.47
C LEU A 116 9.42 -11.72 -8.51
N THR A 117 9.04 -11.56 -9.77
CA THR A 117 9.55 -12.35 -10.91
C THR A 117 11.06 -12.07 -11.12
N ASP A 118 11.75 -12.95 -11.85
CA ASP A 118 13.18 -12.85 -12.17
C ASP A 118 13.63 -11.47 -12.68
N GLU A 119 12.86 -10.86 -13.60
CA GLU A 119 13.12 -9.50 -14.12
C GLU A 119 12.55 -8.39 -13.21
N GLU A 120 11.46 -8.67 -12.48
CA GLU A 120 10.74 -7.73 -11.62
C GLU A 120 11.53 -7.39 -10.33
N VAL A 121 12.16 -8.41 -9.72
CA VAL A 121 13.04 -8.22 -8.56
C VAL A 121 14.33 -7.50 -8.96
N ASP A 122 14.79 -7.70 -10.19
CA ASP A 122 15.95 -7.01 -10.75
C ASP A 122 15.63 -5.54 -11.12
N GLU A 123 14.42 -5.28 -11.62
CA GLU A 123 13.85 -3.94 -11.82
C GLU A 123 13.84 -3.17 -10.49
N MET A 124 13.49 -3.84 -9.39
CA MET A 124 13.58 -3.28 -8.03
C MET A 124 15.02 -2.88 -7.71
N ILE A 125 16.02 -3.77 -7.79
CA ILE A 125 17.40 -3.37 -7.42
C ILE A 125 17.88 -2.17 -8.25
N ARG A 126 17.56 -2.13 -9.55
CA ARG A 126 17.91 -1.03 -10.48
C ARG A 126 17.31 0.34 -10.13
N GLU A 127 16.32 0.44 -9.24
CA GLU A 127 15.75 1.70 -8.74
C GLU A 127 15.79 1.86 -7.20
N ALA A 128 16.04 0.78 -6.47
CA ALA A 128 16.31 0.70 -5.03
C ALA A 128 17.79 0.99 -4.68
N ASP A 129 18.74 0.75 -5.59
CA ASP A 129 20.18 0.80 -5.30
C ASP A 129 20.76 2.19 -4.99
N ILE A 130 21.77 2.18 -4.11
CA ILE A 130 22.66 3.32 -3.81
C ILE A 130 23.74 3.40 -4.89
N ASP A 131 24.39 2.26 -5.17
CA ASP A 131 25.47 2.07 -6.14
C ASP A 131 25.54 0.59 -6.59
N GLY A 132 26.19 0.33 -7.74
CA GLY A 132 26.40 -1.01 -8.32
C GLY A 132 27.17 -2.00 -7.44
N ASP A 133 27.75 -1.55 -6.32
CA ASP A 133 28.37 -2.39 -5.28
C ASP A 133 27.37 -3.26 -4.48
N GLY A 134 26.05 -3.06 -4.67
CA GLY A 134 25.01 -3.96 -4.17
C GLY A 134 24.33 -3.54 -2.85
N GLN A 135 24.19 -2.25 -2.59
CA GLN A 135 23.37 -1.73 -1.49
C GLN A 135 22.09 -1.08 -2.01
N VAL A 136 20.97 -1.27 -1.30
CA VAL A 136 19.68 -0.59 -1.51
C VAL A 136 19.36 0.28 -0.30
N ASN A 137 18.97 1.55 -0.49
CA ASN A 137 18.48 2.37 0.62
C ASN A 137 16.95 2.46 0.65
N TYR A 138 16.36 1.56 1.42
CA TYR A 138 14.92 1.41 1.55
C TYR A 138 14.22 2.68 2.07
N GLU A 139 14.90 3.52 2.88
CA GLU A 139 14.32 4.74 3.47
C GLU A 139 13.98 5.81 2.42
N GLU A 140 14.64 5.82 1.25
CA GLU A 140 14.22 6.61 0.08
C GLU A 140 13.27 5.82 -0.82
N PHE A 141 13.50 4.51 -0.97
CA PHE A 141 12.68 3.62 -1.82
C PHE A 141 11.21 3.58 -1.38
N VAL A 142 10.93 3.52 -0.08
CA VAL A 142 9.58 3.60 0.50
C VAL A 142 8.87 4.88 0.06
N GLN A 143 9.49 6.05 0.21
CA GLN A 143 8.90 7.33 -0.19
C GLN A 143 8.68 7.40 -1.71
N MET A 144 9.59 6.84 -2.50
CA MET A 144 9.43 6.74 -3.96
C MET A 144 8.26 5.83 -4.34
N MET A 145 8.11 4.66 -3.71
CA MET A 145 7.02 3.72 -3.99
C MET A 145 5.64 4.27 -3.62
N THR A 146 5.53 4.97 -2.48
CA THR A 146 4.25 5.50 -1.97
C THR A 146 3.79 6.78 -2.67
N ALA A 147 4.70 7.54 -3.28
CA ALA A 147 4.38 8.73 -4.09
C ALA A 147 3.58 8.42 -5.37
N LYS A 148 3.08 9.49 -6.03
CA LYS A 148 2.42 9.46 -7.35
C LYS A 148 2.98 10.56 -8.26
N GLY B 1 13.48 -21.21 16.22
CA GLY B 1 14.87 -20.90 15.82
C GLY B 1 15.35 -19.57 16.38
N PRO B 2 16.67 -19.29 16.36
CA PRO B 2 17.27 -18.09 16.94
C PRO B 2 16.70 -16.77 16.39
N GLY B 3 16.60 -15.75 17.25
CA GLY B 3 16.07 -14.41 16.95
C GLY B 3 14.53 -14.31 16.87
N SER B 4 13.82 -15.44 16.74
CA SER B 4 12.35 -15.56 16.76
C SER B 4 11.59 -14.59 15.82
N LYS B 5 12.17 -14.31 14.65
CA LYS B 5 11.72 -13.24 13.74
C LYS B 5 11.05 -13.70 12.44
N ARG B 6 11.16 -14.98 12.08
CA ARG B 6 10.74 -15.50 10.75
C ARG B 6 9.25 -15.28 10.45
N LYS B 7 8.39 -15.35 11.47
CA LYS B 7 6.93 -15.10 11.36
C LYS B 7 6.63 -13.66 10.92
N GLN B 8 7.32 -12.67 11.47
CA GLN B 8 7.21 -11.26 11.04
C GLN B 8 7.93 -11.01 9.71
N GLU B 9 9.11 -11.60 9.50
CA GLU B 9 9.89 -11.49 8.28
C GLU B 9 9.09 -11.93 7.03
N GLU B 10 8.36 -13.03 7.13
CA GLU B 10 7.57 -13.57 6.02
C GLU B 10 6.38 -12.68 5.58
N VAL B 11 5.88 -11.85 6.50
CA VAL B 11 4.70 -10.97 6.27
C VAL B 11 5.10 -9.52 5.97
N SER B 12 6.23 -9.08 6.53
CA SER B 12 6.88 -7.81 6.20
C SER B 12 7.13 -7.71 4.69
N ALA B 13 7.57 -8.81 4.07
CA ALA B 13 7.85 -8.87 2.65
C ALA B 13 6.60 -8.54 1.83
N ILE B 14 5.41 -8.99 2.24
CA ILE B 14 4.16 -8.78 1.47
C ILE B 14 3.80 -7.30 1.35
N ILE B 15 4.01 -6.53 2.43
CA ILE B 15 3.79 -5.08 2.48
C ILE B 15 4.62 -4.35 1.41
N ILE B 16 5.89 -4.75 1.26
CA ILE B 16 6.82 -4.23 0.26
C ILE B 16 6.47 -4.75 -1.15
N GLN B 17 6.11 -6.04 -1.31
CA GLN B 17 5.72 -6.64 -2.60
C GLN B 17 4.56 -5.87 -3.24
N ARG B 18 3.54 -5.56 -2.43
CA ARG B 18 2.34 -4.82 -2.84
C ARG B 18 2.64 -3.36 -3.16
N ALA B 19 3.40 -2.67 -2.30
CA ALA B 19 3.88 -1.31 -2.56
C ALA B 19 4.74 -1.21 -3.83
N TYR B 20 5.57 -2.22 -4.09
CA TYR B 20 6.41 -2.26 -5.28
C TYR B 20 5.58 -2.45 -6.55
N ARG B 21 4.69 -3.43 -6.58
CA ARG B 21 3.79 -3.66 -7.73
C ARG B 21 2.82 -2.49 -7.97
N ARG B 22 2.48 -1.72 -6.93
CA ARG B 22 1.75 -0.44 -7.03
C ARG B 22 2.57 0.61 -7.79
N TYR B 23 3.86 0.74 -7.45
CA TYR B 23 4.82 1.62 -8.14
C TYR B 23 5.14 1.17 -9.58
N LEU B 24 5.14 -0.13 -9.87
CA LEU B 24 5.33 -0.63 -11.23
C LEU B 24 4.32 -0.05 -12.24
N LEU B 25 3.11 0.36 -11.80
CA LEU B 25 2.13 1.03 -12.64
C LEU B 25 2.62 2.39 -13.20
N LYS B 26 3.53 3.08 -12.48
CA LYS B 26 4.24 4.28 -12.96
C LYS B 26 5.32 3.94 -13.99
N GLN B 27 6.02 2.81 -13.81
CA GLN B 27 7.13 2.37 -14.66
C GLN B 27 6.68 1.68 -15.96
N LYS B 28 5.49 1.06 -15.98
CA LYS B 28 4.89 0.38 -17.14
C LYS B 28 4.34 1.37 -18.19
N VAL B 29 5.24 2.14 -18.82
CA VAL B 29 4.95 3.08 -19.92
C VAL B 29 4.75 2.38 -21.28
N LYS B 30 4.09 1.20 -21.27
CA LYS B 30 3.93 0.29 -22.42
C LYS B 30 2.70 -0.61 -22.30
N LYS B 31 2.28 -1.20 -23.43
CA LYS B 31 1.27 -2.27 -23.51
C LYS B 31 1.71 -3.51 -22.71
N ALA A 1 0.34 1.28 10.78
CA ALA A 1 -0.59 0.64 11.72
C ALA A 1 -1.94 0.32 11.04
N ASP A 2 -2.75 -0.56 11.65
CA ASP A 2 -4.13 -0.86 11.21
C ASP A 2 -5.10 0.28 11.60
N GLN A 3 -5.03 1.39 10.86
CA GLN A 3 -5.75 2.64 11.13
C GLN A 3 -6.36 3.25 9.86
N LEU A 4 -7.52 3.90 9.99
CA LEU A 4 -8.16 4.68 8.94
C LEU A 4 -7.95 6.19 9.14
N THR A 5 -7.87 6.95 8.05
CA THR A 5 -7.89 8.42 8.06
C THR A 5 -9.32 8.96 8.09
N GLU A 6 -9.50 10.24 8.41
CA GLU A 6 -10.83 10.89 8.49
C GLU A 6 -11.62 10.80 7.17
N GLU A 7 -10.93 10.82 6.03
CA GLU A 7 -11.52 10.62 4.69
C GLU A 7 -12.17 9.23 4.55
N GLN A 8 -11.43 8.18 4.91
CA GLN A 8 -11.90 6.79 4.90
C GLN A 8 -13.02 6.59 5.92
N ILE A 9 -12.86 7.13 7.14
CA ILE A 9 -13.85 7.00 8.22
C ILE A 9 -15.17 7.65 7.82
N ALA A 10 -15.17 8.84 7.21
CA ALA A 10 -16.39 9.51 6.77
C ALA A 10 -17.08 8.79 5.58
N GLU A 11 -16.32 8.21 4.64
CA GLU A 11 -16.89 7.36 3.58
C GLU A 11 -17.54 6.09 4.16
N PHE A 12 -16.87 5.43 5.10
CA PHE A 12 -17.41 4.29 5.84
C PHE A 12 -18.60 4.67 6.74
N LYS A 13 -18.61 5.88 7.32
CA LYS A 13 -19.71 6.42 8.14
C LYS A 13 -21.02 6.47 7.35
N GLU A 14 -20.97 7.04 6.14
CA GLU A 14 -22.11 7.11 5.22
C GLU A 14 -22.59 5.71 4.78
N ALA A 15 -21.68 4.83 4.35
CA ALA A 15 -22.02 3.46 3.95
C ALA A 15 -22.56 2.59 5.10
N PHE A 16 -22.09 2.77 6.33
CA PHE A 16 -22.55 2.01 7.48
C PHE A 16 -23.93 2.45 7.96
N SER A 17 -24.10 3.76 8.19
CA SER A 17 -25.39 4.35 8.61
C SER A 17 -26.50 4.19 7.56
N LEU A 18 -26.15 3.87 6.30
CA LEU A 18 -27.08 3.47 5.24
C LEU A 18 -27.98 2.27 5.60
N PHE A 19 -27.53 1.45 6.56
CA PHE A 19 -28.21 0.22 6.99
C PHE A 19 -28.52 0.19 8.50
N ASP A 20 -28.19 1.25 9.23
CA ASP A 20 -28.54 1.37 10.65
C ASP A 20 -30.05 1.60 10.82
N LYS A 21 -30.74 0.55 11.29
CA LYS A 21 -32.20 0.50 11.45
C LYS A 21 -32.75 1.16 12.72
N ASP A 22 -31.89 1.51 13.68
CA ASP A 22 -32.27 2.08 14.98
C ASP A 22 -31.79 3.54 15.20
N GLY A 23 -30.75 3.97 14.47
CA GLY A 23 -30.06 5.25 14.69
C GLY A 23 -29.04 5.23 15.84
N ASP A 24 -28.76 4.05 16.40
CA ASP A 24 -27.83 3.84 17.52
C ASP A 24 -26.35 3.70 17.10
N GLY A 25 -26.04 3.74 15.80
CA GLY A 25 -24.70 3.56 15.26
C GLY A 25 -24.29 2.10 15.07
N THR A 26 -25.24 1.21 14.73
CA THR A 26 -25.03 -0.24 14.61
C THR A 26 -25.77 -0.88 13.41
N ILE A 27 -25.30 -2.05 12.95
CA ILE A 27 -25.91 -2.92 11.92
C ILE A 27 -25.92 -4.39 12.39
N THR A 28 -26.61 -5.29 11.69
CA THR A 28 -26.50 -6.74 11.93
C THR A 28 -25.36 -7.39 11.15
N THR A 29 -24.99 -8.59 11.58
CA THR A 29 -24.07 -9.50 10.85
C THR A 29 -24.60 -9.86 9.45
N LYS A 30 -25.91 -9.80 9.22
CA LYS A 30 -26.54 -10.01 7.90
C LYS A 30 -26.36 -8.81 6.96
N GLU A 31 -26.47 -7.58 7.48
CA GLU A 31 -26.23 -6.36 6.69
C GLU A 31 -24.75 -6.09 6.38
N LEU A 32 -23.80 -6.62 7.16
CA LEU A 32 -22.35 -6.36 7.03
C LEU A 32 -21.88 -6.39 5.57
N GLY A 33 -22.01 -7.53 4.91
CA GLY A 33 -21.56 -7.70 3.53
C GLY A 33 -22.32 -6.85 2.51
N THR A 34 -23.54 -6.43 2.84
CA THR A 34 -24.32 -5.47 2.03
C THR A 34 -23.71 -4.06 2.13
N VAL A 35 -23.28 -3.63 3.33
CA VAL A 35 -22.58 -2.34 3.50
C VAL A 35 -21.16 -2.39 2.92
N MET A 36 -20.48 -3.55 2.92
CA MET A 36 -19.22 -3.75 2.18
C MET A 36 -19.44 -3.64 0.66
N ARG A 37 -20.54 -4.17 0.12
CA ARG A 37 -20.94 -4.02 -1.29
C ARG A 37 -21.30 -2.57 -1.66
N SER A 38 -21.86 -1.81 -0.72
CA SER A 38 -22.05 -0.35 -0.88
C SER A 38 -20.71 0.42 -1.01
N LEU A 39 -19.64 -0.11 -0.39
CA LEU A 39 -18.25 0.36 -0.53
C LEU A 39 -17.49 -0.28 -1.72
N GLY A 40 -18.20 -0.86 -2.69
CA GLY A 40 -17.64 -1.41 -3.92
C GLY A 40 -16.86 -2.72 -3.78
N GLN A 41 -16.80 -3.29 -2.56
CA GLN A 41 -16.25 -4.62 -2.29
C GLN A 41 -17.30 -5.70 -2.62
N ASN A 42 -16.94 -6.99 -2.50
CA ASN A 42 -17.90 -8.10 -2.52
C ASN A 42 -17.27 -9.36 -1.87
N PRO A 43 -17.23 -9.42 -0.53
CA PRO A 43 -16.69 -10.55 0.22
C PRO A 43 -17.53 -11.83 0.03
N THR A 44 -16.89 -12.99 0.15
CA THR A 44 -17.57 -14.31 0.17
C THR A 44 -18.30 -14.56 1.49
N GLU A 45 -19.21 -15.54 1.51
CA GLU A 45 -19.86 -16.00 2.75
C GLU A 45 -18.83 -16.50 3.79
N ALA A 46 -17.78 -17.18 3.34
CA ALA A 46 -16.68 -17.66 4.19
C ALA A 46 -15.82 -16.51 4.75
N GLU A 47 -15.51 -15.49 3.93
CA GLU A 47 -14.82 -14.27 4.38
C GLU A 47 -15.64 -13.50 5.42
N LEU A 48 -16.94 -13.29 5.15
CA LEU A 48 -17.84 -12.64 6.11
C LEU A 48 -17.94 -13.44 7.42
N GLN A 49 -18.11 -14.76 7.36
CA GLN A 49 -18.17 -15.62 8.53
C GLN A 49 -16.89 -15.55 9.38
N ASP A 50 -15.70 -15.54 8.73
CA ASP A 50 -14.41 -15.43 9.43
C ASP A 50 -14.24 -14.07 10.14
N MET A 51 -14.65 -12.97 9.50
CA MET A 51 -14.65 -11.63 10.13
C MET A 51 -15.69 -11.52 11.26
N ILE A 52 -16.88 -12.09 11.07
CA ILE A 52 -17.96 -12.11 12.07
C ILE A 52 -17.59 -12.99 13.28
N ASN A 53 -16.83 -14.08 13.11
CA ASN A 53 -16.45 -14.98 14.21
C ASN A 53 -15.70 -14.26 15.36
N GLU A 54 -14.88 -13.25 15.05
CA GLU A 54 -14.19 -12.42 16.04
C GLU A 54 -15.10 -11.32 16.64
N VAL A 55 -15.92 -10.67 15.81
CA VAL A 55 -16.80 -9.55 16.20
C VAL A 55 -18.03 -10.00 16.99
N ASP A 56 -18.74 -11.02 16.50
CA ASP A 56 -19.94 -11.63 17.08
C ASP A 56 -19.63 -12.80 18.03
N ALA A 57 -18.48 -12.75 18.72
CA ALA A 57 -18.05 -13.79 19.65
C ALA A 57 -18.99 -13.97 20.85
N ASP A 58 -19.75 -12.93 21.23
CA ASP A 58 -20.77 -12.97 22.28
C ASP A 58 -22.16 -13.48 21.80
N GLY A 59 -22.33 -13.70 20.49
CA GLY A 59 -23.58 -14.20 19.89
C GLY A 59 -24.73 -13.18 19.84
N ASN A 60 -24.43 -11.87 19.92
CA ASN A 60 -25.39 -10.77 19.91
C ASN A 60 -25.97 -10.44 18.52
N GLY A 61 -25.35 -10.89 17.43
CA GLY A 61 -25.81 -10.72 16.05
C GLY A 61 -25.67 -9.30 15.47
N THR A 62 -24.95 -8.41 16.15
CA THR A 62 -24.81 -6.98 15.81
C THR A 62 -23.37 -6.48 15.85
N ILE A 63 -23.15 -5.35 15.18
CA ILE A 63 -21.85 -4.73 14.93
C ILE A 63 -22.01 -3.21 15.11
N ASP A 64 -21.11 -2.55 15.84
CA ASP A 64 -21.07 -1.08 15.91
C ASP A 64 -20.24 -0.48 14.78
N PHE A 65 -20.46 0.79 14.43
CA PHE A 65 -19.67 1.51 13.44
C PHE A 65 -18.14 1.34 13.62
N PRO A 66 -17.54 1.64 14.79
CA PRO A 66 -16.10 1.48 15.00
C PRO A 66 -15.66 0.00 15.05
N GLU A 67 -16.57 -0.93 15.34
CA GLU A 67 -16.29 -2.37 15.31
C GLU A 67 -16.22 -2.89 13.86
N PHE A 68 -17.07 -2.40 12.96
CA PHE A 68 -16.98 -2.69 11.52
C PHE A 68 -15.63 -2.23 10.94
N LEU A 69 -15.14 -1.06 11.36
CA LEU A 69 -13.86 -0.54 10.85
C LEU A 69 -12.66 -1.42 11.24
N THR A 70 -12.78 -2.29 12.25
CA THR A 70 -11.70 -3.21 12.67
C THR A 70 -11.28 -4.17 11.56
N MET A 71 -12.24 -4.70 10.78
CA MET A 71 -11.96 -5.58 9.64
C MET A 71 -11.64 -4.79 8.36
N MET A 72 -12.22 -3.60 8.19
CA MET A 72 -11.94 -2.72 7.04
C MET A 72 -10.49 -2.24 7.06
N ALA A 73 -9.92 -1.95 8.23
CA ALA A 73 -8.50 -1.61 8.38
C ALA A 73 -7.56 -2.71 7.84
N ARG A 74 -7.91 -3.98 8.02
CA ARG A 74 -7.17 -5.15 7.49
C ARG A 74 -7.38 -5.30 5.98
N LYS A 75 -8.65 -5.28 5.52
CA LYS A 75 -9.03 -5.40 4.10
C LYS A 75 -8.41 -4.32 3.22
N MET A 76 -8.33 -3.09 3.73
CA MET A 76 -7.74 -1.91 3.05
C MET A 76 -6.20 -1.94 2.94
N LYS A 77 -5.51 -2.86 3.65
CA LYS A 77 -4.03 -2.96 3.65
C LYS A 77 -3.47 -3.81 2.50
N ASP A 78 -4.27 -4.05 1.45
CA ASP A 78 -3.83 -4.65 0.18
C ASP A 78 -3.12 -3.64 -0.76
N THR A 79 -2.93 -2.40 -0.32
CA THR A 79 -2.13 -1.34 -0.98
C THR A 79 -1.08 -0.75 -0.02
N ASP A 80 -0.23 0.14 -0.53
CA ASP A 80 0.90 0.79 0.14
C ASP A 80 0.52 1.68 1.34
N SER A 81 1.44 1.76 2.31
CA SER A 81 1.44 2.70 3.44
C SER A 81 2.89 2.96 3.85
N GLU A 82 3.32 4.23 3.91
CA GLU A 82 4.74 4.60 4.04
C GLU A 82 5.42 4.04 5.29
N GLU A 83 4.83 4.23 6.48
CA GLU A 83 5.41 3.74 7.73
C GLU A 83 5.28 2.21 7.87
N GLU A 84 4.27 1.59 7.25
CA GLU A 84 4.12 0.14 7.21
C GLU A 84 5.27 -0.51 6.42
N ILE A 85 5.54 0.03 5.21
CA ILE A 85 6.65 -0.36 4.35
C ILE A 85 7.98 -0.16 5.08
N ARG A 86 8.18 1.01 5.69
CA ARG A 86 9.42 1.35 6.39
C ARG A 86 9.72 0.42 7.57
N GLU A 87 8.73 0.07 8.38
CA GLU A 87 8.91 -0.89 9.47
C GLU A 87 9.09 -2.33 8.96
N ALA A 88 8.34 -2.72 7.91
CA ALA A 88 8.51 -3.99 7.22
C ALA A 88 9.93 -4.15 6.61
N PHE A 89 10.51 -3.06 6.10
CA PHE A 89 11.90 -3.03 5.65
C PHE A 89 12.89 -3.15 6.81
N ARG A 90 12.66 -2.44 7.92
CA ARG A 90 13.54 -2.45 9.09
C ARG A 90 13.71 -3.85 9.71
N VAL A 91 12.72 -4.72 9.53
CA VAL A 91 12.76 -6.17 9.87
C VAL A 91 13.78 -6.96 9.03
N PHE A 92 14.12 -6.50 7.82
CA PHE A 92 15.14 -7.09 6.94
C PHE A 92 16.52 -6.39 7.04
N ASP A 93 16.58 -5.15 7.55
CA ASP A 93 17.83 -4.39 7.74
C ASP A 93 18.79 -5.15 8.68
N LYS A 94 19.95 -5.54 8.13
CA LYS A 94 20.93 -6.42 8.80
C LYS A 94 21.73 -5.74 9.92
N ASP A 95 21.82 -4.41 9.89
CA ASP A 95 22.71 -3.59 10.75
C ASP A 95 21.96 -2.52 11.57
N GLY A 96 20.72 -2.21 11.22
CA GLY A 96 19.96 -1.06 11.75
C GLY A 96 20.41 0.28 11.13
N ASN A 97 21.08 0.24 9.97
CA ASN A 97 21.75 1.38 9.34
C ASN A 97 20.89 2.11 8.28
N GLY A 98 19.59 1.79 8.17
CA GLY A 98 18.65 2.45 7.24
C GLY A 98 18.74 1.95 5.79
N TYR A 99 19.29 0.75 5.59
CA TYR A 99 19.48 0.13 4.28
C TYR A 99 19.36 -1.40 4.38
N ILE A 100 19.22 -2.08 3.23
CA ILE A 100 19.16 -3.54 3.10
C ILE A 100 20.14 -3.98 2.01
N SER A 101 20.85 -5.09 2.21
CA SER A 101 21.77 -5.59 1.18
C SER A 101 20.99 -6.04 -0.07
N ALA A 102 21.51 -5.81 -1.27
CA ALA A 102 20.78 -6.12 -2.51
C ALA A 102 20.42 -7.61 -2.61
N ALA A 103 21.35 -8.51 -2.26
CA ALA A 103 21.09 -9.95 -2.18
C ALA A 103 20.08 -10.32 -1.08
N GLU A 104 20.02 -9.58 0.02
CA GLU A 104 19.05 -9.78 1.11
C GLU A 104 17.63 -9.36 0.68
N LEU A 105 17.47 -8.18 0.07
CA LEU A 105 16.15 -7.75 -0.42
C LEU A 105 15.68 -8.63 -1.59
N ARG A 106 16.58 -8.97 -2.52
CA ARG A 106 16.30 -9.91 -3.63
C ARG A 106 15.88 -11.29 -3.12
N HIS A 107 16.54 -11.80 -2.07
CA HIS A 107 16.12 -13.02 -1.38
C HIS A 107 14.70 -12.89 -0.85
N VAL A 108 14.43 -11.95 0.07
CA VAL A 108 13.12 -11.90 0.75
C VAL A 108 11.98 -11.59 -0.22
N MET A 109 12.20 -10.75 -1.24
CA MET A 109 11.22 -10.46 -2.29
C MET A 109 10.93 -11.65 -3.22
N THR A 110 11.76 -12.69 -3.23
CA THR A 110 11.54 -13.92 -4.01
C THR A 110 11.45 -15.19 -3.15
N ASN A 111 11.50 -15.04 -1.81
CA ASN A 111 11.33 -16.11 -0.82
C ASN A 111 10.01 -16.00 -0.06
N LEU A 112 9.57 -14.78 0.28
CA LEU A 112 8.45 -14.51 1.18
C LEU A 112 7.42 -13.60 0.52
N GLY A 113 6.15 -13.82 0.84
CA GLY A 113 5.03 -13.15 0.19
C GLY A 113 4.69 -13.67 -1.20
N GLU A 114 4.21 -12.79 -2.07
CA GLU A 114 3.67 -13.14 -3.39
C GLU A 114 4.74 -13.55 -4.43
N LYS A 115 6.03 -13.37 -4.08
CA LYS A 115 7.26 -13.54 -4.91
C LYS A 115 7.31 -12.59 -6.13
N LEU A 116 8.45 -11.96 -6.35
CA LEU A 116 8.74 -11.23 -7.60
C LEU A 116 9.26 -12.21 -8.67
N THR A 117 8.94 -11.93 -9.93
CA THR A 117 9.51 -12.63 -11.10
C THR A 117 11.01 -12.32 -11.24
N ASP A 118 11.73 -13.16 -11.99
CA ASP A 118 13.17 -13.04 -12.26
C ASP A 118 13.62 -11.63 -12.71
N GLU A 119 12.91 -11.03 -13.69
CA GLU A 119 13.17 -9.67 -14.16
C GLU A 119 12.54 -8.58 -13.26
N GLU A 120 11.48 -8.92 -12.52
CA GLU A 120 10.73 -8.01 -11.65
C GLU A 120 11.54 -7.60 -10.41
N VAL A 121 12.25 -8.56 -9.79
CA VAL A 121 13.16 -8.30 -8.68
C VAL A 121 14.44 -7.59 -9.15
N ASP A 122 14.92 -7.88 -10.36
CA ASP A 122 16.08 -7.22 -10.96
C ASP A 122 15.77 -5.76 -11.37
N GLU A 123 14.51 -5.44 -11.66
CA GLU A 123 14.01 -4.07 -11.84
C GLU A 123 14.06 -3.27 -10.53
N MET A 124 13.84 -3.92 -9.38
CA MET A 124 13.90 -3.28 -8.05
C MET A 124 15.32 -2.83 -7.73
N ILE A 125 16.32 -3.72 -7.82
CA ILE A 125 17.67 -3.42 -7.33
C ILE A 125 18.27 -2.18 -8.03
N ARG A 126 17.98 -1.96 -9.32
CA ARG A 126 18.45 -0.82 -10.12
C ARG A 126 18.05 0.56 -9.56
N GLU A 127 16.90 0.66 -8.90
CA GLU A 127 16.35 1.91 -8.33
C GLU A 127 16.34 1.93 -6.79
N ALA A 128 16.31 0.75 -6.16
CA ALA A 128 16.45 0.53 -4.73
C ALA A 128 17.91 0.78 -4.26
N ASP A 129 18.92 0.42 -5.04
CA ASP A 129 20.33 0.79 -4.81
C ASP A 129 20.66 2.11 -5.53
N ILE A 130 21.17 3.10 -4.78
CA ILE A 130 21.50 4.45 -5.25
C ILE A 130 22.82 4.47 -6.07
N ASP A 131 23.77 3.58 -5.74
CA ASP A 131 25.13 3.58 -6.29
C ASP A 131 25.46 2.37 -7.20
N GLY A 132 24.74 1.26 -7.04
CA GLY A 132 24.99 -0.02 -7.72
C GLY A 132 26.04 -0.90 -7.02
N ASP A 133 26.41 -0.58 -5.78
CA ASP A 133 27.41 -1.32 -4.96
C ASP A 133 26.81 -2.51 -4.17
N GLY A 134 25.61 -2.98 -4.55
CA GLY A 134 24.90 -4.09 -3.91
C GLY A 134 24.25 -3.72 -2.56
N GLN A 135 23.93 -2.44 -2.37
CA GLN A 135 23.38 -1.87 -1.13
C GLN A 135 22.11 -1.07 -1.44
N VAL A 136 20.94 -1.73 -1.35
CA VAL A 136 19.65 -1.05 -1.46
C VAL A 136 19.44 -0.11 -0.28
N ASN A 137 19.14 1.16 -0.55
CA ASN A 137 18.71 2.08 0.48
C ASN A 137 17.18 2.15 0.53
N TYR A 138 16.60 1.38 1.45
CA TYR A 138 15.16 1.33 1.61
C TYR A 138 14.58 2.66 2.12
N GLU A 139 15.32 3.46 2.90
CA GLU A 139 14.80 4.73 3.43
C GLU A 139 14.36 5.71 2.33
N GLU A 140 15.15 5.84 1.25
CA GLU A 140 14.76 6.56 0.04
C GLU A 140 13.77 5.76 -0.82
N PHE A 141 13.95 4.43 -0.95
CA PHE A 141 13.08 3.57 -1.77
C PHE A 141 11.63 3.56 -1.29
N VAL A 142 11.37 3.53 0.02
CA VAL A 142 10.03 3.66 0.62
C VAL A 142 9.35 4.88 0.05
N GLN A 143 9.97 6.05 0.24
CA GLN A 143 9.28 7.30 -0.01
C GLN A 143 9.07 7.54 -1.52
N MET A 144 9.96 7.02 -2.37
CA MET A 144 9.81 6.94 -3.82
C MET A 144 8.65 6.02 -4.24
N MET A 145 8.62 4.81 -3.68
CA MET A 145 7.63 3.77 -3.99
C MET A 145 6.20 4.18 -3.59
N THR A 146 6.05 5.02 -2.55
CA THR A 146 4.78 5.61 -2.11
C THR A 146 4.47 7.00 -2.70
N ALA A 147 5.34 7.57 -3.54
CA ALA A 147 5.17 8.93 -4.07
C ALA A 147 3.91 9.07 -4.95
N LYS A 148 3.24 10.22 -4.87
CA LYS A 148 2.10 10.58 -5.75
C LYS A 148 2.54 10.81 -7.20
N GLY B 1 6.38 -7.40 21.04
CA GLY B 1 7.08 -7.94 19.85
C GLY B 1 6.43 -9.22 19.34
N PRO B 2 6.80 -9.69 18.13
CA PRO B 2 6.29 -10.92 17.53
C PRO B 2 6.78 -12.19 18.26
N GLY B 3 6.04 -13.30 18.11
CA GLY B 3 6.40 -14.61 18.69
C GLY B 3 7.70 -15.22 18.15
N SER B 4 8.15 -14.80 16.97
CA SER B 4 9.42 -15.16 16.33
C SER B 4 9.83 -14.12 15.29
N LYS B 5 11.11 -14.07 14.94
CA LYS B 5 11.66 -13.30 13.81
C LYS B 5 10.90 -13.62 12.51
N ARG B 6 10.71 -14.92 12.22
CA ARG B 6 10.04 -15.40 10.99
C ARG B 6 8.56 -15.04 10.92
N LYS B 7 7.86 -15.01 12.06
CA LYS B 7 6.44 -14.61 12.15
C LYS B 7 6.21 -13.18 11.61
N GLN B 8 7.18 -12.28 11.79
CA GLN B 8 7.17 -10.94 11.20
C GLN B 8 7.87 -10.88 9.82
N GLU B 9 9.00 -11.55 9.62
CA GLU B 9 9.79 -11.53 8.38
C GLU B 9 8.97 -11.95 7.14
N GLU B 10 8.21 -13.03 7.26
CA GLU B 10 7.45 -13.61 6.15
C GLU B 10 6.23 -12.76 5.73
N VAL B 11 5.78 -11.85 6.60
CA VAL B 11 4.60 -10.98 6.38
C VAL B 11 4.99 -9.54 6.05
N SER B 12 6.12 -9.08 6.56
CA SER B 12 6.75 -7.79 6.21
C SER B 12 7.01 -7.70 4.71
N ALA B 13 7.47 -8.80 4.11
CA ALA B 13 7.78 -8.88 2.69
C ALA B 13 6.55 -8.53 1.84
N ILE B 14 5.35 -8.98 2.25
CA ILE B 14 4.11 -8.77 1.50
C ILE B 14 3.78 -7.28 1.36
N ILE B 15 3.94 -6.50 2.43
CA ILE B 15 3.68 -5.06 2.46
C ILE B 15 4.52 -4.32 1.40
N ILE B 16 5.80 -4.68 1.28
CA ILE B 16 6.73 -4.16 0.27
C ILE B 16 6.34 -4.67 -1.14
N GLN B 17 5.89 -5.93 -1.28
CA GLN B 17 5.40 -6.47 -2.56
C GLN B 17 4.18 -5.69 -3.10
N ARG B 18 3.21 -5.34 -2.24
CA ARG B 18 2.03 -4.53 -2.61
C ARG B 18 2.46 -3.16 -3.15
N ALA B 19 3.32 -2.49 -2.41
CA ALA B 19 3.84 -1.17 -2.76
C ALA B 19 4.69 -1.17 -4.02
N TYR B 20 5.50 -2.21 -4.23
CA TYR B 20 6.36 -2.30 -5.40
C TYR B 20 5.57 -2.38 -6.70
N ARG B 21 4.56 -3.26 -6.79
CA ARG B 21 3.69 -3.32 -7.97
C ARG B 21 2.84 -2.05 -8.15
N ARG B 22 2.47 -1.34 -7.08
CA ARG B 22 1.83 -0.01 -7.17
C ARG B 22 2.73 0.98 -7.91
N TYR B 23 4.02 1.01 -7.58
CA TYR B 23 5.02 1.80 -8.30
C TYR B 23 5.23 1.32 -9.75
N LEU B 24 5.30 0.00 -9.98
CA LEU B 24 5.39 -0.58 -11.34
C LEU B 24 4.20 -0.15 -12.24
N LEU B 25 2.99 -0.06 -11.68
CA LEU B 25 1.81 0.47 -12.37
C LEU B 25 1.94 1.98 -12.62
N LYS B 26 2.32 2.76 -11.60
CA LYS B 26 2.47 4.22 -11.65
C LYS B 26 3.48 4.72 -12.70
N GLN B 27 4.54 3.95 -12.98
CA GLN B 27 5.53 4.30 -14.00
C GLN B 27 5.14 3.95 -15.45
N LYS B 28 3.94 3.36 -15.70
CA LYS B 28 3.42 3.07 -17.05
C LYS B 28 1.99 3.57 -17.32
N VAL B 29 1.07 3.43 -16.36
CA VAL B 29 -0.27 4.04 -16.36
C VAL B 29 -0.22 5.45 -15.76
N LYS B 30 -1.17 6.33 -16.12
CA LYS B 30 -1.27 7.73 -15.65
C LYS B 30 -1.16 7.80 -14.12
N LYS B 31 -0.09 8.44 -13.62
CA LYS B 31 0.34 8.46 -12.21
C LYS B 31 -0.63 9.10 -11.21
N ALA A 1 -8.67 1.18 -5.58
CA ALA A 1 -8.81 1.70 -6.96
C ALA A 1 -9.47 3.09 -6.95
N ASP A 2 -9.39 3.83 -8.06
CA ASP A 2 -10.08 5.13 -8.22
C ASP A 2 -11.61 5.01 -8.38
N GLN A 3 -12.15 3.80 -8.59
CA GLN A 3 -13.59 3.52 -8.55
C GLN A 3 -14.17 3.73 -7.15
N LEU A 4 -15.31 4.43 -7.07
CA LEU A 4 -16.12 4.49 -5.85
C LEU A 4 -17.33 3.55 -6.00
N THR A 5 -17.43 2.60 -5.07
CA THR A 5 -18.59 1.72 -4.86
C THR A 5 -19.29 2.15 -3.57
N GLU A 6 -20.44 1.56 -3.22
CA GLU A 6 -21.22 1.95 -2.04
C GLU A 6 -20.42 1.90 -0.71
N GLU A 7 -19.39 1.04 -0.60
CA GLU A 7 -18.48 0.98 0.55
C GLU A 7 -17.64 2.26 0.70
N GLN A 8 -16.99 2.72 -0.38
CA GLN A 8 -16.23 3.98 -0.40
C GLN A 8 -17.16 5.18 -0.17
N ILE A 9 -18.31 5.20 -0.83
CA ILE A 9 -19.28 6.31 -0.75
C ILE A 9 -19.83 6.45 0.67
N ALA A 10 -20.17 5.36 1.34
CA ALA A 10 -20.63 5.38 2.73
C ALA A 10 -19.54 5.86 3.71
N GLU A 11 -18.27 5.48 3.50
CA GLU A 11 -17.14 5.96 4.31
C GLU A 11 -16.91 7.47 4.13
N PHE A 12 -16.92 7.96 2.88
CA PHE A 12 -16.84 9.39 2.58
C PHE A 12 -18.07 10.16 3.07
N LYS A 13 -19.28 9.57 3.03
CA LYS A 13 -20.53 10.15 3.56
C LYS A 13 -20.40 10.52 5.04
N GLU A 14 -19.94 9.57 5.85
CA GLU A 14 -19.77 9.75 7.30
C GLU A 14 -18.70 10.80 7.62
N ALA A 15 -17.54 10.77 6.95
CA ALA A 15 -16.47 11.75 7.13
C ALA A 15 -16.83 13.15 6.63
N PHE A 16 -17.60 13.29 5.56
CA PHE A 16 -18.02 14.60 5.03
C PHE A 16 -19.10 15.26 5.90
N SER A 17 -20.16 14.52 6.23
CA SER A 17 -21.26 15.00 7.09
C SER A 17 -20.81 15.34 8.51
N LEU A 18 -19.64 14.84 8.94
CA LEU A 18 -18.95 15.20 10.19
C LEU A 18 -18.66 16.71 10.34
N PHE A 19 -18.64 17.45 9.23
CA PHE A 19 -18.30 18.88 9.17
C PHE A 19 -19.30 19.70 8.35
N ASP A 20 -20.45 19.11 7.97
CA ASP A 20 -21.44 19.76 7.09
C ASP A 20 -22.06 21.00 7.75
N LYS A 21 -21.94 22.14 7.06
CA LYS A 21 -22.26 23.49 7.57
C LYS A 21 -23.76 23.77 7.73
N ASP A 22 -24.61 23.08 6.96
CA ASP A 22 -26.06 23.35 6.87
C ASP A 22 -26.95 22.13 7.19
N GLY A 23 -26.39 20.92 7.14
CA GLY A 23 -27.14 19.66 7.16
C GLY A 23 -27.71 19.26 5.79
N ASP A 24 -27.38 20.04 4.74
CA ASP A 24 -27.85 19.90 3.36
C ASP A 24 -26.83 19.23 2.41
N GLY A 25 -25.73 18.69 2.94
CA GLY A 25 -24.72 17.96 2.17
C GLY A 25 -23.58 18.80 1.62
N THR A 26 -23.12 19.85 2.32
CA THR A 26 -21.99 20.71 1.90
C THR A 26 -21.03 21.06 3.05
N ILE A 27 -19.76 21.32 2.74
CA ILE A 27 -18.71 21.82 3.66
C ILE A 27 -18.06 23.10 3.10
N THR A 28 -17.26 23.80 3.89
CA THR A 28 -16.41 24.90 3.40
C THR A 28 -15.08 24.40 2.83
N THR A 29 -14.46 25.22 1.99
CA THR A 29 -13.09 25.02 1.51
C THR A 29 -12.06 25.00 2.64
N LYS A 30 -12.35 25.66 3.78
CA LYS A 30 -11.52 25.62 5.00
C LYS A 30 -11.61 24.27 5.72
N GLU A 31 -12.80 23.69 5.84
CA GLU A 31 -13.00 22.37 6.48
C GLU A 31 -12.56 21.17 5.63
N LEU A 32 -12.33 21.34 4.32
CA LEU A 32 -11.95 20.26 3.38
C LEU A 32 -10.84 19.37 3.97
N GLY A 33 -9.68 19.97 4.29
CA GLY A 33 -8.54 19.21 4.80
C GLY A 33 -8.79 18.59 6.18
N THR A 34 -9.66 19.18 7.00
CA THR A 34 -10.10 18.63 8.28
C THR A 34 -10.92 17.34 8.07
N VAL A 35 -11.76 17.29 7.02
CA VAL A 35 -12.46 16.04 6.66
C VAL A 35 -11.54 15.03 5.97
N MET A 36 -10.56 15.45 5.15
CA MET A 36 -9.53 14.52 4.63
C MET A 36 -8.73 13.85 5.76
N ARG A 37 -8.42 14.59 6.84
CA ARG A 37 -7.80 14.04 8.06
C ARG A 37 -8.68 12.99 8.76
N SER A 38 -10.01 13.09 8.67
CA SER A 38 -10.95 12.06 9.14
C SER A 38 -10.85 10.75 8.33
N LEU A 39 -10.57 10.82 7.02
CA LEU A 39 -10.21 9.67 6.19
C LEU A 39 -8.74 9.19 6.39
N GLY A 40 -8.01 9.77 7.35
CA GLY A 40 -6.65 9.38 7.72
C GLY A 40 -5.59 9.78 6.69
N GLN A 41 -5.72 10.97 6.08
CA GLN A 41 -4.69 11.56 5.23
C GLN A 41 -4.63 13.09 5.41
N ASN A 42 -3.43 13.65 5.56
CA ASN A 42 -3.19 15.03 5.96
C ASN A 42 -2.50 15.83 4.83
N PRO A 43 -3.26 16.43 3.89
CA PRO A 43 -2.73 17.29 2.83
C PRO A 43 -2.18 18.63 3.38
N THR A 44 -1.24 19.24 2.66
CA THR A 44 -0.75 20.60 2.96
C THR A 44 -1.66 21.71 2.40
N GLU A 45 -1.48 22.96 2.83
CA GLU A 45 -2.35 24.10 2.45
C GLU A 45 -2.32 24.40 0.94
N ALA A 46 -1.14 24.37 0.31
CA ALA A 46 -0.99 24.58 -1.13
C ALA A 46 -1.61 23.42 -1.96
N GLU A 47 -1.52 22.19 -1.45
CA GLU A 47 -2.12 20.99 -2.04
C GLU A 47 -3.66 21.02 -1.98
N LEU A 48 -4.22 21.45 -0.85
CA LEU A 48 -5.65 21.73 -0.72
C LEU A 48 -6.10 22.85 -1.68
N GLN A 49 -5.36 23.97 -1.74
CA GLN A 49 -5.69 25.09 -2.62
C GLN A 49 -5.63 24.70 -4.10
N ASP A 50 -4.71 23.82 -4.51
CA ASP A 50 -4.63 23.33 -5.89
C ASP A 50 -5.86 22.50 -6.30
N MET A 51 -6.42 21.70 -5.39
CA MET A 51 -7.69 20.98 -5.60
C MET A 51 -8.90 21.95 -5.58
N ILE A 52 -8.89 22.93 -4.66
CA ILE A 52 -9.93 23.96 -4.56
C ILE A 52 -9.93 24.90 -5.78
N ASN A 53 -8.81 25.10 -6.48
CA ASN A 53 -8.75 25.89 -7.71
C ASN A 53 -9.69 25.32 -8.80
N GLU A 54 -9.83 23.99 -8.86
CA GLU A 54 -10.69 23.30 -9.83
C GLU A 54 -12.14 23.16 -9.33
N VAL A 55 -12.32 22.86 -8.04
CA VAL A 55 -13.64 22.67 -7.38
C VAL A 55 -14.39 23.99 -7.16
N ASP A 56 -13.68 25.05 -6.79
CA ASP A 56 -14.21 26.38 -6.43
C ASP A 56 -13.64 27.51 -7.30
N ALA A 57 -13.71 27.35 -8.62
CA ALA A 57 -13.27 28.37 -9.58
C ALA A 57 -14.05 29.71 -9.45
N ASP A 58 -15.26 29.67 -8.88
CA ASP A 58 -16.08 30.85 -8.56
C ASP A 58 -15.60 31.62 -7.31
N GLY A 59 -14.82 30.99 -6.43
CA GLY A 59 -14.40 31.57 -5.13
C GLY A 59 -15.54 31.69 -4.11
N ASN A 60 -16.54 30.80 -4.16
CA ASN A 60 -17.74 30.81 -3.32
C ASN A 60 -17.47 30.28 -1.89
N GLY A 61 -16.37 29.54 -1.68
CA GLY A 61 -15.91 29.04 -0.38
C GLY A 61 -16.57 27.75 0.11
N THR A 62 -17.31 27.03 -0.73
CA THR A 62 -18.04 25.80 -0.38
C THR A 62 -17.88 24.66 -1.39
N ILE A 63 -18.15 23.44 -0.92
CA ILE A 63 -18.00 22.16 -1.63
C ILE A 63 -19.21 21.27 -1.29
N ASP A 64 -19.81 20.60 -2.27
CA ASP A 64 -20.86 19.60 -2.03
C ASP A 64 -20.27 18.20 -1.80
N PHE A 65 -21.02 17.30 -1.14
CA PHE A 65 -20.63 15.90 -0.96
C PHE A 65 -20.12 15.23 -2.26
N PRO A 66 -20.89 15.20 -3.37
CA PRO A 66 -20.43 14.57 -4.62
C PRO A 66 -19.28 15.33 -5.30
N GLU A 67 -19.10 16.62 -5.02
CA GLU A 67 -17.95 17.38 -5.51
C GLU A 67 -16.66 17.01 -4.76
N PHE A 68 -16.72 16.78 -3.45
CA PHE A 68 -15.57 16.29 -2.67
C PHE A 68 -15.10 14.90 -3.15
N LEU A 69 -16.03 14.01 -3.51
CA LEU A 69 -15.68 12.69 -4.04
C LEU A 69 -14.85 12.75 -5.33
N THR A 70 -14.92 13.85 -6.10
CA THR A 70 -14.15 14.02 -7.35
C THR A 70 -12.64 14.00 -7.13
N MET A 71 -12.14 14.59 -6.03
CA MET A 71 -10.73 14.51 -5.66
C MET A 71 -10.43 13.21 -4.89
N MET A 72 -11.34 12.73 -4.04
CA MET A 72 -11.11 11.50 -3.26
C MET A 72 -10.93 10.26 -4.12
N ALA A 73 -11.51 10.21 -5.33
CA ALA A 73 -11.22 9.20 -6.34
C ALA A 73 -9.73 9.15 -6.72
N ARG A 74 -9.09 10.32 -6.91
CA ARG A 74 -7.67 10.49 -7.26
C ARG A 74 -6.72 10.39 -6.05
N LYS A 75 -7.14 10.88 -4.90
CA LYS A 75 -6.38 10.94 -3.62
C LYS A 75 -6.46 9.67 -2.77
N MET A 76 -7.23 8.65 -3.18
CA MET A 76 -7.36 7.38 -2.45
C MET A 76 -6.01 6.64 -2.29
N LYS A 77 -5.82 6.02 -1.12
CA LYS A 77 -4.58 5.34 -0.69
C LYS A 77 -4.46 3.93 -1.29
N ASP A 78 -4.29 3.85 -2.60
CA ASP A 78 -4.10 2.59 -3.35
C ASP A 78 -2.71 1.95 -3.14
N THR A 79 -1.69 2.73 -2.73
CA THR A 79 -0.38 2.23 -2.30
C THR A 79 -0.38 1.96 -0.79
N ASP A 80 0.31 0.92 -0.33
CA ASP A 80 0.51 0.60 1.09
C ASP A 80 1.11 1.78 1.89
N SER A 81 0.79 1.84 3.19
CA SER A 81 1.19 2.95 4.07
C SER A 81 2.72 3.08 4.21
N GLU A 82 3.21 4.32 4.16
CA GLU A 82 4.64 4.64 4.19
C GLU A 82 5.33 4.12 5.46
N GLU A 83 4.71 4.32 6.63
CA GLU A 83 5.23 3.83 7.91
C GLU A 83 5.22 2.29 7.98
N GLU A 84 4.21 1.64 7.37
CA GLU A 84 4.10 0.18 7.33
C GLU A 84 5.22 -0.43 6.50
N ILE A 85 5.48 0.13 5.30
CA ILE A 85 6.60 -0.27 4.43
C ILE A 85 7.93 -0.06 5.16
N ARG A 86 8.13 1.10 5.81
CA ARG A 86 9.38 1.44 6.50
C ARG A 86 9.67 0.51 7.70
N GLU A 87 8.63 0.12 8.45
CA GLU A 87 8.73 -0.88 9.52
C GLU A 87 8.97 -2.30 8.98
N ALA A 88 8.26 -2.69 7.92
CA ALA A 88 8.44 -3.97 7.22
C ALA A 88 9.81 -4.09 6.52
N PHE A 89 10.44 -2.98 6.17
CA PHE A 89 11.83 -2.96 5.72
C PHE A 89 12.80 -3.09 6.91
N ARG A 90 12.50 -2.48 8.06
CA ARG A 90 13.39 -2.52 9.24
C ARG A 90 13.65 -3.95 9.73
N VAL A 91 12.65 -4.84 9.64
CA VAL A 91 12.81 -6.28 9.94
C VAL A 91 13.73 -7.03 8.96
N PHE A 92 14.10 -6.41 7.84
CA PHE A 92 15.10 -6.91 6.87
C PHE A 92 16.45 -6.17 6.92
N ASP A 93 16.55 -5.02 7.61
CA ASP A 93 17.77 -4.17 7.66
C ASP A 93 18.96 -4.99 8.17
N LYS A 94 20.05 -4.94 7.38
CA LYS A 94 21.21 -5.80 7.48
C LYS A 94 21.94 -5.71 8.82
N ASP A 95 22.07 -4.52 9.40
CA ASP A 95 22.75 -4.29 10.68
C ASP A 95 22.30 -3.03 11.45
N GLY A 96 21.25 -2.33 11.00
CA GLY A 96 20.71 -1.11 11.61
C GLY A 96 21.15 0.21 10.96
N ASN A 97 21.87 0.17 9.83
CA ASN A 97 22.33 1.36 9.09
C ASN A 97 21.23 2.07 8.27
N GLY A 98 19.99 1.56 8.24
CA GLY A 98 18.88 2.17 7.48
C GLY A 98 18.89 1.80 5.99
N TYR A 99 19.43 0.62 5.67
CA TYR A 99 19.54 0.08 4.32
C TYR A 99 19.43 -1.46 4.34
N ILE A 100 19.20 -2.08 3.19
CA ILE A 100 19.12 -3.54 2.99
C ILE A 100 20.05 -3.95 1.85
N SER A 101 20.81 -5.02 2.01
CA SER A 101 21.70 -5.47 0.92
C SER A 101 20.91 -6.00 -0.28
N ALA A 102 21.43 -5.81 -1.50
CA ALA A 102 20.72 -6.18 -2.73
C ALA A 102 20.37 -7.68 -2.78
N ALA A 103 21.30 -8.55 -2.37
CA ALA A 103 21.06 -9.99 -2.23
C ALA A 103 20.05 -10.32 -1.12
N GLU A 104 19.99 -9.53 -0.05
CA GLU A 104 19.04 -9.72 1.06
C GLU A 104 17.61 -9.35 0.64
N LEU A 105 17.39 -8.20 0.00
CA LEU A 105 16.07 -7.80 -0.52
C LEU A 105 15.66 -8.67 -1.71
N ARG A 106 16.59 -9.09 -2.59
CA ARG A 106 16.29 -10.11 -3.60
C ARG A 106 15.85 -11.42 -2.96
N HIS A 107 16.50 -11.88 -1.89
CA HIS A 107 16.07 -13.05 -1.13
C HIS A 107 14.65 -12.88 -0.57
N VAL A 108 14.35 -11.87 0.27
CA VAL A 108 13.00 -11.74 0.84
C VAL A 108 11.94 -11.61 -0.23
N MET A 109 12.21 -10.87 -1.30
CA MET A 109 11.20 -10.58 -2.30
C MET A 109 10.93 -11.74 -3.28
N THR A 110 11.79 -12.76 -3.32
CA THR A 110 11.51 -14.02 -4.04
C THR A 110 11.32 -15.23 -3.10
N ASN A 111 11.39 -15.02 -1.78
CA ASN A 111 11.16 -16.06 -0.76
C ASN A 111 9.86 -15.91 0.02
N LEU A 112 9.34 -14.68 0.17
CA LEU A 112 8.23 -14.34 1.08
C LEU A 112 7.21 -13.44 0.37
N GLY A 113 5.92 -13.68 0.61
CA GLY A 113 4.84 -12.92 -0.04
C GLY A 113 4.49 -13.40 -1.44
N GLU A 114 4.10 -12.45 -2.31
CA GLU A 114 3.62 -12.72 -3.67
C GLU A 114 4.68 -13.36 -4.61
N LYS A 115 5.97 -13.26 -4.23
CA LYS A 115 7.18 -13.57 -5.00
C LYS A 115 7.30 -12.72 -6.28
N LEU A 116 8.39 -11.94 -6.39
CA LEU A 116 8.77 -11.24 -7.61
C LEU A 116 9.44 -12.21 -8.60
N THR A 117 9.25 -11.96 -9.90
CA THR A 117 9.94 -12.66 -11.00
C THR A 117 11.44 -12.30 -11.01
N ASP A 118 12.27 -13.11 -11.66
CA ASP A 118 13.74 -12.92 -11.74
C ASP A 118 14.17 -11.53 -12.27
N GLU A 119 13.54 -11.03 -13.32
CA GLU A 119 13.78 -9.69 -13.87
C GLU A 119 13.01 -8.59 -13.11
N GLU A 120 11.92 -8.94 -12.42
CA GLU A 120 11.09 -8.01 -11.63
C GLU A 120 11.75 -7.61 -10.31
N VAL A 121 12.38 -8.58 -9.64
CA VAL A 121 13.21 -8.35 -8.44
C VAL A 121 14.53 -7.64 -8.79
N ASP A 122 15.08 -7.92 -9.97
CA ASP A 122 16.23 -7.17 -10.50
C ASP A 122 15.85 -5.73 -10.92
N GLU A 123 14.64 -5.51 -11.45
CA GLU A 123 14.09 -4.17 -11.69
C GLU A 123 13.96 -3.37 -10.37
N MET A 124 13.67 -4.05 -9.25
CA MET A 124 13.68 -3.45 -7.92
C MET A 124 15.11 -3.01 -7.57
N ILE A 125 16.11 -3.91 -7.60
CA ILE A 125 17.49 -3.55 -7.25
C ILE A 125 18.01 -2.39 -8.11
N ARG A 126 17.66 -2.33 -9.40
CA ARG A 126 18.10 -1.27 -10.34
C ARG A 126 17.75 0.16 -9.89
N GLU A 127 16.62 0.34 -9.19
CA GLU A 127 16.16 1.65 -8.67
C GLU A 127 16.22 1.78 -7.13
N ALA A 128 16.29 0.65 -6.41
CA ALA A 128 16.45 0.57 -4.95
C ALA A 128 17.92 0.72 -4.50
N ASP A 129 18.91 0.24 -5.28
CA ASP A 129 20.34 0.40 -5.00
C ASP A 129 20.79 1.86 -5.13
N ILE A 130 21.32 2.42 -4.03
CA ILE A 130 21.64 3.85 -3.92
C ILE A 130 22.98 4.22 -4.59
N ASP A 131 23.93 3.28 -4.66
CA ASP A 131 25.29 3.49 -5.22
C ASP A 131 25.57 2.68 -6.51
N GLY A 132 24.81 1.61 -6.75
CA GLY A 132 25.11 0.61 -7.80
C GLY A 132 26.11 -0.47 -7.34
N ASP A 133 26.50 -0.45 -6.05
CA ASP A 133 27.49 -1.34 -5.44
C ASP A 133 26.86 -2.51 -4.63
N GLY A 134 25.54 -2.73 -4.74
CA GLY A 134 24.81 -3.82 -4.10
C GLY A 134 24.12 -3.46 -2.77
N GLN A 135 23.79 -2.18 -2.54
CA GLN A 135 23.15 -1.71 -1.31
C GLN A 135 21.86 -0.94 -1.61
N VAL A 136 20.71 -1.58 -1.39
CA VAL A 136 19.41 -0.91 -1.47
C VAL A 136 19.22 0.01 -0.28
N ASN A 137 18.96 1.30 -0.53
CA ASN A 137 18.52 2.20 0.53
C ASN A 137 16.99 2.25 0.56
N TYR A 138 16.42 1.49 1.49
CA TYR A 138 14.99 1.34 1.59
C TYR A 138 14.28 2.63 2.06
N GLU A 139 14.94 3.52 2.79
CA GLU A 139 14.36 4.79 3.24
C GLU A 139 14.15 5.78 2.07
N GLU A 140 15.01 5.73 1.04
CA GLU A 140 14.78 6.41 -0.23
C GLU A 140 13.72 5.67 -1.06
N PHE A 141 13.79 4.34 -1.09
CA PHE A 141 12.90 3.48 -1.88
C PHE A 141 11.43 3.53 -1.42
N VAL A 142 11.16 3.55 -0.11
CA VAL A 142 9.80 3.68 0.44
C VAL A 142 9.16 5.03 0.06
N GLN A 143 9.92 6.13 0.14
CA GLN A 143 9.47 7.46 -0.30
C GLN A 143 9.23 7.52 -1.82
N MET A 144 10.02 6.79 -2.61
CA MET A 144 9.82 6.64 -4.06
C MET A 144 8.56 5.82 -4.40
N MET A 145 8.39 4.64 -3.78
CA MET A 145 7.24 3.76 -4.05
C MET A 145 5.90 4.42 -3.68
N THR A 146 5.87 5.15 -2.55
CA THR A 146 4.68 5.87 -2.05
C THR A 146 4.42 7.24 -2.70
N ALA A 147 5.28 7.69 -3.62
CA ALA A 147 5.04 8.89 -4.43
C ALA A 147 3.82 8.73 -5.36
N LYS A 148 3.26 9.86 -5.83
CA LYS A 148 2.14 9.92 -6.78
C LYS A 148 2.26 11.14 -7.71
N GLY B 1 4.24 -22.57 14.76
CA GLY B 1 4.97 -21.64 13.88
C GLY B 1 6.48 -21.64 14.14
N PRO B 2 7.27 -20.97 13.28
CA PRO B 2 8.74 -20.90 13.41
C PRO B 2 9.16 -20.11 14.66
N GLY B 3 10.18 -20.60 15.38
CA GLY B 3 10.63 -20.02 16.66
C GLY B 3 11.18 -18.59 16.56
N SER B 4 11.93 -18.28 15.50
CA SER B 4 12.61 -16.98 15.30
C SER B 4 11.71 -15.89 14.69
N LYS B 5 12.32 -14.81 14.20
CA LYS B 5 11.71 -13.61 13.57
C LYS B 5 10.90 -13.86 12.29
N ARG B 6 10.96 -15.08 11.73
CA ARG B 6 10.30 -15.48 10.46
C ARG B 6 8.80 -15.18 10.42
N LYS B 7 8.13 -15.21 11.58
CA LYS B 7 6.70 -14.88 11.75
C LYS B 7 6.33 -13.51 11.16
N GLN B 8 7.11 -12.49 11.51
CA GLN B 8 6.93 -11.11 11.03
C GLN B 8 7.60 -10.88 9.67
N GLU B 9 8.77 -11.48 9.46
CA GLU B 9 9.57 -11.36 8.23
C GLU B 9 8.76 -11.76 6.98
N GLU B 10 8.02 -12.87 7.04
CA GLU B 10 7.26 -13.40 5.91
C GLU B 10 6.06 -12.52 5.48
N VAL B 11 5.53 -11.74 6.41
CA VAL B 11 4.32 -10.89 6.22
C VAL B 11 4.69 -9.44 5.92
N SER B 12 5.79 -8.97 6.49
CA SER B 12 6.42 -7.69 6.18
C SER B 12 6.78 -7.58 4.70
N ALA B 13 7.27 -8.67 4.12
CA ALA B 13 7.60 -8.72 2.70
C ALA B 13 6.38 -8.36 1.84
N ILE B 14 5.17 -8.76 2.22
CA ILE B 14 3.96 -8.53 1.39
C ILE B 14 3.65 -7.03 1.28
N ILE B 15 3.82 -6.27 2.37
CA ILE B 15 3.62 -4.81 2.38
C ILE B 15 4.53 -4.12 1.35
N ILE B 16 5.77 -4.58 1.22
CA ILE B 16 6.74 -4.10 0.22
C ILE B 16 6.42 -4.65 -1.18
N GLN B 17 6.03 -5.92 -1.32
CA GLN B 17 5.64 -6.55 -2.60
C GLN B 17 4.50 -5.78 -3.28
N ARG B 18 3.44 -5.47 -2.52
CA ARG B 18 2.25 -4.75 -3.00
C ARG B 18 2.58 -3.30 -3.36
N ALA B 19 3.38 -2.61 -2.53
CA ALA B 19 3.89 -1.27 -2.84
C ALA B 19 4.76 -1.24 -4.11
N TYR B 20 5.61 -2.25 -4.29
CA TYR B 20 6.47 -2.38 -5.45
C TYR B 20 5.66 -2.63 -6.73
N ARG B 21 4.79 -3.64 -6.72
CA ARG B 21 3.93 -3.99 -7.86
C ARG B 21 2.97 -2.84 -8.24
N ARG B 22 2.58 -1.99 -7.30
CA ARG B 22 1.86 -0.72 -7.57
C ARG B 22 2.78 0.29 -8.26
N TYR B 23 4.00 0.48 -7.77
CA TYR B 23 4.99 1.37 -8.38
C TYR B 23 5.40 0.94 -9.81
N LEU B 24 5.42 -0.36 -10.10
CA LEU B 24 5.67 -0.87 -11.46
C LEU B 24 4.70 -0.27 -12.50
N LEU B 25 3.47 0.09 -12.11
CA LEU B 25 2.53 0.84 -12.94
C LEU B 25 2.99 2.30 -13.12
N LYS B 26 3.34 2.96 -12.01
CA LYS B 26 3.78 4.38 -11.95
C LYS B 26 5.01 4.68 -12.81
N GLN B 27 5.86 3.67 -13.09
CA GLN B 27 6.96 3.78 -14.06
C GLN B 27 6.50 4.15 -15.48
N LYS B 28 5.27 3.79 -15.87
CA LYS B 28 4.74 3.93 -17.25
C LYS B 28 3.46 4.78 -17.34
N VAL B 29 2.56 4.67 -16.36
CA VAL B 29 1.26 5.37 -16.29
C VAL B 29 0.98 5.81 -14.85
N LYS B 30 0.70 7.10 -14.65
CA LYS B 30 0.46 7.72 -13.34
C LYS B 30 -0.59 8.84 -13.44
N LYS B 31 -1.37 9.04 -12.37
CA LYS B 31 -2.44 10.04 -12.23
C LYS B 31 -2.48 10.60 -10.81
N ALA A 1 -8.81 -0.80 -8.13
CA ALA A 1 -9.79 -0.05 -7.30
C ALA A 1 -9.98 -0.70 -5.93
N ASP A 2 -10.47 0.04 -4.94
CA ASP A 2 -10.75 -0.47 -3.57
C ASP A 2 -11.99 -1.39 -3.48
N GLN A 3 -12.81 -1.46 -4.53
CA GLN A 3 -14.01 -2.30 -4.65
C GLN A 3 -13.76 -3.77 -4.25
N LEU A 4 -14.73 -4.37 -3.57
CA LEU A 4 -14.70 -5.80 -3.25
C LEU A 4 -15.28 -6.66 -4.38
N THR A 5 -14.72 -7.85 -4.59
CA THR A 5 -15.26 -8.89 -5.50
C THR A 5 -16.54 -9.50 -4.93
N GLU A 6 -17.35 -10.14 -5.78
CA GLU A 6 -18.56 -10.86 -5.31
C GLU A 6 -18.21 -12.00 -4.32
N GLU A 7 -17.04 -12.61 -4.44
CA GLU A 7 -16.53 -13.63 -3.51
C GLU A 7 -16.14 -13.03 -2.15
N GLN A 8 -15.43 -11.90 -2.14
CA GLN A 8 -15.13 -11.14 -0.92
C GLN A 8 -16.40 -10.64 -0.24
N ILE A 9 -17.35 -10.10 -1.01
CA ILE A 9 -18.64 -9.60 -0.49
C ILE A 9 -19.44 -10.73 0.14
N ALA A 10 -19.56 -11.91 -0.47
CA ALA A 10 -20.27 -13.05 0.11
C ALA A 10 -19.56 -13.63 1.35
N GLU A 11 -18.22 -13.67 1.39
CA GLU A 11 -17.46 -14.07 2.57
C GLU A 11 -17.67 -13.09 3.74
N PHE A 12 -17.63 -11.78 3.47
CA PHE A 12 -17.94 -10.74 4.44
C PHE A 12 -19.42 -10.73 4.85
N LYS A 13 -20.35 -11.03 3.93
CA LYS A 13 -21.79 -11.15 4.17
C LYS A 13 -22.07 -12.19 5.26
N GLU A 14 -21.52 -13.39 5.10
CA GLU A 14 -21.62 -14.46 6.11
C GLU A 14 -20.95 -14.07 7.43
N ALA A 15 -19.70 -13.60 7.41
CA ALA A 15 -18.97 -13.24 8.63
C ALA A 15 -19.60 -12.08 9.42
N PHE A 16 -20.22 -11.11 8.74
CA PHE A 16 -20.96 -10.01 9.37
C PHE A 16 -22.30 -10.49 9.96
N SER A 17 -23.08 -11.23 9.17
CA SER A 17 -24.36 -11.82 9.58
C SER A 17 -24.22 -12.78 10.78
N LEU A 18 -23.04 -13.40 10.94
CA LEU A 18 -22.67 -14.23 12.09
C LEU A 18 -22.79 -13.52 13.45
N PHE A 19 -22.78 -12.19 13.46
CA PHE A 19 -22.91 -11.33 14.65
C PHE A 19 -24.11 -10.36 14.59
N ASP A 20 -24.96 -10.49 13.56
CA ASP A 20 -26.21 -9.73 13.39
C ASP A 20 -27.30 -10.29 14.33
N LYS A 21 -27.20 -9.93 15.61
CA LYS A 21 -28.04 -10.46 16.71
C LYS A 21 -29.54 -10.18 16.57
N ASP A 22 -29.92 -9.13 15.84
CA ASP A 22 -31.32 -8.77 15.55
C ASP A 22 -31.86 -9.38 14.24
N GLY A 23 -30.99 -9.91 13.37
CA GLY A 23 -31.36 -10.33 12.00
C GLY A 23 -31.80 -9.16 11.11
N ASP A 24 -31.19 -7.98 11.29
CA ASP A 24 -31.60 -6.71 10.70
C ASP A 24 -30.56 -6.08 9.75
N GLY A 25 -29.46 -6.79 9.45
CA GLY A 25 -28.38 -6.35 8.56
C GLY A 25 -27.36 -5.42 9.22
N THR A 26 -27.23 -5.47 10.56
CA THR A 26 -26.38 -4.56 11.35
C THR A 26 -25.68 -5.27 12.53
N ILE A 27 -24.61 -4.66 13.07
CA ILE A 27 -23.86 -5.11 14.27
C ILE A 27 -23.56 -3.91 15.19
N THR A 28 -23.03 -4.15 16.40
CA THR A 28 -22.50 -3.08 17.26
C THR A 28 -21.06 -2.69 16.92
N THR A 29 -20.66 -1.51 17.36
CA THR A 29 -19.27 -1.01 17.30
C THR A 29 -18.29 -1.87 18.11
N LYS A 30 -18.75 -2.64 19.10
CA LYS A 30 -17.93 -3.62 19.84
C LYS A 30 -17.82 -4.97 19.12
N GLU A 31 -18.90 -5.45 18.50
CA GLU A 31 -18.88 -6.68 17.69
C GLU A 31 -18.04 -6.56 16.40
N LEU A 32 -17.76 -5.34 15.91
CA LEU A 32 -16.94 -5.07 14.73
C LEU A 32 -15.63 -5.86 14.76
N GLY A 33 -14.80 -5.68 15.80
CA GLY A 33 -13.50 -6.35 15.86
C GLY A 33 -13.61 -7.87 15.99
N THR A 34 -14.69 -8.38 16.56
CA THR A 34 -15.01 -9.82 16.61
C THR A 34 -15.39 -10.36 15.23
N VAL A 35 -16.15 -9.59 14.44
CA VAL A 35 -16.45 -9.89 13.04
C VAL A 35 -15.16 -9.87 12.18
N MET A 36 -14.26 -8.91 12.40
CA MET A 36 -12.93 -8.88 11.75
C MET A 36 -12.07 -10.11 12.13
N ARG A 37 -12.06 -10.50 13.41
CA ARG A 37 -11.36 -11.70 13.91
C ARG A 37 -11.91 -12.99 13.30
N SER A 38 -13.21 -13.06 13.03
CA SER A 38 -13.84 -14.18 12.28
C SER A 38 -13.34 -14.27 10.82
N LEU A 39 -12.92 -13.15 10.23
CA LEU A 39 -12.23 -13.06 8.94
C LEU A 39 -10.69 -13.20 9.04
N GLY A 40 -10.17 -13.56 10.23
CA GLY A 40 -8.74 -13.77 10.49
C GLY A 40 -7.91 -12.49 10.73
N GLN A 41 -8.54 -11.31 10.73
CA GLN A 41 -7.89 -10.02 10.99
C GLN A 41 -8.15 -9.59 12.44
N ASN A 42 -7.10 -9.44 13.24
CA ASN A 42 -7.20 -8.99 14.64
C ASN A 42 -6.75 -7.51 14.78
N PRO A 43 -7.69 -6.53 14.66
CA PRO A 43 -7.39 -5.11 14.75
C PRO A 43 -7.09 -4.66 16.20
N THR A 44 -6.42 -3.51 16.35
CA THR A 44 -6.20 -2.83 17.64
C THR A 44 -7.45 -2.05 18.08
N GLU A 45 -7.67 -1.86 19.40
CA GLU A 45 -8.86 -1.14 19.92
C GLU A 45 -8.90 0.34 19.48
N ALA A 46 -7.75 1.02 19.47
CA ALA A 46 -7.62 2.39 18.96
C ALA A 46 -7.79 2.48 17.42
N GLU A 47 -7.40 1.43 16.69
CA GLU A 47 -7.60 1.30 15.23
C GLU A 47 -9.08 1.11 14.89
N LEU A 48 -9.80 0.27 15.65
CA LEU A 48 -11.26 0.15 15.58
C LEU A 48 -11.93 1.50 15.86
N GLN A 49 -11.54 2.18 16.95
CA GLN A 49 -12.08 3.49 17.32
C GLN A 49 -11.85 4.55 16.23
N ASP A 50 -10.70 4.56 15.56
CA ASP A 50 -10.39 5.46 14.45
C ASP A 50 -11.29 5.22 13.22
N MET A 51 -11.55 3.95 12.85
CA MET A 51 -12.49 3.60 11.78
C MET A 51 -13.95 3.92 12.17
N ILE A 52 -14.35 3.64 13.42
CA ILE A 52 -15.69 3.93 13.94
C ILE A 52 -15.97 5.45 14.03
N ASN A 53 -14.96 6.30 14.24
CA ASN A 53 -15.15 7.75 14.22
C ASN A 53 -15.65 8.29 12.85
N GLU A 54 -15.38 7.59 11.74
CA GLU A 54 -15.96 7.87 10.42
C GLU A 54 -17.26 7.09 10.17
N VAL A 55 -17.24 5.77 10.46
CA VAL A 55 -18.34 4.84 10.15
C VAL A 55 -19.59 5.07 11.03
N ASP A 56 -19.40 5.46 12.29
CA ASP A 56 -20.45 5.81 13.26
C ASP A 56 -20.37 7.29 13.68
N ALA A 57 -20.22 8.20 12.72
CA ALA A 57 -20.07 9.64 12.98
C ALA A 57 -21.25 10.26 13.76
N ASP A 58 -22.45 9.67 13.66
CA ASP A 58 -23.65 10.09 14.41
C ASP A 58 -23.77 9.47 15.82
N GLY A 59 -22.88 8.55 16.21
CA GLY A 59 -22.78 8.00 17.58
C GLY A 59 -23.91 7.03 17.97
N ASN A 60 -24.35 6.18 17.06
CA ASN A 60 -25.41 5.18 17.27
C ASN A 60 -24.94 3.95 18.08
N GLY A 61 -23.63 3.69 18.11
CA GLY A 61 -23.01 2.47 18.62
C GLY A 61 -23.25 1.24 17.74
N THR A 62 -23.64 1.44 16.47
CA THR A 62 -23.98 0.38 15.50
C THR A 62 -23.45 0.67 14.10
N ILE A 63 -23.39 -0.38 13.28
CA ILE A 63 -22.81 -0.42 11.93
C ILE A 63 -23.70 -1.27 11.02
N ASP A 64 -23.95 -0.82 9.79
CA ASP A 64 -24.64 -1.62 8.77
C ASP A 64 -23.65 -2.43 7.92
N PHE A 65 -24.10 -3.54 7.32
CA PHE A 65 -23.29 -4.35 6.39
C PHE A 65 -22.49 -3.54 5.34
N PRO A 66 -23.08 -2.59 4.58
CA PRO A 66 -22.34 -1.80 3.60
C PRO A 66 -21.37 -0.78 4.25
N GLU A 67 -21.66 -0.30 5.45
CA GLU A 67 -20.75 0.58 6.21
C GLU A 67 -19.56 -0.19 6.81
N PHE A 68 -19.72 -1.50 7.06
CA PHE A 68 -18.60 -2.39 7.39
C PHE A 68 -17.74 -2.66 6.16
N LEU A 69 -18.34 -2.99 5.01
CA LEU A 69 -17.58 -3.21 3.76
C LEU A 69 -16.83 -1.95 3.31
N THR A 70 -17.37 -0.77 3.59
CA THR A 70 -16.72 0.54 3.42
C THR A 70 -15.32 0.59 4.07
N MET A 71 -15.15 0.05 5.29
CA MET A 71 -13.83 0.00 5.94
C MET A 71 -13.00 -1.21 5.50
N MET A 72 -13.63 -2.36 5.24
CA MET A 72 -12.93 -3.56 4.76
C MET A 72 -12.28 -3.33 3.39
N ALA A 73 -12.87 -2.48 2.53
CA ALA A 73 -12.24 -2.03 1.28
C ALA A 73 -10.84 -1.43 1.51
N ARG A 74 -10.70 -0.56 2.52
CA ARG A 74 -9.42 0.08 2.90
C ARG A 74 -8.44 -0.91 3.54
N LYS A 75 -8.94 -1.71 4.50
CA LYS A 75 -8.18 -2.78 5.18
C LYS A 75 -7.72 -3.90 4.22
N MET A 76 -8.34 -4.04 3.06
CA MET A 76 -7.90 -4.92 1.96
C MET A 76 -6.93 -4.23 0.99
N LYS A 77 -7.30 -3.06 0.44
CA LYS A 77 -6.60 -2.42 -0.70
C LYS A 77 -5.64 -1.25 -0.37
N ASP A 78 -5.45 -0.89 0.91
CA ASP A 78 -4.67 0.32 1.29
C ASP A 78 -3.74 0.12 2.52
N THR A 79 -3.31 -1.10 2.82
CA THR A 79 -2.40 -1.42 3.94
C THR A 79 -0.93 -1.04 3.68
N ASP A 80 -0.52 -0.92 2.41
CA ASP A 80 0.83 -0.55 1.94
C ASP A 80 1.14 0.95 2.13
N SER A 81 1.04 1.43 3.37
CA SER A 81 1.37 2.79 3.83
C SER A 81 2.89 3.00 3.99
N GLU A 82 3.35 4.25 3.91
CA GLU A 82 4.77 4.62 3.96
C GLU A 82 5.50 4.13 5.23
N GLU A 83 4.95 4.39 6.42
CA GLU A 83 5.55 3.92 7.68
C GLU A 83 5.43 2.39 7.86
N GLU A 84 4.40 1.76 7.29
CA GLU A 84 4.26 0.30 7.27
C GLU A 84 5.37 -0.35 6.46
N ILE A 85 5.64 0.17 5.26
CA ILE A 85 6.75 -0.22 4.39
C ILE A 85 8.09 -0.04 5.13
N ARG A 86 8.29 1.13 5.77
CA ARG A 86 9.55 1.46 6.46
C ARG A 86 9.83 0.51 7.65
N GLU A 87 8.82 0.17 8.43
CA GLU A 87 8.91 -0.84 9.51
C GLU A 87 9.14 -2.27 8.96
N ALA A 88 8.40 -2.65 7.92
CA ALA A 88 8.55 -3.93 7.23
C ALA A 88 9.89 -4.08 6.49
N PHE A 89 10.56 -2.98 6.14
CA PHE A 89 11.93 -3.00 5.66
C PHE A 89 12.92 -3.18 6.80
N ARG A 90 12.73 -2.48 7.93
CA ARG A 90 13.67 -2.49 9.06
C ARG A 90 13.84 -3.87 9.72
N VAL A 91 12.86 -4.77 9.59
CA VAL A 91 12.99 -6.20 9.97
C VAL A 91 13.91 -7.00 9.03
N PHE A 92 14.17 -6.54 7.80
CA PHE A 92 15.15 -7.14 6.88
C PHE A 92 16.53 -6.46 6.94
N ASP A 93 16.60 -5.21 7.41
CA ASP A 93 17.85 -4.45 7.59
C ASP A 93 18.80 -5.16 8.57
N LYS A 94 19.92 -5.67 8.04
CA LYS A 94 20.90 -6.50 8.76
C LYS A 94 21.98 -5.72 9.53
N ASP A 95 21.95 -4.38 9.50
CA ASP A 95 22.86 -3.50 10.27
C ASP A 95 22.14 -2.46 11.16
N GLY A 96 20.84 -2.21 10.92
CA GLY A 96 20.06 -1.11 11.52
C GLY A 96 20.35 0.26 10.87
N ASN A 97 21.10 0.28 9.77
CA ASN A 97 21.67 1.48 9.13
C ASN A 97 20.69 2.23 8.19
N GLY A 98 19.45 1.76 8.00
CA GLY A 98 18.48 2.37 7.09
C GLY A 98 18.61 1.88 5.63
N TYR A 99 19.23 0.71 5.44
CA TYR A 99 19.45 0.07 4.14
C TYR A 99 19.37 -1.47 4.25
N ILE A 100 19.20 -2.16 3.12
CA ILE A 100 19.13 -3.62 3.00
C ILE A 100 20.11 -4.06 1.89
N SER A 101 20.78 -5.20 2.00
CA SER A 101 21.66 -5.65 0.90
C SER A 101 20.85 -6.04 -0.34
N ALA A 102 21.41 -5.86 -1.54
CA ALA A 102 20.73 -6.25 -2.78
C ALA A 102 20.40 -7.75 -2.81
N ALA A 103 21.31 -8.58 -2.29
CA ALA A 103 21.08 -10.02 -2.12
C ALA A 103 19.99 -10.32 -1.08
N GLU A 104 19.95 -9.59 0.04
CA GLU A 104 18.96 -9.77 1.10
C GLU A 104 17.55 -9.35 0.66
N LEU A 105 17.40 -8.22 -0.04
CA LEU A 105 16.09 -7.79 -0.54
C LEU A 105 15.61 -8.67 -1.69
N ARG A 106 16.50 -9.07 -2.63
CA ARG A 106 16.16 -10.07 -3.67
C ARG A 106 15.74 -11.41 -3.06
N HIS A 107 16.44 -11.86 -2.00
CA HIS A 107 16.04 -13.05 -1.24
C HIS A 107 14.62 -12.89 -0.70
N VAL A 108 14.35 -11.92 0.18
CA VAL A 108 13.04 -11.84 0.83
C VAL A 108 11.89 -11.56 -0.15
N MET A 109 12.13 -10.79 -1.21
CA MET A 109 11.13 -10.55 -2.27
C MET A 109 10.86 -11.76 -3.19
N THR A 110 11.67 -12.82 -3.12
CA THR A 110 11.47 -14.08 -3.87
C THR A 110 11.41 -15.33 -2.99
N ASN A 111 11.58 -15.18 -1.69
CA ASN A 111 11.35 -16.19 -0.65
C ASN A 111 9.97 -16.03 0.00
N LEU A 112 9.55 -14.79 0.25
CA LEU A 112 8.37 -14.43 1.04
C LEU A 112 7.39 -13.57 0.25
N GLY A 113 6.14 -13.55 0.72
CA GLY A 113 5.03 -12.93 -0.01
C GLY A 113 4.64 -13.67 -1.30
N GLU A 114 4.14 -12.89 -2.26
CA GLU A 114 3.65 -13.35 -3.57
C GLU A 114 4.77 -13.82 -4.52
N LYS A 115 6.03 -13.48 -4.20
CA LYS A 115 7.30 -13.84 -4.88
C LYS A 115 7.40 -13.24 -6.30
N LEU A 116 8.26 -12.23 -6.46
CA LEU A 116 8.46 -11.50 -7.72
C LEU A 116 9.10 -12.36 -8.81
N THR A 117 8.88 -12.00 -10.08
CA THR A 117 9.61 -12.57 -11.23
C THR A 117 11.08 -12.18 -11.18
N ASP A 118 11.97 -12.94 -11.83
CA ASP A 118 13.41 -12.69 -11.90
C ASP A 118 13.78 -11.28 -12.40
N GLU A 119 13.15 -10.84 -13.49
CA GLU A 119 13.34 -9.48 -14.04
C GLU A 119 12.64 -8.40 -13.21
N GLU A 120 11.56 -8.75 -12.51
CA GLU A 120 10.77 -7.84 -11.67
C GLU A 120 11.49 -7.52 -10.35
N VAL A 121 12.15 -8.50 -9.73
CA VAL A 121 13.01 -8.29 -8.56
C VAL A 121 14.35 -7.62 -8.95
N ASP A 122 14.89 -7.90 -10.14
CA ASP A 122 16.08 -7.19 -10.64
C ASP A 122 15.79 -5.71 -10.95
N GLU A 123 14.59 -5.40 -11.46
CA GLU A 123 14.11 -4.02 -11.63
C GLU A 123 14.03 -3.27 -10.29
N MET A 124 13.72 -3.96 -9.19
CA MET A 124 13.78 -3.39 -7.85
C MET A 124 15.23 -3.02 -7.52
N ILE A 125 16.18 -3.96 -7.62
CA ILE A 125 17.59 -3.68 -7.29
C ILE A 125 18.13 -2.51 -8.13
N ARG A 126 17.78 -2.43 -9.43
CA ARG A 126 18.25 -1.38 -10.35
C ARG A 126 17.97 0.05 -9.87
N GLU A 127 16.87 0.28 -9.14
CA GLU A 127 16.47 1.59 -8.61
C GLU A 127 16.60 1.72 -7.08
N ALA A 128 16.55 0.61 -6.35
CA ALA A 128 16.70 0.53 -4.90
C ALA A 128 18.19 0.60 -4.47
N ASP A 129 19.13 0.03 -5.23
CA ASP A 129 20.58 0.17 -5.08
C ASP A 129 21.07 1.53 -5.62
N ILE A 130 20.58 2.62 -4.99
CA ILE A 130 20.87 4.00 -5.39
C ILE A 130 22.37 4.36 -5.31
N ASP A 131 23.13 3.67 -4.46
CA ASP A 131 24.59 3.80 -4.36
C ASP A 131 25.36 3.02 -5.46
N GLY A 132 24.69 2.11 -6.17
CA GLY A 132 25.27 1.29 -7.24
C GLY A 132 26.35 0.30 -6.77
N ASP A 133 26.22 -0.24 -5.55
CA ASP A 133 27.24 -1.06 -4.87
C ASP A 133 26.66 -2.31 -4.16
N GLY A 134 25.50 -2.79 -4.60
CA GLY A 134 24.78 -3.92 -3.98
C GLY A 134 24.17 -3.59 -2.62
N GLN A 135 23.91 -2.32 -2.35
CA GLN A 135 23.39 -1.80 -1.08
C GLN A 135 22.12 -0.99 -1.36
N VAL A 136 20.97 -1.69 -1.37
CA VAL A 136 19.66 -1.06 -1.53
C VAL A 136 19.38 -0.13 -0.35
N ASN A 137 19.13 1.15 -0.62
CA ASN A 137 18.71 2.08 0.43
C ASN A 137 17.19 2.17 0.49
N TYR A 138 16.60 1.41 1.42
CA TYR A 138 15.16 1.34 1.55
C TYR A 138 14.55 2.66 2.10
N GLU A 139 15.29 3.47 2.86
CA GLU A 139 14.83 4.78 3.34
C GLU A 139 14.60 5.77 2.17
N GLU A 140 15.41 5.71 1.12
CA GLU A 140 15.16 6.43 -0.14
C GLU A 140 14.05 5.75 -0.97
N PHE A 141 14.08 4.41 -1.05
CA PHE A 141 13.15 3.61 -1.84
C PHE A 141 11.70 3.74 -1.37
N VAL A 142 11.42 3.67 -0.05
CA VAL A 142 10.06 3.81 0.50
C VAL A 142 9.43 5.16 0.14
N GLN A 143 10.22 6.24 0.13
CA GLN A 143 9.76 7.58 -0.26
C GLN A 143 9.44 7.66 -1.76
N MET A 144 10.28 7.08 -2.63
CA MET A 144 10.01 6.98 -4.07
C MET A 144 8.79 6.10 -4.38
N MET A 145 8.73 4.93 -3.76
CA MET A 145 7.74 3.87 -4.00
C MET A 145 6.32 4.30 -3.58
N THR A 146 6.21 5.23 -2.62
CA THR A 146 4.94 5.85 -2.18
C THR A 146 4.67 7.25 -2.77
N ALA A 147 5.58 7.80 -3.58
CA ALA A 147 5.44 9.15 -4.15
C ALA A 147 4.27 9.28 -5.15
N LYS A 148 3.79 10.53 -5.32
CA LYS A 148 2.72 10.93 -6.26
C LYS A 148 3.02 10.54 -7.73
N GLY B 1 16.81 -21.51 15.34
CA GLY B 1 16.51 -21.01 13.98
C GLY B 1 15.71 -19.71 14.00
N PRO B 2 15.13 -19.29 12.87
CA PRO B 2 14.47 -17.98 12.71
C PRO B 2 13.04 -17.90 13.30
N GLY B 3 12.54 -18.93 14.00
CA GLY B 3 11.16 -19.02 14.51
C GLY B 3 10.69 -17.83 15.37
N SER B 4 11.61 -17.14 16.05
CA SER B 4 11.35 -15.92 16.83
C SER B 4 11.08 -14.65 15.99
N LYS B 5 11.12 -14.76 14.65
CA LYS B 5 11.05 -13.65 13.68
C LYS B 5 10.27 -14.00 12.41
N ARG B 6 10.36 -15.24 11.93
CA ARG B 6 9.87 -15.72 10.62
C ARG B 6 8.39 -15.38 10.34
N LYS B 7 7.55 -15.43 11.38
CA LYS B 7 6.12 -15.07 11.32
C LYS B 7 5.86 -13.62 10.89
N GLN B 8 6.70 -12.68 11.34
CA GLN B 8 6.66 -11.27 10.89
C GLN B 8 7.44 -11.07 9.59
N GLU B 9 8.61 -11.70 9.45
CA GLU B 9 9.47 -11.61 8.25
C GLU B 9 8.70 -11.94 6.96
N GLU B 10 7.91 -13.02 6.98
CA GLU B 10 7.17 -13.50 5.81
C GLU B 10 6.04 -12.54 5.35
N VAL B 11 5.52 -11.73 6.26
CA VAL B 11 4.34 -10.85 6.02
C VAL B 11 4.74 -9.39 5.82
N SER B 12 5.86 -8.98 6.43
CA SER B 12 6.51 -7.69 6.18
C SER B 12 6.89 -7.56 4.70
N ALA B 13 7.35 -8.65 4.09
CA ALA B 13 7.67 -8.70 2.67
C ALA B 13 6.45 -8.30 1.82
N ILE B 14 5.24 -8.75 2.17
CA ILE B 14 4.01 -8.49 1.40
C ILE B 14 3.67 -7.00 1.31
N ILE B 15 3.89 -6.25 2.39
CA ILE B 15 3.69 -4.79 2.44
C ILE B 15 4.57 -4.08 1.41
N ILE B 16 5.84 -4.50 1.29
CA ILE B 16 6.79 -4.00 0.29
C ILE B 16 6.42 -4.51 -1.12
N GLN B 17 5.99 -5.78 -1.28
CA GLN B 17 5.60 -6.36 -2.57
C GLN B 17 4.44 -5.59 -3.22
N ARG B 18 3.41 -5.28 -2.41
CA ARG B 18 2.27 -4.45 -2.80
C ARG B 18 2.73 -3.07 -3.25
N ALA B 19 3.49 -2.38 -2.42
CA ALA B 19 4.03 -1.04 -2.71
C ALA B 19 4.92 -1.00 -3.96
N TYR B 20 5.74 -2.03 -4.15
CA TYR B 20 6.61 -2.15 -5.31
C TYR B 20 5.81 -2.26 -6.61
N ARG B 21 4.90 -3.24 -6.67
CA ARG B 21 4.08 -3.49 -7.86
C ARG B 21 3.07 -2.35 -8.11
N ARG B 22 2.66 -1.61 -7.07
CA ARG B 22 1.91 -0.33 -7.16
C ARG B 22 2.73 0.75 -7.85
N TYR B 23 3.99 0.92 -7.45
CA TYR B 23 4.95 1.82 -8.11
C TYR B 23 5.23 1.38 -9.57
N LEU B 24 5.30 0.08 -9.84
CA LEU B 24 5.43 -0.43 -11.21
C LEU B 24 4.21 -0.14 -12.08
N LEU B 25 3.00 -0.14 -11.52
CA LEU B 25 1.78 0.31 -12.21
C LEU B 25 1.78 1.83 -12.46
N LYS B 26 2.40 2.63 -11.57
CA LYS B 26 2.65 4.07 -11.82
C LYS B 26 3.64 4.29 -12.96
N GLN B 27 4.71 3.48 -13.00
CA GLN B 27 5.68 3.40 -14.10
C GLN B 27 5.12 2.73 -15.38
N LYS B 28 3.95 2.09 -15.29
CA LYS B 28 3.21 1.40 -16.38
C LYS B 28 3.99 0.26 -17.06
N VAL B 29 4.94 -0.36 -16.34
CA VAL B 29 5.75 -1.50 -16.83
C VAL B 29 5.05 -2.83 -16.58
N LYS B 30 4.96 -3.69 -17.61
CA LYS B 30 4.27 -4.99 -17.59
C LYS B 30 4.98 -6.02 -18.49
N LYS B 31 4.89 -7.30 -18.11
CA LYS B 31 5.30 -8.46 -18.92
C LYS B 31 4.24 -8.85 -19.97
N ALA A 1 -10.07 4.86 -0.08
CA ALA A 1 -11.44 5.41 -0.16
C ALA A 1 -12.49 4.35 0.17
N ASP A 2 -13.69 4.76 0.59
CA ASP A 2 -14.84 3.88 0.87
C ASP A 2 -15.61 3.46 -0.40
N GLN A 3 -15.49 4.20 -1.51
CA GLN A 3 -16.07 3.87 -2.81
C GLN A 3 -15.28 2.77 -3.54
N LEU A 4 -15.99 1.87 -4.23
CA LEU A 4 -15.43 0.90 -5.16
C LEU A 4 -15.65 1.35 -6.62
N THR A 5 -14.65 1.13 -7.47
CA THR A 5 -14.78 1.28 -8.94
C THR A 5 -15.34 -0.01 -9.54
N GLU A 6 -15.93 0.06 -10.74
CA GLU A 6 -16.58 -1.08 -11.41
C GLU A 6 -15.67 -2.32 -11.56
N GLU A 7 -14.35 -2.14 -11.68
CA GLU A 7 -13.36 -3.23 -11.74
C GLU A 7 -13.27 -4.03 -10.42
N GLN A 8 -13.41 -3.36 -9.27
CA GLN A 8 -13.52 -4.03 -7.97
C GLN A 8 -14.91 -4.66 -7.79
N ILE A 9 -15.96 -3.92 -8.14
CA ILE A 9 -17.37 -4.34 -7.95
C ILE A 9 -17.65 -5.64 -8.73
N ALA A 10 -17.20 -5.73 -9.98
CA ALA A 10 -17.40 -6.92 -10.83
C ALA A 10 -16.65 -8.18 -10.32
N GLU A 11 -15.47 -8.01 -9.71
CA GLU A 11 -14.73 -9.11 -9.06
C GLU A 11 -15.45 -9.59 -7.78
N PHE A 12 -15.89 -8.65 -6.95
CA PHE A 12 -16.68 -8.94 -5.74
C PHE A 12 -18.03 -9.58 -6.08
N LYS A 13 -18.67 -9.19 -7.19
CA LYS A 13 -19.95 -9.72 -7.70
C LYS A 13 -19.91 -11.25 -7.83
N GLU A 14 -18.88 -11.78 -8.49
CA GLU A 14 -18.68 -13.22 -8.68
C GLU A 14 -18.40 -13.93 -7.36
N ALA A 15 -17.45 -13.44 -6.57
CA ALA A 15 -17.09 -14.01 -5.26
C ALA A 15 -18.24 -14.00 -4.25
N PHE A 16 -19.12 -13.01 -4.29
CA PHE A 16 -20.30 -12.96 -3.44
C PHE A 16 -21.40 -13.92 -3.91
N SER A 17 -21.73 -13.90 -5.21
CA SER A 17 -22.72 -14.80 -5.83
C SER A 17 -22.33 -16.29 -5.69
N LEU A 18 -21.03 -16.58 -5.53
CA LEU A 18 -20.48 -17.91 -5.24
C LEU A 18 -21.08 -18.59 -3.99
N PHE A 19 -21.68 -17.81 -3.10
CA PHE A 19 -22.29 -18.27 -1.84
C PHE A 19 -23.71 -17.71 -1.62
N ASP A 20 -24.32 -17.09 -2.64
CA ASP A 20 -25.63 -16.45 -2.52
C ASP A 20 -26.73 -17.50 -2.26
N LYS A 21 -27.51 -17.28 -1.19
CA LYS A 21 -28.48 -18.23 -0.63
C LYS A 21 -29.71 -18.50 -1.49
N ASP A 22 -30.08 -17.60 -2.40
CA ASP A 22 -31.30 -17.70 -3.25
C ASP A 22 -31.13 -17.21 -4.70
N GLY A 23 -30.02 -16.54 -5.03
CA GLY A 23 -29.83 -15.80 -6.29
C GLY A 23 -30.41 -14.37 -6.23
N ASP A 24 -30.85 -13.93 -5.06
CA ASP A 24 -31.48 -12.61 -4.81
C ASP A 24 -30.48 -11.49 -4.46
N GLY A 25 -29.17 -11.76 -4.47
CA GLY A 25 -28.13 -10.78 -4.17
C GLY A 25 -27.74 -10.71 -2.68
N THR A 26 -27.85 -11.82 -1.93
CA THR A 26 -27.52 -11.87 -0.48
C THR A 26 -26.78 -13.17 -0.08
N ILE A 27 -25.92 -13.10 0.93
CA ILE A 27 -25.24 -14.25 1.59
C ILE A 27 -25.63 -14.32 3.08
N THR A 28 -25.29 -15.40 3.77
CA THR A 28 -25.40 -15.46 5.24
C THR A 28 -24.18 -14.86 5.93
N THR A 29 -24.36 -14.47 7.19
CA THR A 29 -23.29 -14.01 8.09
C THR A 29 -22.23 -15.10 8.36
N LYS A 30 -22.58 -16.38 8.19
CA LYS A 30 -21.65 -17.52 8.30
C LYS A 30 -20.73 -17.67 7.08
N GLU A 31 -21.26 -17.50 5.86
CA GLU A 31 -20.46 -17.60 4.62
C GLU A 31 -19.57 -16.38 4.35
N LEU A 32 -19.78 -15.24 5.02
CA LEU A 32 -19.03 -13.98 4.79
C LEU A 32 -17.52 -14.21 4.70
N GLY A 33 -16.91 -14.76 5.76
CA GLY A 33 -15.46 -14.98 5.80
C GLY A 33 -14.96 -15.98 4.75
N THR A 34 -15.82 -16.91 4.31
CA THR A 34 -15.54 -17.83 3.21
C THR A 34 -15.48 -17.09 1.87
N VAL A 35 -16.36 -16.13 1.62
CA VAL A 35 -16.30 -15.27 0.41
C VAL A 35 -15.14 -14.26 0.48
N MET A 36 -14.75 -13.78 1.67
CA MET A 36 -13.51 -13.00 1.85
C MET A 36 -12.27 -13.85 1.50
N ARG A 37 -12.22 -15.11 1.94
CA ARG A 37 -11.13 -16.06 1.62
C ARG A 37 -11.06 -16.39 0.12
N SER A 38 -12.20 -16.45 -0.56
CA SER A 38 -12.28 -16.54 -2.03
C SER A 38 -11.64 -15.32 -2.72
N LEU A 39 -11.79 -14.12 -2.14
CA LEU A 39 -11.10 -12.87 -2.52
C LEU A 39 -9.66 -12.75 -1.97
N GLY A 40 -9.11 -13.81 -1.36
CA GLY A 40 -7.74 -13.89 -0.86
C GLY A 40 -7.48 -13.22 0.50
N GLN A 41 -8.52 -12.71 1.18
CA GLN A 41 -8.42 -12.13 2.52
C GLN A 41 -8.94 -13.12 3.58
N ASN A 42 -8.13 -13.45 4.59
CA ASN A 42 -8.50 -14.39 5.65
C ASN A 42 -8.71 -13.67 6.99
N PRO A 43 -9.94 -13.18 7.27
CA PRO A 43 -10.27 -12.45 8.50
C PRO A 43 -10.31 -13.36 9.75
N THR A 44 -10.04 -12.77 10.91
CA THR A 44 -10.23 -13.41 12.23
C THR A 44 -11.73 -13.51 12.56
N GLU A 45 -12.15 -14.50 13.35
CA GLU A 45 -13.55 -14.62 13.80
C GLU A 45 -14.04 -13.40 14.60
N ALA A 46 -13.15 -12.79 15.40
CA ALA A 46 -13.41 -11.53 16.11
C ALA A 46 -13.62 -10.35 15.16
N GLU A 47 -12.82 -10.24 14.09
CA GLU A 47 -13.01 -9.22 13.04
C GLU A 47 -14.35 -9.41 12.33
N LEU A 48 -14.71 -10.66 11.97
CA LEU A 48 -16.00 -10.95 11.32
C LEU A 48 -17.17 -10.53 12.22
N GLN A 49 -17.18 -10.89 13.50
CA GLN A 49 -18.23 -10.45 14.42
C GLN A 49 -18.28 -8.92 14.59
N ASP A 50 -17.12 -8.25 14.65
CA ASP A 50 -17.04 -6.78 14.73
C ASP A 50 -17.56 -6.08 13.46
N MET A 51 -17.29 -6.62 12.26
CA MET A 51 -17.86 -6.13 11.00
C MET A 51 -19.36 -6.44 10.90
N ILE A 52 -19.79 -7.64 11.31
CA ILE A 52 -21.20 -8.05 11.25
C ILE A 52 -22.07 -7.34 12.28
N ASN A 53 -21.50 -6.80 13.36
CA ASN A 53 -22.23 -5.89 14.25
C ASN A 53 -22.82 -4.69 13.48
N GLU A 54 -22.15 -4.28 12.38
CA GLU A 54 -22.61 -3.23 11.49
C GLU A 54 -23.50 -3.76 10.34
N VAL A 55 -23.10 -4.84 9.65
CA VAL A 55 -23.87 -5.38 8.50
C VAL A 55 -25.13 -6.19 8.86
N ASP A 56 -25.30 -6.61 10.11
CA ASP A 56 -26.49 -7.32 10.59
C ASP A 56 -26.93 -6.86 12.00
N ALA A 57 -27.09 -5.55 12.18
CA ALA A 57 -27.63 -4.97 13.41
C ALA A 57 -29.05 -5.45 13.76
N ASP A 58 -29.83 -5.91 12.76
CA ASP A 58 -31.16 -6.50 12.93
C ASP A 58 -31.14 -7.97 13.41
N GLY A 59 -30.00 -8.66 13.31
CA GLY A 59 -29.84 -10.07 13.70
C GLY A 59 -30.55 -11.08 12.79
N ASN A 60 -30.73 -10.78 11.50
CA ASN A 60 -31.42 -11.63 10.53
C ASN A 60 -30.56 -12.83 10.03
N GLY A 61 -29.24 -12.77 10.22
CA GLY A 61 -28.28 -13.77 9.76
C GLY A 61 -27.89 -13.64 8.28
N THR A 62 -28.15 -12.49 7.65
CA THR A 62 -27.90 -12.23 6.21
C THR A 62 -27.24 -10.88 5.93
N ILE A 63 -26.61 -10.78 4.75
CA ILE A 63 -25.86 -9.62 4.24
C ILE A 63 -26.19 -9.45 2.75
N ASP A 64 -26.41 -8.23 2.27
CA ASP A 64 -26.60 -7.95 0.84
C ASP A 64 -25.26 -7.69 0.12
N PHE A 65 -25.23 -7.88 -1.20
CA PHE A 65 -24.06 -7.59 -2.03
C PHE A 65 -23.44 -6.20 -1.76
N PRO A 66 -24.18 -5.08 -1.85
CA PRO A 66 -23.62 -3.75 -1.60
C PRO A 66 -23.31 -3.50 -0.11
N GLU A 67 -23.93 -4.23 0.81
CA GLU A 67 -23.60 -4.18 2.23
C GLU A 67 -22.23 -4.83 2.51
N PHE A 68 -21.93 -5.97 1.87
CA PHE A 68 -20.62 -6.63 1.98
C PHE A 68 -19.47 -5.75 1.48
N LEU A 69 -19.67 -5.02 0.37
CA LEU A 69 -18.62 -4.18 -0.22
C LEU A 69 -18.12 -3.08 0.73
N THR A 70 -18.95 -2.65 1.69
CA THR A 70 -18.59 -1.59 2.66
C THR A 70 -17.36 -1.94 3.49
N MET A 71 -17.21 -3.22 3.89
CA MET A 71 -16.01 -3.69 4.61
C MET A 71 -14.88 -4.04 3.64
N MET A 72 -15.18 -4.56 2.45
CA MET A 72 -14.17 -4.93 1.44
C MET A 72 -13.36 -3.73 0.93
N ALA A 73 -13.95 -2.53 0.92
CA ALA A 73 -13.22 -1.30 0.64
C ALA A 73 -12.05 -1.05 1.61
N ARG A 74 -12.23 -1.37 2.90
CA ARG A 74 -11.20 -1.30 3.96
C ARG A 74 -10.29 -2.53 4.01
N LYS A 75 -10.88 -3.73 3.93
CA LYS A 75 -10.21 -5.04 4.05
C LYS A 75 -9.48 -5.53 2.80
N MET A 76 -9.52 -4.77 1.70
CA MET A 76 -8.79 -5.06 0.46
C MET A 76 -7.27 -5.23 0.69
N LYS A 77 -6.62 -6.06 -0.13
CA LYS A 77 -5.17 -6.37 -0.08
C LYS A 77 -4.33 -5.22 -0.65
N ASP A 78 -4.29 -4.11 0.07
CA ASP A 78 -3.63 -2.86 -0.33
C ASP A 78 -2.93 -2.18 0.86
N THR A 79 -1.91 -2.87 1.39
CA THR A 79 -1.21 -2.57 2.65
C THR A 79 -0.01 -1.61 2.49
N ASP A 80 0.09 -0.87 1.38
CA ASP A 80 1.23 -0.02 0.99
C ASP A 80 1.41 1.29 1.79
N SER A 81 1.04 1.33 3.07
CA SER A 81 1.24 2.47 3.97
C SER A 81 2.74 2.77 4.20
N GLU A 82 3.12 4.05 4.16
CA GLU A 82 4.53 4.49 4.20
C GLU A 82 5.25 4.07 5.51
N GLU A 83 4.59 4.20 6.65
CA GLU A 83 5.12 3.75 7.95
C GLU A 83 5.22 2.22 8.03
N GLU A 84 4.26 1.51 7.42
CA GLU A 84 4.22 0.04 7.38
C GLU A 84 5.36 -0.53 6.54
N ILE A 85 5.62 0.08 5.37
CA ILE A 85 6.73 -0.29 4.49
C ILE A 85 8.07 -0.08 5.21
N ARG A 86 8.28 1.05 5.91
CA ARG A 86 9.50 1.27 6.71
C ARG A 86 9.67 0.23 7.81
N GLU A 87 8.60 -0.10 8.55
CA GLU A 87 8.64 -1.15 9.58
C GLU A 87 8.94 -2.54 8.99
N ALA A 88 8.32 -2.88 7.86
CA ALA A 88 8.55 -4.11 7.12
C ALA A 88 9.95 -4.20 6.48
N PHE A 89 10.56 -3.07 6.12
CA PHE A 89 11.96 -3.04 5.68
C PHE A 89 12.93 -3.19 6.86
N ARG A 90 12.67 -2.54 7.99
CA ARG A 90 13.54 -2.59 9.18
C ARG A 90 13.76 -4.02 9.73
N VAL A 91 12.80 -4.93 9.54
CA VAL A 91 12.96 -6.36 9.88
C VAL A 91 13.83 -7.16 8.90
N PHE A 92 14.16 -6.61 7.73
CA PHE A 92 15.16 -7.15 6.80
C PHE A 92 16.52 -6.44 6.89
N ASP A 93 16.59 -5.20 7.40
CA ASP A 93 17.83 -4.45 7.64
C ASP A 93 18.72 -5.21 8.64
N LYS A 94 19.90 -5.63 8.16
CA LYS A 94 20.85 -6.51 8.87
C LYS A 94 21.55 -5.83 10.06
N ASP A 95 21.67 -4.51 10.04
CA ASP A 95 22.49 -3.72 10.97
C ASP A 95 21.72 -2.62 11.72
N GLY A 96 20.51 -2.28 11.28
CA GLY A 96 19.76 -1.09 11.72
C GLY A 96 20.32 0.21 11.11
N ASN A 97 21.05 0.10 10.00
CA ASN A 97 21.79 1.19 9.35
C ASN A 97 20.93 2.06 8.40
N GLY A 98 19.64 1.74 8.21
CA GLY A 98 18.73 2.48 7.31
C GLY A 98 18.80 2.03 5.84
N TYR A 99 19.30 0.81 5.59
CA TYR A 99 19.46 0.21 4.27
C TYR A 99 19.38 -1.33 4.36
N ILE A 100 19.22 -1.99 3.22
CA ILE A 100 19.17 -3.46 3.08
C ILE A 100 20.15 -3.89 2.00
N SER A 101 20.90 -4.98 2.22
CA SER A 101 21.80 -5.49 1.17
C SER A 101 21.01 -5.99 -0.04
N ALA A 102 21.49 -5.74 -1.26
CA ALA A 102 20.74 -6.07 -2.48
C ALA A 102 20.40 -7.57 -2.58
N ALA A 103 21.34 -8.45 -2.23
CA ALA A 103 21.11 -9.90 -2.16
C ALA A 103 20.11 -10.29 -1.06
N GLU A 104 20.03 -9.54 0.04
CA GLU A 104 19.07 -9.79 1.13
C GLU A 104 17.65 -9.35 0.74
N LEU A 105 17.48 -8.18 0.10
CA LEU A 105 16.17 -7.77 -0.40
C LEU A 105 15.71 -8.67 -1.56
N ARG A 106 16.63 -9.07 -2.45
CA ARG A 106 16.36 -10.05 -3.52
C ARG A 106 15.98 -11.43 -2.96
N HIS A 107 16.59 -11.87 -1.86
CA HIS A 107 16.16 -13.07 -1.13
C HIS A 107 14.70 -12.92 -0.69
N VAL A 108 14.40 -11.97 0.19
CA VAL A 108 13.06 -11.89 0.81
C VAL A 108 11.96 -11.62 -0.21
N MET A 109 12.20 -10.76 -1.21
CA MET A 109 11.23 -10.48 -2.27
C MET A 109 10.96 -11.66 -3.21
N THR A 110 11.81 -12.69 -3.20
CA THR A 110 11.61 -13.94 -3.96
C THR A 110 11.44 -15.19 -3.08
N ASN A 111 11.42 -15.03 -1.75
CA ASN A 111 11.22 -16.11 -0.77
C ASN A 111 9.93 -15.95 0.06
N LEU A 112 9.48 -14.72 0.31
CA LEU A 112 8.37 -14.41 1.22
C LEU A 112 7.39 -13.45 0.54
N GLY A 113 6.10 -13.71 0.71
CA GLY A 113 5.03 -12.94 0.06
C GLY A 113 4.78 -13.29 -1.41
N GLU A 114 4.40 -12.29 -2.19
CA GLU A 114 3.87 -12.42 -3.57
C GLU A 114 4.90 -12.78 -4.66
N LYS A 115 6.14 -13.10 -4.28
CA LYS A 115 7.33 -13.46 -5.09
C LYS A 115 7.49 -12.60 -6.37
N LEU A 116 8.42 -11.64 -6.34
CA LEU A 116 8.85 -10.91 -7.54
C LEU A 116 9.52 -11.87 -8.55
N THR A 117 9.27 -11.67 -9.84
CA THR A 117 9.96 -12.40 -10.93
C THR A 117 11.45 -12.01 -10.97
N ASP A 118 12.31 -12.80 -11.61
CA ASP A 118 13.75 -12.50 -11.73
C ASP A 118 14.06 -11.10 -12.30
N GLU A 119 13.48 -10.72 -13.45
CA GLU A 119 13.65 -9.36 -13.99
C GLU A 119 12.90 -8.29 -13.18
N GLU A 120 11.87 -8.65 -12.42
CA GLU A 120 11.08 -7.73 -11.59
C GLU A 120 11.80 -7.36 -10.27
N VAL A 121 12.43 -8.35 -9.64
CA VAL A 121 13.29 -8.15 -8.46
C VAL A 121 14.61 -7.50 -8.86
N ASP A 122 15.14 -7.81 -10.05
CA ASP A 122 16.28 -7.08 -10.63
C ASP A 122 15.89 -5.62 -10.97
N GLU A 123 14.68 -5.38 -11.50
CA GLU A 123 14.15 -4.03 -11.69
C GLU A 123 14.10 -3.25 -10.36
N MET A 124 13.71 -3.92 -9.28
CA MET A 124 13.80 -3.36 -7.92
C MET A 124 15.24 -2.98 -7.58
N ILE A 125 16.24 -3.88 -7.67
CA ILE A 125 17.62 -3.52 -7.30
C ILE A 125 18.15 -2.32 -8.12
N ARG A 126 17.82 -2.23 -9.42
CA ARG A 126 18.23 -1.11 -10.31
C ARG A 126 17.80 0.28 -9.82
N GLU A 127 16.70 0.39 -9.06
CA GLU A 127 16.15 1.66 -8.55
C GLU A 127 16.14 1.78 -7.01
N ALA A 128 16.25 0.66 -6.29
CA ALA A 128 16.42 0.55 -4.84
C ALA A 128 17.89 0.77 -4.40
N ASP A 129 18.87 0.36 -5.21
CA ASP A 129 20.30 0.68 -5.00
C ASP A 129 20.65 2.09 -5.53
N ILE A 130 21.45 2.83 -4.75
CA ILE A 130 21.92 4.19 -5.07
C ILE A 130 22.85 4.22 -6.31
N ASP A 131 23.75 3.23 -6.46
CA ASP A 131 24.78 3.23 -7.51
C ASP A 131 25.11 1.85 -8.12
N GLY A 132 24.54 0.76 -7.60
CA GLY A 132 24.70 -0.61 -8.09
C GLY A 132 25.78 -1.44 -7.38
N ASP A 133 26.41 -0.94 -6.31
CA ASP A 133 27.43 -1.67 -5.53
C ASP A 133 26.86 -2.84 -4.67
N GLY A 134 25.54 -3.04 -4.65
CA GLY A 134 24.85 -4.11 -3.92
C GLY A 134 24.23 -3.65 -2.59
N GLN A 135 23.90 -2.37 -2.45
CA GLN A 135 23.32 -1.76 -1.25
C GLN A 135 22.02 -1.00 -1.60
N VAL A 136 20.86 -1.61 -1.36
CA VAL A 136 19.56 -0.95 -1.48
C VAL A 136 19.33 0.00 -0.30
N ASN A 137 18.99 1.25 -0.57
CA ASN A 137 18.55 2.17 0.49
C ASN A 137 17.02 2.23 0.54
N TYR A 138 16.45 1.49 1.49
CA TYR A 138 15.01 1.37 1.62
C TYR A 138 14.33 2.66 2.12
N GLU A 139 15.04 3.54 2.85
CA GLU A 139 14.48 4.82 3.32
C GLU A 139 14.25 5.81 2.16
N GLU A 140 15.07 5.77 1.12
CA GLU A 140 14.82 6.48 -0.15
C GLU A 140 13.73 5.74 -0.95
N PHE A 141 13.80 4.41 -1.01
CA PHE A 141 12.91 3.57 -1.81
C PHE A 141 11.44 3.63 -1.37
N VAL A 142 11.17 3.59 -0.06
CA VAL A 142 9.80 3.72 0.51
C VAL A 142 9.16 5.05 0.14
N GLN A 143 9.90 6.15 0.23
CA GLN A 143 9.43 7.48 -0.18
C GLN A 143 9.20 7.56 -1.69
N MET A 144 10.06 6.94 -2.50
CA MET A 144 9.87 6.85 -3.96
C MET A 144 8.63 6.03 -4.35
N MET A 145 8.41 4.86 -3.75
CA MET A 145 7.27 4.00 -4.05
C MET A 145 5.93 4.65 -3.67
N THR A 146 5.87 5.27 -2.48
CA THR A 146 4.65 5.90 -1.94
C THR A 146 4.35 7.29 -2.51
N ALA A 147 5.30 7.94 -3.20
CA ALA A 147 5.09 9.22 -3.88
C ALA A 147 4.00 9.14 -4.97
N LYS A 148 3.26 10.24 -5.15
CA LYS A 148 2.16 10.43 -6.12
C LYS A 148 1.08 9.34 -6.03
N GLY B 1 7.48 -16.73 24.22
CA GLY B 1 6.44 -17.10 23.23
C GLY B 1 7.03 -17.84 22.04
N PRO B 2 6.30 -18.78 21.42
CA PRO B 2 6.79 -19.58 20.30
C PRO B 2 7.00 -18.77 19.00
N GLY B 3 8.00 -19.18 18.20
CA GLY B 3 8.38 -18.54 16.93
C GLY B 3 9.18 -17.25 17.10
N SER B 4 10.25 -17.08 16.31
CA SER B 4 11.10 -15.89 16.27
C SER B 4 10.46 -14.71 15.50
N LYS B 5 11.26 -13.70 15.15
CA LYS B 5 10.91 -12.60 14.24
C LYS B 5 10.56 -13.06 12.80
N ARG B 6 10.76 -14.35 12.47
CA ARG B 6 10.29 -14.99 11.23
C ARG B 6 8.78 -14.78 10.98
N LYS B 7 7.98 -14.70 12.04
CA LYS B 7 6.52 -14.44 11.98
C LYS B 7 6.19 -13.12 11.29
N GLN B 8 6.93 -12.05 11.63
CA GLN B 8 6.80 -10.73 10.99
C GLN B 8 7.53 -10.67 9.64
N GLU B 9 8.71 -11.27 9.53
CA GLU B 9 9.55 -11.27 8.31
C GLU B 9 8.76 -11.73 7.06
N GLU B 10 7.97 -12.79 7.19
CA GLU B 10 7.22 -13.40 6.08
C GLU B 10 6.04 -12.57 5.56
N VAL B 11 5.53 -11.66 6.41
CA VAL B 11 4.34 -10.82 6.12
C VAL B 11 4.74 -9.38 5.79
N SER B 12 5.84 -8.91 6.37
CA SER B 12 6.50 -7.65 6.04
C SER B 12 6.88 -7.58 4.57
N ALA B 13 7.36 -8.70 4.01
CA ALA B 13 7.70 -8.81 2.60
C ALA B 13 6.48 -8.45 1.73
N ILE B 14 5.28 -8.90 2.11
CA ILE B 14 4.05 -8.65 1.34
C ILE B 14 3.76 -7.16 1.22
N ILE B 15 3.90 -6.39 2.31
CA ILE B 15 3.68 -4.93 2.33
C ILE B 15 4.56 -4.22 1.29
N ILE B 16 5.83 -4.62 1.18
CA ILE B 16 6.78 -4.09 0.18
C ILE B 16 6.41 -4.61 -1.24
N GLN B 17 5.94 -5.86 -1.38
CA GLN B 17 5.47 -6.39 -2.68
C GLN B 17 4.26 -5.60 -3.21
N ARG B 18 3.27 -5.26 -2.35
CA ARG B 18 2.12 -4.41 -2.72
C ARG B 18 2.59 -3.03 -3.19
N ALA B 19 3.49 -2.41 -2.42
CA ALA B 19 4.06 -1.10 -2.74
C ALA B 19 4.85 -1.10 -4.05
N TYR B 20 5.68 -2.13 -4.27
CA TYR B 20 6.54 -2.21 -5.45
C TYR B 20 5.75 -2.41 -6.73
N ARG B 21 4.86 -3.40 -6.78
CA ARG B 21 4.04 -3.67 -7.98
C ARG B 21 3.04 -2.55 -8.28
N ARG B 22 2.62 -1.77 -7.27
CA ARG B 22 1.86 -0.51 -7.47
C ARG B 22 2.74 0.56 -8.10
N TYR B 23 3.95 0.76 -7.59
CA TYR B 23 4.94 1.68 -8.14
C TYR B 23 5.34 1.35 -9.58
N LEU B 24 5.44 0.06 -9.95
CA LEU B 24 5.69 -0.37 -11.33
C LEU B 24 4.69 0.24 -12.35
N LEU B 25 3.43 0.48 -11.95
CA LEU B 25 2.41 1.13 -12.79
C LEU B 25 2.72 2.62 -13.04
N LYS B 26 3.41 3.28 -12.11
CA LYS B 26 3.91 4.66 -12.22
C LYS B 26 5.22 4.71 -13.03
N GLN B 27 6.02 3.65 -12.93
CA GLN B 27 7.38 3.50 -13.49
C GLN B 27 7.46 3.50 -15.04
N LYS B 28 6.31 3.46 -15.75
CA LYS B 28 6.23 3.48 -17.22
C LYS B 28 6.60 4.82 -17.88
N VAL B 29 6.69 5.91 -17.12
CA VAL B 29 6.90 7.30 -17.62
C VAL B 29 8.36 7.63 -18.02
N LYS B 30 9.22 6.62 -18.20
CA LYS B 30 10.63 6.77 -18.64
C LYS B 30 10.74 7.37 -20.06
N LYS B 31 11.84 8.09 -20.32
CA LYS B 31 12.17 8.68 -21.63
C LYS B 31 12.44 7.63 -22.71
N ALA A 1 -4.29 6.73 6.27
CA ALA A 1 -4.99 6.43 7.55
C ALA A 1 -6.27 5.63 7.30
N ASP A 2 -6.75 4.89 8.30
CA ASP A 2 -7.94 4.01 8.22
C ASP A 2 -9.30 4.76 8.29
N GLN A 3 -9.32 6.08 8.05
CA GLN A 3 -10.53 6.91 8.04
C GLN A 3 -11.57 6.43 7.00
N LEU A 4 -12.85 6.52 7.34
CA LEU A 4 -13.96 6.31 6.40
C LEU A 4 -14.42 7.61 5.73
N THR A 5 -14.86 7.52 4.47
CA THR A 5 -15.58 8.59 3.76
C THR A 5 -17.03 8.67 4.23
N GLU A 6 -17.72 9.79 3.98
CA GLU A 6 -19.15 9.93 4.28
C GLU A 6 -20.01 8.91 3.51
N GLU A 7 -19.60 8.53 2.29
CA GLU A 7 -20.27 7.50 1.48
C GLU A 7 -20.12 6.09 2.09
N GLN A 8 -18.91 5.74 2.55
CA GLN A 8 -18.66 4.49 3.28
C GLN A 8 -19.45 4.44 4.60
N ILE A 9 -19.48 5.55 5.35
CA ILE A 9 -20.22 5.65 6.61
C ILE A 9 -21.72 5.47 6.38
N ALA A 10 -22.31 6.11 5.36
CA ALA A 10 -23.73 5.95 5.02
C ALA A 10 -24.08 4.54 4.50
N GLU A 11 -23.18 3.89 3.76
CA GLU A 11 -23.35 2.49 3.33
C GLU A 11 -23.35 1.51 4.53
N PHE A 12 -22.39 1.67 5.45
CA PHE A 12 -22.36 0.91 6.71
C PHE A 12 -23.51 1.28 7.64
N LYS A 13 -23.96 2.54 7.66
CA LYS A 13 -25.12 3.02 8.43
C LYS A 13 -26.39 2.25 8.04
N GLU A 14 -26.67 2.15 6.74
CA GLU A 14 -27.84 1.42 6.22
C GLU A 14 -27.78 -0.08 6.57
N ALA A 15 -26.66 -0.76 6.27
CA ALA A 15 -26.46 -2.18 6.57
C ALA A 15 -26.47 -2.51 8.06
N PHE A 16 -25.98 -1.62 8.93
CA PHE A 16 -26.06 -1.82 10.38
C PHE A 16 -27.46 -1.57 10.92
N SER A 17 -28.11 -0.48 10.51
CA SER A 17 -29.48 -0.11 10.89
C SER A 17 -30.51 -1.16 10.43
N LEU A 18 -30.17 -1.97 9.42
CA LEU A 18 -30.96 -3.10 8.93
C LEU A 18 -31.28 -4.16 10.01
N PHE A 19 -30.50 -4.18 11.10
CA PHE A 19 -30.62 -5.11 12.21
C PHE A 19 -30.74 -4.41 13.58
N ASP A 20 -30.76 -3.07 13.60
CA ASP A 20 -30.93 -2.25 14.80
C ASP A 20 -32.41 -2.25 15.25
N LYS A 21 -32.84 -3.35 15.88
CA LYS A 21 -34.24 -3.66 16.20
C LYS A 21 -34.94 -2.65 17.12
N ASP A 22 -34.17 -1.94 17.95
CA ASP A 22 -34.66 -0.89 18.87
C ASP A 22 -34.60 0.53 18.26
N GLY A 23 -33.92 0.72 17.12
CA GLY A 23 -33.61 2.04 16.57
C GLY A 23 -32.67 2.86 17.48
N ASP A 24 -31.78 2.19 18.22
CA ASP A 24 -30.95 2.74 19.30
C ASP A 24 -29.44 2.81 18.94
N GLY A 25 -29.08 2.48 17.70
CA GLY A 25 -27.71 2.53 17.19
C GLY A 25 -26.85 1.31 17.54
N THR A 26 -27.45 0.14 17.80
CA THR A 26 -26.74 -1.09 18.21
C THR A 26 -27.31 -2.38 17.60
N ILE A 27 -26.51 -3.45 17.55
CA ILE A 27 -26.87 -4.83 17.15
C ILE A 27 -26.31 -5.83 18.18
N THR A 28 -26.73 -7.10 18.12
CA THR A 28 -26.10 -8.17 18.90
C THR A 28 -24.80 -8.68 18.27
N THR A 29 -23.97 -9.32 19.09
CA THR A 29 -22.78 -10.07 18.66
C THR A 29 -23.12 -11.24 17.73
N LYS A 30 -24.34 -11.81 17.83
CA LYS A 30 -24.86 -12.83 16.91
C LYS A 30 -25.17 -12.24 15.51
N GLU A 31 -25.76 -11.05 15.47
CA GLU A 31 -26.13 -10.35 14.23
C GLU A 31 -24.94 -9.76 13.45
N LEU A 32 -23.77 -9.58 14.06
CA LEU A 32 -22.58 -8.97 13.45
C LEU A 32 -22.31 -9.53 12.05
N GLY A 33 -22.07 -10.84 11.95
CA GLY A 33 -21.74 -11.48 10.67
C GLY A 33 -22.87 -11.41 9.65
N THR A 34 -24.12 -11.40 10.11
CA THR A 34 -25.31 -11.21 9.26
C THR A 34 -25.31 -9.81 8.61
N VAL A 35 -24.93 -8.76 9.36
CA VAL A 35 -24.77 -7.41 8.78
C VAL A 35 -23.50 -7.28 7.93
N MET A 36 -22.38 -7.95 8.25
CA MET A 36 -21.21 -8.03 7.34
C MET A 36 -21.60 -8.63 5.97
N ARG A 37 -22.43 -9.67 5.96
CA ARG A 37 -22.95 -10.30 4.74
C ARG A 37 -23.90 -9.40 3.94
N SER A 38 -24.51 -8.39 4.57
CA SER A 38 -25.24 -7.31 3.88
C SER A 38 -24.30 -6.39 3.08
N LEU A 39 -23.08 -6.14 3.58
CA LEU A 39 -22.00 -5.49 2.83
C LEU A 39 -21.28 -6.45 1.84
N GLY A 40 -21.72 -7.70 1.73
CA GLY A 40 -21.17 -8.73 0.84
C GLY A 40 -19.94 -9.47 1.36
N GLN A 41 -19.41 -9.10 2.53
CA GLN A 41 -18.32 -9.83 3.21
C GLN A 41 -18.90 -10.99 4.03
N ASN A 42 -18.51 -12.23 3.75
CA ASN A 42 -18.91 -13.40 4.52
C ASN A 42 -17.77 -13.90 5.43
N PRO A 43 -17.73 -13.44 6.71
CA PRO A 43 -16.75 -13.88 7.70
C PRO A 43 -17.03 -15.32 8.20
N THR A 44 -16.03 -15.99 8.78
CA THR A 44 -16.21 -17.27 9.49
C THR A 44 -16.47 -17.09 11.00
N GLU A 45 -16.99 -18.11 11.67
CA GLU A 45 -17.42 -18.06 13.08
C GLU A 45 -16.25 -17.77 14.05
N ALA A 46 -15.09 -18.39 13.86
CA ALA A 46 -13.89 -18.15 14.68
C ALA A 46 -13.32 -16.73 14.48
N GLU A 47 -13.40 -16.19 13.27
CA GLU A 47 -13.01 -14.83 12.91
C GLU A 47 -13.93 -13.78 13.57
N LEU A 48 -15.25 -14.03 13.54
CA LEU A 48 -16.22 -13.20 14.30
C LEU A 48 -15.93 -13.23 15.79
N GLN A 49 -15.70 -14.42 16.37
CA GLN A 49 -15.34 -14.56 17.79
C GLN A 49 -14.04 -13.81 18.15
N ASP A 50 -13.01 -13.87 17.29
CA ASP A 50 -11.76 -13.14 17.47
C ASP A 50 -11.93 -11.60 17.44
N MET A 51 -12.79 -11.07 16.56
CA MET A 51 -13.12 -9.63 16.53
C MET A 51 -14.01 -9.22 17.72
N ILE A 52 -14.99 -10.04 18.09
CA ILE A 52 -15.87 -9.79 19.24
C ILE A 52 -15.11 -9.88 20.57
N ASN A 53 -14.04 -10.65 20.68
CA ASN A 53 -13.19 -10.68 21.88
C ASN A 53 -12.57 -9.31 22.20
N GLU A 54 -12.31 -8.47 21.20
CA GLU A 54 -11.87 -7.08 21.37
C GLU A 54 -13.06 -6.10 21.51
N VAL A 55 -14.04 -6.20 20.61
CA VAL A 55 -15.20 -5.28 20.53
C VAL A 55 -16.16 -5.41 21.73
N ASP A 56 -16.37 -6.63 22.22
CA ASP A 56 -17.20 -6.98 23.38
C ASP A 56 -16.37 -7.63 24.51
N ALA A 57 -15.27 -6.99 24.90
CA ALA A 57 -14.42 -7.45 26.00
C ALA A 57 -15.16 -7.55 27.36
N ASP A 58 -16.26 -6.81 27.52
CA ASP A 58 -17.15 -6.88 28.70
C ASP A 58 -18.10 -8.10 28.71
N GLY A 59 -18.28 -8.78 27.56
CA GLY A 59 -19.19 -9.92 27.40
C GLY A 59 -20.68 -9.57 27.48
N ASN A 60 -21.07 -8.36 27.08
CA ASN A 60 -22.44 -7.84 27.13
C ASN A 60 -23.36 -8.41 26.03
N GLY A 61 -22.79 -8.90 24.91
CA GLY A 61 -23.50 -9.45 23.77
C GLY A 61 -24.02 -8.42 22.75
N THR A 62 -23.55 -7.17 22.80
CA THR A 62 -23.93 -6.10 21.85
C THR A 62 -22.74 -5.32 21.27
N ILE A 63 -23.00 -4.62 20.17
CA ILE A 63 -22.05 -3.79 19.40
C ILE A 63 -22.76 -2.49 19.00
N ASP A 64 -22.10 -1.35 19.14
CA ASP A 64 -22.61 -0.05 18.66
C ASP A 64 -22.21 0.20 17.21
N PHE A 65 -22.96 1.05 16.50
CA PHE A 65 -22.63 1.50 15.14
C PHE A 65 -21.16 1.90 14.96
N PRO A 66 -20.59 2.86 15.74
CA PRO A 66 -19.19 3.25 15.57
C PRO A 66 -18.19 2.17 16.00
N GLU A 67 -18.58 1.24 16.88
CA GLU A 67 -17.74 0.09 17.26
C GLU A 67 -17.66 -0.95 16.13
N PHE A 68 -18.75 -1.17 15.38
CA PHE A 68 -18.75 -2.02 14.19
C PHE A 68 -17.85 -1.46 13.08
N LEU A 69 -17.86 -0.13 12.85
CA LEU A 69 -17.03 0.49 11.83
C LEU A 69 -15.51 0.30 12.06
N THR A 70 -15.07 -0.01 13.29
CA THR A 70 -13.65 -0.23 13.60
C THR A 70 -13.07 -1.41 12.81
N MET A 71 -13.80 -2.53 12.69
CA MET A 71 -13.35 -3.68 11.89
C MET A 71 -13.54 -3.43 10.39
N MET A 72 -14.62 -2.72 10.00
CA MET A 72 -14.89 -2.40 8.60
C MET A 72 -13.80 -1.49 7.99
N ALA A 73 -13.23 -0.59 8.78
CA ALA A 73 -12.09 0.24 8.40
C ALA A 73 -10.86 -0.60 7.97
N ARG A 74 -10.39 -1.52 8.81
CA ARG A 74 -9.25 -2.40 8.49
C ARG A 74 -9.59 -3.46 7.44
N LYS A 75 -10.84 -3.93 7.35
CA LYS A 75 -11.31 -4.83 6.28
C LYS A 75 -11.27 -4.19 4.89
N MET A 76 -11.52 -2.87 4.77
CA MET A 76 -11.26 -2.13 3.53
C MET A 76 -9.76 -1.88 3.33
N LYS A 77 -9.10 -1.26 4.32
CA LYS A 77 -7.72 -0.75 4.25
C LYS A 77 -6.71 -1.72 4.86
N ASP A 78 -6.60 -2.90 4.25
CA ASP A 78 -5.53 -3.88 4.55
C ASP A 78 -4.18 -3.55 3.85
N THR A 79 -4.14 -2.43 3.10
CA THR A 79 -3.07 -1.99 2.21
C THR A 79 -1.77 -1.58 2.92
N ASP A 80 -0.69 -1.51 2.15
CA ASP A 80 0.60 -0.94 2.54
C ASP A 80 0.50 0.57 2.86
N SER A 81 1.48 1.08 3.61
CA SER A 81 1.61 2.49 4.02
C SER A 81 3.09 2.83 4.27
N GLU A 82 3.49 4.09 4.14
CA GLU A 82 4.89 4.52 4.29
C GLU A 82 5.51 4.10 5.64
N GLU A 83 4.76 4.31 6.73
CA GLU A 83 5.16 3.91 8.09
C GLU A 83 5.31 2.39 8.23
N GLU A 84 4.49 1.62 7.50
CA GLU A 84 4.47 0.17 7.50
C GLU A 84 5.65 -0.42 6.70
N ILE A 85 5.87 0.09 5.49
CA ILE A 85 6.95 -0.31 4.58
C ILE A 85 8.31 -0.08 5.24
N ARG A 86 8.53 1.11 5.83
CA ARG A 86 9.83 1.47 6.45
C ARG A 86 10.19 0.55 7.62
N GLU A 87 9.20 0.16 8.43
CA GLU A 87 9.42 -0.81 9.53
C GLU A 87 9.54 -2.27 9.03
N ALA A 88 8.74 -2.67 8.03
CA ALA A 88 8.85 -3.96 7.36
C ALA A 88 10.22 -4.16 6.68
N PHE A 89 10.80 -3.10 6.12
CA PHE A 89 12.17 -3.09 5.64
C PHE A 89 13.19 -3.23 6.78
N ARG A 90 12.99 -2.54 7.91
CA ARG A 90 13.90 -2.59 9.07
C ARG A 90 14.03 -4.00 9.67
N VAL A 91 13.02 -4.85 9.49
CA VAL A 91 13.03 -6.30 9.81
C VAL A 91 14.01 -7.10 8.91
N PHE A 92 14.36 -6.60 7.72
CA PHE A 92 15.35 -7.20 6.81
C PHE A 92 16.74 -6.51 6.89
N ASP A 93 16.80 -5.23 7.29
CA ASP A 93 18.05 -4.50 7.53
C ASP A 93 18.90 -5.20 8.61
N LYS A 94 20.20 -5.35 8.37
CA LYS A 94 21.13 -6.11 9.24
C LYS A 94 21.28 -5.55 10.67
N ASP A 95 21.05 -4.25 10.88
CA ASP A 95 21.16 -3.59 12.21
C ASP A 95 20.29 -2.32 12.39
N GLY A 96 19.47 -1.95 11.42
CA GLY A 96 18.73 -0.67 11.38
C GLY A 96 19.62 0.51 10.96
N ASN A 97 20.42 0.28 9.92
CA ASN A 97 21.29 1.25 9.27
C ASN A 97 20.55 2.21 8.31
N GLY A 98 19.32 1.87 7.89
CA GLY A 98 18.56 2.57 6.85
C GLY A 98 18.74 1.99 5.43
N TYR A 99 19.32 0.78 5.32
CA TYR A 99 19.58 0.10 4.04
C TYR A 99 19.55 -1.44 4.17
N ILE A 100 19.39 -2.11 3.04
CA ILE A 100 19.36 -3.57 2.89
C ILE A 100 20.42 -4.01 1.84
N SER A 101 20.93 -5.24 1.90
CA SER A 101 21.77 -5.76 0.80
C SER A 101 20.91 -6.15 -0.41
N ALA A 102 21.42 -5.91 -1.62
CA ALA A 102 20.78 -6.32 -2.86
C ALA A 102 20.44 -7.83 -2.89
N ALA A 103 21.35 -8.67 -2.40
CA ALA A 103 21.14 -10.11 -2.28
C ALA A 103 20.07 -10.46 -1.23
N GLU A 104 20.01 -9.71 -0.12
CA GLU A 104 19.01 -9.92 0.94
C GLU A 104 17.60 -9.49 0.51
N LEU A 105 17.46 -8.34 -0.17
CA LEU A 105 16.14 -7.91 -0.66
C LEU A 105 15.66 -8.80 -1.81
N ARG A 106 16.55 -9.21 -2.73
CA ARG A 106 16.22 -10.22 -3.77
C ARG A 106 15.83 -11.56 -3.15
N HIS A 107 16.51 -12.01 -2.09
CA HIS A 107 16.10 -13.19 -1.32
C HIS A 107 14.67 -13.04 -0.80
N VAL A 108 14.40 -12.06 0.07
CA VAL A 108 13.09 -11.96 0.74
C VAL A 108 11.93 -11.68 -0.22
N MET A 109 12.14 -10.87 -1.26
CA MET A 109 11.14 -10.60 -2.30
C MET A 109 10.82 -11.81 -3.20
N THR A 110 11.66 -12.86 -3.18
CA THR A 110 11.43 -14.10 -3.93
C THR A 110 11.29 -15.34 -3.03
N ASN A 111 11.42 -15.18 -1.71
CA ASN A 111 11.17 -16.21 -0.69
C ASN A 111 9.84 -16.02 0.03
N LEU A 112 9.47 -14.77 0.34
CA LEU A 112 8.36 -14.42 1.23
C LEU A 112 7.38 -13.45 0.56
N GLY A 113 6.08 -13.67 0.79
CA GLY A 113 5.02 -12.90 0.17
C GLY A 113 4.76 -13.26 -1.30
N GLU A 114 4.29 -12.28 -2.07
CA GLU A 114 3.83 -12.42 -3.46
C GLU A 114 4.97 -12.51 -4.50
N LYS A 115 5.95 -13.40 -4.23
CA LYS A 115 7.19 -13.73 -4.97
C LYS A 115 7.36 -13.02 -6.32
N LEU A 116 8.28 -12.07 -6.40
CA LEU A 116 8.62 -11.35 -7.62
C LEU A 116 9.22 -12.28 -8.69
N THR A 117 8.98 -11.96 -9.97
CA THR A 117 9.64 -12.61 -11.12
C THR A 117 11.14 -12.22 -11.15
N ASP A 118 11.98 -12.97 -11.87
CA ASP A 118 13.42 -12.72 -11.98
C ASP A 118 13.78 -11.31 -12.51
N GLU A 119 13.11 -10.84 -13.57
CA GLU A 119 13.29 -9.48 -14.10
C GLU A 119 12.60 -8.41 -13.23
N GLU A 120 11.54 -8.78 -12.52
CA GLU A 120 10.76 -7.91 -11.64
C GLU A 120 11.52 -7.57 -10.35
N VAL A 121 12.20 -8.56 -9.76
CA VAL A 121 13.10 -8.38 -8.60
C VAL A 121 14.39 -7.66 -9.01
N ASP A 122 14.93 -7.92 -10.19
CA ASP A 122 16.08 -7.15 -10.69
C ASP A 122 15.71 -5.69 -10.97
N GLU A 123 14.50 -5.41 -11.49
CA GLU A 123 13.98 -4.03 -11.63
C GLU A 123 13.94 -3.29 -10.28
N MET A 124 13.67 -4.00 -9.16
CA MET A 124 13.75 -3.42 -7.81
C MET A 124 15.20 -3.07 -7.47
N ILE A 125 16.17 -3.98 -7.67
CA ILE A 125 17.58 -3.71 -7.34
C ILE A 125 18.12 -2.53 -8.17
N ARG A 126 17.80 -2.45 -9.47
CA ARG A 126 18.24 -1.37 -10.38
C ARG A 126 17.91 0.04 -9.86
N GLU A 127 16.78 0.22 -9.18
CA GLU A 127 16.29 1.52 -8.70
C GLU A 127 16.41 1.75 -7.19
N ALA A 128 16.48 0.68 -6.38
CA ALA A 128 16.75 0.76 -4.94
C ALA A 128 18.25 0.89 -4.60
N ASP A 129 19.16 0.30 -5.40
CA ASP A 129 20.62 0.38 -5.24
C ASP A 129 21.16 1.73 -5.74
N ILE A 130 20.79 2.82 -5.07
CA ILE A 130 21.10 4.20 -5.47
C ILE A 130 22.61 4.52 -5.49
N ASP A 131 23.42 3.76 -4.74
CA ASP A 131 24.88 3.86 -4.73
C ASP A 131 25.57 2.95 -5.77
N GLY A 132 24.83 2.05 -6.43
CA GLY A 132 25.30 1.21 -7.54
C GLY A 132 26.30 0.10 -7.16
N ASP A 133 26.39 -0.27 -5.88
CA ASP A 133 27.36 -1.21 -5.31
C ASP A 133 26.72 -2.30 -4.41
N GLY A 134 25.50 -2.73 -4.76
CA GLY A 134 24.79 -3.85 -4.14
C GLY A 134 24.14 -3.53 -2.79
N GLN A 135 23.85 -2.25 -2.53
CA GLN A 135 23.38 -1.73 -1.24
C GLN A 135 22.07 -0.96 -1.45
N VAL A 136 20.95 -1.70 -1.47
CA VAL A 136 19.60 -1.18 -1.69
C VAL A 136 19.16 -0.29 -0.54
N ASN A 137 19.05 1.02 -0.80
CA ASN A 137 18.69 1.98 0.22
C ASN A 137 17.17 2.08 0.33
N TYR A 138 16.63 1.28 1.23
CA TYR A 138 15.19 1.18 1.42
C TYR A 138 14.57 2.49 1.93
N GLU A 139 15.32 3.34 2.65
CA GLU A 139 14.80 4.60 3.20
C GLU A 139 14.49 5.63 2.10
N GLU A 140 15.30 5.67 1.03
CA GLU A 140 14.99 6.42 -0.19
C GLU A 140 13.90 5.70 -1.02
N PHE A 141 13.98 4.37 -1.09
CA PHE A 141 13.06 3.53 -1.88
C PHE A 141 11.62 3.57 -1.38
N VAL A 142 11.36 3.54 -0.07
CA VAL A 142 10.02 3.66 0.52
C VAL A 142 9.38 5.00 0.16
N GLN A 143 10.14 6.10 0.22
CA GLN A 143 9.67 7.43 -0.20
C GLN A 143 9.36 7.46 -1.70
N MET A 144 10.21 6.88 -2.55
CA MET A 144 9.97 6.77 -3.99
C MET A 144 8.72 5.92 -4.31
N MET A 145 8.59 4.73 -3.69
CA MET A 145 7.47 3.82 -3.95
C MET A 145 6.13 4.43 -3.56
N THR A 146 6.07 5.19 -2.45
CA THR A 146 4.83 5.80 -1.93
C THR A 146 4.49 7.16 -2.53
N ALA A 147 5.46 7.91 -3.09
CA ALA A 147 5.23 9.18 -3.76
C ALA A 147 4.32 9.06 -5.01
N LYS A 148 3.50 10.09 -5.27
CA LYS A 148 2.55 10.18 -6.39
C LYS A 148 2.24 11.65 -6.74
N GLY B 1 15.44 -21.35 6.48
CA GLY B 1 16.43 -21.44 7.59
C GLY B 1 15.84 -20.88 8.89
N PRO B 2 16.15 -21.48 10.05
CA PRO B 2 15.60 -21.07 11.35
C PRO B 2 16.01 -19.65 11.77
N GLY B 3 15.28 -19.07 12.73
CA GLY B 3 15.54 -17.74 13.30
C GLY B 3 14.35 -17.22 14.10
N SER B 4 14.60 -16.49 15.19
CA SER B 4 13.60 -15.96 16.15
C SER B 4 12.75 -14.78 15.62
N LYS B 5 12.49 -14.75 14.31
CA LYS B 5 11.88 -13.64 13.57
C LYS B 5 11.16 -14.01 12.26
N ARG B 6 11.25 -15.26 11.79
CA ARG B 6 10.81 -15.66 10.44
C ARG B 6 9.32 -15.42 10.16
N LYS B 7 8.44 -15.50 11.16
CA LYS B 7 7.00 -15.22 10.98
C LYS B 7 6.71 -13.74 10.71
N GLN B 8 7.40 -12.82 11.40
CA GLN B 8 7.31 -11.38 11.12
C GLN B 8 8.02 -11.02 9.80
N GLU B 9 9.17 -11.62 9.54
CA GLU B 9 9.93 -11.48 8.29
C GLU B 9 9.08 -11.87 7.07
N GLU B 10 8.32 -12.96 7.16
CA GLU B 10 7.48 -13.47 6.07
C GLU B 10 6.33 -12.52 5.67
N VAL B 11 5.85 -11.72 6.61
CA VAL B 11 4.69 -10.81 6.43
C VAL B 11 5.11 -9.37 6.14
N SER B 12 6.27 -8.97 6.68
CA SER B 12 6.95 -7.71 6.35
C SER B 12 7.18 -7.61 4.83
N ALA B 13 7.57 -8.72 4.21
CA ALA B 13 7.82 -8.78 2.77
C ALA B 13 6.57 -8.38 1.97
N ILE B 14 5.37 -8.83 2.39
CA ILE B 14 4.12 -8.58 1.65
C ILE B 14 3.79 -7.08 1.56
N ILE B 15 4.06 -6.32 2.63
CA ILE B 15 3.86 -4.86 2.67
C ILE B 15 4.69 -4.17 1.58
N ILE B 16 5.95 -4.60 1.42
CA ILE B 16 6.86 -4.10 0.38
C ILE B 16 6.46 -4.63 -1.01
N GLN B 17 6.02 -5.89 -1.13
CA GLN B 17 5.57 -6.50 -2.40
C GLN B 17 4.41 -5.71 -3.04
N ARG B 18 3.40 -5.36 -2.22
CA ARG B 18 2.23 -4.58 -2.65
C ARG B 18 2.62 -3.14 -3.01
N ALA B 19 3.46 -2.50 -2.20
CA ALA B 19 4.02 -1.17 -2.49
C ALA B 19 4.83 -1.16 -3.80
N TYR B 20 5.59 -2.21 -4.05
CA TYR B 20 6.43 -2.33 -5.24
C TYR B 20 5.59 -2.42 -6.52
N ARG B 21 4.61 -3.34 -6.60
CA ARG B 21 3.73 -3.41 -7.78
C ARG B 21 2.87 -2.15 -7.94
N ARG B 22 2.44 -1.50 -6.86
CA ARG B 22 1.75 -0.19 -6.93
C ARG B 22 2.63 0.88 -7.58
N TYR B 23 3.94 0.84 -7.32
CA TYR B 23 4.91 1.69 -8.02
C TYR B 23 5.12 1.27 -9.48
N LEU B 24 5.19 -0.03 -9.78
CA LEU B 24 5.26 -0.52 -11.16
C LEU B 24 4.04 -0.09 -11.99
N LEU B 25 2.85 -0.08 -11.40
CA LEU B 25 1.63 0.43 -12.02
C LEU B 25 1.67 1.95 -12.27
N LYS B 26 2.28 2.75 -11.38
CA LYS B 26 2.56 4.18 -11.65
C LYS B 26 3.54 4.39 -12.80
N GLN B 27 4.57 3.53 -12.92
CA GLN B 27 5.52 3.54 -14.04
C GLN B 27 4.88 3.12 -15.37
N LYS B 28 3.97 2.12 -15.35
CA LYS B 28 3.27 1.59 -16.54
C LYS B 28 2.15 2.51 -17.03
N VAL B 29 1.25 2.94 -16.13
CA VAL B 29 0.04 3.71 -16.45
C VAL B 29 0.34 5.21 -16.43
N LYS B 30 1.11 5.66 -17.43
CA LYS B 30 1.46 7.08 -17.65
C LYS B 30 0.25 7.91 -18.11
N LYS B 31 0.27 9.22 -17.78
CA LYS B 31 -0.76 10.20 -18.18
C LYS B 31 -0.77 10.45 -19.70
N ALA A 1 -16.55 -6.94 3.85
CA ALA A 1 -16.24 -7.92 2.78
C ALA A 1 -16.15 -7.23 1.41
N ASP A 2 -17.29 -6.94 0.76
CA ASP A 2 -17.35 -6.36 -0.59
C ASP A 2 -18.16 -5.04 -0.67
N GLN A 3 -18.90 -4.69 0.40
CA GLN A 3 -19.64 -3.44 0.49
C GLN A 3 -18.71 -2.23 0.72
N LEU A 4 -19.09 -1.08 0.18
CA LEU A 4 -18.38 0.19 0.34
C LEU A 4 -18.94 1.03 1.50
N THR A 5 -18.05 1.71 2.23
CA THR A 5 -18.39 2.73 3.24
C THR A 5 -18.94 3.99 2.57
N GLU A 6 -19.76 4.78 3.26
CA GLU A 6 -20.35 6.02 2.72
C GLU A 6 -19.29 7.03 2.20
N GLU A 7 -18.12 7.10 2.83
CA GLU A 7 -17.00 7.96 2.39
C GLU A 7 -16.34 7.44 1.10
N GLN A 8 -16.21 6.12 0.95
CA GLN A 8 -15.74 5.47 -0.29
C GLN A 8 -16.75 5.73 -1.42
N ILE A 9 -18.04 5.53 -1.15
CA ILE A 9 -19.13 5.75 -2.12
C ILE A 9 -19.14 7.20 -2.59
N ALA A 10 -19.03 8.18 -1.69
CA ALA A 10 -19.03 9.60 -2.07
C ALA A 10 -17.76 10.02 -2.86
N GLU A 11 -16.60 9.42 -2.58
CA GLU A 11 -15.37 9.64 -3.39
C GLU A 11 -15.52 9.04 -4.79
N PHE A 12 -16.04 7.82 -4.90
CA PHE A 12 -16.38 7.20 -6.19
C PHE A 12 -17.49 7.98 -6.92
N LYS A 13 -18.47 8.51 -6.20
CA LYS A 13 -19.56 9.35 -6.73
C LYS A 13 -19.01 10.60 -7.41
N GLU A 14 -18.08 11.29 -6.75
CA GLU A 14 -17.41 12.48 -7.30
C GLU A 14 -16.58 12.16 -8.56
N ALA A 15 -15.80 11.06 -8.55
CA ALA A 15 -15.04 10.59 -9.71
C ALA A 15 -15.93 10.14 -10.88
N PHE A 16 -17.02 9.43 -10.61
CA PHE A 16 -17.89 8.88 -11.65
C PHE A 16 -18.78 9.96 -12.29
N SER A 17 -19.42 10.81 -11.47
CA SER A 17 -20.25 11.91 -11.95
C SER A 17 -19.46 12.98 -12.74
N LEU A 18 -18.13 12.98 -12.61
CA LEU A 18 -17.21 13.79 -13.42
C LEU A 18 -17.32 13.52 -14.94
N PHE A 19 -17.87 12.36 -15.32
CA PHE A 19 -18.04 11.92 -16.71
C PHE A 19 -19.50 11.53 -17.04
N ASP A 20 -20.40 11.58 -16.07
CA ASP A 20 -21.84 11.34 -16.27
C ASP A 20 -22.52 12.59 -16.89
N LYS A 21 -22.23 12.86 -18.16
CA LYS A 21 -22.67 14.06 -18.90
C LYS A 21 -24.19 14.30 -18.92
N ASP A 22 -24.99 13.23 -18.83
CA ASP A 22 -26.46 13.28 -18.83
C ASP A 22 -27.08 13.46 -17.43
N GLY A 23 -26.33 13.16 -16.36
CA GLY A 23 -26.85 13.08 -14.98
C GLY A 23 -27.73 11.85 -14.71
N ASP A 24 -27.72 10.85 -15.61
CA ASP A 24 -28.51 9.61 -15.53
C ASP A 24 -27.89 8.52 -14.64
N GLY A 25 -26.70 8.75 -14.07
CA GLY A 25 -25.99 7.81 -13.22
C GLY A 25 -25.11 6.81 -13.97
N THR A 26 -24.65 7.12 -15.19
CA THR A 26 -23.90 6.19 -16.07
C THR A 26 -22.74 6.85 -16.83
N ILE A 27 -21.78 6.03 -17.28
CA ILE A 27 -20.66 6.38 -18.18
C ILE A 27 -20.53 5.34 -19.31
N THR A 28 -19.68 5.61 -20.31
CA THR A 28 -19.29 4.63 -21.33
C THR A 28 -18.10 3.77 -20.91
N THR A 29 -18.00 2.58 -21.51
CA THR A 29 -16.91 1.61 -21.27
C THR A 29 -15.53 2.19 -21.63
N LYS A 30 -15.45 3.11 -22.60
CA LYS A 30 -14.21 3.82 -22.96
C LYS A 30 -13.76 4.85 -21.89
N GLU A 31 -14.71 5.42 -21.13
CA GLU A 31 -14.45 6.38 -20.04
C GLU A 31 -14.04 5.73 -18.72
N LEU A 32 -14.29 4.42 -18.55
CA LEU A 32 -14.08 3.69 -17.29
C LEU A 32 -12.70 4.00 -16.69
N GLY A 33 -11.62 3.69 -17.43
CA GLY A 33 -10.26 3.89 -16.94
C GLY A 33 -9.89 5.36 -16.72
N THR A 34 -10.54 6.29 -17.43
CA THR A 34 -10.40 7.73 -17.23
C THR A 34 -10.97 8.15 -15.87
N VAL A 35 -12.15 7.64 -15.47
CA VAL A 35 -12.70 7.87 -14.13
C VAL A 35 -11.94 7.07 -13.05
N MET A 36 -11.34 5.91 -13.35
CA MET A 36 -10.42 5.24 -12.40
C MET A 36 -9.19 6.09 -12.10
N ARG A 37 -8.61 6.76 -13.11
CA ARG A 37 -7.52 7.74 -12.93
C ARG A 37 -7.91 8.91 -12.02
N SER A 38 -9.20 9.28 -11.98
CA SER A 38 -9.74 10.28 -11.04
C SER A 38 -9.72 9.81 -9.57
N LEU A 39 -9.64 8.50 -9.30
CA LEU A 39 -9.37 7.93 -7.97
C LEU A 39 -7.85 7.70 -7.72
N GLY A 40 -6.98 8.03 -8.69
CA GLY A 40 -5.55 7.75 -8.67
C GLY A 40 -5.16 6.32 -9.08
N GLN A 41 -6.12 5.49 -9.51
CA GLN A 41 -5.89 4.13 -10.02
C GLN A 41 -5.72 4.18 -11.54
N ASN A 42 -4.58 3.73 -12.07
CA ASN A 42 -4.30 3.75 -13.52
C ASN A 42 -4.20 2.32 -14.08
N PRO A 43 -5.33 1.62 -14.30
CA PRO A 43 -5.35 0.27 -14.84
C PRO A 43 -4.79 0.18 -16.28
N THR A 44 -4.26 -0.98 -16.65
CA THR A 44 -3.88 -1.31 -18.04
C THR A 44 -5.11 -1.69 -18.88
N GLU A 45 -5.06 -1.48 -20.20
CA GLU A 45 -6.18 -1.71 -21.12
C GLU A 45 -6.72 -3.15 -21.09
N ALA A 46 -5.84 -4.15 -20.93
CA ALA A 46 -6.23 -5.56 -20.77
C ALA A 46 -7.05 -5.81 -19.48
N GLU A 47 -6.73 -5.12 -18.38
CA GLU A 47 -7.50 -5.19 -17.13
C GLU A 47 -8.87 -4.54 -17.30
N LEU A 48 -8.92 -3.36 -17.93
CA LEU A 48 -10.18 -2.67 -18.22
C LEU A 48 -11.10 -3.53 -19.08
N GLN A 49 -10.59 -4.12 -20.16
CA GLN A 49 -11.38 -5.00 -21.02
C GLN A 49 -11.88 -6.25 -20.29
N ASP A 50 -11.08 -6.86 -19.42
CA ASP A 50 -11.49 -8.01 -18.60
C ASP A 50 -12.62 -7.65 -17.62
N MET A 51 -12.54 -6.49 -16.97
CA MET A 51 -13.62 -5.96 -16.11
C MET A 51 -14.88 -5.63 -16.92
N ILE A 52 -14.74 -5.06 -18.12
CA ILE A 52 -15.87 -4.77 -19.02
C ILE A 52 -16.53 -6.04 -19.57
N ASN A 53 -15.80 -7.14 -19.77
CA ASN A 53 -16.42 -8.41 -20.17
C ASN A 53 -17.36 -8.99 -19.09
N GLU A 54 -17.12 -8.71 -17.80
CA GLU A 54 -18.04 -9.02 -16.71
C GLU A 54 -19.19 -7.99 -16.58
N VAL A 55 -18.85 -6.69 -16.62
CA VAL A 55 -19.80 -5.58 -16.39
C VAL A 55 -20.75 -5.34 -17.56
N ASP A 56 -20.22 -5.24 -18.79
CA ASP A 56 -20.98 -5.00 -20.03
C ASP A 56 -21.32 -6.31 -20.77
N ALA A 57 -21.86 -7.29 -20.04
CA ALA A 57 -22.27 -8.59 -20.61
C ALA A 57 -23.37 -8.45 -21.70
N ASP A 58 -24.16 -7.36 -21.66
CA ASP A 58 -25.15 -7.02 -22.68
C ASP A 58 -24.56 -6.39 -23.95
N GLY A 59 -23.30 -5.96 -23.93
CA GLY A 59 -22.60 -5.33 -25.07
C GLY A 59 -23.12 -3.94 -25.44
N ASN A 60 -23.65 -3.18 -24.48
CA ASN A 60 -24.26 -1.85 -24.69
C ASN A 60 -23.22 -0.70 -24.75
N GLY A 61 -21.97 -0.94 -24.31
CA GLY A 61 -20.92 0.08 -24.23
C GLY A 61 -21.05 1.05 -23.05
N THR A 62 -21.81 0.68 -22.01
CA THR A 62 -22.12 1.54 -20.84
C THR A 62 -21.97 0.84 -19.49
N ILE A 63 -21.83 1.63 -18.43
CA ILE A 63 -21.64 1.22 -17.03
C ILE A 63 -22.47 2.17 -16.14
N ASP A 64 -23.22 1.63 -15.17
CA ASP A 64 -23.88 2.43 -14.14
C ASP A 64 -22.98 2.67 -12.92
N PHE A 65 -23.24 3.73 -12.16
CA PHE A 65 -22.52 4.05 -10.92
C PHE A 65 -22.36 2.84 -9.96
N PRO A 66 -23.43 2.14 -9.56
CA PRO A 66 -23.31 0.96 -8.68
C PRO A 66 -22.65 -0.25 -9.35
N GLU A 67 -22.70 -0.33 -10.70
CA GLU A 67 -21.99 -1.37 -11.45
C GLU A 67 -20.47 -1.10 -11.49
N PHE A 68 -20.05 0.17 -11.59
CA PHE A 68 -18.64 0.56 -11.47
C PHE A 68 -18.08 0.22 -10.08
N LEU A 69 -18.85 0.45 -9.00
CA LEU A 69 -18.39 0.15 -7.64
C LEU A 69 -18.05 -1.33 -7.40
N THR A 70 -18.59 -2.25 -8.22
CA THR A 70 -18.32 -3.70 -8.07
C THR A 70 -16.83 -4.04 -8.25
N MET A 71 -16.12 -3.33 -9.15
CA MET A 71 -14.67 -3.49 -9.32
C MET A 71 -13.88 -2.64 -8.31
N MET A 72 -14.39 -1.46 -7.94
CA MET A 72 -13.77 -0.56 -6.94
C MET A 72 -13.75 -1.15 -5.53
N ALA A 73 -14.57 -2.17 -5.24
CA ALA A 73 -14.46 -2.97 -4.01
C ALA A 73 -13.15 -3.79 -3.95
N ARG A 74 -12.50 -4.07 -5.10
CA ARG A 74 -11.20 -4.74 -5.23
C ARG A 74 -10.07 -3.76 -5.61
N LYS A 75 -10.25 -3.01 -6.70
CA LYS A 75 -9.36 -1.94 -7.22
C LYS A 75 -9.42 -0.64 -6.40
N MET A 76 -9.56 -0.75 -5.08
CA MET A 76 -9.88 0.34 -4.15
C MET A 76 -8.74 1.36 -3.92
N LYS A 77 -8.36 2.09 -4.99
CA LYS A 77 -7.30 3.12 -5.15
C LYS A 77 -5.86 2.73 -4.77
N ASP A 78 -5.67 1.74 -3.89
CA ASP A 78 -4.39 1.10 -3.57
C ASP A 78 -3.26 2.08 -3.23
N THR A 79 -3.55 3.11 -2.43
CA THR A 79 -2.54 4.05 -1.92
C THR A 79 -1.65 3.37 -0.88
N ASP A 80 -0.37 3.21 -1.22
CA ASP A 80 0.62 2.47 -0.45
C ASP A 80 1.10 3.23 0.81
N SER A 81 1.14 2.55 1.96
CA SER A 81 1.37 3.17 3.29
C SER A 81 2.86 3.25 3.67
N GLU A 82 3.38 4.47 3.78
CA GLU A 82 4.81 4.76 3.97
C GLU A 82 5.39 4.20 5.28
N GLU A 83 4.72 4.44 6.42
CA GLU A 83 5.18 3.97 7.73
C GLU A 83 5.15 2.43 7.84
N GLU A 84 4.19 1.79 7.16
CA GLU A 84 4.09 0.33 7.09
C GLU A 84 5.29 -0.27 6.33
N ILE A 85 5.61 0.30 5.16
CA ILE A 85 6.74 -0.09 4.33
C ILE A 85 8.07 0.13 5.06
N ARG A 86 8.29 1.30 5.69
CA ARG A 86 9.52 1.58 6.45
C ARG A 86 9.75 0.56 7.56
N GLU A 87 8.74 0.23 8.35
CA GLU A 87 8.87 -0.75 9.44
C GLU A 87 9.05 -2.19 8.92
N ALA A 88 8.31 -2.58 7.87
CA ALA A 88 8.48 -3.86 7.17
C ALA A 88 9.88 -4.01 6.55
N PHE A 89 10.46 -2.94 6.02
CA PHE A 89 11.85 -2.93 5.57
C PHE A 89 12.84 -3.06 6.73
N ARG A 90 12.61 -2.35 7.84
CA ARG A 90 13.49 -2.36 9.03
C ARG A 90 13.65 -3.76 9.64
N VAL A 91 12.64 -4.61 9.48
CA VAL A 91 12.69 -6.05 9.82
C VAL A 91 13.76 -6.81 9.02
N PHE A 92 14.05 -6.42 7.77
CA PHE A 92 15.08 -7.03 6.92
C PHE A 92 16.45 -6.33 6.97
N ASP A 93 16.58 -5.16 7.61
CA ASP A 93 17.84 -4.39 7.70
C ASP A 93 18.93 -5.24 8.39
N LYS A 94 19.96 -5.59 7.63
CA LYS A 94 21.00 -6.58 8.00
C LYS A 94 22.06 -6.04 8.97
N ASP A 95 22.18 -4.71 9.09
CA ASP A 95 23.20 -4.02 9.90
C ASP A 95 22.62 -3.06 10.96
N GLY A 96 21.32 -2.75 10.90
CA GLY A 96 20.68 -1.69 11.71
C GLY A 96 21.10 -0.29 11.24
N ASN A 97 21.37 -0.12 9.95
CA ASN A 97 22.01 1.06 9.36
C ASN A 97 21.09 1.88 8.41
N GLY A 98 19.79 1.57 8.33
CA GLY A 98 18.81 2.30 7.50
C GLY A 98 18.83 1.91 6.01
N TYR A 99 19.30 0.71 5.70
CA TYR A 99 19.41 0.14 4.36
C TYR A 99 19.30 -1.39 4.41
N ILE A 100 19.14 -2.04 3.25
CA ILE A 100 19.07 -3.49 3.08
C ILE A 100 20.04 -3.92 1.98
N SER A 101 20.76 -5.04 2.17
CA SER A 101 21.67 -5.54 1.13
C SER A 101 20.89 -6.01 -0.11
N ALA A 102 21.38 -5.74 -1.32
CA ALA A 102 20.64 -6.05 -2.56
C ALA A 102 20.30 -7.55 -2.70
N ALA A 103 21.25 -8.43 -2.36
CA ALA A 103 21.03 -9.87 -2.32
C ALA A 103 20.05 -10.29 -1.20
N GLU A 104 20.00 -9.56 -0.08
CA GLU A 104 19.07 -9.81 1.03
C GLU A 104 17.65 -9.38 0.67
N LEU A 105 17.47 -8.23 0.02
CA LEU A 105 16.15 -7.79 -0.46
C LEU A 105 15.66 -8.70 -1.61
N ARG A 106 16.54 -9.07 -2.56
CA ARG A 106 16.22 -10.06 -3.60
C ARG A 106 15.84 -11.42 -3.01
N HIS A 107 16.52 -11.87 -1.95
CA HIS A 107 16.11 -13.08 -1.22
C HIS A 107 14.68 -12.94 -0.71
N VAL A 108 14.39 -11.99 0.18
CA VAL A 108 13.08 -11.91 0.82
C VAL A 108 11.95 -11.66 -0.17
N MET A 109 12.18 -10.84 -1.20
CA MET A 109 11.20 -10.58 -2.26
C MET A 109 10.90 -11.79 -3.17
N THR A 110 11.74 -12.84 -3.14
CA THR A 110 11.55 -14.08 -3.91
C THR A 110 11.44 -15.34 -3.04
N ASN A 111 11.59 -15.20 -1.72
CA ASN A 111 11.40 -16.24 -0.71
C ASN A 111 10.03 -16.15 -0.03
N LEU A 112 9.52 -14.93 0.16
CA LEU A 112 8.33 -14.62 0.98
C LEU A 112 7.32 -13.78 0.19
N GLY A 113 6.07 -13.77 0.65
CA GLY A 113 4.97 -13.07 -0.01
C GLY A 113 4.51 -13.72 -1.32
N GLU A 114 4.19 -12.88 -2.30
CA GLU A 114 3.73 -13.28 -3.63
C GLU A 114 4.86 -13.84 -4.51
N LYS A 115 6.12 -13.58 -4.15
CA LYS A 115 7.38 -13.93 -4.84
C LYS A 115 7.49 -13.29 -6.24
N LEU A 116 8.36 -12.28 -6.35
CA LEU A 116 8.59 -11.56 -7.61
C LEU A 116 9.26 -12.46 -8.68
N THR A 117 9.04 -12.15 -9.95
CA THR A 117 9.78 -12.76 -11.08
C THR A 117 11.26 -12.36 -11.05
N ASP A 118 12.12 -13.12 -11.72
CA ASP A 118 13.57 -12.88 -11.81
C ASP A 118 13.94 -11.47 -12.33
N GLU A 119 13.25 -10.97 -13.35
CA GLU A 119 13.40 -9.61 -13.87
C GLU A 119 12.65 -8.56 -13.02
N GLU A 120 11.52 -8.91 -12.42
CA GLU A 120 10.73 -8.01 -11.54
C GLU A 120 11.51 -7.66 -10.26
N VAL A 121 12.20 -8.62 -9.64
CA VAL A 121 13.07 -8.36 -8.49
C VAL A 121 14.35 -7.63 -8.87
N ASP A 122 14.91 -7.87 -10.06
CA ASP A 122 16.06 -7.13 -10.57
C ASP A 122 15.71 -5.68 -10.94
N GLU A 123 14.49 -5.44 -11.44
CA GLU A 123 13.93 -4.10 -11.68
C GLU A 123 13.77 -3.30 -10.38
N MET A 124 13.61 -3.96 -9.23
CA MET A 124 13.65 -3.31 -7.91
C MET A 124 15.06 -2.82 -7.63
N ILE A 125 16.08 -3.70 -7.68
CA ILE A 125 17.47 -3.35 -7.34
C ILE A 125 17.98 -2.20 -8.24
N ARG A 126 17.56 -2.14 -9.51
CA ARG A 126 17.89 -1.06 -10.46
C ARG A 126 17.66 0.34 -9.89
N GLU A 127 16.54 0.55 -9.18
CA GLU A 127 16.23 1.83 -8.52
C GLU A 127 16.73 1.87 -7.08
N ALA A 128 16.52 0.76 -6.36
CA ALA A 128 16.69 0.62 -4.92
C ALA A 128 18.16 0.72 -4.46
N ASP A 129 19.11 0.18 -5.23
CA ASP A 129 20.56 0.29 -4.99
C ASP A 129 21.11 1.64 -5.49
N ILE A 130 20.96 2.67 -4.64
CA ILE A 130 21.32 4.06 -4.94
C ILE A 130 22.80 4.21 -5.32
N ASP A 131 23.70 3.47 -4.65
CA ASP A 131 25.15 3.54 -4.89
C ASP A 131 25.63 2.68 -6.09
N GLY A 132 24.83 1.71 -6.54
CA GLY A 132 25.26 0.70 -7.52
C GLY A 132 26.23 -0.36 -6.96
N ASP A 133 26.41 -0.39 -5.63
CA ASP A 133 27.36 -1.24 -4.90
C ASP A 133 26.66 -2.34 -4.07
N GLY A 134 25.47 -2.78 -4.50
CA GLY A 134 24.69 -3.84 -3.86
C GLY A 134 24.05 -3.43 -2.52
N GLN A 135 23.79 -2.14 -2.32
CA GLN A 135 23.29 -1.55 -1.07
C GLN A 135 21.98 -0.80 -1.32
N VAL A 136 20.86 -1.51 -1.29
CA VAL A 136 19.52 -0.91 -1.41
C VAL A 136 19.26 0.02 -0.23
N ASN A 137 19.01 1.30 -0.48
CA ASN A 137 18.64 2.22 0.57
C ASN A 137 17.11 2.41 0.62
N TYR A 138 16.48 1.55 1.42
CA TYR A 138 15.02 1.48 1.52
C TYR A 138 14.38 2.77 2.03
N GLU A 139 15.08 3.57 2.84
CA GLU A 139 14.57 4.85 3.35
C GLU A 139 14.36 5.90 2.24
N GLU A 140 15.09 5.79 1.12
CA GLU A 140 14.84 6.54 -0.11
C GLU A 140 13.78 5.85 -0.99
N PHE A 141 13.88 4.52 -1.11
CA PHE A 141 12.99 3.71 -1.95
C PHE A 141 11.51 3.77 -1.52
N VAL A 142 11.23 3.75 -0.21
CA VAL A 142 9.88 3.93 0.35
C VAL A 142 9.26 5.28 -0.01
N GLN A 143 10.06 6.36 0.05
CA GLN A 143 9.63 7.71 -0.34
C GLN A 143 9.35 7.81 -1.85
N MET A 144 10.16 7.14 -2.66
CA MET A 144 9.98 7.06 -4.11
C MET A 144 8.74 6.24 -4.50
N MET A 145 8.53 5.07 -3.87
CA MET A 145 7.37 4.21 -4.15
C MET A 145 6.05 4.91 -3.79
N THR A 146 5.97 5.50 -2.60
CA THR A 146 4.75 6.12 -2.04
C THR A 146 4.39 7.51 -2.60
N ALA A 147 5.09 7.98 -3.64
CA ALA A 147 4.73 9.20 -4.38
C ALA A 147 3.31 9.11 -4.99
N LYS A 148 2.66 10.27 -5.18
CA LYS A 148 1.27 10.40 -5.66
C LYS A 148 1.02 11.69 -6.45
N GLY B 1 13.15 -20.28 18.96
CA GLY B 1 14.27 -19.37 19.25
C GLY B 1 14.90 -18.86 17.97
N PRO B 2 16.02 -19.44 17.50
CA PRO B 2 16.63 -19.09 16.21
C PRO B 2 15.68 -19.40 15.05
N GLY B 3 15.58 -18.48 14.09
CA GLY B 3 14.68 -18.57 12.92
C GLY B 3 13.21 -18.25 13.19
N SER B 4 12.77 -18.08 14.45
CA SER B 4 11.36 -17.82 14.81
C SER B 4 10.85 -16.43 14.39
N LYS B 5 11.73 -15.59 13.87
CA LYS B 5 11.47 -14.31 13.20
C LYS B 5 10.54 -14.45 11.98
N ARG B 6 10.47 -15.64 11.37
CA ARG B 6 9.65 -16.00 10.19
C ARG B 6 8.22 -15.44 10.25
N LYS B 7 7.57 -15.50 11.42
CA LYS B 7 6.20 -14.99 11.65
C LYS B 7 6.02 -13.51 11.25
N GLN B 8 7.01 -12.66 11.53
CA GLN B 8 7.04 -11.26 11.07
C GLN B 8 7.72 -11.10 9.70
N GLU B 9 8.80 -11.84 9.47
CA GLU B 9 9.62 -11.74 8.24
C GLU B 9 8.81 -12.02 6.98
N GLU B 10 8.00 -13.08 6.99
CA GLU B 10 7.21 -13.52 5.83
C GLU B 10 6.10 -12.52 5.44
N VAL B 11 5.63 -11.73 6.40
CA VAL B 11 4.47 -10.83 6.25
C VAL B 11 4.89 -9.38 5.97
N SER B 12 6.03 -8.98 6.51
CA SER B 12 6.70 -7.70 6.20
C SER B 12 6.99 -7.59 4.71
N ALA B 13 7.42 -8.69 4.09
CA ALA B 13 7.75 -8.73 2.66
C ALA B 13 6.54 -8.30 1.83
N ILE B 14 5.33 -8.77 2.18
CA ILE B 14 4.10 -8.57 1.39
C ILE B 14 3.75 -7.08 1.26
N ILE B 15 3.94 -6.31 2.33
CA ILE B 15 3.69 -4.85 2.37
C ILE B 15 4.54 -4.11 1.33
N ILE B 16 5.83 -4.45 1.23
CA ILE B 16 6.75 -3.94 0.21
C ILE B 16 6.34 -4.47 -1.18
N GLN B 17 5.89 -5.73 -1.29
CA GLN B 17 5.44 -6.32 -2.58
C GLN B 17 4.22 -5.62 -3.17
N ARG B 18 3.29 -5.11 -2.34
CA ARG B 18 2.18 -4.26 -2.78
C ARG B 18 2.70 -2.93 -3.32
N ALA B 19 3.50 -2.23 -2.51
CA ALA B 19 4.07 -0.93 -2.83
C ALA B 19 4.94 -0.96 -4.10
N TYR B 20 5.71 -2.03 -4.28
CA TYR B 20 6.62 -2.16 -5.41
C TYR B 20 5.89 -2.21 -6.77
N ARG B 21 4.93 -3.10 -6.96
CA ARG B 21 4.20 -3.17 -8.25
C ARG B 21 3.23 -1.99 -8.41
N ARG B 22 2.73 -1.41 -7.31
CA ARG B 22 1.98 -0.15 -7.35
C ARG B 22 2.86 0.99 -7.88
N TYR B 23 4.13 1.04 -7.47
CA TYR B 23 5.12 1.97 -8.04
C TYR B 23 5.48 1.64 -9.49
N LEU B 24 5.63 0.36 -9.85
CA LEU B 24 5.80 -0.04 -11.25
C LEU B 24 4.67 0.49 -12.14
N LEU B 25 3.42 0.47 -11.66
CA LEU B 25 2.27 1.04 -12.36
C LEU B 25 2.38 2.57 -12.54
N LYS B 26 2.89 3.29 -11.53
CA LYS B 26 3.15 4.75 -11.58
C LYS B 26 4.22 5.13 -12.59
N GLN B 27 5.30 4.33 -12.74
CA GLN B 27 6.32 4.56 -13.78
C GLN B 27 5.93 3.99 -15.16
N LYS B 28 5.00 3.02 -15.24
CA LYS B 28 4.44 2.48 -16.49
C LYS B 28 3.52 3.49 -17.18
N VAL B 29 2.65 4.18 -16.42
CA VAL B 29 1.83 5.30 -16.90
C VAL B 29 1.80 6.41 -15.85
N LYS B 30 2.34 7.58 -16.20
CA LYS B 30 2.55 8.74 -15.31
C LYS B 30 1.26 9.53 -15.03
N LYS B 31 1.37 10.47 -14.09
CA LYS B 31 0.33 11.45 -13.72
C LYS B 31 -0.11 12.31 -14.93
N ALA A 1 -2.11 -3.54 8.51
CA ALA A 1 -2.29 -2.11 8.23
C ALA A 1 -3.53 -1.56 8.96
N ASP A 2 -3.45 -1.47 10.30
CA ASP A 2 -4.60 -1.15 11.16
C ASP A 2 -4.61 0.31 11.65
N GLN A 3 -3.80 1.20 11.04
CA GLN A 3 -3.75 2.63 11.34
C GLN A 3 -4.82 3.45 10.59
N LEU A 4 -5.08 4.65 11.12
CA LEU A 4 -6.06 5.66 10.69
C LEU A 4 -5.44 7.07 10.79
N THR A 5 -5.99 8.03 10.04
CA THR A 5 -5.70 9.47 10.20
C THR A 5 -6.37 10.01 11.47
N GLU A 6 -5.91 11.15 11.99
CA GLU A 6 -6.57 11.83 13.12
C GLU A 6 -8.03 12.18 12.80
N GLU A 7 -8.32 12.54 11.55
CA GLU A 7 -9.67 12.80 11.04
C GLU A 7 -10.55 11.55 11.07
N GLN A 8 -10.05 10.39 10.60
CA GLN A 8 -10.80 9.12 10.72
C GLN A 8 -10.99 8.69 12.17
N ILE A 9 -9.99 8.88 13.02
CA ILE A 9 -10.09 8.53 14.44
C ILE A 9 -11.16 9.37 15.14
N ALA A 10 -11.20 10.69 14.92
CA ALA A 10 -12.23 11.56 15.51
C ALA A 10 -13.64 11.31 14.92
N GLU A 11 -13.74 10.96 13.64
CA GLU A 11 -15.01 10.54 13.01
C GLU A 11 -15.54 9.25 13.66
N PHE A 12 -14.68 8.23 13.83
CA PHE A 12 -15.03 6.98 14.48
C PHE A 12 -15.26 7.15 16.00
N LYS A 13 -14.51 8.04 16.66
CA LYS A 13 -14.67 8.40 18.08
C LYS A 13 -16.11 8.85 18.37
N GLU A 14 -16.61 9.79 17.57
CA GLU A 14 -17.99 10.28 17.68
C GLU A 14 -19.02 9.17 17.42
N ALA A 15 -18.93 8.48 16.27
CA ALA A 15 -19.88 7.44 15.88
C ALA A 15 -19.90 6.22 16.82
N PHE A 16 -18.77 5.87 17.43
CA PHE A 16 -18.69 4.79 18.42
C PHE A 16 -19.29 5.20 19.76
N SER A 17 -18.90 6.38 20.28
CA SER A 17 -19.42 6.94 21.53
C SER A 17 -20.93 7.20 21.48
N LEU A 18 -21.49 7.42 20.28
CA LEU A 18 -22.92 7.53 20.01
C LEU A 18 -23.74 6.30 20.48
N PHE A 19 -23.09 5.14 20.63
CA PHE A 19 -23.69 3.87 21.09
C PHE A 19 -23.05 3.34 22.39
N ASP A 20 -22.11 4.08 22.98
CA ASP A 20 -21.51 3.78 24.29
C ASP A 20 -22.49 4.14 25.42
N LYS A 21 -23.58 3.36 25.52
CA LYS A 21 -24.69 3.58 26.46
C LYS A 21 -24.32 3.42 27.94
N ASP A 22 -23.20 2.75 28.24
CA ASP A 22 -22.63 2.61 29.58
C ASP A 22 -21.70 3.78 29.97
N GLY A 23 -21.13 4.51 28.99
CA GLY A 23 -20.13 5.56 29.21
C GLY A 23 -18.73 5.03 29.55
N ASP A 24 -18.42 3.79 29.17
CA ASP A 24 -17.18 3.06 29.53
C ASP A 24 -16.11 3.05 28.42
N GLY A 25 -16.37 3.64 27.26
CA GLY A 25 -15.50 3.57 26.08
C GLY A 25 -15.67 2.28 25.28
N THR A 26 -16.85 1.63 25.36
CA THR A 26 -17.13 0.30 24.79
C THR A 26 -18.56 0.20 24.22
N ILE A 27 -18.80 -0.79 23.36
CA ILE A 27 -20.12 -1.17 22.81
C ILE A 27 -20.31 -2.70 22.86
N THR A 28 -21.50 -3.19 22.54
CA THR A 28 -21.76 -4.63 22.33
C THR A 28 -21.43 -5.08 20.91
N THR A 29 -21.20 -6.39 20.76
CA THR A 29 -21.07 -7.06 19.45
C THR A 29 -22.35 -6.95 18.61
N LYS A 30 -23.52 -6.77 19.25
CA LYS A 30 -24.81 -6.51 18.58
C LYS A 30 -24.89 -5.08 18.00
N GLU A 31 -24.44 -4.07 18.75
CA GLU A 31 -24.45 -2.67 18.30
C GLU A 31 -23.35 -2.34 17.27
N LEU A 32 -22.35 -3.20 17.08
CA LEU A 32 -21.25 -3.03 16.12
C LEU A 32 -21.78 -2.64 14.73
N GLY A 33 -22.64 -3.46 14.12
CA GLY A 33 -23.14 -3.19 12.76
C GLY A 33 -24.00 -1.94 12.68
N THR A 34 -24.69 -1.56 13.77
CA THR A 34 -25.43 -0.30 13.90
C THR A 34 -24.49 0.90 13.93
N VAL A 35 -23.37 0.79 14.64
CA VAL A 35 -22.29 1.78 14.67
C VAL A 35 -21.62 1.93 13.30
N MET A 36 -21.39 0.81 12.57
CA MET A 36 -20.91 0.84 11.18
C MET A 36 -21.92 1.54 10.24
N ARG A 37 -23.21 1.22 10.36
CA ARG A 37 -24.29 1.84 9.56
C ARG A 37 -24.44 3.34 9.84
N SER A 38 -24.15 3.79 11.07
CA SER A 38 -24.08 5.22 11.43
C SER A 38 -22.94 5.96 10.68
N LEU A 39 -21.87 5.25 10.32
CA LEU A 39 -20.79 5.72 9.44
C LEU A 39 -21.09 5.48 7.93
N GLY A 40 -22.30 5.04 7.59
CA GLY A 40 -22.75 4.77 6.22
C GLY A 40 -22.30 3.42 5.63
N GLN A 41 -21.56 2.61 6.39
CA GLN A 41 -21.10 1.27 5.99
C GLN A 41 -22.06 0.20 6.49
N ASN A 42 -22.71 -0.54 5.59
CA ASN A 42 -23.61 -1.64 5.94
C ASN A 42 -22.92 -3.02 5.73
N PRO A 43 -22.32 -3.60 6.79
CA PRO A 43 -21.58 -4.88 6.72
C PRO A 43 -22.49 -6.10 6.54
N THR A 44 -21.93 -7.18 5.99
CA THR A 44 -22.56 -8.51 5.92
C THR A 44 -22.56 -9.19 7.30
N GLU A 45 -23.57 -10.00 7.64
CA GLU A 45 -23.65 -10.69 8.94
C GLU A 45 -22.50 -11.71 9.16
N ALA A 46 -22.06 -12.40 8.11
CA ALA A 46 -20.88 -13.26 8.15
C ALA A 46 -19.57 -12.46 8.31
N GLU A 47 -19.49 -11.25 7.77
CA GLU A 47 -18.34 -10.35 7.94
C GLU A 47 -18.26 -9.80 9.37
N LEU A 48 -19.40 -9.39 9.95
CA LEU A 48 -19.51 -9.03 11.37
C LEU A 48 -19.06 -10.19 12.27
N GLN A 49 -19.54 -11.41 12.01
CA GLN A 49 -19.14 -12.61 12.75
C GLN A 49 -17.62 -12.87 12.67
N ASP A 50 -17.01 -12.71 11.49
CA ASP A 50 -15.56 -12.87 11.30
C ASP A 50 -14.74 -11.80 12.06
N MET A 51 -15.15 -10.53 12.00
CA MET A 51 -14.51 -9.43 12.75
C MET A 51 -14.65 -9.61 14.27
N ILE A 52 -15.81 -10.06 14.75
CA ILE A 52 -16.04 -10.35 16.18
C ILE A 52 -15.25 -11.59 16.63
N ASN A 53 -15.01 -12.59 15.78
CA ASN A 53 -14.14 -13.72 16.13
C ASN A 53 -12.67 -13.31 16.34
N GLU A 54 -12.19 -12.25 15.66
CA GLU A 54 -10.88 -11.64 15.95
C GLU A 54 -10.90 -10.80 17.25
N VAL A 55 -11.90 -9.92 17.39
CA VAL A 55 -11.98 -8.94 18.48
C VAL A 55 -12.44 -9.53 19.83
N ASP A 56 -13.53 -10.29 19.85
CA ASP A 56 -14.15 -10.86 21.05
C ASP A 56 -13.70 -12.32 21.29
N ALA A 57 -12.39 -12.57 21.28
CA ALA A 57 -11.81 -13.89 21.53
C ALA A 57 -12.15 -14.44 22.94
N ASP A 58 -12.44 -13.55 23.89
CA ASP A 58 -12.90 -13.90 25.25
C ASP A 58 -14.40 -14.30 25.32
N GLY A 59 -15.19 -14.01 24.28
CA GLY A 59 -16.63 -14.32 24.21
C GLY A 59 -17.51 -13.49 25.16
N ASN A 60 -17.10 -12.27 25.49
CA ASN A 60 -17.79 -11.39 26.46
C ASN A 60 -19.01 -10.66 25.88
N GLY A 61 -19.16 -10.61 24.55
CA GLY A 61 -20.21 -9.87 23.84
C GLY A 61 -19.96 -8.36 23.72
N THR A 62 -18.71 -7.90 23.90
CA THR A 62 -18.32 -6.47 23.95
C THR A 62 -17.09 -6.14 23.11
N ILE A 63 -16.94 -4.85 22.78
CA ILE A 63 -15.87 -4.27 21.97
C ILE A 63 -15.44 -2.93 22.58
N ASP A 64 -14.14 -2.66 22.66
CA ASP A 64 -13.61 -1.35 23.04
C ASP A 64 -13.37 -0.44 21.82
N PHE A 65 -13.32 0.87 22.04
CA PHE A 65 -12.97 1.87 21.02
C PHE A 65 -11.78 1.47 20.12
N PRO A 66 -10.60 1.10 20.65
CA PRO A 66 -9.45 0.73 19.80
C PRO A 66 -9.63 -0.60 19.05
N GLU A 67 -10.40 -1.55 19.57
CA GLU A 67 -10.74 -2.79 18.87
C GLU A 67 -11.74 -2.55 17.72
N PHE A 68 -12.63 -1.57 17.85
CA PHE A 68 -13.45 -1.13 16.72
C PHE A 68 -12.60 -0.44 15.64
N LEU A 69 -11.71 0.48 16.02
CA LEU A 69 -10.85 1.17 15.04
C LEU A 69 -9.88 0.21 14.33
N THR A 70 -9.44 -0.84 15.02
CA THR A 70 -8.69 -1.97 14.46
C THR A 70 -9.40 -2.60 13.25
N MET A 71 -10.68 -2.95 13.36
CA MET A 71 -11.43 -3.53 12.23
C MET A 71 -11.82 -2.48 11.19
N MET A 72 -12.08 -1.24 11.62
CA MET A 72 -12.47 -0.15 10.71
C MET A 72 -11.32 0.23 9.76
N ALA A 73 -10.08 0.27 10.25
CA ALA A 73 -8.90 0.41 9.40
C ALA A 73 -8.77 -0.77 8.40
N ARG A 74 -8.99 -2.01 8.87
CA ARG A 74 -8.97 -3.22 8.03
C ARG A 74 -10.00 -3.17 6.89
N LYS A 75 -11.23 -2.71 7.19
CA LYS A 75 -12.32 -2.45 6.23
C LYS A 75 -11.99 -1.32 5.24
N MET A 76 -11.41 -0.23 5.73
CA MET A 76 -11.11 0.97 4.94
C MET A 76 -9.95 0.76 3.95
N LYS A 77 -8.85 0.14 4.38
CA LYS A 77 -7.64 -0.11 3.57
C LYS A 77 -6.79 -1.27 4.10
N ASP A 78 -6.82 -2.41 3.40
CA ASP A 78 -5.93 -3.55 3.60
C ASP A 78 -4.51 -3.31 3.04
N THR A 79 -4.36 -2.26 2.21
CA THR A 79 -3.16 -1.92 1.44
C THR A 79 -1.98 -1.46 2.30
N ASP A 80 -0.81 -1.40 1.66
CA ASP A 80 0.42 -0.79 2.16
C ASP A 80 0.23 0.69 2.58
N SER A 81 1.13 1.16 3.44
CA SER A 81 1.25 2.54 3.89
C SER A 81 2.73 2.88 4.13
N GLU A 82 3.10 4.15 4.11
CA GLU A 82 4.50 4.59 4.25
C GLU A 82 5.13 4.16 5.59
N GLU A 83 4.35 4.21 6.67
CA GLU A 83 4.73 3.67 7.99
C GLU A 83 4.93 2.13 7.93
N GLU A 84 4.00 1.44 7.28
CA GLU A 84 3.98 -0.02 7.17
C GLU A 84 5.20 -0.56 6.40
N ILE A 85 5.51 0.06 5.26
CA ILE A 85 6.66 -0.27 4.40
C ILE A 85 7.97 -0.06 5.16
N ARG A 86 8.13 1.08 5.84
CA ARG A 86 9.38 1.42 6.53
C ARG A 86 9.66 0.52 7.74
N GLU A 87 8.61 0.10 8.46
CA GLU A 87 8.67 -0.94 9.49
C GLU A 87 9.01 -2.32 8.90
N ALA A 88 8.34 -2.71 7.82
CA ALA A 88 8.57 -3.97 7.10
C ALA A 88 9.95 -4.06 6.44
N PHE A 89 10.58 -2.94 6.09
CA PHE A 89 11.98 -2.91 5.65
C PHE A 89 12.95 -3.04 6.82
N ARG A 90 12.69 -2.37 7.95
CA ARG A 90 13.59 -2.39 9.12
C ARG A 90 13.79 -3.78 9.73
N VAL A 91 12.83 -4.71 9.57
CA VAL A 91 12.99 -6.14 9.91
C VAL A 91 13.90 -6.92 8.94
N PHE A 92 14.21 -6.39 7.76
CA PHE A 92 15.19 -6.94 6.82
C PHE A 92 16.57 -6.25 6.90
N ASP A 93 16.63 -4.99 7.37
CA ASP A 93 17.89 -4.25 7.60
C ASP A 93 18.74 -4.94 8.69
N LYS A 94 19.77 -5.67 8.26
CA LYS A 94 20.64 -6.48 9.12
C LYS A 94 21.65 -5.66 9.95
N ASP A 95 21.89 -4.40 9.58
CA ASP A 95 22.91 -3.53 10.17
C ASP A 95 22.35 -2.36 10.99
N GLY A 96 21.06 -2.02 10.81
CA GLY A 96 20.40 -0.85 11.40
C GLY A 96 20.81 0.48 10.74
N ASN A 97 21.41 0.44 9.55
CA ASN A 97 22.05 1.58 8.88
C ASN A 97 21.16 2.31 7.86
N GLY A 98 19.88 1.93 7.69
CA GLY A 98 18.96 2.59 6.75
C GLY A 98 19.06 2.08 5.30
N TYR A 99 19.62 0.88 5.11
CA TYR A 99 19.77 0.21 3.83
C TYR A 99 19.64 -1.31 4.02
N ILE A 100 19.39 -2.03 2.93
CA ILE A 100 19.34 -3.49 2.86
C ILE A 100 20.40 -3.97 1.84
N SER A 101 20.96 -5.18 2.02
CA SER A 101 21.85 -5.75 1.02
C SER A 101 21.07 -6.27 -0.19
N ALA A 102 21.57 -6.06 -1.42
CA ALA A 102 20.84 -6.42 -2.64
C ALA A 102 20.46 -7.91 -2.70
N ALA A 103 21.36 -8.81 -2.30
CA ALA A 103 21.09 -10.24 -2.20
C ALA A 103 20.06 -10.58 -1.09
N GLU A 104 19.97 -9.79 -0.02
CA GLU A 104 19.00 -9.97 1.06
C GLU A 104 17.59 -9.55 0.65
N LEU A 105 17.42 -8.41 -0.04
CA LEU A 105 16.13 -8.00 -0.61
C LEU A 105 15.71 -8.91 -1.76
N ARG A 106 16.65 -9.36 -2.61
CA ARG A 106 16.34 -10.38 -3.63
C ARG A 106 15.92 -11.70 -3.00
N HIS A 107 16.50 -12.08 -1.84
CA HIS A 107 16.02 -13.20 -1.04
C HIS A 107 14.59 -12.93 -0.56
N VAL A 108 14.32 -11.93 0.31
CA VAL A 108 12.97 -11.75 0.88
C VAL A 108 11.90 -11.61 -0.19
N MET A 109 12.18 -10.88 -1.27
CA MET A 109 11.18 -10.57 -2.27
C MET A 109 10.86 -11.74 -3.21
N THR A 110 11.69 -12.78 -3.21
CA THR A 110 11.46 -14.03 -3.97
C THR A 110 11.32 -15.27 -3.08
N ASN A 111 11.50 -15.13 -1.76
CA ASN A 111 11.31 -16.17 -0.75
C ASN A 111 9.98 -16.02 0.02
N LEU A 112 9.47 -14.80 0.16
CA LEU A 112 8.34 -14.45 1.03
C LEU A 112 7.33 -13.57 0.29
N GLY A 113 6.05 -13.79 0.56
CA GLY A 113 4.97 -12.99 0.00
C GLY A 113 4.64 -13.27 -1.46
N GLU A 114 4.23 -12.24 -2.19
CA GLU A 114 3.77 -12.30 -3.60
C GLU A 114 4.93 -12.39 -4.62
N LYS A 115 5.93 -13.24 -4.32
CA LYS A 115 7.20 -13.55 -5.01
C LYS A 115 7.39 -12.82 -6.36
N LEU A 116 8.30 -11.85 -6.38
CA LEU A 116 8.68 -11.11 -7.60
C LEU A 116 9.28 -12.07 -8.64
N THR A 117 8.98 -11.80 -9.92
CA THR A 117 9.54 -12.52 -11.08
C THR A 117 11.05 -12.25 -11.22
N ASP A 118 11.76 -13.08 -11.95
CA ASP A 118 13.22 -13.00 -12.19
C ASP A 118 13.71 -11.61 -12.63
N GLU A 119 13.04 -10.97 -13.60
CA GLU A 119 13.35 -9.61 -14.06
C GLU A 119 12.69 -8.51 -13.20
N GLU A 120 11.60 -8.84 -12.51
CA GLU A 120 10.82 -7.91 -11.67
C GLU A 120 11.56 -7.55 -10.37
N VAL A 121 12.20 -8.54 -9.74
CA VAL A 121 13.10 -8.33 -8.60
C VAL A 121 14.39 -7.63 -9.04
N ASP A 122 14.90 -7.92 -10.25
CA ASP A 122 16.07 -7.24 -10.80
C ASP A 122 15.80 -5.75 -11.05
N GLU A 123 14.60 -5.42 -11.54
CA GLU A 123 14.13 -4.04 -11.65
C GLU A 123 14.08 -3.34 -10.29
N MET A 124 13.72 -4.05 -9.21
CA MET A 124 13.77 -3.52 -7.85
C MET A 124 15.21 -3.26 -7.38
N ILE A 125 16.17 -4.15 -7.67
CA ILE A 125 17.58 -3.89 -7.32
C ILE A 125 18.11 -2.67 -8.08
N ARG A 126 17.81 -2.56 -9.38
CA ARG A 126 18.14 -1.40 -10.24
C ARG A 126 17.54 -0.09 -9.70
N GLU A 127 16.32 -0.12 -9.18
CA GLU A 127 15.64 1.02 -8.56
C GLU A 127 16.22 1.41 -7.19
N ALA A 128 16.43 0.42 -6.32
CA ALA A 128 16.74 0.62 -4.91
C ALA A 128 18.25 0.79 -4.62
N ASP A 129 19.16 0.23 -5.41
CA ASP A 129 20.62 0.33 -5.25
C ASP A 129 21.16 1.71 -5.67
N ILE A 130 20.67 2.74 -4.98
CA ILE A 130 20.99 4.16 -5.18
C ILE A 130 22.47 4.45 -4.86
N ASP A 131 23.06 3.69 -3.92
CA ASP A 131 24.49 3.71 -3.61
C ASP A 131 25.37 2.98 -4.66
N GLY A 132 24.77 2.23 -5.59
CA GLY A 132 25.41 1.64 -6.77
C GLY A 132 26.34 0.43 -6.52
N ASP A 133 26.43 -0.04 -5.28
CA ASP A 133 27.42 -1.03 -4.80
C ASP A 133 26.74 -2.26 -4.13
N GLY A 134 25.58 -2.68 -4.64
CA GLY A 134 24.81 -3.82 -4.10
C GLY A 134 24.12 -3.53 -2.76
N GLN A 135 23.80 -2.26 -2.51
CA GLN A 135 23.30 -1.72 -1.25
C GLN A 135 21.97 -1.01 -1.50
N VAL A 136 20.88 -1.78 -1.48
CA VAL A 136 19.52 -1.31 -1.74
C VAL A 136 19.03 -0.39 -0.62
N ASN A 137 19.02 0.91 -0.89
CA ASN A 137 18.81 1.93 0.12
C ASN A 137 17.33 2.17 0.37
N TYR A 138 16.75 1.31 1.21
CA TYR A 138 15.32 1.26 1.42
C TYR A 138 14.75 2.58 1.98
N GLU A 139 15.51 3.37 2.75
CA GLU A 139 14.97 4.61 3.35
C GLU A 139 14.53 5.63 2.29
N GLU A 140 15.28 5.77 1.19
CA GLU A 140 14.88 6.56 0.02
C GLU A 140 13.92 5.78 -0.90
N PHE A 141 14.07 4.45 -1.01
CA PHE A 141 13.17 3.61 -1.80
C PHE A 141 11.72 3.66 -1.28
N VAL A 142 11.49 3.65 0.05
CA VAL A 142 10.16 3.80 0.67
C VAL A 142 9.49 5.03 0.10
N GLN A 143 10.13 6.18 0.29
CA GLN A 143 9.46 7.44 0.03
C GLN A 143 9.30 7.73 -1.48
N MET A 144 10.15 7.12 -2.33
CA MET A 144 9.98 7.08 -3.80
C MET A 144 8.80 6.18 -4.19
N MET A 145 8.71 4.98 -3.62
CA MET A 145 7.70 3.97 -3.94
C MET A 145 6.28 4.43 -3.53
N THR A 146 6.16 5.19 -2.44
CA THR A 146 4.91 5.79 -1.94
C THR A 146 4.55 7.17 -2.54
N ALA A 147 5.31 7.66 -3.53
CA ALA A 147 5.09 8.98 -4.12
C ALA A 147 3.71 9.16 -4.80
N LYS A 148 3.34 10.41 -5.09
CA LYS A 148 2.06 10.82 -5.71
C LYS A 148 1.79 10.07 -7.03
N GLY B 1 7.86 -9.88 19.51
CA GLY B 1 7.45 -11.10 18.78
C GLY B 1 8.09 -12.34 19.38
N PRO B 2 7.32 -13.40 19.71
CA PRO B 2 7.85 -14.62 20.32
C PRO B 2 8.74 -15.43 19.37
N GLY B 3 9.76 -16.09 19.92
CA GLY B 3 10.76 -16.87 19.17
C GLY B 3 11.79 -15.98 18.46
N SER B 4 11.40 -15.37 17.33
CA SER B 4 12.24 -14.47 16.51
C SER B 4 11.39 -13.59 15.59
N LYS B 5 12.03 -12.66 14.86
CA LYS B 5 11.38 -11.81 13.85
C LYS B 5 10.79 -12.57 12.65
N ARG B 6 11.11 -13.86 12.47
CA ARG B 6 10.69 -14.69 11.32
C ARG B 6 9.16 -14.74 11.11
N LYS B 7 8.38 -14.57 12.17
CA LYS B 7 6.90 -14.50 12.12
C LYS B 7 6.39 -13.22 11.42
N GLN B 8 7.06 -12.09 11.63
CA GLN B 8 6.79 -10.81 10.97
C GLN B 8 7.49 -10.70 9.58
N GLU B 9 8.67 -11.28 9.44
CA GLU B 9 9.52 -11.22 8.24
C GLU B 9 8.76 -11.60 6.95
N GLU B 10 7.99 -12.70 6.99
CA GLU B 10 7.26 -13.21 5.83
C GLU B 10 6.09 -12.33 5.37
N VAL B 11 5.51 -11.56 6.29
CA VAL B 11 4.34 -10.68 6.04
C VAL B 11 4.76 -9.24 5.77
N SER B 12 5.88 -8.82 6.35
CA SER B 12 6.56 -7.56 6.04
C SER B 12 6.96 -7.51 4.56
N ALA B 13 7.44 -8.64 4.02
CA ALA B 13 7.76 -8.74 2.61
C ALA B 13 6.52 -8.42 1.75
N ILE B 14 5.34 -8.93 2.13
CA ILE B 14 4.09 -8.70 1.38
C ILE B 14 3.78 -7.20 1.27
N ILE B 15 3.93 -6.45 2.36
CA ILE B 15 3.66 -4.99 2.39
C ILE B 15 4.51 -4.25 1.35
N ILE B 16 5.80 -4.58 1.24
CA ILE B 16 6.71 -4.03 0.22
C ILE B 16 6.31 -4.55 -1.18
N GLN B 17 5.84 -5.80 -1.32
CA GLN B 17 5.34 -6.35 -2.60
C GLN B 17 4.09 -5.60 -3.11
N ARG B 18 3.13 -5.26 -2.22
CA ARG B 18 1.95 -4.43 -2.56
C ARG B 18 2.39 -3.07 -3.11
N ALA B 19 3.31 -2.41 -2.40
CA ALA B 19 3.86 -1.10 -2.74
C ALA B 19 4.68 -1.12 -4.04
N TYR B 20 5.43 -2.18 -4.30
CA TYR B 20 6.32 -2.25 -5.45
C TYR B 20 5.56 -2.35 -6.78
N ARG B 21 4.53 -3.20 -6.88
CA ARG B 21 3.68 -3.27 -8.10
C ARG B 21 2.94 -1.96 -8.36
N ARG B 22 2.65 -1.15 -7.33
CA ARG B 22 2.15 0.24 -7.46
C ARG B 22 3.14 1.11 -8.22
N TYR B 23 4.42 1.03 -7.83
CA TYR B 23 5.52 1.75 -8.47
C TYR B 23 5.83 1.24 -9.89
N LEU B 24 5.68 -0.06 -10.15
CA LEU B 24 5.82 -0.64 -11.50
C LEU B 24 4.88 0.02 -12.52
N LEU B 25 3.67 0.43 -12.11
CA LEU B 25 2.75 1.25 -12.92
C LEU B 25 3.18 2.71 -12.98
N LYS B 26 3.64 3.29 -11.85
CA LYS B 26 4.13 4.68 -11.74
C LYS B 26 5.26 5.01 -12.73
N GLN B 27 6.12 4.05 -13.05
CA GLN B 27 7.13 4.16 -14.10
C GLN B 27 6.54 4.44 -15.50
N LYS B 28 5.40 3.82 -15.82
CA LYS B 28 4.82 3.79 -17.19
C LYS B 28 3.89 4.97 -17.48
N VAL B 29 3.07 5.38 -16.49
CA VAL B 29 2.11 6.48 -16.62
C VAL B 29 2.80 7.84 -16.80
N LYS B 30 2.24 8.68 -17.69
CA LYS B 30 2.81 9.99 -18.09
C LYS B 30 1.76 11.08 -18.37
N LYS B 31 0.62 10.99 -17.67
CA LYS B 31 -0.52 11.93 -17.75
C LYS B 31 -0.14 13.35 -17.25
N ALA A 1 -15.01 10.15 -8.19
CA ALA A 1 -16.26 9.37 -8.35
C ALA A 1 -15.97 7.87 -8.43
N ASP A 2 -16.95 7.02 -8.10
CA ASP A 2 -16.85 5.55 -8.11
C ASP A 2 -17.18 4.91 -9.48
N GLN A 3 -17.73 5.66 -10.44
CA GLN A 3 -18.04 5.15 -11.78
C GLN A 3 -16.78 4.77 -12.57
N LEU A 4 -16.90 3.74 -13.41
CA LEU A 4 -15.85 3.30 -14.34
C LEU A 4 -15.95 4.04 -15.69
N THR A 5 -14.79 4.26 -16.33
CA THR A 5 -14.72 4.78 -17.71
C THR A 5 -15.15 3.72 -18.73
N GLU A 6 -15.51 4.13 -19.96
CA GLU A 6 -15.85 3.17 -21.02
C GLU A 6 -14.67 2.23 -21.38
N GLU A 7 -13.43 2.70 -21.22
CA GLU A 7 -12.21 1.90 -21.40
C GLU A 7 -12.03 0.86 -20.29
N GLN A 8 -12.22 1.26 -19.02
CA GLN A 8 -12.23 0.34 -17.87
C GLN A 8 -13.35 -0.70 -18.01
N ILE A 9 -14.55 -0.27 -18.38
CA ILE A 9 -15.71 -1.16 -18.55
C ILE A 9 -15.46 -2.19 -19.65
N ALA A 10 -14.93 -1.80 -20.80
CA ALA A 10 -14.62 -2.75 -21.89
C ALA A 10 -13.44 -3.71 -21.56
N GLU A 11 -12.43 -3.24 -20.82
CA GLU A 11 -11.34 -4.10 -20.34
C GLU A 11 -11.84 -5.14 -19.33
N PHE A 12 -12.68 -4.71 -18.37
CA PHE A 12 -13.37 -5.61 -17.43
C PHE A 12 -14.38 -6.52 -18.13
N LYS A 13 -15.09 -6.03 -19.16
CA LYS A 13 -16.05 -6.80 -19.97
C LYS A 13 -15.35 -8.01 -20.59
N GLU A 14 -14.21 -7.80 -21.22
CA GLU A 14 -13.37 -8.87 -21.78
C GLU A 14 -12.88 -9.85 -20.70
N ALA A 15 -12.23 -9.36 -19.64
CA ALA A 15 -11.67 -10.21 -18.59
C ALA A 15 -12.72 -11.00 -17.79
N PHE A 16 -13.92 -10.44 -17.59
CA PHE A 16 -15.03 -11.13 -16.95
C PHE A 16 -15.65 -12.20 -17.88
N SER A 17 -15.94 -11.82 -19.12
CA SER A 17 -16.51 -12.71 -20.15
C SER A 17 -15.59 -13.89 -20.49
N LEU A 18 -14.27 -13.71 -20.29
CA LEU A 18 -13.25 -14.76 -20.40
C LEU A 18 -13.52 -16.00 -19.53
N PHE A 19 -14.31 -15.84 -18.46
CA PHE A 19 -14.71 -16.89 -17.51
C PHE A 19 -16.25 -17.10 -17.49
N ASP A 20 -17.00 -16.35 -18.30
CA ASP A 20 -18.44 -16.54 -18.49
C ASP A 20 -18.69 -17.67 -19.53
N LYS A 21 -18.80 -18.92 -19.06
CA LYS A 21 -19.05 -20.11 -19.89
C LYS A 21 -20.42 -20.16 -20.57
N ASP A 22 -21.43 -19.47 -20.05
CA ASP A 22 -22.81 -19.49 -20.55
C ASP A 22 -23.16 -18.32 -21.49
N GLY A 23 -22.42 -17.21 -21.40
CA GLY A 23 -22.67 -15.97 -22.15
C GLY A 23 -23.82 -15.12 -21.58
N ASP A 24 -24.32 -15.44 -20.38
CA ASP A 24 -25.43 -14.72 -19.72
C ASP A 24 -24.98 -13.51 -18.87
N GLY A 25 -23.67 -13.21 -18.85
CA GLY A 25 -23.08 -12.09 -18.11
C GLY A 25 -22.79 -12.39 -16.64
N THR A 26 -22.49 -13.64 -16.28
CA THR A 26 -22.20 -14.06 -14.89
C THR A 26 -21.02 -15.04 -14.75
N ILE A 27 -20.47 -15.15 -13.54
CA ILE A 27 -19.42 -16.10 -13.11
C ILE A 27 -19.73 -16.67 -11.72
N THR A 28 -18.99 -17.68 -11.26
CA THR A 28 -19.03 -18.16 -9.87
C THR A 28 -18.17 -17.32 -8.92
N THR A 29 -18.47 -17.40 -7.63
CA THR A 29 -17.66 -16.87 -6.54
C THR A 29 -16.25 -17.47 -6.51
N LYS A 30 -16.07 -18.72 -6.95
CA LYS A 30 -14.77 -19.40 -7.07
C LYS A 30 -13.86 -18.76 -8.14
N GLU A 31 -14.43 -18.38 -9.29
CA GLU A 31 -13.72 -17.76 -10.42
C GLU A 31 -13.38 -16.28 -10.22
N LEU A 32 -14.00 -15.60 -9.24
CA LEU A 32 -13.80 -14.17 -8.98
C LEU A 32 -12.31 -13.80 -8.93
N GLY A 33 -11.53 -14.43 -8.05
CA GLY A 33 -10.11 -14.10 -7.88
C GLY A 33 -9.24 -14.47 -9.08
N THR A 34 -9.69 -15.43 -9.91
CA THR A 34 -9.07 -15.79 -11.20
C THR A 34 -9.34 -14.71 -12.25
N VAL A 35 -10.57 -14.20 -12.30
CA VAL A 35 -10.98 -13.08 -13.14
C VAL A 35 -10.25 -11.78 -12.74
N MET A 36 -10.05 -11.54 -11.44
CA MET A 36 -9.20 -10.43 -10.94
C MET A 36 -7.74 -10.59 -11.37
N ARG A 37 -7.16 -11.80 -11.27
CA ARG A 37 -5.77 -12.08 -11.69
C ARG A 37 -5.57 -11.95 -13.20
N SER A 38 -6.60 -12.16 -14.01
CA SER A 38 -6.57 -11.84 -15.45
C SER A 38 -6.36 -10.33 -15.71
N LEU A 39 -6.85 -9.47 -14.81
CA LEU A 39 -6.63 -8.01 -14.79
C LEU A 39 -5.36 -7.60 -14.00
N GLY A 40 -4.56 -8.56 -13.53
CA GLY A 40 -3.29 -8.34 -12.82
C GLY A 40 -3.41 -8.00 -11.32
N GLN A 41 -4.62 -7.79 -10.79
CA GLN A 41 -4.87 -7.67 -9.35
C GLN A 41 -4.98 -9.06 -8.73
N ASN A 42 -4.27 -9.24 -7.63
CA ASN A 42 -4.00 -10.54 -7.05
C ASN A 42 -4.47 -10.61 -5.57
N PRO A 43 -5.79 -10.59 -5.34
CA PRO A 43 -6.38 -10.51 -4.00
C PRO A 43 -6.13 -11.78 -3.16
N THR A 44 -6.16 -11.62 -1.83
CA THR A 44 -6.01 -12.72 -0.86
C THR A 44 -7.29 -13.58 -0.75
N GLU A 45 -7.20 -14.85 -0.37
CA GLU A 45 -8.36 -15.75 -0.25
C GLU A 45 -9.41 -15.27 0.78
N ALA A 46 -8.97 -14.78 1.94
CA ALA A 46 -9.84 -14.19 2.96
C ALA A 46 -10.45 -12.84 2.50
N GLU A 47 -9.70 -12.04 1.73
CA GLU A 47 -10.16 -10.79 1.12
C GLU A 47 -11.25 -11.03 0.06
N LEU A 48 -11.07 -12.06 -0.78
CA LEU A 48 -12.09 -12.51 -1.72
C LEU A 48 -13.37 -12.94 -0.99
N GLN A 49 -13.25 -13.76 0.07
CA GLN A 49 -14.41 -14.17 0.86
C GLN A 49 -15.11 -12.97 1.54
N ASP A 50 -14.36 -11.99 2.06
CA ASP A 50 -14.92 -10.78 2.66
C ASP A 50 -15.69 -9.92 1.63
N MET A 51 -15.19 -9.82 0.39
CA MET A 51 -15.94 -9.21 -0.71
C MET A 51 -17.18 -10.03 -1.11
N ILE A 52 -17.10 -11.36 -1.15
CA ILE A 52 -18.24 -12.23 -1.47
C ILE A 52 -19.31 -12.17 -0.36
N ASN A 53 -18.94 -11.98 0.91
CA ASN A 53 -19.91 -11.77 2.00
C ASN A 53 -20.79 -10.52 1.77
N GLU A 54 -20.28 -9.49 1.09
CA GLU A 54 -21.02 -8.30 0.66
C GLU A 54 -21.77 -8.52 -0.67
N VAL A 55 -21.06 -9.06 -1.68
CA VAL A 55 -21.54 -9.21 -3.07
C VAL A 55 -22.58 -10.32 -3.24
N ASP A 56 -22.39 -11.46 -2.57
CA ASP A 56 -23.25 -12.64 -2.61
C ASP A 56 -24.02 -12.84 -1.28
N ALA A 57 -24.63 -11.77 -0.76
CA ALA A 57 -25.30 -11.77 0.55
C ALA A 57 -26.45 -12.81 0.67
N ASP A 58 -27.07 -13.19 -0.45
CA ASP A 58 -28.14 -14.21 -0.50
C ASP A 58 -27.62 -15.66 -0.77
N GLY A 59 -26.30 -15.86 -0.92
CA GLY A 59 -25.67 -17.18 -1.00
C GLY A 59 -25.95 -17.96 -2.29
N ASN A 60 -25.94 -17.29 -3.45
CA ASN A 60 -26.17 -17.87 -4.77
C ASN A 60 -24.97 -18.67 -5.32
N GLY A 61 -23.76 -18.36 -4.84
CA GLY A 61 -22.47 -18.84 -5.37
C GLY A 61 -22.06 -18.20 -6.71
N THR A 62 -22.70 -17.08 -7.10
CA THR A 62 -22.52 -16.42 -8.40
C THR A 62 -22.46 -14.89 -8.30
N ILE A 63 -21.91 -14.27 -9.35
CA ILE A 63 -21.67 -12.82 -9.49
C ILE A 63 -22.04 -12.40 -10.91
N ASP A 64 -22.72 -11.26 -11.08
CA ASP A 64 -23.00 -10.67 -12.39
C ASP A 64 -21.90 -9.67 -12.79
N PHE A 65 -21.73 -9.42 -14.09
CA PHE A 65 -20.81 -8.41 -14.63
C PHE A 65 -20.87 -7.04 -13.90
N PRO A 66 -22.04 -6.39 -13.72
CA PRO A 66 -22.12 -5.11 -13.01
C PRO A 66 -21.83 -5.22 -11.50
N GLU A 67 -22.13 -6.36 -10.87
CA GLU A 67 -21.79 -6.59 -9.46
C GLU A 67 -20.28 -6.82 -9.26
N PHE A 68 -19.61 -7.40 -10.26
CA PHE A 68 -18.15 -7.47 -10.32
C PHE A 68 -17.54 -6.08 -10.49
N LEU A 69 -18.03 -5.24 -11.41
CA LEU A 69 -17.52 -3.86 -11.56
C LEU A 69 -17.71 -3.02 -10.28
N THR A 70 -18.80 -3.25 -9.56
CA THR A 70 -19.07 -2.68 -8.24
C THR A 70 -17.92 -2.93 -7.24
N MET A 71 -17.31 -4.13 -7.24
CA MET A 71 -16.13 -4.39 -6.40
C MET A 71 -14.81 -3.93 -7.02
N MET A 72 -14.69 -4.00 -8.35
CA MET A 72 -13.47 -3.59 -9.06
C MET A 72 -13.20 -2.08 -8.96
N ALA A 73 -14.24 -1.25 -8.91
CA ALA A 73 -14.12 0.18 -8.64
C ALA A 73 -13.32 0.46 -7.34
N ARG A 74 -13.62 -0.29 -6.27
CA ARG A 74 -12.94 -0.20 -4.96
C ARG A 74 -11.67 -1.06 -4.81
N LYS A 75 -11.39 -2.00 -5.74
CA LYS A 75 -10.11 -2.75 -5.84
C LYS A 75 -9.10 -2.24 -6.86
N MET A 76 -9.45 -1.24 -7.69
CA MET A 76 -8.45 -0.51 -8.50
C MET A 76 -7.50 0.25 -7.55
N LYS A 77 -8.06 0.88 -6.51
CA LYS A 77 -7.32 1.40 -5.35
C LYS A 77 -7.01 0.25 -4.38
N ASP A 78 -5.93 0.37 -3.61
CA ASP A 78 -5.41 -0.71 -2.76
C ASP A 78 -4.54 -0.16 -1.60
N THR A 79 -4.38 -0.92 -0.52
CA THR A 79 -3.73 -0.47 0.72
C THR A 79 -2.20 -0.46 0.65
N ASP A 80 -1.59 0.65 1.07
CA ASP A 80 -0.16 0.83 1.32
C ASP A 80 0.06 1.93 2.40
N SER A 81 1.21 1.89 3.09
CA SER A 81 1.54 2.82 4.19
C SER A 81 3.04 3.04 4.31
N GLU A 82 3.46 4.31 4.29
CA GLU A 82 4.86 4.73 4.32
C GLU A 82 5.54 4.43 5.67
N GLU A 83 4.79 4.41 6.77
CA GLU A 83 5.24 3.93 8.08
C GLU A 83 5.41 2.40 8.09
N GLU A 84 4.45 1.66 7.52
CA GLU A 84 4.43 0.19 7.55
C GLU A 84 5.54 -0.41 6.71
N ILE A 85 5.76 0.11 5.50
CA ILE A 85 6.82 -0.32 4.60
C ILE A 85 8.20 -0.10 5.25
N ARG A 86 8.45 1.05 5.89
CA ARG A 86 9.72 1.31 6.60
C ARG A 86 9.97 0.28 7.71
N GLU A 87 8.98 -0.04 8.54
CA GLU A 87 9.15 -1.04 9.60
C GLU A 87 9.29 -2.48 9.05
N ALA A 88 8.53 -2.82 8.01
CA ALA A 88 8.64 -4.09 7.29
C ALA A 88 9.96 -4.23 6.50
N PHE A 89 10.63 -3.13 6.16
CA PHE A 89 11.99 -3.15 5.65
C PHE A 89 13.00 -3.31 6.79
N ARG A 90 12.80 -2.61 7.92
CA ARG A 90 13.71 -2.61 9.07
C ARG A 90 13.92 -3.99 9.70
N VAL A 91 12.95 -4.90 9.57
CA VAL A 91 13.10 -6.32 9.93
C VAL A 91 14.06 -7.10 9.01
N PHE A 92 14.25 -6.67 7.75
CA PHE A 92 15.23 -7.24 6.82
C PHE A 92 16.60 -6.51 6.90
N ASP A 93 16.63 -5.23 7.31
CA ASP A 93 17.85 -4.44 7.53
C ASP A 93 18.72 -5.10 8.63
N LYS A 94 19.90 -5.60 8.24
CA LYS A 94 20.83 -6.34 9.13
C LYS A 94 21.65 -5.45 10.07
N ASP A 95 21.76 -4.15 9.77
CA ASP A 95 22.63 -3.20 10.50
C ASP A 95 21.85 -2.14 11.29
N GLY A 96 20.55 -1.97 11.03
CA GLY A 96 19.73 -0.87 11.55
C GLY A 96 20.11 0.50 10.95
N ASN A 97 20.79 0.50 9.80
CA ASN A 97 21.43 1.67 9.18
C ASN A 97 20.55 2.37 8.11
N GLY A 98 19.29 1.92 7.90
CA GLY A 98 18.36 2.53 6.94
C GLY A 98 18.52 2.03 5.50
N TYR A 99 19.16 0.86 5.32
CA TYR A 99 19.35 0.22 4.03
C TYR A 99 19.34 -1.32 4.18
N ILE A 100 19.21 -2.01 3.05
CA ILE A 100 19.23 -3.47 2.92
C ILE A 100 20.30 -3.88 1.90
N SER A 101 20.87 -5.09 1.99
CA SER A 101 21.77 -5.59 0.94
C SER A 101 20.98 -6.05 -0.28
N ALA A 102 21.48 -5.84 -1.50
CA ALA A 102 20.75 -6.16 -2.74
C ALA A 102 20.32 -7.63 -2.82
N ALA A 103 21.24 -8.56 -2.56
CA ALA A 103 20.94 -10.00 -2.51
C ALA A 103 19.99 -10.37 -1.36
N GLU A 104 19.96 -9.61 -0.27
CA GLU A 104 19.06 -9.83 0.87
C GLU A 104 17.61 -9.42 0.54
N LEU A 105 17.41 -8.26 -0.12
CA LEU A 105 16.08 -7.86 -0.59
C LEU A 105 15.61 -8.76 -1.73
N ARG A 106 16.51 -9.14 -2.66
CA ARG A 106 16.20 -10.10 -3.73
C ARG A 106 15.80 -11.47 -3.18
N HIS A 107 16.45 -11.94 -2.10
CA HIS A 107 16.01 -13.13 -1.38
C HIS A 107 14.59 -12.97 -0.87
N VAL A 108 14.33 -12.03 0.03
CA VAL A 108 13.01 -11.95 0.69
C VAL A 108 11.88 -11.67 -0.31
N MET A 109 12.10 -10.84 -1.31
CA MET A 109 11.10 -10.55 -2.35
C MET A 109 10.81 -11.72 -3.30
N THR A 110 11.67 -12.75 -3.33
CA THR A 110 11.49 -13.98 -4.13
C THR A 110 11.34 -15.24 -3.27
N ASN A 111 11.39 -15.12 -1.94
CA ASN A 111 11.24 -16.20 -0.97
C ASN A 111 9.96 -16.09 -0.12
N LEU A 112 9.49 -14.87 0.14
CA LEU A 112 8.40 -14.56 1.07
C LEU A 112 7.40 -13.60 0.45
N GLY A 113 6.14 -13.74 0.84
CA GLY A 113 5.04 -12.99 0.25
C GLY A 113 4.70 -13.42 -1.17
N GLU A 114 4.39 -12.43 -2.02
CA GLU A 114 3.82 -12.63 -3.36
C GLU A 114 4.83 -13.17 -4.41
N LYS A 115 6.13 -13.23 -4.05
CA LYS A 115 7.28 -13.73 -4.85
C LYS A 115 7.36 -13.13 -6.27
N LEU A 116 8.14 -12.05 -6.39
CA LEU A 116 8.41 -11.37 -7.66
C LEU A 116 9.09 -12.30 -8.68
N THR A 117 8.86 -12.05 -9.97
CA THR A 117 9.57 -12.70 -11.08
C THR A 117 11.06 -12.30 -11.08
N ASP A 118 11.91 -13.09 -11.73
CA ASP A 118 13.36 -12.86 -11.80
C ASP A 118 13.76 -11.50 -12.41
N GLU A 119 13.06 -11.05 -13.46
CA GLU A 119 13.27 -9.71 -14.05
C GLU A 119 12.61 -8.60 -13.22
N GLU A 120 11.46 -8.90 -12.59
CA GLU A 120 10.67 -7.99 -11.77
C GLU A 120 11.40 -7.58 -10.48
N VAL A 121 12.09 -8.53 -9.84
CA VAL A 121 12.96 -8.26 -8.69
C VAL A 121 14.27 -7.57 -9.10
N ASP A 122 14.80 -7.83 -10.30
CA ASP A 122 15.98 -7.11 -10.81
C ASP A 122 15.67 -5.63 -11.07
N GLU A 123 14.46 -5.33 -11.56
CA GLU A 123 13.95 -3.96 -11.70
C GLU A 123 13.92 -3.22 -10.34
N MET A 124 13.65 -3.93 -9.23
CA MET A 124 13.73 -3.38 -7.88
C MET A 124 15.18 -3.04 -7.51
N ILE A 125 16.14 -3.97 -7.68
CA ILE A 125 17.54 -3.74 -7.29
C ILE A 125 18.12 -2.53 -8.03
N ARG A 126 17.85 -2.42 -9.33
CA ARG A 126 18.37 -1.37 -10.23
C ARG A 126 17.88 0.05 -9.89
N GLU A 127 16.77 0.19 -9.16
CA GLU A 127 16.24 1.49 -8.72
C GLU A 127 16.34 1.75 -7.20
N ALA A 128 16.40 0.69 -6.38
CA ALA A 128 16.59 0.79 -4.93
C ALA A 128 18.07 0.98 -4.52
N ASP A 129 19.03 0.44 -5.29
CA ASP A 129 20.46 0.66 -5.06
C ASP A 129 20.87 2.08 -5.48
N ILE A 130 21.33 2.89 -4.51
CA ILE A 130 21.70 4.30 -4.69
C ILE A 130 23.18 4.54 -5.00
N ASP A 131 24.05 3.52 -4.93
CA ASP A 131 25.51 3.67 -5.08
C ASP A 131 26.17 2.64 -6.01
N GLY A 132 25.47 1.56 -6.37
CA GLY A 132 25.92 0.52 -7.31
C GLY A 132 26.77 -0.59 -6.67
N ASP A 133 27.06 -0.54 -5.37
CA ASP A 133 27.83 -1.53 -4.63
C ASP A 133 26.95 -2.62 -3.96
N GLY A 134 25.70 -2.78 -4.40
CA GLY A 134 24.75 -3.77 -3.89
C GLY A 134 24.07 -3.36 -2.58
N GLN A 135 23.83 -2.06 -2.38
CA GLN A 135 23.25 -1.49 -1.15
C GLN A 135 21.91 -0.79 -1.46
N VAL A 136 20.82 -1.54 -1.35
CA VAL A 136 19.45 -1.08 -1.61
C VAL A 136 18.95 -0.20 -0.46
N ASN A 137 18.92 1.12 -0.67
CA ASN A 137 18.52 2.05 0.38
C ASN A 137 17.00 2.17 0.45
N TYR A 138 16.43 1.40 1.37
CA TYR A 138 14.99 1.28 1.51
C TYR A 138 14.33 2.58 2.01
N GLU A 139 15.04 3.44 2.77
CA GLU A 139 14.49 4.72 3.24
C GLU A 139 14.27 5.73 2.09
N GLU A 140 15.09 5.69 1.04
CA GLU A 140 14.83 6.41 -0.22
C GLU A 140 13.75 5.70 -1.04
N PHE A 141 13.83 4.37 -1.13
CA PHE A 141 12.95 3.53 -1.95
C PHE A 141 11.49 3.55 -1.51
N VAL A 142 11.21 3.46 -0.21
CA VAL A 142 9.86 3.53 0.37
C VAL A 142 9.14 4.81 -0.06
N GLN A 143 9.77 5.97 0.10
CA GLN A 143 9.17 7.26 -0.26
C GLN A 143 9.05 7.47 -1.78
N MET A 144 9.90 6.81 -2.59
CA MET A 144 9.71 6.74 -4.04
C MET A 144 8.50 5.87 -4.42
N MET A 145 8.36 4.68 -3.83
CA MET A 145 7.26 3.76 -4.14
C MET A 145 5.89 4.33 -3.75
N THR A 146 5.78 4.94 -2.56
CA THR A 146 4.49 5.39 -1.98
C THR A 146 3.94 6.70 -2.56
N ALA A 147 4.73 7.47 -3.31
CA ALA A 147 4.37 8.80 -3.81
C ALA A 147 3.09 8.83 -4.67
N LYS A 148 2.28 9.89 -4.52
CA LYS A 148 0.95 10.06 -5.16
C LYS A 148 0.73 11.51 -5.61
N GLY B 1 11.71 -21.23 17.54
CA GLY B 1 11.98 -20.47 18.78
C GLY B 1 11.03 -19.29 18.92
N PRO B 2 10.40 -19.10 20.10
CA PRO B 2 9.44 -18.00 20.34
C PRO B 2 10.12 -16.62 20.28
N GLY B 3 9.35 -15.60 19.83
CA GLY B 3 9.81 -14.21 19.70
C GLY B 3 10.80 -13.94 18.55
N SER B 4 11.05 -14.93 17.67
CA SER B 4 11.97 -14.81 16.52
C SER B 4 11.48 -13.83 15.46
N LYS B 5 12.43 -13.29 14.67
CA LYS B 5 12.19 -12.52 13.44
C LYS B 5 11.33 -13.29 12.43
N ARG B 6 11.54 -14.60 12.30
CA ARG B 6 10.98 -15.45 11.23
C ARG B 6 9.45 -15.45 11.15
N LYS B 7 8.73 -15.27 12.27
CA LYS B 7 7.25 -15.23 12.29
C LYS B 7 6.61 -13.94 11.75
N GLN B 8 7.38 -12.84 11.61
CA GLN B 8 6.93 -11.61 10.95
C GLN B 8 7.68 -11.29 9.64
N GLU B 9 8.86 -11.87 9.44
CA GLU B 9 9.68 -11.77 8.23
C GLU B 9 8.88 -12.11 6.95
N GLU B 10 8.07 -13.16 7.02
CA GLU B 10 7.29 -13.67 5.88
C GLU B 10 6.13 -12.74 5.44
N VAL B 11 5.65 -11.91 6.36
CA VAL B 11 4.48 -11.03 6.16
C VAL B 11 4.88 -9.57 5.96
N SER B 12 6.01 -9.16 6.53
CA SER B 12 6.65 -7.87 6.26
C SER B 12 7.00 -7.73 4.78
N ALA B 13 7.44 -8.82 4.14
CA ALA B 13 7.72 -8.86 2.71
C ALA B 13 6.47 -8.46 1.89
N ILE B 14 5.27 -8.91 2.30
CA ILE B 14 4.03 -8.67 1.55
C ILE B 14 3.70 -7.17 1.47
N ILE B 15 3.92 -6.42 2.55
CA ILE B 15 3.69 -4.96 2.61
C ILE B 15 4.55 -4.22 1.56
N ILE B 16 5.81 -4.64 1.39
CA ILE B 16 6.70 -4.11 0.35
C ILE B 16 6.27 -4.60 -1.05
N GLN B 17 5.82 -5.85 -1.19
CA GLN B 17 5.33 -6.40 -2.46
C GLN B 17 4.14 -5.60 -3.02
N ARG B 18 3.19 -5.17 -2.15
CA ARG B 18 2.08 -4.26 -2.55
C ARG B 18 2.60 -2.95 -3.12
N ALA B 19 3.46 -2.27 -2.37
CA ALA B 19 4.05 -0.97 -2.74
C ALA B 19 4.90 -1.05 -4.01
N TYR B 20 5.63 -2.15 -4.19
CA TYR B 20 6.46 -2.35 -5.38
C TYR B 20 5.62 -2.51 -6.65
N ARG B 21 4.66 -3.44 -6.64
CA ARG B 21 3.75 -3.67 -7.78
C ARG B 21 2.91 -2.43 -8.09
N ARG B 22 2.57 -1.60 -7.08
CA ARG B 22 1.96 -0.28 -7.28
C ARG B 22 2.86 0.63 -8.11
N TYR B 23 4.13 0.75 -7.73
CA TYR B 23 5.12 1.57 -8.44
C TYR B 23 5.38 1.10 -9.87
N LEU B 24 5.35 -0.22 -10.12
CA LEU B 24 5.47 -0.79 -11.48
C LEU B 24 4.41 -0.22 -12.45
N LEU B 25 3.21 0.13 -11.97
CA LEU B 25 2.19 0.84 -12.75
C LEU B 25 2.52 2.33 -12.93
N LYS B 26 2.99 3.01 -11.87
CA LYS B 26 3.33 4.46 -11.90
C LYS B 26 4.45 4.78 -12.90
N GLN B 27 5.48 3.94 -12.98
CA GLN B 27 6.58 4.09 -13.93
C GLN B 27 6.16 3.73 -15.39
N LYS B 28 5.12 2.90 -15.56
CA LYS B 28 4.52 2.57 -16.87
C LYS B 28 3.64 3.71 -17.41
N VAL B 29 2.79 4.27 -16.55
CA VAL B 29 1.86 5.37 -16.89
C VAL B 29 1.48 6.20 -15.66
N LYS B 30 1.44 7.54 -15.82
CA LYS B 30 1.05 8.52 -14.80
C LYS B 30 0.49 9.80 -15.42
N LYS B 31 -0.28 10.57 -14.64
CA LYS B 31 -0.89 11.86 -15.03
C LYS B 31 0.14 12.96 -15.29
N ALA A 1 -9.16 10.35 7.41
CA ALA A 1 -10.61 10.69 7.47
C ALA A 1 -11.04 11.48 6.22
N ASP A 2 -12.33 11.46 5.90
CA ASP A 2 -12.92 12.18 4.75
C ASP A 2 -13.26 13.66 5.05
N GLN A 3 -13.25 14.08 6.32
CA GLN A 3 -13.52 15.47 6.72
C GLN A 3 -12.45 16.44 6.23
N LEU A 4 -12.87 17.58 5.66
CA LEU A 4 -11.97 18.69 5.34
C LEU A 4 -11.89 19.71 6.49
N THR A 5 -10.68 19.93 6.99
CA THR A 5 -10.34 21.03 7.92
C THR A 5 -9.99 22.30 7.14
N GLU A 6 -9.80 23.40 7.84
CA GLU A 6 -9.27 24.66 7.29
C GLU A 6 -7.87 24.47 6.66
N GLU A 7 -7.05 23.59 7.24
CA GLU A 7 -5.72 23.24 6.72
C GLU A 7 -5.81 22.41 5.43
N GLN A 8 -6.70 21.42 5.36
CA GLN A 8 -6.95 20.68 4.11
C GLN A 8 -7.48 21.60 3.01
N ILE A 9 -8.43 22.49 3.34
CA ILE A 9 -9.01 23.43 2.38
C ILE A 9 -7.98 24.42 1.86
N ALA A 10 -7.11 24.97 2.71
CA ALA A 10 -6.03 25.87 2.26
C ALA A 10 -4.96 25.13 1.42
N GLU A 11 -4.65 23.86 1.73
CA GLU A 11 -3.75 23.04 0.92
C GLU A 11 -4.35 22.74 -0.47
N PHE A 12 -5.63 22.36 -0.52
CA PHE A 12 -6.37 22.20 -1.78
C PHE A 12 -6.56 23.53 -2.52
N LYS A 13 -6.74 24.65 -1.82
CA LYS A 13 -6.84 26.02 -2.38
C LYS A 13 -5.58 26.39 -3.16
N GLU A 14 -4.40 26.22 -2.56
CA GLU A 14 -3.11 26.48 -3.20
C GLU A 14 -2.87 25.56 -4.40
N ALA A 15 -3.04 24.24 -4.24
CA ALA A 15 -2.86 23.27 -5.33
C ALA A 15 -3.86 23.43 -6.47
N PHE A 16 -5.09 23.87 -6.22
CA PHE A 16 -6.08 24.11 -7.27
C PHE A 16 -5.79 25.41 -8.04
N SER A 17 -5.60 26.53 -7.33
CA SER A 17 -5.28 27.83 -7.94
C SER A 17 -3.94 27.83 -8.68
N LEU A 18 -3.06 26.85 -8.42
CA LEU A 18 -1.84 26.58 -9.17
C LEU A 18 -2.05 26.36 -10.69
N PHE A 19 -3.26 25.99 -11.09
CA PHE A 19 -3.65 25.69 -12.47
C PHE A 19 -4.87 26.50 -12.95
N ASP A 20 -5.35 27.45 -12.14
CA ASP A 20 -6.42 28.39 -12.49
C ASP A 20 -5.88 29.48 -13.44
N LYS A 21 -5.59 29.08 -14.68
CA LYS A 21 -4.94 29.89 -15.72
C LYS A 21 -5.77 31.10 -16.19
N ASP A 22 -7.08 31.09 -15.95
CA ASP A 22 -7.99 32.21 -16.21
C ASP A 22 -8.12 33.20 -15.04
N GLY A 23 -7.76 32.78 -13.81
CA GLY A 23 -7.93 33.58 -12.58
C GLY A 23 -9.39 33.67 -12.09
N ASP A 24 -10.24 32.70 -12.45
CA ASP A 24 -11.69 32.69 -12.21
C ASP A 24 -12.15 31.76 -11.07
N GLY A 25 -11.22 31.08 -10.38
CA GLY A 25 -11.54 30.09 -9.35
C GLY A 25 -11.90 28.70 -9.91
N THR A 26 -11.42 28.37 -11.11
CA THR A 26 -11.75 27.14 -11.86
C THR A 26 -10.53 26.53 -12.58
N ILE A 27 -10.58 25.24 -12.91
CA ILE A 27 -9.58 24.51 -13.74
C ILE A 27 -10.31 23.74 -14.86
N THR A 28 -9.58 23.26 -15.87
CA THR A 28 -10.15 22.34 -16.87
C THR A 28 -10.21 20.89 -16.37
N THR A 29 -11.06 20.10 -16.99
CA THR A 29 -11.12 18.64 -16.81
C THR A 29 -9.82 17.93 -17.26
N LYS A 30 -8.96 18.59 -18.04
CA LYS A 30 -7.62 18.11 -18.42
C LYS A 30 -6.58 18.35 -17.31
N GLU A 31 -6.60 19.52 -16.67
CA GLU A 31 -5.66 19.87 -15.58
C GLU A 31 -5.94 19.14 -14.26
N LEU A 32 -7.13 18.59 -14.05
CA LEU A 32 -7.56 17.94 -12.80
C LEU A 32 -6.48 16.99 -12.24
N GLY A 33 -6.09 15.97 -13.00
CA GLY A 33 -5.09 14.99 -12.56
C GLY A 33 -3.68 15.55 -12.39
N THR A 34 -3.37 16.67 -13.04
CA THR A 34 -2.13 17.43 -12.84
C THR A 34 -2.16 18.13 -11.47
N VAL A 35 -3.30 18.70 -11.06
CA VAL A 35 -3.45 19.28 -9.70
C VAL A 35 -3.52 18.21 -8.62
N MET A 36 -4.13 17.04 -8.86
CA MET A 36 -4.08 15.91 -7.91
C MET A 36 -2.64 15.43 -7.61
N ARG A 37 -1.74 15.49 -8.60
CA ARG A 37 -0.30 15.24 -8.41
C ARG A 37 0.41 16.31 -7.56
N SER A 38 -0.10 17.54 -7.51
CA SER A 38 0.37 18.56 -6.56
C SER A 38 0.01 18.18 -5.11
N LEU A 39 -1.12 17.50 -4.89
CA LEU A 39 -1.50 16.85 -3.63
C LEU A 39 -0.83 15.48 -3.39
N GLY A 40 0.20 15.13 -4.18
CA GLY A 40 1.08 13.99 -3.93
C GLY A 40 0.62 12.62 -4.46
N GLN A 41 -0.42 12.54 -5.30
CA GLN A 41 -0.93 11.28 -5.85
C GLN A 41 -1.30 11.38 -7.34
N ASN A 42 -0.90 10.39 -8.15
CA ASN A 42 -1.36 10.24 -9.53
C ASN A 42 -2.63 9.38 -9.62
N PRO A 43 -3.81 9.97 -9.87
CA PRO A 43 -5.03 9.22 -10.21
C PRO A 43 -4.91 8.55 -11.59
N THR A 44 -5.50 7.36 -11.75
CA THR A 44 -5.63 6.66 -13.04
C THR A 44 -6.60 7.42 -13.96
N GLU A 45 -6.42 7.36 -15.28
CA GLU A 45 -7.32 8.04 -16.24
C GLU A 45 -8.78 7.55 -16.15
N ALA A 46 -9.01 6.28 -15.78
CA ALA A 46 -10.33 5.73 -15.49
C ALA A 46 -10.97 6.34 -14.22
N GLU A 47 -10.17 6.63 -13.18
CA GLU A 47 -10.64 7.35 -11.99
C GLU A 47 -11.02 8.79 -12.34
N LEU A 48 -10.16 9.50 -13.08
CA LEU A 48 -10.41 10.87 -13.52
C LEU A 48 -11.70 10.96 -14.34
N GLN A 49 -11.90 10.05 -15.30
CA GLN A 49 -13.13 9.98 -16.10
C GLN A 49 -14.38 9.76 -15.22
N ASP A 50 -14.32 8.87 -14.23
CA ASP A 50 -15.44 8.62 -13.31
C ASP A 50 -15.74 9.83 -12.41
N MET A 51 -14.72 10.50 -11.87
CA MET A 51 -14.86 11.72 -11.06
C MET A 51 -15.40 12.89 -11.88
N ILE A 52 -14.96 13.05 -13.13
CA ILE A 52 -15.50 14.07 -14.05
C ILE A 52 -16.93 13.74 -14.48
N ASN A 53 -17.34 12.47 -14.56
CA ASN A 53 -18.74 12.12 -14.82
C ASN A 53 -19.70 12.57 -13.69
N GLU A 54 -19.24 12.66 -12.44
CA GLU A 54 -20.01 13.28 -11.35
C GLU A 54 -20.00 14.82 -11.46
N VAL A 55 -18.81 15.41 -11.66
CA VAL A 55 -18.58 16.86 -11.58
C VAL A 55 -19.09 17.62 -12.82
N ASP A 56 -18.80 17.12 -14.02
CA ASP A 56 -19.09 17.75 -15.31
C ASP A 56 -20.25 17.05 -16.05
N ALA A 57 -21.41 16.93 -15.40
CA ALA A 57 -22.61 16.35 -16.00
C ALA A 57 -23.11 17.12 -17.25
N ASP A 58 -22.76 18.41 -17.37
CA ASP A 58 -23.07 19.26 -18.53
C ASP A 58 -22.11 19.10 -19.72
N GLY A 59 -20.94 18.45 -19.53
CA GLY A 59 -19.90 18.30 -20.55
C GLY A 59 -19.19 19.62 -20.93
N ASN A 60 -19.12 20.59 -20.02
CA ASN A 60 -18.58 21.93 -20.23
C ASN A 60 -17.04 22.01 -20.27
N GLY A 61 -16.34 21.01 -19.74
CA GLY A 61 -14.88 20.91 -19.70
C GLY A 61 -14.17 21.71 -18.59
N THR A 62 -14.89 22.25 -17.60
CA THR A 62 -14.31 22.91 -16.42
C THR A 62 -14.90 22.48 -15.09
N ILE A 63 -14.13 22.74 -14.03
CA ILE A 63 -14.37 22.37 -12.63
C ILE A 63 -14.14 23.62 -11.76
N ASP A 64 -15.02 23.90 -10.81
CA ASP A 64 -14.80 24.96 -9.80
C ASP A 64 -14.04 24.45 -8.59
N PHE A 65 -13.37 25.34 -7.84
CA PHE A 65 -12.69 25.00 -6.59
C PHE A 65 -13.53 24.11 -5.64
N PRO A 66 -14.75 24.48 -5.23
CA PRO A 66 -15.56 23.66 -4.32
C PRO A 66 -16.09 22.37 -4.99
N GLU A 67 -16.19 22.33 -6.31
CA GLU A 67 -16.58 21.13 -7.07
C GLU A 67 -15.43 20.11 -7.17
N PHE A 68 -14.16 20.55 -7.12
CA PHE A 68 -13.01 19.65 -7.00
C PHE A 68 -12.94 18.99 -5.62
N LEU A 69 -13.25 19.73 -4.54
CA LEU A 69 -13.16 19.22 -3.17
C LEU A 69 -14.07 18.00 -2.88
N THR A 70 -15.14 17.80 -3.68
CA THR A 70 -16.05 16.64 -3.55
C THR A 70 -15.34 15.28 -3.72
N MET A 71 -14.34 15.21 -4.60
CA MET A 71 -13.53 14.01 -4.81
C MET A 71 -12.34 13.96 -3.84
N MET A 72 -11.77 15.11 -3.46
CA MET A 72 -10.65 15.17 -2.52
C MET A 72 -11.01 14.67 -1.12
N ALA A 73 -12.26 14.86 -0.69
CA ALA A 73 -12.81 14.23 0.53
C ALA A 73 -12.69 12.69 0.49
N ARG A 74 -12.98 12.09 -0.67
CA ARG A 74 -12.96 10.65 -0.94
C ARG A 74 -11.55 10.09 -1.22
N LYS A 75 -10.69 10.89 -1.87
CA LYS A 75 -9.31 10.57 -2.26
C LYS A 75 -8.25 10.79 -1.16
N MET A 76 -8.63 11.35 -0.01
CA MET A 76 -7.79 11.40 1.20
C MET A 76 -7.64 9.98 1.80
N LYS A 77 -6.59 9.27 1.38
CA LYS A 77 -6.28 7.86 1.75
C LYS A 77 -4.78 7.65 2.02
N ASP A 78 -4.46 6.54 2.68
CA ASP A 78 -3.13 6.17 3.19
C ASP A 78 -2.72 4.73 2.81
N THR A 79 -3.11 4.28 1.61
CA THR A 79 -2.89 2.91 1.10
C THR A 79 -1.41 2.50 1.09
N ASP A 80 -1.15 1.21 1.37
CA ASP A 80 0.15 0.54 1.54
C ASP A 80 1.03 1.04 2.72
N SER A 81 0.86 2.30 3.16
CA SER A 81 1.51 2.97 4.29
C SER A 81 3.04 3.06 4.23
N GLU A 82 3.57 4.28 4.11
CA GLU A 82 5.01 4.57 4.12
C GLU A 82 5.69 4.09 5.42
N GLU A 83 5.05 4.31 6.57
CA GLU A 83 5.57 3.88 7.88
C GLU A 83 5.56 2.35 8.03
N GLU A 84 4.53 1.67 7.51
CA GLU A 84 4.48 0.20 7.51
C GLU A 84 5.59 -0.40 6.64
N ILE A 85 5.81 0.16 5.44
CA ILE A 85 6.89 -0.24 4.54
C ILE A 85 8.26 -0.04 5.21
N ARG A 86 8.53 1.11 5.84
CA ARG A 86 9.77 1.36 6.59
C ARG A 86 9.98 0.33 7.70
N GLU A 87 8.96 0.02 8.51
CA GLU A 87 9.06 -0.98 9.57
C GLU A 87 9.28 -2.40 9.03
N ALA A 88 8.57 -2.78 7.96
CA ALA A 88 8.72 -4.04 7.25
C ALA A 88 10.06 -4.17 6.50
N PHE A 89 10.71 -3.08 6.15
CA PHE A 89 12.09 -3.08 5.66
C PHE A 89 13.09 -3.24 6.81
N ARG A 90 12.86 -2.57 7.94
CA ARG A 90 13.77 -2.57 9.11
C ARG A 90 13.97 -3.96 9.76
N VAL A 91 13.00 -4.86 9.62
CA VAL A 91 13.15 -6.29 9.99
C VAL A 91 14.12 -7.05 9.07
N PHE A 92 14.37 -6.56 7.84
CA PHE A 92 15.35 -7.13 6.90
C PHE A 92 16.72 -6.40 6.94
N ASP A 93 16.76 -5.12 7.33
CA ASP A 93 18.00 -4.37 7.58
C ASP A 93 18.83 -5.07 8.67
N LYS A 94 20.11 -5.31 8.36
CA LYS A 94 21.04 -6.10 9.18
C LYS A 94 21.18 -5.57 10.62
N ASP A 95 21.24 -4.25 10.80
CA ASP A 95 21.52 -3.59 12.09
C ASP A 95 20.67 -2.32 12.36
N GLY A 96 19.81 -1.93 11.41
CA GLY A 96 19.11 -0.63 11.42
C GLY A 96 20.02 0.49 10.93
N ASN A 97 20.76 0.20 9.85
CA ASN A 97 21.67 1.08 9.14
C ASN A 97 20.95 2.12 8.24
N GLY A 98 19.68 1.89 7.90
CA GLY A 98 18.93 2.64 6.90
C GLY A 98 19.04 2.07 5.46
N TYR A 99 19.48 0.81 5.33
CA TYR A 99 19.66 0.13 4.04
C TYR A 99 19.51 -1.40 4.15
N ILE A 100 19.30 -2.08 3.03
CA ILE A 100 19.23 -3.54 2.88
C ILE A 100 20.16 -3.98 1.74
N SER A 101 20.87 -5.10 1.90
CA SER A 101 21.73 -5.61 0.81
C SER A 101 20.92 -6.11 -0.38
N ALA A 102 21.41 -5.91 -1.61
CA ALA A 102 20.69 -6.29 -2.83
C ALA A 102 20.38 -7.80 -2.89
N ALA A 103 21.32 -8.65 -2.48
CA ALA A 103 21.11 -10.09 -2.36
C ALA A 103 20.09 -10.46 -1.26
N GLU A 104 20.02 -9.69 -0.18
CA GLU A 104 19.06 -9.89 0.91
C GLU A 104 17.63 -9.50 0.51
N LEU A 105 17.45 -8.34 -0.14
CA LEU A 105 16.14 -7.93 -0.68
C LEU A 105 15.71 -8.83 -1.85
N ARG A 106 16.63 -9.28 -2.71
CA ARG A 106 16.32 -10.31 -3.72
C ARG A 106 15.92 -11.64 -3.08
N HIS A 107 16.54 -12.02 -1.95
CA HIS A 107 16.07 -13.17 -1.16
C HIS A 107 14.65 -12.94 -0.65
N VAL A 108 14.38 -11.94 0.21
CA VAL A 108 13.03 -11.78 0.80
C VAL A 108 11.95 -11.62 -0.24
N MET A 109 12.22 -10.87 -1.30
CA MET A 109 11.21 -10.56 -2.31
C MET A 109 10.91 -11.72 -3.27
N THR A 110 11.71 -12.78 -3.23
CA THR A 110 11.47 -14.01 -4.02
C THR A 110 11.35 -15.28 -3.16
N ASN A 111 11.57 -15.17 -1.84
CA ASN A 111 11.40 -16.24 -0.85
C ASN A 111 10.08 -16.15 -0.08
N LEU A 112 9.51 -14.94 0.05
CA LEU A 112 8.39 -14.64 0.93
C LEU A 112 7.33 -13.80 0.22
N GLY A 113 6.08 -13.91 0.65
CA GLY A 113 4.99 -13.09 0.14
C GLY A 113 4.57 -13.42 -1.30
N GLU A 114 4.23 -12.39 -2.06
CA GLU A 114 3.67 -12.50 -3.42
C GLU A 114 4.70 -12.74 -4.53
N LYS A 115 5.98 -13.00 -4.16
CA LYS A 115 7.14 -13.39 -4.99
C LYS A 115 7.29 -12.62 -6.31
N LEU A 116 8.23 -11.68 -6.34
CA LEU A 116 8.65 -11.00 -7.56
C LEU A 116 9.29 -11.98 -8.56
N THR A 117 9.07 -11.77 -9.86
CA THR A 117 9.75 -12.52 -10.92
C THR A 117 11.24 -12.16 -10.95
N ASP A 118 12.09 -13.00 -11.52
CA ASP A 118 13.54 -12.74 -11.66
C ASP A 118 13.91 -11.43 -12.39
N GLU A 119 13.10 -10.99 -13.36
CA GLU A 119 13.26 -9.68 -14.01
C GLU A 119 12.62 -8.52 -13.23
N GLU A 120 11.59 -8.80 -12.43
CA GLU A 120 10.83 -7.84 -11.62
C GLU A 120 11.60 -7.44 -10.34
N VAL A 121 12.25 -8.43 -9.71
CA VAL A 121 13.15 -8.21 -8.57
C VAL A 121 14.46 -7.54 -9.03
N ASP A 122 14.93 -7.83 -10.26
CA ASP A 122 16.04 -7.10 -10.86
C ASP A 122 15.66 -5.65 -11.19
N GLU A 123 14.44 -5.39 -11.67
CA GLU A 123 13.88 -4.04 -11.82
C GLU A 123 13.87 -3.30 -10.47
N MET A 124 13.57 -3.99 -9.36
CA MET A 124 13.72 -3.44 -8.01
C MET A 124 15.19 -3.10 -7.70
N ILE A 125 16.15 -4.03 -7.82
CA ILE A 125 17.55 -3.72 -7.47
C ILE A 125 18.09 -2.55 -8.33
N ARG A 126 17.75 -2.51 -9.62
CA ARG A 126 18.14 -1.45 -10.57
C ARG A 126 17.80 -0.03 -10.10
N GLU A 127 16.69 0.15 -9.38
CA GLU A 127 16.23 1.47 -8.88
C GLU A 127 16.34 1.63 -7.35
N ALA A 128 16.51 0.54 -6.60
CA ALA A 128 16.68 0.50 -5.15
C ALA A 128 18.16 0.56 -4.71
N ASP A 129 19.10 0.00 -5.48
CA ASP A 129 20.56 0.12 -5.29
C ASP A 129 21.08 1.50 -5.74
N ILE A 130 20.65 2.52 -5.01
CA ILE A 130 20.94 3.94 -5.25
C ILE A 130 22.45 4.24 -5.11
N ASP A 131 23.17 3.47 -4.30
CA ASP A 131 24.64 3.52 -4.19
C ASP A 131 25.37 2.88 -5.39
N GLY A 132 24.70 2.00 -6.16
CA GLY A 132 25.27 1.26 -7.28
C GLY A 132 26.27 0.16 -6.89
N ASP A 133 26.34 -0.20 -5.59
CA ASP A 133 27.34 -1.07 -4.97
C ASP A 133 26.71 -2.31 -4.28
N GLY A 134 25.55 -2.77 -4.76
CA GLY A 134 24.81 -3.90 -4.19
C GLY A 134 24.13 -3.58 -2.85
N GLN A 135 23.85 -2.31 -2.59
CA GLN A 135 23.37 -1.78 -1.32
C GLN A 135 22.09 -0.96 -1.56
N VAL A 136 20.93 -1.63 -1.51
CA VAL A 136 19.63 -1.00 -1.66
C VAL A 136 19.35 -0.07 -0.48
N ASN A 137 19.06 1.20 -0.76
CA ASN A 137 18.65 2.14 0.27
C ASN A 137 17.12 2.22 0.39
N TYR A 138 16.58 1.41 1.30
CA TYR A 138 15.15 1.29 1.49
C TYR A 138 14.51 2.60 2.03
N GLU A 139 15.24 3.43 2.78
CA GLU A 139 14.72 4.67 3.36
C GLU A 139 14.39 5.74 2.30
N GLU A 140 15.07 5.71 1.15
CA GLU A 140 14.73 6.49 -0.05
C GLU A 140 13.74 5.73 -0.95
N PHE A 141 13.92 4.41 -1.11
CA PHE A 141 13.06 3.54 -1.93
C PHE A 141 11.60 3.57 -1.50
N VAL A 142 11.32 3.51 -0.18
CA VAL A 142 9.95 3.64 0.39
C VAL A 142 9.27 4.95 -0.03
N GLN A 143 10.01 6.06 -0.08
CA GLN A 143 9.47 7.36 -0.52
C GLN A 143 9.16 7.34 -2.01
N MET A 144 10.09 6.88 -2.85
CA MET A 144 9.88 6.73 -4.29
C MET A 144 8.69 5.81 -4.62
N MET A 145 8.59 4.69 -3.91
CA MET A 145 7.58 3.64 -4.11
C MET A 145 6.16 4.10 -3.74
N THR A 146 6.02 5.00 -2.75
CA THR A 146 4.74 5.56 -2.28
C THR A 146 4.34 6.89 -2.95
N ALA A 147 5.30 7.71 -3.40
CA ALA A 147 5.09 9.04 -3.98
C ALA A 147 4.36 9.07 -5.33
N LYS A 148 3.65 10.17 -5.61
CA LYS A 148 3.04 10.56 -6.90
C LYS A 148 2.24 9.45 -7.60
N GLY B 1 19.73 -15.44 10.70
CA GLY B 1 19.88 -16.91 10.70
C GLY B 1 18.71 -17.62 10.01
N PRO B 2 18.71 -18.97 9.98
CA PRO B 2 17.64 -19.75 9.36
C PRO B 2 16.31 -19.58 10.12
N GLY B 3 15.29 -19.04 9.44
CA GLY B 3 13.95 -18.83 10.00
C GLY B 3 13.85 -17.75 11.09
N SER B 4 14.84 -16.85 11.22
CA SER B 4 14.85 -15.79 12.24
C SER B 4 13.61 -14.89 12.14
N LYS B 5 12.78 -14.90 13.20
CA LYS B 5 11.49 -14.20 13.30
C LYS B 5 10.56 -14.42 12.08
N ARG B 6 10.52 -15.64 11.53
CA ARG B 6 9.80 -16.02 10.29
C ARG B 6 8.34 -15.53 10.24
N LYS B 7 7.62 -15.59 11.37
CA LYS B 7 6.23 -15.11 11.50
C LYS B 7 6.03 -13.62 11.17
N GLN B 8 7.05 -12.78 11.42
CA GLN B 8 7.08 -11.37 10.99
C GLN B 8 7.78 -11.20 9.63
N GLU B 9 8.90 -11.90 9.41
CA GLU B 9 9.74 -11.81 8.20
C GLU B 9 8.91 -12.05 6.92
N GLU B 10 8.10 -13.12 6.90
CA GLU B 10 7.32 -13.51 5.72
C GLU B 10 6.22 -12.51 5.35
N VAL B 11 5.68 -11.80 6.34
CA VAL B 11 4.52 -10.90 6.19
C VAL B 11 4.94 -9.45 5.96
N SER B 12 6.10 -9.07 6.52
CA SER B 12 6.76 -7.80 6.24
C SER B 12 7.10 -7.68 4.75
N ALA B 13 7.56 -8.78 4.14
CA ALA B 13 7.83 -8.82 2.72
C ALA B 13 6.57 -8.47 1.91
N ILE B 14 5.38 -8.93 2.30
CA ILE B 14 4.14 -8.70 1.55
C ILE B 14 3.78 -7.21 1.44
N ILE B 15 4.03 -6.43 2.50
CA ILE B 15 3.82 -4.98 2.53
C ILE B 15 4.67 -4.29 1.46
N ILE B 16 5.94 -4.67 1.34
CA ILE B 16 6.87 -4.17 0.31
C ILE B 16 6.50 -4.69 -1.08
N GLN B 17 6.10 -5.97 -1.23
CA GLN B 17 5.69 -6.58 -2.50
C GLN B 17 4.52 -5.81 -3.13
N ARG B 18 3.48 -5.54 -2.33
CA ARG B 18 2.27 -4.82 -2.75
C ARG B 18 2.58 -3.36 -3.11
N ALA B 19 3.37 -2.67 -2.29
CA ALA B 19 3.87 -1.33 -2.61
C ALA B 19 4.72 -1.30 -3.89
N TYR B 20 5.56 -2.33 -4.12
CA TYR B 20 6.40 -2.40 -5.30
C TYR B 20 5.60 -2.55 -6.58
N ARG B 21 4.67 -3.51 -6.62
CA ARG B 21 3.77 -3.68 -7.77
C ARG B 21 2.81 -2.49 -7.95
N ARG B 22 2.47 -1.75 -6.87
CA ARG B 22 1.77 -0.46 -6.94
C ARG B 22 2.61 0.59 -7.67
N TYR B 23 3.91 0.66 -7.41
CA TYR B 23 4.85 1.50 -8.16
C TYR B 23 5.00 1.04 -9.63
N LEU B 24 5.04 -0.28 -9.89
CA LEU B 24 5.05 -0.81 -11.26
C LEU B 24 3.78 -0.39 -12.04
N LEU B 25 2.61 -0.39 -11.41
CA LEU B 25 1.36 0.13 -11.98
C LEU B 25 1.42 1.65 -12.17
N LYS B 26 1.91 2.40 -11.17
CA LYS B 26 2.10 3.86 -11.19
C LYS B 26 2.93 4.33 -12.38
N GLN B 27 4.02 3.62 -12.70
CA GLN B 27 4.86 3.89 -13.88
C GLN B 27 4.09 3.79 -15.22
N LYS B 28 2.97 3.04 -15.26
CA LYS B 28 2.09 2.90 -16.43
C LYS B 28 0.90 3.88 -16.42
N VAL B 29 0.29 4.16 -15.25
CA VAL B 29 -0.90 5.02 -15.14
C VAL B 29 -0.60 6.54 -15.01
N LYS B 30 0.68 6.95 -14.93
CA LYS B 30 1.07 8.36 -15.07
C LYS B 30 0.91 8.84 -16.52
N LYS B 31 0.42 10.07 -16.70
CA LYS B 31 0.05 10.68 -17.99
C LYS B 31 0.41 12.17 -18.07
N ALA A 1 -13.74 -0.96 -10.67
CA ALA A 1 -13.49 0.27 -11.45
C ALA A 1 -13.14 1.45 -10.54
N ASP A 2 -12.35 2.42 -11.05
CA ASP A 2 -11.93 3.63 -10.33
C ASP A 2 -13.13 4.54 -9.98
N GLN A 3 -13.26 4.92 -8.71
CA GLN A 3 -14.45 5.59 -8.16
C GLN A 3 -14.14 6.45 -6.92
N LEU A 4 -15.13 7.26 -6.51
CA LEU A 4 -15.17 8.04 -5.26
C LEU A 4 -16.35 7.66 -4.36
N THR A 5 -16.16 7.82 -3.06
CA THR A 5 -17.22 7.76 -2.03
C THR A 5 -17.98 9.08 -2.00
N GLU A 6 -19.23 9.09 -1.55
CA GLU A 6 -20.06 10.32 -1.43
C GLU A 6 -19.40 11.44 -0.59
N GLU A 7 -18.63 11.09 0.44
CA GLU A 7 -17.87 12.04 1.26
C GLU A 7 -16.73 12.72 0.48
N GLN A 8 -15.99 11.94 -0.33
CA GLN A 8 -14.96 12.47 -1.24
C GLN A 8 -15.59 13.35 -2.32
N ILE A 9 -16.73 12.95 -2.88
CA ILE A 9 -17.45 13.73 -3.88
C ILE A 9 -17.92 15.07 -3.30
N ALA A 10 -18.48 15.10 -2.09
CA ALA A 10 -18.91 16.34 -1.43
C ALA A 10 -17.72 17.25 -1.03
N GLU A 11 -16.57 16.69 -0.65
CA GLU A 11 -15.34 17.46 -0.43
C GLU A 11 -14.81 18.08 -1.73
N PHE A 12 -14.77 17.31 -2.82
CA PHE A 12 -14.37 17.79 -4.15
C PHE A 12 -15.39 18.77 -4.74
N LYS A 13 -16.69 18.60 -4.48
CA LYS A 13 -17.79 19.52 -4.83
C LYS A 13 -17.53 20.92 -4.30
N GLU A 14 -17.24 21.03 -3.01
CA GLU A 14 -16.92 22.32 -2.37
C GLU A 14 -15.61 22.90 -2.92
N ALA A 15 -14.52 22.13 -2.98
CA ALA A 15 -13.22 22.61 -3.46
C ALA A 15 -13.21 23.03 -4.94
N PHE A 16 -14.01 22.38 -5.79
CA PHE A 16 -14.18 22.76 -7.20
C PHE A 16 -15.02 24.03 -7.35
N SER A 17 -16.17 24.09 -6.67
CA SER A 17 -17.07 25.25 -6.64
C SER A 17 -16.38 26.51 -6.10
N LEU A 18 -15.37 26.34 -5.24
CA LEU A 18 -14.50 27.41 -4.72
C LEU A 18 -13.78 28.22 -5.82
N PHE A 19 -13.63 27.64 -7.02
CA PHE A 19 -12.99 28.25 -8.19
C PHE A 19 -13.94 28.37 -9.40
N ASP A 20 -15.21 28.00 -9.25
CA ASP A 20 -16.29 28.17 -10.23
C ASP A 20 -16.74 29.65 -10.31
N LYS A 21 -15.83 30.51 -10.79
CA LYS A 21 -15.99 31.98 -10.84
C LYS A 21 -17.12 32.46 -11.77
N ASP A 22 -17.57 31.63 -12.71
CA ASP A 22 -18.74 31.86 -13.56
C ASP A 22 -20.06 31.44 -12.89
N GLY A 23 -20.03 30.65 -11.81
CA GLY A 23 -21.21 30.09 -11.16
C GLY A 23 -21.99 29.08 -12.04
N ASP A 24 -21.28 28.35 -12.91
CA ASP A 24 -21.83 27.50 -13.98
C ASP A 24 -21.50 26.01 -13.84
N GLY A 25 -20.85 25.60 -12.74
CA GLY A 25 -20.42 24.23 -12.47
C GLY A 25 -19.13 23.82 -13.19
N THR A 26 -18.27 24.78 -13.56
CA THR A 26 -17.05 24.56 -14.37
C THR A 26 -15.86 25.42 -13.91
N ILE A 27 -14.63 25.01 -14.26
CA ILE A 27 -13.37 25.75 -14.03
C ILE A 27 -12.50 25.76 -15.31
N THR A 28 -11.44 26.56 -15.33
CA THR A 28 -10.41 26.49 -16.38
C THR A 28 -9.40 25.38 -16.12
N THR A 29 -8.71 24.95 -17.17
CA THR A 29 -7.59 23.99 -17.08
C THR A 29 -6.44 24.52 -16.22
N LYS A 30 -6.23 25.85 -16.15
CA LYS A 30 -5.22 26.48 -15.30
C LYS A 30 -5.61 26.44 -13.81
N GLU A 31 -6.89 26.66 -13.48
CA GLU A 31 -7.38 26.58 -12.09
C GLU A 31 -7.47 25.14 -11.56
N LEU A 32 -7.42 24.11 -12.40
CA LEU A 32 -7.47 22.72 -11.95
C LEU A 32 -6.40 22.41 -10.89
N GLY A 33 -5.15 22.81 -11.11
CA GLY A 33 -4.09 22.60 -10.11
C GLY A 33 -4.27 23.43 -8.84
N THR A 34 -4.87 24.62 -8.93
CA THR A 34 -5.25 25.42 -7.74
C THR A 34 -6.35 24.73 -6.94
N VAL A 35 -7.34 24.14 -7.63
CA VAL A 35 -8.40 23.33 -7.02
C VAL A 35 -7.82 22.06 -6.37
N MET A 36 -6.86 21.38 -7.01
CA MET A 36 -6.14 20.24 -6.41
C MET A 36 -5.33 20.65 -5.17
N ARG A 37 -4.66 21.80 -5.19
CA ARG A 37 -3.90 22.33 -4.04
C ARG A 37 -4.79 22.75 -2.87
N SER A 38 -6.02 23.20 -3.14
CA SER A 38 -7.05 23.40 -2.11
C SER A 38 -7.44 22.09 -1.41
N LEU A 39 -7.41 20.97 -2.13
CA LEU A 39 -7.55 19.59 -1.62
C LEU A 39 -6.24 19.00 -1.06
N GLY A 40 -5.15 19.79 -0.96
CA GLY A 40 -3.86 19.39 -0.40
C GLY A 40 -2.95 18.57 -1.34
N GLN A 41 -3.41 18.22 -2.54
CA GLN A 41 -2.59 17.59 -3.59
C GLN A 41 -1.90 18.70 -4.40
N ASN A 42 -0.56 18.77 -4.37
CA ASN A 42 0.20 19.74 -5.17
C ASN A 42 0.85 19.04 -6.39
N PRO A 43 0.13 18.94 -7.52
CA PRO A 43 0.70 18.45 -8.77
C PRO A 43 1.64 19.49 -9.39
N THR A 44 2.63 19.06 -10.19
CA THR A 44 3.44 19.99 -11.01
C THR A 44 2.76 20.31 -12.35
N GLU A 45 3.13 21.40 -13.04
CA GLU A 45 2.47 21.82 -14.29
C GLU A 45 2.60 20.78 -15.43
N ALA A 46 3.74 20.10 -15.52
CA ALA A 46 3.96 19.01 -16.47
C ALA A 46 3.15 17.73 -16.14
N GLU A 47 2.71 17.57 -14.89
CA GLU A 47 1.81 16.50 -14.42
C GLU A 47 0.34 16.87 -14.59
N LEU A 48 -0.01 18.15 -14.39
CA LEU A 48 -1.33 18.69 -14.72
C LEU A 48 -1.64 18.51 -16.20
N GLN A 49 -0.69 18.82 -17.09
CA GLN A 49 -0.87 18.60 -18.53
C GLN A 49 -1.09 17.11 -18.89
N ASP A 50 -0.42 16.18 -18.19
CA ASP A 50 -0.61 14.73 -18.36
C ASP A 50 -2.00 14.23 -17.94
N MET A 51 -2.67 14.91 -17.01
CA MET A 51 -4.07 14.65 -16.65
C MET A 51 -5.06 15.37 -17.57
N ILE A 52 -4.81 16.65 -17.90
CA ILE A 52 -5.76 17.51 -18.60
C ILE A 52 -5.95 17.14 -20.08
N ASN A 53 -4.96 16.57 -20.78
CA ASN A 53 -5.13 16.20 -22.19
C ASN A 53 -6.28 15.19 -22.45
N GLU A 54 -6.72 14.46 -21.42
CA GLU A 54 -7.89 13.58 -21.44
C GLU A 54 -9.24 14.33 -21.39
N VAL A 55 -9.26 15.52 -20.77
CA VAL A 55 -10.46 16.34 -20.52
C VAL A 55 -10.58 17.57 -21.43
N ASP A 56 -9.46 18.22 -21.75
CA ASP A 56 -9.34 19.33 -22.70
C ASP A 56 -9.06 18.84 -24.14
N ALA A 57 -9.56 17.65 -24.48
CA ALA A 57 -9.38 17.02 -25.79
C ALA A 57 -10.03 17.82 -26.94
N ASP A 58 -11.06 18.61 -26.64
CA ASP A 58 -11.72 19.53 -27.58
C ASP A 58 -11.02 20.91 -27.70
N GLY A 59 -10.02 21.19 -26.87
CA GLY A 59 -9.26 22.45 -26.85
C GLY A 59 -10.01 23.67 -26.29
N ASN A 60 -11.18 23.51 -25.67
CA ASN A 60 -12.00 24.62 -25.15
C ASN A 60 -11.49 25.25 -23.83
N GLY A 61 -10.47 24.67 -23.18
CA GLY A 61 -9.79 25.28 -22.02
C GLY A 61 -10.58 25.26 -20.70
N THR A 62 -11.66 24.50 -20.62
CA THR A 62 -12.54 24.38 -19.43
C THR A 62 -12.95 22.94 -19.13
N ILE A 63 -13.35 22.72 -17.87
CA ILE A 63 -13.63 21.41 -17.26
C ILE A 63 -14.87 21.52 -16.38
N ASP A 64 -15.76 20.53 -16.40
CA ASP A 64 -16.95 20.47 -15.54
C ASP A 64 -16.65 19.77 -14.20
N PHE A 65 -17.48 20.02 -13.18
CA PHE A 65 -17.41 19.32 -11.89
C PHE A 65 -17.24 17.79 -12.00
N PRO A 66 -18.14 17.04 -12.68
CA PRO A 66 -18.02 15.59 -12.78
C PRO A 66 -16.89 15.14 -13.71
N GLU A 67 -16.44 16.00 -14.63
CA GLU A 67 -15.27 15.72 -15.48
C GLU A 67 -13.98 15.77 -14.65
N PHE A 68 -13.82 16.75 -13.76
CA PHE A 68 -12.67 16.84 -12.85
C PHE A 68 -12.54 15.60 -11.95
N LEU A 69 -13.66 15.08 -11.44
CA LEU A 69 -13.65 13.91 -10.55
C LEU A 69 -13.14 12.64 -11.25
N THR A 70 -13.13 12.58 -12.58
CA THR A 70 -12.63 11.43 -13.35
C THR A 70 -11.15 11.16 -13.11
N MET A 71 -10.32 12.20 -12.95
CA MET A 71 -8.89 12.05 -12.63
C MET A 71 -8.67 11.91 -11.12
N MET A 72 -9.49 12.56 -10.28
CA MET A 72 -9.38 12.45 -8.82
C MET A 72 -9.66 11.02 -8.33
N ALA A 73 -10.62 10.32 -8.95
CA ALA A 73 -10.88 8.90 -8.68
C ALA A 73 -9.64 8.00 -8.91
N ARG A 74 -8.79 8.32 -9.89
CA ARG A 74 -7.52 7.61 -10.18
C ARG A 74 -6.37 8.04 -9.25
N LYS A 75 -6.25 9.35 -8.96
CA LYS A 75 -5.27 9.92 -8.02
C LYS A 75 -5.47 9.44 -6.57
N MET A 76 -6.71 9.12 -6.20
CA MET A 76 -7.11 8.60 -4.87
C MET A 76 -6.83 7.10 -4.73
N LYS A 77 -7.86 6.24 -4.82
CA LYS A 77 -7.82 4.78 -4.57
C LYS A 77 -7.28 4.41 -3.17
N ASP A 78 -7.04 3.13 -2.91
CA ASP A 78 -6.32 2.66 -1.72
C ASP A 78 -4.80 2.94 -1.83
N THR A 79 -4.11 3.00 -0.69
CA THR A 79 -2.67 3.31 -0.60
C THR A 79 -1.94 2.36 0.37
N ASP A 80 -0.72 1.97 0.01
CA ASP A 80 0.17 1.19 0.86
C ASP A 80 0.91 2.11 1.84
N SER A 81 0.83 1.82 3.15
CA SER A 81 1.30 2.74 4.21
C SER A 81 2.82 2.89 4.26
N GLU A 82 3.29 4.15 4.22
CA GLU A 82 4.71 4.51 4.25
C GLU A 82 5.41 4.03 5.53
N GLU A 83 4.79 4.22 6.69
CA GLU A 83 5.34 3.77 7.99
C GLU A 83 5.39 2.23 8.10
N GLU A 84 4.41 1.54 7.50
CA GLU A 84 4.39 0.07 7.46
C GLU A 84 5.51 -0.49 6.59
N ILE A 85 5.71 0.08 5.39
CA ILE A 85 6.82 -0.28 4.49
C ILE A 85 8.15 -0.04 5.18
N ARG A 86 8.33 1.12 5.84
CA ARG A 86 9.55 1.47 6.58
C ARG A 86 9.84 0.44 7.70
N GLU A 87 8.84 0.11 8.51
CA GLU A 87 8.99 -0.90 9.58
C GLU A 87 9.28 -2.31 9.01
N ALA A 88 8.56 -2.72 7.98
CA ALA A 88 8.77 -3.99 7.27
C ALA A 88 10.17 -4.10 6.64
N PHE A 89 10.71 -3.01 6.11
CA PHE A 89 12.09 -2.94 5.64
C PHE A 89 13.10 -3.04 6.79
N ARG A 90 12.87 -2.33 7.90
CA ARG A 90 13.77 -2.32 9.06
C ARG A 90 13.91 -3.70 9.73
N VAL A 91 12.93 -4.59 9.55
CA VAL A 91 13.01 -6.02 9.89
C VAL A 91 14.10 -6.74 9.06
N PHE A 92 14.26 -6.40 7.78
CA PHE A 92 15.28 -6.95 6.86
C PHE A 92 16.64 -6.24 6.92
N ASP A 93 16.71 -5.03 7.46
CA ASP A 93 17.98 -4.35 7.76
C ASP A 93 18.74 -5.18 8.82
N LYS A 94 20.04 -5.42 8.61
CA LYS A 94 20.87 -6.30 9.46
C LYS A 94 21.11 -5.75 10.87
N ASP A 95 21.10 -4.42 11.06
CA ASP A 95 21.35 -3.77 12.35
C ASP A 95 20.62 -2.41 12.54
N GLY A 96 19.70 -2.06 11.63
CA GLY A 96 19.04 -0.75 11.59
C GLY A 96 19.96 0.38 11.11
N ASN A 97 20.80 0.06 10.13
CA ASN A 97 21.74 0.96 9.45
C ASN A 97 21.04 2.01 8.56
N GLY A 98 19.76 1.79 8.20
CA GLY A 98 19.01 2.56 7.21
C GLY A 98 19.18 2.01 5.78
N TYR A 99 19.55 0.74 5.62
CA TYR A 99 19.75 0.10 4.31
C TYR A 99 19.59 -1.44 4.36
N ILE A 100 19.38 -2.06 3.21
CA ILE A 100 19.25 -3.52 3.02
C ILE A 100 20.21 -3.98 1.92
N SER A 101 20.88 -5.13 2.08
CA SER A 101 21.75 -5.64 1.02
C SER A 101 20.96 -6.06 -0.23
N ALA A 102 21.48 -5.82 -1.43
CA ALA A 102 20.75 -6.12 -2.67
C ALA A 102 20.42 -7.62 -2.82
N ALA A 103 21.36 -8.50 -2.45
CA ALA A 103 21.13 -9.95 -2.39
C ALA A 103 20.10 -10.34 -1.31
N GLU A 104 20.03 -9.61 -0.20
CA GLU A 104 19.06 -9.84 0.87
C GLU A 104 17.65 -9.40 0.47
N LEU A 105 17.47 -8.22 -0.12
CA LEU A 105 16.17 -7.77 -0.64
C LEU A 105 15.73 -8.61 -1.85
N ARG A 106 16.65 -9.07 -2.70
CA ARG A 106 16.31 -10.09 -3.72
C ARG A 106 15.84 -11.38 -3.06
N HIS A 107 16.53 -11.87 -2.02
CA HIS A 107 16.11 -13.05 -1.27
C HIS A 107 14.71 -12.89 -0.68
N VAL A 108 14.43 -11.87 0.15
CA VAL A 108 13.08 -11.73 0.76
C VAL A 108 12.01 -11.62 -0.30
N MET A 109 12.26 -10.87 -1.37
CA MET A 109 11.25 -10.60 -2.38
C MET A 109 10.97 -11.79 -3.31
N THR A 110 11.84 -12.82 -3.33
CA THR A 110 11.59 -14.09 -4.02
C THR A 110 11.51 -15.32 -3.10
N ASN A 111 11.57 -15.14 -1.78
CA ASN A 111 11.36 -16.20 -0.78
C ASN A 111 10.01 -16.09 -0.06
N LEU A 112 9.43 -14.88 -0.02
CA LEU A 112 8.30 -14.52 0.82
C LEU A 112 7.23 -13.75 0.04
N GLY A 113 6.03 -13.65 0.59
CA GLY A 113 4.90 -13.00 -0.07
C GLY A 113 4.47 -13.70 -1.35
N GLU A 114 3.97 -12.90 -2.29
CA GLU A 114 3.47 -13.32 -3.60
C GLU A 114 4.57 -13.83 -4.56
N LYS A 115 5.85 -13.60 -4.24
CA LYS A 115 7.05 -13.74 -5.09
C LYS A 115 7.07 -12.76 -6.28
N LEU A 116 8.23 -12.14 -6.51
CA LEU A 116 8.53 -11.39 -7.72
C LEU A 116 9.21 -12.29 -8.77
N THR A 117 9.04 -11.98 -10.05
CA THR A 117 9.77 -12.62 -11.16
C THR A 117 11.25 -12.24 -11.12
N ASP A 118 12.12 -13.02 -11.78
CA ASP A 118 13.57 -12.77 -11.88
C ASP A 118 13.93 -11.38 -12.42
N GLU A 119 13.27 -10.94 -13.51
CA GLU A 119 13.44 -9.60 -14.08
C GLU A 119 12.77 -8.51 -13.21
N GLU A 120 11.67 -8.84 -12.55
CA GLU A 120 10.87 -7.93 -11.70
C GLU A 120 11.60 -7.56 -10.40
N VAL A 121 12.29 -8.54 -9.78
CA VAL A 121 13.12 -8.32 -8.59
C VAL A 121 14.45 -7.62 -8.94
N ASP A 122 15.01 -7.85 -10.12
CA ASP A 122 16.17 -7.09 -10.62
C ASP A 122 15.78 -5.63 -10.94
N GLU A 123 14.57 -5.40 -11.46
CA GLU A 123 13.99 -4.07 -11.67
C GLU A 123 13.86 -3.30 -10.34
N MET A 124 13.67 -3.99 -9.21
CA MET A 124 13.71 -3.36 -7.88
C MET A 124 15.13 -2.86 -7.58
N ILE A 125 16.15 -3.73 -7.64
CA ILE A 125 17.53 -3.37 -7.26
C ILE A 125 18.05 -2.17 -8.07
N ARG A 126 17.66 -2.06 -9.35
CA ARG A 126 18.01 -0.94 -10.25
C ARG A 126 17.66 0.44 -9.67
N GLU A 127 16.50 0.59 -9.04
CA GLU A 127 16.09 1.84 -8.38
C GLU A 127 16.54 1.88 -6.91
N ALA A 128 16.37 0.74 -6.23
CA ALA A 128 16.54 0.57 -4.79
C ALA A 128 17.98 0.80 -4.34
N ASP A 129 18.99 0.46 -5.15
CA ASP A 129 20.40 0.83 -4.94
C ASP A 129 20.78 1.99 -5.87
N ILE A 130 21.02 3.19 -5.31
CA ILE A 130 21.39 4.40 -6.06
C ILE A 130 22.84 4.36 -6.57
N ASP A 131 23.75 3.66 -5.88
CA ASP A 131 25.18 3.59 -6.23
C ASP A 131 25.53 2.42 -7.19
N GLY A 132 24.76 1.32 -7.13
CA GLY A 132 24.98 0.09 -7.90
C GLY A 132 26.03 -0.87 -7.31
N ASP A 133 26.48 -0.63 -6.08
CA ASP A 133 27.50 -1.45 -5.37
C ASP A 133 26.94 -2.74 -4.72
N GLY A 134 25.62 -2.96 -4.78
CA GLY A 134 24.91 -4.09 -4.17
C GLY A 134 24.29 -3.77 -2.80
N GLN A 135 23.95 -2.51 -2.54
CA GLN A 135 23.35 -2.02 -1.30
C GLN A 135 22.11 -1.18 -1.58
N VAL A 136 20.92 -1.76 -1.39
CA VAL A 136 19.65 -1.03 -1.48
C VAL A 136 19.50 -0.06 -0.31
N ASN A 137 19.16 1.18 -0.62
CA ASN A 137 18.85 2.20 0.36
C ASN A 137 17.33 2.37 0.54
N TYR A 138 16.75 1.47 1.33
CA TYR A 138 15.30 1.36 1.52
C TYR A 138 14.66 2.66 2.04
N GLU A 139 15.39 3.49 2.80
CA GLU A 139 14.89 4.75 3.36
C GLU A 139 14.50 5.77 2.27
N GLU A 140 15.20 5.76 1.13
CA GLU A 140 14.81 6.52 -0.06
C GLU A 140 13.73 5.76 -0.87
N PHE A 141 13.84 4.43 -0.94
CA PHE A 141 12.96 3.58 -1.74
C PHE A 141 11.51 3.58 -1.25
N VAL A 142 11.28 3.57 0.07
CA VAL A 142 9.93 3.69 0.66
C VAL A 142 9.26 5.01 0.25
N GLN A 143 9.99 6.13 0.32
CA GLN A 143 9.49 7.45 -0.06
C GLN A 143 9.21 7.53 -1.57
N MET A 144 10.05 6.89 -2.39
CA MET A 144 9.87 6.82 -3.84
C MET A 144 8.65 5.96 -4.25
N MET A 145 8.47 4.77 -3.67
CA MET A 145 7.32 3.91 -3.98
C MET A 145 5.99 4.56 -3.55
N THR A 146 5.97 5.25 -2.41
CA THR A 146 4.78 5.94 -1.87
C THR A 146 4.54 7.34 -2.46
N ALA A 147 5.35 7.79 -3.42
CA ALA A 147 5.26 9.13 -4.01
C ALA A 147 3.91 9.45 -4.70
N LYS A 148 3.52 10.73 -4.67
CA LYS A 148 2.25 11.27 -5.21
C LYS A 148 2.18 11.27 -6.75
N GLY B 1 16.74 -7.40 11.77
CA GLY B 1 17.71 -8.46 11.46
C GLY B 1 17.02 -9.69 10.90
N PRO B 2 17.21 -10.02 9.61
CA PRO B 2 16.63 -11.20 8.95
C PRO B 2 17.30 -12.51 9.37
N GLY B 3 16.72 -13.65 8.99
CA GLY B 3 17.15 -14.99 9.39
C GLY B 3 16.65 -15.42 10.78
N SER B 4 15.67 -14.68 11.33
CA SER B 4 15.02 -14.90 12.63
C SER B 4 13.61 -14.28 12.62
N LYS B 5 12.75 -14.70 13.56
CA LYS B 5 11.33 -14.29 13.67
C LYS B 5 10.58 -14.42 12.32
N ARG B 6 10.63 -15.61 11.71
CA ARG B 6 10.07 -15.91 10.38
C ARG B 6 8.60 -15.51 10.21
N LYS B 7 7.80 -15.61 11.28
CA LYS B 7 6.39 -15.16 11.31
C LYS B 7 6.22 -13.66 11.04
N GLN B 8 7.21 -12.83 11.39
CA GLN B 8 7.27 -11.41 10.99
C GLN B 8 7.99 -11.20 9.65
N GLU B 9 9.09 -11.91 9.38
CA GLU B 9 9.87 -11.80 8.14
C GLU B 9 9.00 -12.04 6.89
N GLU B 10 8.25 -13.15 6.88
CA GLU B 10 7.40 -13.57 5.75
C GLU B 10 6.26 -12.60 5.43
N VAL B 11 5.80 -11.82 6.41
CA VAL B 11 4.64 -10.90 6.29
C VAL B 11 5.08 -9.46 6.04
N SER B 12 6.22 -9.04 6.59
CA SER B 12 6.87 -7.76 6.30
C SER B 12 7.11 -7.61 4.79
N ALA B 13 7.54 -8.68 4.14
CA ALA B 13 7.80 -8.68 2.70
C ALA B 13 6.54 -8.29 1.91
N ILE B 14 5.34 -8.74 2.30
CA ILE B 14 4.11 -8.51 1.52
C ILE B 14 3.74 -7.03 1.44
N ILE B 15 3.99 -6.28 2.52
CA ILE B 15 3.79 -4.82 2.60
C ILE B 15 4.66 -4.10 1.55
N ILE B 16 5.91 -4.54 1.37
CA ILE B 16 6.84 -4.03 0.35
C ILE B 16 6.46 -4.55 -1.04
N GLN B 17 6.00 -5.81 -1.19
CA GLN B 17 5.59 -6.39 -2.49
C GLN B 17 4.41 -5.62 -3.10
N ARG B 18 3.41 -5.27 -2.27
CA ARG B 18 2.28 -4.39 -2.63
C ARG B 18 2.79 -3.05 -3.16
N ALA B 19 3.58 -2.34 -2.35
CA ALA B 19 4.15 -1.04 -2.70
C ALA B 19 5.02 -1.09 -3.95
N TYR B 20 5.74 -2.20 -4.17
CA TYR B 20 6.57 -2.38 -5.34
C TYR B 20 5.75 -2.57 -6.62
N ARG B 21 4.77 -3.48 -6.64
CA ARG B 21 3.90 -3.63 -7.83
C ARG B 21 3.00 -2.40 -8.05
N ARG B 22 2.71 -1.60 -7.01
CA ARG B 22 2.09 -0.27 -7.12
C ARG B 22 3.03 0.70 -7.87
N TYR B 23 4.30 0.74 -7.47
CA TYR B 23 5.36 1.52 -8.12
C TYR B 23 5.69 1.06 -9.55
N LEU B 24 5.53 -0.22 -9.87
CA LEU B 24 5.68 -0.75 -11.24
C LEU B 24 4.77 -0.05 -12.27
N LEU B 25 3.68 0.60 -11.83
CA LEU B 25 2.86 1.49 -12.66
C LEU B 25 3.48 2.90 -12.77
N LYS B 26 3.94 3.46 -11.64
CA LYS B 26 4.50 4.83 -11.52
C LYS B 26 5.78 5.05 -12.34
N GLN B 27 6.63 4.03 -12.47
CA GLN B 27 7.87 4.11 -13.25
C GLN B 27 7.68 4.38 -14.76
N LYS B 28 6.46 4.26 -15.31
CA LYS B 28 6.15 4.60 -16.72
C LYS B 28 6.18 6.13 -16.94
N VAL B 29 5.71 6.91 -15.95
CA VAL B 29 5.86 8.37 -15.88
C VAL B 29 5.69 8.86 -14.43
N LYS B 30 6.72 9.53 -13.92
CA LYS B 30 6.78 10.13 -12.57
C LYS B 30 7.40 11.53 -12.62
N LYS B 31 6.80 12.48 -11.90
CA LYS B 31 7.07 13.93 -11.94
C LYS B 31 6.93 14.57 -10.55
N ALA A 1 -7.43 -1.00 -13.18
CA ALA A 1 -8.66 -0.74 -12.38
C ALA A 1 -8.60 0.67 -11.77
N ASP A 2 -8.99 1.67 -12.56
CA ASP A 2 -8.79 3.10 -12.24
C ASP A 2 -10.02 3.79 -11.62
N GLN A 3 -11.15 3.07 -11.52
CA GLN A 3 -12.45 3.64 -11.12
C GLN A 3 -12.47 4.21 -9.70
N LEU A 4 -13.25 5.27 -9.52
CA LEU A 4 -13.49 5.93 -8.24
C LEU A 4 -14.62 5.25 -7.42
N THR A 5 -14.46 5.24 -6.11
CA THR A 5 -15.50 4.88 -5.14
C THR A 5 -16.44 6.08 -4.94
N GLU A 6 -17.69 5.85 -4.53
CA GLU A 6 -18.68 6.91 -4.26
C GLU A 6 -18.20 7.96 -3.25
N GLU A 7 -17.39 7.57 -2.25
CA GLU A 7 -16.79 8.48 -1.26
C GLU A 7 -15.71 9.40 -1.87
N GLN A 8 -14.87 8.86 -2.76
CA GLN A 8 -13.90 9.65 -3.53
C GLN A 8 -14.61 10.64 -4.47
N ILE A 9 -15.68 10.19 -5.15
CA ILE A 9 -16.47 11.05 -6.04
C ILE A 9 -17.13 12.17 -5.24
N ALA A 10 -17.73 11.89 -4.08
CA ALA A 10 -18.36 12.89 -3.23
C ALA A 10 -17.34 13.90 -2.65
N GLU A 11 -16.13 13.45 -2.28
CA GLU A 11 -15.04 14.34 -1.83
C GLU A 11 -14.55 15.25 -2.97
N PHE A 12 -14.34 14.70 -4.17
CA PHE A 12 -13.98 15.47 -5.36
C PHE A 12 -15.10 16.41 -5.80
N LYS A 13 -16.37 16.03 -5.64
CA LYS A 13 -17.57 16.86 -5.90
C LYS A 13 -17.52 18.18 -5.12
N GLU A 14 -17.30 18.10 -3.81
CA GLU A 14 -17.21 19.27 -2.93
C GLU A 14 -15.97 20.12 -3.24
N ALA A 15 -14.79 19.51 -3.33
CA ALA A 15 -13.54 20.22 -3.64
C ALA A 15 -13.54 20.89 -5.02
N PHE A 16 -14.22 20.31 -6.01
CA PHE A 16 -14.39 20.94 -7.33
C PHE A 16 -15.39 22.10 -7.28
N SER A 17 -16.56 21.88 -6.66
CA SER A 17 -17.61 22.90 -6.49
C SER A 17 -17.15 24.11 -5.65
N LEU A 18 -16.20 23.90 -4.73
CA LEU A 18 -15.51 24.95 -3.98
C LEU A 18 -14.83 26.02 -4.86
N PHE A 19 -14.58 25.73 -6.14
CA PHE A 19 -13.97 26.64 -7.10
C PHE A 19 -14.80 26.82 -8.39
N ASP A 20 -16.02 26.29 -8.43
CA ASP A 20 -16.93 26.38 -9.58
C ASP A 20 -17.39 27.83 -9.81
N LYS A 21 -17.33 28.28 -11.08
CA LYS A 21 -17.55 29.67 -11.49
C LYS A 21 -18.93 30.25 -11.13
N ASP A 22 -20.00 29.43 -11.15
CA ASP A 22 -21.37 29.90 -10.85
C ASP A 22 -22.35 28.78 -10.41
N GLY A 23 -21.85 27.58 -10.11
CA GLY A 23 -22.67 26.37 -9.92
C GLY A 23 -23.00 25.68 -11.25
N ASP A 24 -22.17 25.89 -12.29
CA ASP A 24 -22.33 25.35 -13.64
C ASP A 24 -21.81 23.91 -13.81
N GLY A 25 -21.11 23.37 -12.80
CA GLY A 25 -20.41 22.09 -12.86
C GLY A 25 -19.03 22.19 -13.53
N THR A 26 -18.41 23.37 -13.57
CA THR A 26 -17.14 23.64 -14.26
C THR A 26 -16.21 24.60 -13.50
N ILE A 27 -14.89 24.47 -13.69
CA ILE A 27 -13.82 25.35 -13.20
C ILE A 27 -12.93 25.84 -14.35
N THR A 28 -12.03 26.79 -14.08
CA THR A 28 -10.97 27.20 -15.02
C THR A 28 -9.73 26.31 -14.92
N THR A 29 -8.93 26.32 -15.98
CA THR A 29 -7.59 25.70 -16.01
C THR A 29 -6.61 26.33 -15.02
N LYS A 30 -6.85 27.57 -14.56
CA LYS A 30 -6.07 28.24 -13.50
C LYS A 30 -6.39 27.70 -12.10
N GLU A 31 -7.66 27.51 -11.78
CA GLU A 31 -8.10 26.98 -10.48
C GLU A 31 -7.90 25.47 -10.29
N LEU A 32 -7.61 24.70 -11.36
CA LEU A 32 -7.37 23.25 -11.28
C LEU A 32 -6.37 22.89 -10.18
N GLY A 33 -5.16 23.44 -10.21
CA GLY A 33 -4.14 23.09 -9.22
C GLY A 33 -4.52 23.51 -7.79
N THR A 34 -5.33 24.55 -7.63
CA THR A 34 -5.88 24.99 -6.34
C THR A 34 -6.97 24.05 -5.84
N VAL A 35 -7.79 23.50 -6.75
CA VAL A 35 -8.73 22.43 -6.45
C VAL A 35 -7.97 21.16 -6.00
N MET A 36 -6.86 20.82 -6.66
CA MET A 36 -5.96 19.73 -6.23
C MET A 36 -5.32 19.99 -4.86
N ARG A 37 -4.87 21.23 -4.58
CA ARG A 37 -4.36 21.66 -3.27
C ARG A 37 -5.42 21.55 -2.17
N SER A 38 -6.69 21.84 -2.47
CA SER A 38 -7.83 21.64 -1.55
C SER A 38 -8.03 20.16 -1.19
N LEU A 39 -7.74 19.25 -2.13
CA LEU A 39 -7.65 17.79 -1.92
C LEU A 39 -6.34 17.31 -1.29
N GLY A 40 -5.45 18.21 -0.86
CA GLY A 40 -4.23 17.91 -0.10
C GLY A 40 -3.02 17.49 -0.94
N GLN A 41 -3.02 17.75 -2.26
CA GLN A 41 -1.89 17.45 -3.16
C GLN A 41 -1.55 18.66 -4.06
N ASN A 42 -0.28 19.10 -4.04
CA ASN A 42 0.19 20.29 -4.76
C ASN A 42 1.00 19.92 -6.03
N PRO A 43 0.37 19.84 -7.21
CA PRO A 43 1.07 19.59 -8.49
C PRO A 43 1.91 20.81 -8.92
N THR A 44 2.98 20.54 -9.68
CA THR A 44 3.75 21.58 -10.38
C THR A 44 2.98 22.21 -11.54
N GLU A 45 3.39 23.41 -11.95
CA GLU A 45 2.88 24.05 -13.17
C GLU A 45 3.13 23.22 -14.45
N ALA A 46 4.24 22.45 -14.49
CA ALA A 46 4.54 21.53 -15.59
C ALA A 46 3.57 20.34 -15.63
N GLU A 47 3.29 19.72 -14.48
CA GLU A 47 2.28 18.66 -14.34
C GLU A 47 0.88 19.15 -14.72
N LEU A 48 0.47 20.33 -14.24
CA LEU A 48 -0.82 20.93 -14.59
C LEU A 48 -0.92 21.22 -16.09
N GLN A 49 0.12 21.81 -16.69
CA GLN A 49 0.19 22.05 -18.13
C GLN A 49 0.09 20.76 -18.94
N ASP A 50 0.77 19.69 -18.52
CA ASP A 50 0.68 18.37 -19.16
C ASP A 50 -0.75 17.78 -19.09
N MET A 51 -1.42 17.85 -17.94
CA MET A 51 -2.80 17.37 -17.78
C MET A 51 -3.80 18.21 -18.58
N ILE A 52 -3.63 19.54 -18.60
CA ILE A 52 -4.50 20.46 -19.37
C ILE A 52 -4.27 20.33 -20.88
N ASN A 53 -3.07 19.94 -21.36
CA ASN A 53 -2.87 19.65 -22.78
C ASN A 53 -3.71 18.47 -23.30
N GLU A 54 -4.04 17.50 -22.43
CA GLU A 54 -4.99 16.42 -22.75
C GLU A 54 -6.46 16.83 -22.56
N VAL A 55 -6.77 17.52 -21.46
CA VAL A 55 -8.15 17.92 -21.09
C VAL A 55 -8.71 19.07 -21.93
N ASP A 56 -7.89 20.07 -22.25
CA ASP A 56 -8.27 21.32 -22.91
C ASP A 56 -7.58 21.51 -24.27
N ALA A 57 -7.56 20.47 -25.10
CA ALA A 57 -6.89 20.48 -26.41
C ALA A 57 -7.41 21.58 -27.37
N ASP A 58 -8.67 22.02 -27.20
CA ASP A 58 -9.29 23.10 -27.98
C ASP A 58 -9.06 24.51 -27.40
N GLY A 59 -8.43 24.65 -26.22
CA GLY A 59 -8.02 25.93 -25.63
C GLY A 59 -9.17 26.79 -25.09
N ASN A 60 -10.16 26.19 -24.43
CA ASN A 60 -11.31 26.87 -23.83
C ASN A 60 -10.98 27.59 -22.51
N GLY A 61 -9.91 27.16 -21.82
CA GLY A 61 -9.52 27.60 -20.48
C GLY A 61 -10.42 27.08 -19.35
N THR A 62 -11.23 26.05 -19.60
CA THR A 62 -12.21 25.48 -18.66
C THR A 62 -12.25 23.95 -18.65
N ILE A 63 -12.77 23.39 -17.55
CA ILE A 63 -12.81 21.96 -17.22
C ILE A 63 -14.17 21.65 -16.56
N ASP A 64 -14.82 20.54 -16.92
CA ASP A 64 -16.03 20.06 -16.25
C ASP A 64 -15.70 19.13 -15.06
N PHE A 65 -16.61 18.98 -14.10
CA PHE A 65 -16.46 18.03 -12.98
C PHE A 65 -16.01 16.62 -13.43
N PRO A 66 -16.71 15.92 -14.34
CA PRO A 66 -16.30 14.58 -14.77
C PRO A 66 -15.02 14.58 -15.63
N GLU A 67 -14.67 15.70 -16.26
CA GLU A 67 -13.40 15.84 -16.98
C GLU A 67 -12.22 15.95 -16.00
N PHE A 68 -12.37 16.70 -14.91
CA PHE A 68 -11.35 16.77 -13.84
C PHE A 68 -11.09 15.40 -13.20
N LEU A 69 -12.13 14.59 -12.97
CA LEU A 69 -11.96 13.26 -12.39
C LEU A 69 -11.13 12.31 -13.28
N THR A 70 -10.98 12.59 -14.59
CA THR A 70 -10.18 11.76 -15.50
C THR A 70 -8.69 11.74 -15.12
N MET A 71 -8.14 12.85 -14.63
CA MET A 71 -6.76 12.88 -14.11
C MET A 71 -6.69 12.39 -12.67
N MET A 72 -7.69 12.69 -11.83
CA MET A 72 -7.71 12.26 -10.42
C MET A 72 -7.81 10.74 -10.24
N ALA A 73 -8.37 10.02 -11.22
CA ALA A 73 -8.33 8.56 -11.26
C ALA A 73 -6.90 8.00 -11.34
N ARG A 74 -6.01 8.65 -12.10
CA ARG A 74 -4.59 8.31 -12.26
C ARG A 74 -3.70 8.92 -11.17
N LYS A 75 -3.87 10.21 -10.89
CA LYS A 75 -3.07 11.04 -9.95
C LYS A 75 -3.53 10.94 -8.48
N MET A 76 -4.36 9.95 -8.16
CA MET A 76 -5.06 9.82 -6.88
C MET A 76 -4.10 9.75 -5.67
N LYS A 77 -4.51 10.36 -4.55
CA LYS A 77 -3.81 10.31 -3.25
C LYS A 77 -3.87 8.96 -2.51
N ASP A 78 -4.60 7.97 -3.05
CA ASP A 78 -4.58 6.59 -2.57
C ASP A 78 -3.17 5.95 -2.73
N THR A 79 -2.59 5.49 -1.64
CA THR A 79 -1.22 4.93 -1.57
C THR A 79 -1.09 3.86 -0.47
N ASP A 80 -0.15 2.92 -0.65
CA ASP A 80 0.24 1.96 0.40
C ASP A 80 0.92 2.68 1.60
N SER A 81 0.70 2.17 2.82
CA SER A 81 1.12 2.85 4.05
C SER A 81 2.64 3.00 4.17
N GLU A 82 3.12 4.24 4.18
CA GLU A 82 4.54 4.59 4.13
C GLU A 82 5.30 4.14 5.38
N GLU A 83 4.72 4.34 6.56
CA GLU A 83 5.25 3.86 7.84
C GLU A 83 5.29 2.33 7.93
N GLU A 84 4.31 1.64 7.34
CA GLU A 84 4.27 0.17 7.31
C GLU A 84 5.38 -0.40 6.44
N ILE A 85 5.61 0.18 5.25
CA ILE A 85 6.72 -0.20 4.37
C ILE A 85 8.06 0.03 5.07
N ARG A 86 8.27 1.18 5.73
CA ARG A 86 9.51 1.45 6.49
C ARG A 86 9.72 0.43 7.62
N GLU A 87 8.68 0.10 8.38
CA GLU A 87 8.73 -0.91 9.46
C GLU A 87 9.05 -2.32 8.91
N ALA A 88 8.36 -2.72 7.84
CA ALA A 88 8.55 -3.99 7.13
C ALA A 88 9.91 -4.10 6.41
N PHE A 89 10.56 -2.98 6.11
CA PHE A 89 11.94 -2.96 5.62
C PHE A 89 12.97 -3.09 6.74
N ARG A 90 12.77 -2.40 7.88
CA ARG A 90 13.75 -2.41 8.99
C ARG A 90 13.94 -3.80 9.62
N VAL A 91 12.95 -4.69 9.52
CA VAL A 91 13.08 -6.12 9.88
C VAL A 91 13.99 -6.93 8.94
N PHE A 92 14.25 -6.46 7.72
CA PHE A 92 15.20 -7.06 6.77
C PHE A 92 16.60 -6.40 6.84
N ASP A 93 16.69 -5.16 7.31
CA ASP A 93 17.96 -4.45 7.56
C ASP A 93 18.80 -5.21 8.60
N LYS A 94 19.97 -5.72 8.17
CA LYS A 94 20.87 -6.57 8.96
C LYS A 94 21.66 -5.84 10.07
N ASP A 95 21.75 -4.51 10.01
CA ASP A 95 22.59 -3.68 10.92
C ASP A 95 21.83 -2.56 11.64
N GLY A 96 20.62 -2.21 11.19
CA GLY A 96 19.90 -1.01 11.63
C GLY A 96 20.45 0.29 11.00
N ASN A 97 21.20 0.17 9.90
CA ASN A 97 21.88 1.26 9.19
C ASN A 97 20.97 2.07 8.25
N GLY A 98 19.68 1.70 8.11
CA GLY A 98 18.72 2.35 7.20
C GLY A 98 18.81 1.86 5.75
N TYR A 99 19.34 0.65 5.54
CA TYR A 99 19.53 0.03 4.24
C TYR A 99 19.44 -1.51 4.29
N ILE A 100 19.28 -2.15 3.13
CA ILE A 100 19.22 -3.61 2.96
C ILE A 100 20.21 -4.03 1.86
N SER A 101 20.87 -5.19 1.97
CA SER A 101 21.69 -5.68 0.86
C SER A 101 20.83 -6.01 -0.36
N ALA A 102 21.35 -5.76 -1.56
CA ALA A 102 20.70 -6.16 -2.80
C ALA A 102 20.38 -7.66 -2.85
N ALA A 103 21.29 -8.50 -2.38
CA ALA A 103 21.08 -9.95 -2.28
C ALA A 103 20.02 -10.31 -1.22
N GLU A 104 19.98 -9.57 -0.10
CA GLU A 104 18.99 -9.80 0.97
C GLU A 104 17.58 -9.35 0.57
N LEU A 105 17.42 -8.18 -0.07
CA LEU A 105 16.10 -7.74 -0.53
C LEU A 105 15.61 -8.60 -1.70
N ARG A 106 16.48 -9.00 -2.65
CA ARG A 106 16.14 -9.98 -3.68
C ARG A 106 15.72 -11.32 -3.07
N HIS A 107 16.45 -11.82 -2.07
CA HIS A 107 16.08 -13.05 -1.34
C HIS A 107 14.67 -12.94 -0.76
N VAL A 108 14.40 -11.95 0.10
CA VAL A 108 13.09 -11.88 0.77
C VAL A 108 11.95 -11.62 -0.22
N MET A 109 12.17 -10.84 -1.28
CA MET A 109 11.18 -10.62 -2.35
C MET A 109 10.92 -11.83 -3.26
N THR A 110 11.78 -12.84 -3.26
CA THR A 110 11.51 -14.13 -3.94
C THR A 110 11.43 -15.34 -3.00
N ASN A 111 11.44 -15.11 -1.68
CA ASN A 111 11.23 -16.14 -0.66
C ASN A 111 9.87 -15.97 0.04
N LEU A 112 9.53 -14.73 0.39
CA LEU A 112 8.41 -14.39 1.27
C LEU A 112 7.41 -13.48 0.57
N GLY A 113 6.14 -13.64 0.93
CA GLY A 113 5.04 -12.96 0.25
C GLY A 113 4.75 -13.50 -1.15
N GLU A 114 4.28 -12.60 -2.01
CA GLU A 114 3.70 -12.88 -3.33
C GLU A 114 4.68 -13.38 -4.42
N LYS A 115 5.99 -13.41 -4.13
CA LYS A 115 7.12 -13.72 -5.04
C LYS A 115 7.16 -12.87 -6.32
N LEU A 116 8.13 -11.95 -6.39
CA LEU A 116 8.46 -11.23 -7.62
C LEU A 116 9.14 -12.17 -8.64
N THR A 117 8.94 -11.92 -9.94
CA THR A 117 9.65 -12.62 -11.03
C THR A 117 11.14 -12.25 -11.05
N ASP A 118 11.98 -13.04 -11.71
CA ASP A 118 13.44 -12.81 -11.82
C ASP A 118 13.82 -11.43 -12.39
N GLU A 119 13.17 -11.00 -13.48
CA GLU A 119 13.36 -9.68 -14.08
C GLU A 119 12.70 -8.56 -13.23
N GLU A 120 11.59 -8.87 -12.56
CA GLU A 120 10.81 -7.96 -11.72
C GLU A 120 11.54 -7.59 -10.42
N VAL A 121 12.21 -8.56 -9.78
CA VAL A 121 13.05 -8.35 -8.60
C VAL A 121 14.37 -7.68 -8.95
N ASP A 122 14.93 -7.92 -10.14
CA ASP A 122 16.10 -7.18 -10.65
C ASP A 122 15.76 -5.72 -11.01
N GLU A 123 14.55 -5.47 -11.54
CA GLU A 123 14.02 -4.11 -11.76
C GLU A 123 13.93 -3.30 -10.46
N MET A 124 13.70 -3.98 -9.33
CA MET A 124 13.77 -3.37 -7.99
C MET A 124 15.21 -2.98 -7.67
N ILE A 125 16.17 -3.91 -7.72
CA ILE A 125 17.57 -3.61 -7.36
C ILE A 125 18.14 -2.46 -8.20
N ARG A 126 17.80 -2.36 -9.49
CA ARG A 126 18.24 -1.29 -10.41
C ARG A 126 18.03 0.14 -9.84
N GLU A 127 16.91 0.38 -9.16
CA GLU A 127 16.51 1.68 -8.60
C GLU A 127 16.56 1.75 -7.07
N ALA A 128 16.54 0.61 -6.38
CA ALA A 128 16.72 0.46 -4.94
C ALA A 128 18.20 0.57 -4.52
N ASP A 129 19.14 0.02 -5.30
CA ASP A 129 20.61 0.18 -5.14
C ASP A 129 21.08 1.54 -5.68
N ILE A 130 20.60 2.63 -5.05
CA ILE A 130 20.94 4.01 -5.42
C ILE A 130 22.45 4.32 -5.25
N ASP A 131 23.15 3.58 -4.38
CA ASP A 131 24.61 3.63 -4.23
C ASP A 131 25.38 2.95 -5.38
N GLY A 132 24.71 2.10 -6.18
CA GLY A 132 25.30 1.36 -7.30
C GLY A 132 26.38 0.34 -6.88
N ASP A 133 26.25 -0.23 -5.69
CA ASP A 133 27.29 -1.04 -5.02
C ASP A 133 26.72 -2.29 -4.30
N GLY A 134 25.56 -2.77 -4.72
CA GLY A 134 24.83 -3.89 -4.09
C GLY A 134 24.21 -3.53 -2.74
N GLN A 135 23.97 -2.24 -2.47
CA GLN A 135 23.45 -1.71 -1.21
C GLN A 135 22.16 -0.95 -1.48
N VAL A 136 21.03 -1.65 -1.41
CA VAL A 136 19.70 -1.05 -1.53
C VAL A 136 19.45 -0.11 -0.36
N ASN A 137 19.21 1.17 -0.63
CA ASN A 137 18.75 2.08 0.41
C ASN A 137 17.22 2.14 0.45
N TYR A 138 16.65 1.33 1.34
CA TYR A 138 15.20 1.26 1.47
C TYR A 138 14.60 2.58 1.94
N GLU A 139 15.29 3.39 2.77
CA GLU A 139 14.75 4.65 3.29
C GLU A 139 14.38 5.65 2.18
N GLU A 140 15.20 5.73 1.13
CA GLU A 140 14.88 6.46 -0.11
C GLU A 140 13.89 5.68 -1.00
N PHE A 141 14.02 4.36 -1.08
CA PHE A 141 13.16 3.50 -1.91
C PHE A 141 11.69 3.51 -1.46
N VAL A 142 11.39 3.52 -0.15
CA VAL A 142 10.01 3.72 0.36
C VAL A 142 9.50 5.04 -0.18
N GLN A 143 10.31 6.09 -0.04
CA GLN A 143 9.88 7.44 -0.33
C GLN A 143 9.54 7.58 -1.84
N MET A 144 10.34 6.95 -2.68
CA MET A 144 10.14 6.82 -4.13
C MET A 144 8.89 5.97 -4.49
N MET A 145 8.70 4.81 -3.85
CA MET A 145 7.57 3.93 -4.12
C MET A 145 6.22 4.57 -3.75
N THR A 146 6.16 5.32 -2.63
CA THR A 146 4.91 5.95 -2.14
C THR A 146 4.55 7.23 -2.91
N ALA A 147 5.52 8.03 -3.33
CA ALA A 147 5.34 9.21 -4.18
C ALA A 147 4.75 8.88 -5.58
N LYS A 148 4.20 9.89 -6.28
CA LYS A 148 3.80 9.81 -7.70
C LYS A 148 4.04 11.13 -8.43
N GLY B 1 0.86 -17.91 20.30
CA GLY B 1 1.54 -17.05 21.28
C GLY B 1 3.01 -16.86 20.90
N PRO B 2 3.95 -17.63 21.48
CA PRO B 2 5.37 -17.64 21.09
C PRO B 2 5.60 -18.05 19.62
N GLY B 3 6.81 -17.79 19.12
CA GLY B 3 7.22 -18.08 17.73
C GLY B 3 8.66 -17.65 17.44
N SER B 4 8.90 -17.04 16.28
CA SER B 4 10.23 -16.59 15.83
C SER B 4 10.17 -15.37 14.89
N LYS B 5 11.35 -14.81 14.57
CA LYS B 5 11.55 -13.74 13.57
C LYS B 5 10.84 -14.02 12.24
N ARG B 6 10.90 -15.27 11.77
CA ARG B 6 10.46 -15.68 10.42
C ARG B 6 8.99 -15.40 10.15
N LYS B 7 8.12 -15.46 11.16
CA LYS B 7 6.68 -15.18 11.01
C LYS B 7 6.37 -13.70 10.73
N GLN B 8 7.11 -12.77 11.35
CA GLN B 8 7.01 -11.34 11.00
C GLN B 8 7.72 -11.04 9.67
N GLU B 9 8.90 -11.62 9.47
CA GLU B 9 9.70 -11.48 8.24
C GLU B 9 8.89 -11.87 7.00
N GLU B 10 8.14 -12.97 7.08
CA GLU B 10 7.35 -13.51 5.98
C GLU B 10 6.20 -12.60 5.50
N VAL B 11 5.67 -11.79 6.41
CA VAL B 11 4.48 -10.93 6.17
C VAL B 11 4.85 -9.49 5.87
N SER B 12 5.97 -9.03 6.45
CA SER B 12 6.60 -7.75 6.14
C SER B 12 6.93 -7.64 4.65
N ALA B 13 7.39 -8.73 4.05
CA ALA B 13 7.71 -8.81 2.63
C ALA B 13 6.47 -8.44 1.76
N ILE B 14 5.26 -8.83 2.17
CA ILE B 14 4.04 -8.62 1.37
C ILE B 14 3.71 -7.12 1.22
N ILE B 15 3.90 -6.34 2.30
CA ILE B 15 3.71 -4.88 2.31
C ILE B 15 4.59 -4.20 1.25
N ILE B 16 5.83 -4.65 1.11
CA ILE B 16 6.79 -4.16 0.11
C ILE B 16 6.46 -4.71 -1.29
N GLN B 17 6.09 -5.99 -1.43
CA GLN B 17 5.70 -6.61 -2.72
C GLN B 17 4.58 -5.82 -3.41
N ARG B 18 3.54 -5.46 -2.65
CA ARG B 18 2.35 -4.74 -3.16
C ARG B 18 2.67 -3.29 -3.48
N ALA B 19 3.42 -2.59 -2.61
CA ALA B 19 3.91 -1.23 -2.88
C ALA B 19 4.83 -1.15 -4.09
N TYR B 20 5.68 -2.17 -4.30
CA TYR B 20 6.56 -2.25 -5.44
C TYR B 20 5.80 -2.35 -6.75
N ARG B 21 4.84 -3.28 -6.86
CA ARG B 21 4.02 -3.42 -8.08
C ARG B 21 3.10 -2.21 -8.30
N ARG B 22 2.68 -1.52 -7.23
CA ARG B 22 1.98 -0.22 -7.35
C ARG B 22 2.90 0.84 -7.97
N TYR B 23 4.19 0.87 -7.61
CA TYR B 23 5.18 1.71 -8.29
C TYR B 23 5.43 1.28 -9.75
N LEU B 24 5.41 -0.01 -10.05
CA LEU B 24 5.46 -0.49 -11.44
C LEU B 24 4.26 0.01 -12.26
N LEU B 25 3.06 0.09 -11.67
CA LEU B 25 1.91 0.74 -12.31
C LEU B 25 2.14 2.25 -12.55
N LYS B 26 2.87 2.95 -11.65
CA LYS B 26 3.30 4.34 -11.85
C LYS B 26 4.33 4.48 -12.98
N GLN B 27 5.23 3.52 -13.18
CA GLN B 27 6.10 3.48 -14.38
C GLN B 27 5.27 3.30 -15.67
N LYS B 28 4.30 2.37 -15.65
CA LYS B 28 3.50 1.93 -16.80
C LYS B 28 2.29 2.82 -17.13
N VAL B 29 2.13 3.97 -16.46
CA VAL B 29 1.01 4.91 -16.67
C VAL B 29 0.99 5.46 -18.11
N LYS B 30 -0.21 5.63 -18.69
CA LYS B 30 -0.42 6.09 -20.07
C LYS B 30 -0.29 7.62 -20.21
N LYS B 31 0.88 8.16 -19.85
CA LYS B 31 1.27 9.58 -19.99
C LYS B 31 1.33 10.00 -21.47
N ALA A 1 7.92 -5.03 13.69
CA ALA A 1 6.66 -4.79 12.94
C ALA A 1 5.43 -5.30 13.71
N ASP A 2 5.47 -6.52 14.27
CA ASP A 2 4.39 -7.22 14.99
C ASP A 2 3.94 -6.61 16.35
N GLN A 3 4.15 -5.32 16.58
CA GLN A 3 3.73 -4.61 17.80
C GLN A 3 2.27 -4.13 17.71
N LEU A 4 1.54 -4.21 18.84
CA LEU A 4 0.23 -3.60 19.04
C LEU A 4 0.32 -2.38 19.98
N THR A 5 -0.59 -1.41 19.82
CA THR A 5 -0.76 -0.29 20.77
C THR A 5 -1.41 -0.79 22.07
N GLU A 6 -1.30 -0.01 23.17
CA GLU A 6 -1.96 -0.35 24.44
C GLU A 6 -3.50 -0.42 24.30
N GLU A 7 -4.09 0.43 23.44
CA GLU A 7 -5.52 0.41 23.12
C GLU A 7 -5.92 -0.85 22.34
N GLN A 8 -5.14 -1.25 21.33
CA GLN A 8 -5.33 -2.52 20.60
C GLN A 8 -5.21 -3.72 21.54
N ILE A 9 -4.19 -3.74 22.41
CA ILE A 9 -3.97 -4.84 23.36
C ILE A 9 -5.13 -4.97 24.33
N ALA A 10 -5.62 -3.88 24.93
CA ALA A 10 -6.74 -3.93 25.86
C ALA A 10 -8.08 -4.29 25.17
N GLU A 11 -8.31 -3.85 23.93
CA GLU A 11 -9.48 -4.26 23.14
C GLU A 11 -9.44 -5.76 22.82
N PHE A 12 -8.28 -6.28 22.39
CA PHE A 12 -8.05 -7.71 22.18
C PHE A 12 -8.12 -8.52 23.49
N LYS A 13 -7.63 -7.97 24.61
CA LYS A 13 -7.66 -8.59 25.94
C LYS A 13 -9.09 -8.92 26.37
N GLU A 14 -9.99 -7.94 26.27
CA GLU A 14 -11.42 -8.13 26.55
C GLU A 14 -12.07 -9.09 25.56
N ALA A 15 -11.91 -8.88 24.24
CA ALA A 15 -12.55 -9.70 23.21
C ALA A 15 -12.09 -11.16 23.19
N PHE A 16 -10.84 -11.44 23.57
CA PHE A 16 -10.31 -12.79 23.71
C PHE A 16 -10.87 -13.49 24.96
N SER A 17 -10.80 -12.82 26.12
CA SER A 17 -11.33 -13.32 27.39
C SER A 17 -12.85 -13.56 27.36
N LEU A 18 -13.56 -12.85 26.48
CA LEU A 18 -14.99 -13.05 26.19
C LEU A 18 -15.35 -14.49 25.76
N PHE A 19 -14.37 -15.25 25.26
CA PHE A 19 -14.51 -16.64 24.80
C PHE A 19 -13.59 -17.63 25.54
N ASP A 20 -12.85 -17.16 26.55
CA ASP A 20 -12.01 -18.02 27.40
C ASP A 20 -12.89 -18.94 28.28
N LYS A 21 -12.88 -20.24 27.95
CA LYS A 21 -13.70 -21.29 28.57
C LYS A 21 -13.28 -21.70 29.98
N ASP A 22 -12.05 -21.41 30.39
CA ASP A 22 -11.44 -21.90 31.66
C ASP A 22 -11.03 -20.78 32.64
N GLY A 23 -10.90 -19.54 32.14
CA GLY A 23 -10.30 -18.41 32.89
C GLY A 23 -8.76 -18.47 32.92
N ASP A 24 -8.14 -19.34 32.12
CA ASP A 24 -6.69 -19.60 32.09
C ASP A 24 -5.91 -18.68 31.11
N GLY A 25 -6.59 -17.77 30.41
CA GLY A 25 -6.01 -16.90 29.39
C GLY A 25 -5.88 -17.56 28.01
N THR A 26 -6.78 -18.50 27.67
CA THR A 26 -6.72 -19.31 26.44
C THR A 26 -8.11 -19.53 25.80
N ILE A 27 -8.16 -19.81 24.49
CA ILE A 27 -9.34 -20.21 23.70
C ILE A 27 -9.02 -21.45 22.84
N THR A 28 -10.02 -22.07 22.21
CA THR A 28 -9.79 -23.11 21.19
C THR A 28 -9.63 -22.56 19.78
N THR A 29 -9.07 -23.39 18.90
CA THR A 29 -9.00 -23.15 17.44
C THR A 29 -10.39 -23.00 16.79
N LYS A 30 -11.47 -23.46 17.45
CA LYS A 30 -12.86 -23.21 17.03
C LYS A 30 -13.31 -21.77 17.33
N GLU A 31 -12.98 -21.23 18.51
CA GLU A 31 -13.43 -19.90 18.97
C GLU A 31 -12.64 -18.74 18.34
N LEU A 32 -11.46 -18.99 17.76
CA LEU A 32 -10.61 -17.97 17.11
C LEU A 32 -11.42 -17.06 16.17
N GLY A 33 -12.11 -17.62 15.17
CA GLY A 33 -12.86 -16.82 14.20
C GLY A 33 -14.05 -16.09 14.82
N THR A 34 -14.66 -16.64 15.87
CA THR A 34 -15.73 -15.98 16.65
C THR A 34 -15.19 -14.80 17.45
N VAL A 35 -14.00 -14.94 18.03
CA VAL A 35 -13.27 -13.86 18.71
C VAL A 35 -12.89 -12.75 17.72
N MET A 36 -12.43 -13.10 16.52
CA MET A 36 -12.22 -12.14 15.43
C MET A 36 -13.50 -11.43 15.00
N ARG A 37 -14.63 -12.15 14.87
CA ARG A 37 -15.93 -11.57 14.49
C ARG A 37 -16.46 -10.60 15.55
N SER A 38 -16.17 -10.86 16.84
CA SER A 38 -16.41 -9.92 17.94
C SER A 38 -15.56 -8.65 17.82
N LEU A 39 -14.33 -8.76 17.30
CA LEU A 39 -13.43 -7.65 16.91
C LEU A 39 -13.77 -7.03 15.53
N GLY A 40 -15.04 -7.10 15.11
CA GLY A 40 -15.60 -6.36 13.95
C GLY A 40 -15.09 -6.79 12.58
N GLN A 41 -14.47 -7.98 12.46
CA GLN A 41 -13.88 -8.49 11.22
C GLN A 41 -14.18 -9.98 11.03
N ASN A 42 -14.73 -10.35 9.88
CA ASN A 42 -15.10 -11.74 9.56
C ASN A 42 -14.00 -12.43 8.72
N PRO A 43 -13.06 -13.18 9.32
CA PRO A 43 -12.03 -13.93 8.59
C PRO A 43 -12.62 -15.05 7.70
N THR A 44 -11.93 -15.36 6.60
CA THR A 44 -12.23 -16.53 5.76
C THR A 44 -11.58 -17.78 6.36
N GLU A 45 -12.23 -18.94 6.30
CA GLU A 45 -11.73 -20.19 6.91
C GLU A 45 -10.38 -20.67 6.33
N ALA A 46 -10.11 -20.36 5.06
CA ALA A 46 -8.82 -20.59 4.42
C ALA A 46 -7.66 -19.75 5.02
N GLU A 47 -7.96 -18.54 5.52
CA GLU A 47 -7.00 -17.74 6.30
C GLU A 47 -6.79 -18.39 7.67
N LEU A 48 -7.88 -18.73 8.38
CA LEU A 48 -7.80 -19.28 9.74
C LEU A 48 -7.06 -20.61 9.81
N GLN A 49 -7.24 -21.50 8.84
CA GLN A 49 -6.51 -22.76 8.78
C GLN A 49 -4.98 -22.54 8.66
N ASP A 50 -4.54 -21.56 7.88
CA ASP A 50 -3.13 -21.18 7.77
C ASP A 50 -2.61 -20.52 9.07
N MET A 51 -3.40 -19.61 9.65
CA MET A 51 -3.10 -18.96 10.93
C MET A 51 -2.98 -19.97 12.09
N ILE A 52 -3.84 -21.00 12.12
CA ILE A 52 -3.76 -22.11 13.10
C ILE A 52 -2.60 -23.06 12.76
N ASN A 53 -2.23 -23.28 11.49
CA ASN A 53 -1.03 -24.07 11.17
C ASN A 53 0.27 -23.41 11.69
N GLU A 54 0.33 -22.08 11.77
CA GLU A 54 1.42 -21.36 12.44
C GLU A 54 1.32 -21.45 13.97
N VAL A 55 0.16 -21.12 14.54
CA VAL A 55 -0.06 -20.99 16.00
C VAL A 55 -0.12 -22.33 16.72
N ASP A 56 -0.84 -23.31 16.18
CA ASP A 56 -1.03 -24.65 16.72
C ASP A 56 -0.17 -25.70 15.99
N ALA A 57 1.15 -25.48 15.95
CA ALA A 57 2.10 -26.40 15.34
C ALA A 57 2.11 -27.81 15.98
N ASP A 58 1.66 -27.93 17.25
CA ASP A 58 1.52 -29.19 17.98
C ASP A 58 0.20 -29.94 17.68
N GLY A 59 -0.80 -29.30 17.07
CA GLY A 59 -2.14 -29.86 16.84
C GLY A 59 -2.96 -30.06 18.12
N ASN A 60 -2.71 -29.26 19.17
CA ASN A 60 -3.30 -29.38 20.51
C ASN A 60 -4.75 -28.83 20.62
N GLY A 61 -5.20 -28.01 19.67
CA GLY A 61 -6.54 -27.41 19.62
C GLY A 61 -6.75 -26.15 20.48
N THR A 62 -5.72 -25.60 21.13
CA THR A 62 -5.82 -24.34 21.91
C THR A 62 -4.81 -23.27 21.54
N ILE A 63 -5.16 -22.03 21.91
CA ILE A 63 -4.46 -20.78 21.63
C ILE A 63 -4.40 -19.95 22.92
N ASP A 64 -3.25 -19.37 23.25
CA ASP A 64 -3.12 -18.41 24.36
C ASP A 64 -3.35 -16.97 23.88
N PHE A 65 -3.72 -16.05 24.79
CA PHE A 65 -3.86 -14.62 24.48
C PHE A 65 -2.68 -14.03 23.67
N PRO A 66 -1.40 -14.17 24.07
CA PRO A 66 -0.28 -13.64 23.29
C PRO A 66 -0.05 -14.39 21.98
N GLU A 67 -0.41 -15.67 21.88
CA GLU A 67 -0.33 -16.45 20.64
C GLU A 67 -1.44 -16.04 19.64
N PHE A 68 -2.59 -15.58 20.13
CA PHE A 68 -3.62 -14.94 19.30
C PHE A 68 -3.15 -13.56 18.80
N LEU A 69 -2.50 -12.76 19.66
CA LEU A 69 -1.95 -11.47 19.22
C LEU A 69 -0.85 -11.65 18.14
N THR A 70 -0.15 -12.79 18.13
CA THR A 70 0.79 -13.20 17.07
C THR A 70 0.16 -13.24 15.66
N MET A 71 -1.12 -13.64 15.52
CA MET A 71 -1.82 -13.55 14.22
C MET A 71 -2.42 -12.15 14.00
N MET A 72 -3.00 -11.55 15.05
CA MET A 72 -3.72 -10.27 14.93
C MET A 72 -2.79 -9.11 14.56
N ALA A 73 -1.58 -9.05 15.11
CA ALA A 73 -0.56 -8.07 14.75
C ALA A 73 -0.24 -8.05 13.25
N ARG A 74 -0.17 -9.25 12.65
CA ARG A 74 0.17 -9.50 11.25
C ARG A 74 -1.04 -9.29 10.32
N LYS A 75 -2.21 -9.79 10.71
CA LYS A 75 -3.49 -9.63 9.98
C LYS A 75 -3.96 -8.16 9.93
N MET A 76 -3.80 -7.40 11.01
CA MET A 76 -4.06 -5.95 11.06
C MET A 76 -3.18 -5.14 10.10
N LYS A 77 -2.08 -5.73 9.60
CA LYS A 77 -1.07 -5.13 8.71
C LYS A 77 -0.98 -5.83 7.35
N ASP A 78 -2.03 -6.53 6.93
CA ASP A 78 -2.12 -7.12 5.58
C ASP A 78 -2.26 -6.05 4.45
N THR A 79 -2.53 -4.79 4.83
CA THR A 79 -2.59 -3.61 3.96
C THR A 79 -1.36 -2.70 4.17
N ASP A 80 -0.77 -2.21 3.08
CA ASP A 80 0.43 -1.38 3.06
C ASP A 80 0.19 0.09 3.45
N SER A 81 1.21 0.73 4.02
CA SER A 81 1.25 2.16 4.38
C SER A 81 2.71 2.62 4.51
N GLU A 82 3.02 3.91 4.36
CA GLU A 82 4.39 4.44 4.28
C GLU A 82 5.26 4.09 5.51
N GLU A 83 4.73 4.29 6.72
CA GLU A 83 5.42 3.94 7.97
C GLU A 83 5.51 2.41 8.16
N GLU A 84 4.56 1.65 7.63
CA GLU A 84 4.55 0.19 7.69
C GLU A 84 5.56 -0.43 6.72
N ILE A 85 5.73 0.14 5.52
CA ILE A 85 6.80 -0.23 4.58
C ILE A 85 8.17 0.00 5.23
N ARG A 86 8.40 1.17 5.85
CA ARG A 86 9.63 1.46 6.60
C ARG A 86 9.91 0.44 7.71
N GLU A 87 8.90 0.15 8.53
CA GLU A 87 9.03 -0.81 9.63
C GLU A 87 9.24 -2.26 9.14
N ALA A 88 8.52 -2.67 8.09
CA ALA A 88 8.67 -3.96 7.41
C ALA A 88 10.05 -4.11 6.74
N PHE A 89 10.59 -3.05 6.16
CA PHE A 89 11.97 -3.02 5.67
C PHE A 89 12.97 -3.17 6.83
N ARG A 90 12.76 -2.48 7.95
CA ARG A 90 13.65 -2.53 9.12
C ARG A 90 13.73 -3.92 9.77
N VAL A 91 12.73 -4.78 9.56
CA VAL A 91 12.76 -6.22 9.91
C VAL A 91 13.83 -6.98 9.10
N PHE A 92 14.11 -6.58 7.85
CA PHE A 92 15.16 -7.16 6.99
C PHE A 92 16.53 -6.44 7.08
N ASP A 93 16.57 -5.20 7.61
CA ASP A 93 17.80 -4.41 7.75
C ASP A 93 18.85 -5.17 8.59
N LYS A 94 20.08 -5.26 8.05
CA LYS A 94 21.18 -6.10 8.54
C LYS A 94 21.60 -5.77 9.97
N ASP A 95 21.65 -4.49 10.34
CA ASP A 95 22.14 -4.01 11.65
C ASP A 95 21.50 -2.68 12.14
N GLY A 96 20.54 -2.11 11.39
CA GLY A 96 19.83 -0.89 11.73
C GLY A 96 20.30 0.38 10.99
N ASN A 97 21.17 0.26 9.99
CA ASN A 97 21.74 1.39 9.24
C ASN A 97 20.75 2.14 8.32
N GLY A 98 19.49 1.69 8.19
CA GLY A 98 18.48 2.31 7.33
C GLY A 98 18.58 1.87 5.87
N TYR A 99 19.14 0.68 5.64
CA TYR A 99 19.36 0.09 4.32
C TYR A 99 19.26 -1.46 4.37
N ILE A 100 19.16 -2.09 3.21
CA ILE A 100 19.12 -3.55 3.03
C ILE A 100 20.09 -3.95 1.90
N SER A 101 20.89 -5.00 2.06
CA SER A 101 21.75 -5.46 0.95
C SER A 101 20.93 -6.03 -0.21
N ALA A 102 21.36 -5.78 -1.45
CA ALA A 102 20.60 -6.13 -2.65
C ALA A 102 20.29 -7.64 -2.76
N ALA A 103 21.26 -8.50 -2.40
CA ALA A 103 21.06 -9.94 -2.32
C ALA A 103 20.06 -10.36 -1.22
N GLU A 104 20.01 -9.61 -0.10
CA GLU A 104 19.06 -9.87 0.99
C GLU A 104 17.63 -9.43 0.62
N LEU A 105 17.46 -8.25 -0.01
CA LEU A 105 16.14 -7.83 -0.49
C LEU A 105 15.66 -8.73 -1.65
N ARG A 106 16.56 -9.12 -2.58
CA ARG A 106 16.26 -10.12 -3.62
C ARG A 106 15.85 -11.46 -3.03
N HIS A 107 16.52 -11.93 -1.97
CA HIS A 107 16.09 -13.13 -1.24
C HIS A 107 14.67 -12.97 -0.74
N VAL A 108 14.38 -12.01 0.15
CA VAL A 108 13.07 -11.94 0.79
C VAL A 108 11.94 -11.64 -0.19
N MET A 109 12.16 -10.79 -1.19
CA MET A 109 11.17 -10.50 -2.24
C MET A 109 10.88 -11.66 -3.20
N THR A 110 11.72 -12.70 -3.21
CA THR A 110 11.51 -13.92 -4.01
C THR A 110 11.38 -15.20 -3.17
N ASN A 111 11.46 -15.08 -1.84
CA ASN A 111 11.23 -16.14 -0.86
C ASN A 111 9.87 -16.00 -0.16
N LEU A 112 9.48 -14.78 0.21
CA LEU A 112 8.36 -14.48 1.08
C LEU A 112 7.37 -13.50 0.42
N GLY A 113 6.08 -13.70 0.69
CA GLY A 113 5.01 -12.92 0.06
C GLY A 113 4.75 -13.28 -1.40
N GLU A 114 4.28 -12.31 -2.18
CA GLU A 114 3.86 -12.44 -3.59
C GLU A 114 5.05 -12.49 -4.57
N LYS A 115 6.01 -13.39 -4.29
CA LYS A 115 7.32 -13.65 -4.94
C LYS A 115 7.51 -12.99 -6.31
N LEU A 116 8.44 -12.02 -6.37
CA LEU A 116 8.79 -11.32 -7.61
C LEU A 116 9.42 -12.25 -8.66
N THR A 117 9.23 -11.92 -9.94
CA THR A 117 9.92 -12.56 -11.07
C THR A 117 11.40 -12.17 -11.07
N ASP A 118 12.26 -12.96 -11.73
CA ASP A 118 13.71 -12.68 -11.86
C ASP A 118 14.02 -11.28 -12.45
N GLU A 119 13.32 -10.88 -13.51
CA GLU A 119 13.46 -9.55 -14.13
C GLU A 119 12.78 -8.43 -13.31
N GLU A 120 11.80 -8.78 -12.46
CA GLU A 120 11.02 -7.85 -11.64
C GLU A 120 11.77 -7.48 -10.34
N VAL A 121 12.42 -8.46 -9.71
CA VAL A 121 13.32 -8.23 -8.57
C VAL A 121 14.61 -7.53 -9.02
N ASP A 122 15.09 -7.82 -10.23
CA ASP A 122 16.19 -7.07 -10.86
C ASP A 122 15.79 -5.62 -11.17
N GLU A 123 14.55 -5.38 -11.64
CA GLU A 123 14.00 -4.03 -11.80
C GLU A 123 13.96 -3.29 -10.46
N MET A 124 13.60 -3.98 -9.36
CA MET A 124 13.71 -3.44 -8.01
C MET A 124 15.15 -3.04 -7.68
N ILE A 125 16.15 -3.91 -7.80
CA ILE A 125 17.53 -3.54 -7.43
C ILE A 125 18.03 -2.33 -8.26
N ARG A 126 17.69 -2.25 -9.55
CA ARG A 126 18.06 -1.14 -10.45
C ARG A 126 17.62 0.25 -9.95
N GLU A 127 16.51 0.34 -9.22
CA GLU A 127 15.96 1.60 -8.67
C GLU A 127 16.05 1.71 -7.13
N ALA A 128 16.25 0.60 -6.42
CA ALA A 128 16.45 0.49 -4.97
C ALA A 128 17.92 0.66 -4.53
N ASP A 129 18.89 0.22 -5.32
CA ASP A 129 20.33 0.40 -5.06
C ASP A 129 20.75 1.88 -5.15
N ILE A 130 21.43 2.37 -4.11
CA ILE A 130 21.82 3.78 -3.97
C ILE A 130 22.89 4.23 -4.98
N ASP A 131 23.80 3.33 -5.40
CA ASP A 131 24.93 3.66 -6.29
C ASP A 131 25.39 2.54 -7.25
N GLY A 132 24.83 1.32 -7.13
CA GLY A 132 25.16 0.14 -7.94
C GLY A 132 26.14 -0.84 -7.29
N ASP A 133 26.63 -0.57 -6.07
CA ASP A 133 27.58 -1.43 -5.34
C ASP A 133 26.93 -2.68 -4.68
N GLY A 134 25.59 -2.79 -4.69
CA GLY A 134 24.84 -3.88 -4.06
C GLY A 134 24.16 -3.51 -2.73
N GLN A 135 23.96 -2.23 -2.45
CA GLN A 135 23.27 -1.74 -1.25
C GLN A 135 21.97 -1.01 -1.62
N VAL A 136 20.82 -1.67 -1.42
CA VAL A 136 19.51 -1.01 -1.52
C VAL A 136 19.31 -0.08 -0.33
N ASN A 137 19.03 1.19 -0.60
CA ASN A 137 18.60 2.11 0.45
C ASN A 137 17.08 2.19 0.49
N TYR A 138 16.49 1.50 1.46
CA TYR A 138 15.04 1.40 1.56
C TYR A 138 14.37 2.70 2.02
N GLU A 139 15.09 3.62 2.67
CA GLU A 139 14.57 4.96 3.05
C GLU A 139 14.31 5.84 1.82
N GLU A 140 15.16 5.78 0.79
CA GLU A 140 14.87 6.38 -0.51
C GLU A 140 13.77 5.61 -1.25
N PHE A 141 13.81 4.28 -1.21
CA PHE A 141 12.90 3.39 -1.94
C PHE A 141 11.45 3.47 -1.46
N VAL A 142 11.19 3.48 -0.15
CA VAL A 142 9.84 3.68 0.42
C VAL A 142 9.26 5.02 0.00
N GLN A 143 10.07 6.09 0.03
CA GLN A 143 9.63 7.44 -0.37
C GLN A 143 9.31 7.51 -1.87
N MET A 144 10.07 6.77 -2.70
CA MET A 144 9.82 6.63 -4.14
C MET A 144 8.56 5.82 -4.46
N MET A 145 8.36 4.67 -3.80
CA MET A 145 7.18 3.82 -4.02
C MET A 145 5.88 4.50 -3.59
N THR A 146 5.90 5.22 -2.46
CA THR A 146 4.75 5.93 -1.88
C THR A 146 4.49 7.33 -2.49
N ALA A 147 5.30 7.77 -3.45
CA ALA A 147 5.15 9.05 -4.14
C ALA A 147 3.83 9.18 -4.95
N LYS A 148 3.48 10.42 -5.32
CA LYS A 148 2.34 10.73 -6.20
C LYS A 148 2.55 10.18 -7.62
N GLY B 1 15.46 -6.19 19.59
CA GLY B 1 15.25 -6.40 18.14
C GLY B 1 13.86 -5.96 17.68
N PRO B 2 13.54 -6.07 16.38
CA PRO B 2 12.30 -5.56 15.77
C PRO B 2 11.06 -6.43 15.99
N GLY B 3 11.09 -7.42 16.91
CA GLY B 3 10.00 -8.37 17.19
C GLY B 3 10.41 -9.83 16.95
N SER B 4 9.49 -10.63 16.42
CA SER B 4 9.73 -12.03 16.03
C SER B 4 10.66 -12.18 14.81
N LYS B 5 11.07 -13.43 14.51
CA LYS B 5 11.79 -13.79 13.27
C LYS B 5 10.78 -14.15 12.16
N ARG B 6 10.65 -15.43 11.80
CA ARG B 6 9.92 -15.92 10.61
C ARG B 6 8.46 -15.45 10.55
N LYS B 7 7.76 -15.43 11.69
CA LYS B 7 6.36 -14.98 11.83
C LYS B 7 6.11 -13.64 11.14
N GLN B 8 6.85 -12.59 11.52
CA GLN B 8 6.71 -11.28 10.88
C GLN B 8 7.57 -11.11 9.61
N GLU B 9 8.71 -11.81 9.49
CA GLU B 9 9.59 -11.76 8.31
C GLU B 9 8.81 -12.07 7.02
N GLU B 10 7.96 -13.09 7.06
CA GLU B 10 7.17 -13.52 5.91
C GLU B 10 6.06 -12.54 5.49
N VAL B 11 5.62 -11.68 6.41
CA VAL B 11 4.50 -10.73 6.19
C VAL B 11 4.97 -9.29 5.96
N SER B 12 6.10 -8.92 6.56
CA SER B 12 6.82 -7.67 6.27
C SER B 12 7.14 -7.57 4.79
N ALA B 13 7.52 -8.71 4.19
CA ALA B 13 7.77 -8.80 2.75
C ALA B 13 6.51 -8.40 1.96
N ILE B 14 5.32 -8.87 2.35
CA ILE B 14 4.07 -8.62 1.62
C ILE B 14 3.73 -7.12 1.56
N ILE B 15 3.99 -6.37 2.63
CA ILE B 15 3.79 -4.92 2.69
C ILE B 15 4.62 -4.20 1.60
N ILE B 16 5.87 -4.61 1.42
CA ILE B 16 6.78 -4.11 0.39
C ILE B 16 6.38 -4.63 -1.01
N GLN B 17 5.97 -5.89 -1.14
CA GLN B 17 5.52 -6.50 -2.41
C GLN B 17 4.32 -5.74 -3.00
N ARG B 18 3.32 -5.42 -2.16
CA ARG B 18 2.14 -4.61 -2.53
C ARG B 18 2.55 -3.21 -3.01
N ALA B 19 3.40 -2.54 -2.25
CA ALA B 19 3.92 -1.21 -2.60
C ALA B 19 4.71 -1.24 -3.92
N TYR B 20 5.56 -2.26 -4.11
CA TYR B 20 6.39 -2.38 -5.30
C TYR B 20 5.56 -2.62 -6.56
N ARG B 21 4.65 -3.59 -6.54
CA ARG B 21 3.79 -3.90 -7.71
C ARG B 21 2.80 -2.77 -8.05
N ARG B 22 2.41 -1.93 -7.08
CA ARG B 22 1.67 -0.68 -7.34
C ARG B 22 2.57 0.35 -8.04
N TYR B 23 3.79 0.53 -7.54
CA TYR B 23 4.82 1.38 -8.14
C TYR B 23 5.28 0.92 -9.54
N LEU B 24 5.26 -0.39 -9.84
CA LEU B 24 5.55 -0.95 -11.16
C LEU B 24 4.65 -0.38 -12.27
N LEU B 25 3.43 0.05 -11.93
CA LEU B 25 2.57 0.83 -12.83
C LEU B 25 3.05 2.29 -12.91
N LYS B 26 3.21 2.93 -11.75
CA LYS B 26 3.59 4.35 -11.58
C LYS B 26 4.86 4.75 -12.34
N GLN B 27 5.88 3.88 -12.37
CA GLN B 27 7.15 4.10 -13.09
C GLN B 27 7.04 4.02 -14.63
N LYS B 28 5.84 3.73 -15.18
CA LYS B 28 5.53 3.82 -16.62
C LYS B 28 4.35 4.76 -16.93
N VAL B 29 3.27 4.69 -16.15
CA VAL B 29 2.03 5.49 -16.33
C VAL B 29 1.39 5.87 -14.98
N LYS B 30 0.88 7.10 -14.87
CA LYS B 30 0.13 7.62 -13.70
C LYS B 30 -0.78 8.79 -14.08
N LYS B 31 -1.75 9.10 -13.20
CA LYS B 31 -2.72 10.21 -13.35
C LYS B 31 -2.04 11.59 -13.34
N ALA A 1 0.56 14.74 -6.80
CA ALA A 1 1.61 15.52 -6.12
C ALA A 1 1.52 15.38 -4.60
N ASP A 2 2.65 15.56 -3.89
CA ASP A 2 2.75 15.47 -2.42
C ASP A 2 2.39 16.79 -1.68
N GLN A 3 1.97 17.83 -2.40
CA GLN A 3 1.55 19.12 -1.84
C GLN A 3 0.33 18.98 -0.92
N LEU A 4 0.30 19.76 0.17
CA LEU A 4 -0.85 19.85 1.06
C LEU A 4 -1.95 20.77 0.50
N THR A 5 -3.21 20.42 0.78
CA THR A 5 -4.40 21.25 0.47
C THR A 5 -4.45 22.45 1.43
N GLU A 6 -5.10 23.55 1.05
CA GLU A 6 -5.24 24.76 1.90
C GLU A 6 -5.84 24.48 3.29
N GLU A 7 -6.77 23.52 3.41
CA GLU A 7 -7.34 23.09 4.69
C GLU A 7 -6.33 22.33 5.56
N GLN A 8 -5.52 21.44 4.96
CA GLN A 8 -4.41 20.75 5.64
C GLN A 8 -3.36 21.76 6.10
N ILE A 9 -2.99 22.71 5.24
CA ILE A 9 -2.02 23.78 5.56
C ILE A 9 -2.51 24.63 6.72
N ALA A 10 -3.78 25.06 6.74
CA ALA A 10 -4.34 25.85 7.84
C ALA A 10 -4.47 25.06 9.15
N GLU A 11 -4.78 23.76 9.10
CA GLU A 11 -4.78 22.90 10.29
C GLU A 11 -3.36 22.75 10.87
N PHE A 12 -2.36 22.52 10.02
CA PHE A 12 -0.94 22.49 10.41
C PHE A 12 -0.42 23.87 10.85
N LYS A 13 -0.92 24.97 10.27
CA LYS A 13 -0.60 26.36 10.66
C LYS A 13 -1.00 26.62 12.10
N GLU A 14 -2.21 26.24 12.50
CA GLU A 14 -2.72 26.39 13.87
C GLU A 14 -1.94 25.53 14.90
N ALA A 15 -1.47 24.33 14.52
CA ALA A 15 -0.58 23.52 15.34
C ALA A 15 0.84 24.10 15.44
N PHE A 16 1.44 24.54 14.34
CA PHE A 16 2.82 25.01 14.30
C PHE A 16 3.00 26.37 14.98
N SER A 17 2.11 27.34 14.69
CA SER A 17 2.11 28.68 15.31
C SER A 17 1.89 28.63 16.83
N LEU A 18 1.37 27.51 17.36
CA LEU A 18 1.25 27.24 18.80
C LEU A 18 2.59 27.21 19.54
N PHE A 19 3.70 27.04 18.81
CA PHE A 19 5.07 26.93 19.35
C PHE A 19 6.07 27.89 18.66
N ASP A 20 5.59 28.72 17.74
CA ASP A 20 6.35 29.78 17.04
C ASP A 20 6.61 30.97 18.00
N LYS A 21 7.40 30.71 19.05
CA LYS A 21 7.61 31.53 20.25
C LYS A 21 8.11 32.97 20.04
N ASP A 22 8.70 33.28 18.90
CA ASP A 22 9.20 34.63 18.55
C ASP A 22 8.52 35.25 17.30
N GLY A 23 7.56 34.53 16.69
CA GLY A 23 6.79 34.98 15.53
C GLY A 23 7.52 34.98 14.19
N ASP A 24 8.75 34.44 14.11
CA ASP A 24 9.51 34.37 12.84
C ASP A 24 9.05 33.25 11.88
N GLY A 25 8.08 32.42 12.27
CA GLY A 25 7.55 31.32 11.47
C GLY A 25 8.31 30.01 11.65
N THR A 26 8.91 29.78 12.82
CA THR A 26 9.82 28.65 13.09
C THR A 26 9.67 28.08 14.52
N ILE A 27 9.95 26.78 14.69
CA ILE A 27 9.97 26.05 15.98
C ILE A 27 11.33 25.38 16.20
N THR A 28 11.60 24.87 17.41
CA THR A 28 12.79 24.02 17.66
C THR A 28 12.55 22.55 17.32
N THR A 29 13.65 21.82 17.13
CA THR A 29 13.66 20.36 16.99
C THR A 29 13.14 19.63 18.23
N LYS A 30 13.13 20.27 19.41
CA LYS A 30 12.47 19.74 20.62
C LYS A 30 10.94 19.85 20.53
N GLU A 31 10.46 21.03 20.13
CA GLU A 31 9.03 21.36 20.05
C GLU A 31 8.30 20.62 18.92
N LEU A 32 9.00 20.14 17.88
CA LEU A 32 8.44 19.41 16.73
C LEU A 32 7.39 18.38 17.15
N GLY A 33 7.79 17.39 17.96
CA GLY A 33 6.89 16.31 18.37
C GLY A 33 5.74 16.77 19.26
N THR A 34 5.89 17.91 19.96
CA THR A 34 4.81 18.54 20.72
C THR A 34 3.75 19.15 19.78
N VAL A 35 4.16 19.77 18.67
CA VAL A 35 3.23 20.26 17.64
C VAL A 35 2.60 19.11 16.83
N MET A 36 3.32 17.99 16.61
CA MET A 36 2.72 16.77 16.05
C MET A 36 1.67 16.16 16.98
N ARG A 37 1.96 16.06 18.29
CA ARG A 37 0.99 15.58 19.30
C ARG A 37 -0.22 16.51 19.45
N SER A 38 -0.06 17.81 19.16
CA SER A 38 -1.18 18.77 19.06
C SER A 38 -2.09 18.51 17.85
N LEU A 39 -1.58 17.85 16.79
CA LEU A 39 -2.36 17.32 15.65
C LEU A 39 -2.91 15.90 15.91
N GLY A 40 -2.66 15.33 17.10
CA GLY A 40 -3.07 13.98 17.49
C GLY A 40 -2.14 12.85 17.01
N GLN A 41 -1.09 13.16 16.23
CA GLN A 41 -0.06 12.20 15.84
C GLN A 41 1.02 12.13 16.94
N ASN A 42 1.25 10.96 17.52
CA ASN A 42 2.26 10.76 18.56
C ASN A 42 3.46 9.96 18.02
N PRO A 43 4.43 10.62 17.36
CA PRO A 43 5.67 9.99 16.91
C PRO A 43 6.54 9.56 18.11
N THR A 44 7.36 8.52 17.96
CA THR A 44 8.38 8.18 18.99
C THR A 44 9.54 9.19 18.96
N GLU A 45 10.30 9.30 20.04
CA GLU A 45 11.46 10.21 20.10
C GLU A 45 12.61 9.76 19.18
N ALA A 46 12.73 8.47 18.89
CA ALA A 46 13.64 7.93 17.86
C ALA A 46 13.15 8.24 16.43
N GLU A 47 11.85 8.17 16.19
CA GLU A 47 11.20 8.54 14.93
C GLU A 47 11.33 10.05 14.64
N LEU A 48 11.16 10.89 15.67
CA LEU A 48 11.45 12.33 15.60
C LEU A 48 12.92 12.59 15.27
N GLN A 49 13.85 11.93 15.96
CA GLN A 49 15.30 12.04 15.69
C GLN A 49 15.63 11.65 14.24
N ASP A 50 15.00 10.61 13.69
CA ASP A 50 15.18 10.19 12.29
C ASP A 50 14.67 11.24 11.28
N MET A 51 13.47 11.82 11.51
CA MET A 51 12.94 12.91 10.68
C MET A 51 13.77 14.20 10.79
N ILE A 52 14.32 14.50 11.97
CA ILE A 52 15.23 15.64 12.17
C ILE A 52 16.60 15.39 11.52
N ASN A 53 17.09 14.15 11.44
CA ASN A 53 18.31 13.84 10.68
C ASN A 53 18.15 14.10 9.17
N GLU A 54 16.93 14.00 8.62
CA GLU A 54 16.62 14.41 7.25
C GLU A 54 16.50 15.95 7.12
N VAL A 55 15.72 16.60 7.99
CA VAL A 55 15.41 18.04 7.92
C VAL A 55 16.57 18.94 8.38
N ASP A 56 17.16 18.67 9.54
CA ASP A 56 18.17 19.50 10.19
C ASP A 56 19.60 18.99 9.96
N ALA A 57 19.96 18.69 8.70
CA ALA A 57 21.25 18.10 8.33
C ALA A 57 22.47 18.97 8.74
N ASP A 58 22.31 20.29 8.85
CA ASP A 58 23.34 21.24 9.29
C ASP A 58 23.37 21.50 10.82
N GLY A 59 22.45 20.91 11.60
CA GLY A 59 22.45 20.96 13.07
C GLY A 59 22.09 22.33 13.66
N ASN A 60 21.09 23.03 13.09
CA ASN A 60 20.62 24.34 13.53
C ASN A 60 19.74 24.28 14.80
N GLY A 61 19.11 23.13 15.07
CA GLY A 61 18.13 22.93 16.14
C GLY A 61 16.76 23.58 15.89
N THR A 62 16.47 24.00 14.66
CA THR A 62 15.23 24.71 14.27
C THR A 62 14.64 24.25 12.94
N ILE A 63 13.34 24.51 12.76
CA ILE A 63 12.49 24.08 11.65
C ILE A 63 11.56 25.23 11.25
N ASP A 64 11.39 25.51 9.96
CA ASP A 64 10.40 26.48 9.47
C ASP A 64 9.03 25.83 9.24
N PHE A 65 7.96 26.64 9.24
CA PHE A 65 6.60 26.17 8.94
C PHE A 65 6.51 25.29 7.67
N PRO A 66 6.97 25.73 6.48
CA PRO A 66 6.90 24.91 5.26
C PRO A 66 7.88 23.73 5.28
N GLU A 67 8.95 23.78 6.08
CA GLU A 67 9.86 22.65 6.28
C GLU A 67 9.19 21.54 7.13
N PHE A 68 8.44 21.91 8.17
CA PHE A 68 7.66 20.95 8.97
C PHE A 68 6.63 20.21 8.13
N LEU A 69 5.94 20.91 7.21
CA LEU A 69 4.94 20.29 6.35
C LEU A 69 5.53 19.19 5.44
N THR A 70 6.84 19.18 5.19
CA THR A 70 7.50 18.16 4.35
C THR A 70 7.39 16.76 4.93
N MET A 71 7.43 16.59 6.27
CA MET A 71 7.21 15.29 6.92
C MET A 71 5.72 15.00 7.15
N MET A 72 4.89 16.03 7.35
CA MET A 72 3.44 15.88 7.53
C MET A 72 2.77 15.34 6.26
N ALA A 73 3.29 15.66 5.07
CA ALA A 73 2.89 15.04 3.81
C ALA A 73 3.12 13.51 3.81
N ARG A 74 4.23 13.04 4.40
CA ARG A 74 4.61 11.61 4.51
C ARG A 74 3.73 10.87 5.52
N LYS A 75 3.42 11.53 6.64
CA LYS A 75 2.48 11.06 7.68
C LYS A 75 1.01 11.00 7.21
N MET A 76 0.71 11.43 5.98
CA MET A 76 -0.60 11.31 5.32
C MET A 76 -0.59 10.44 4.04
N LYS A 77 0.28 9.42 3.98
CA LYS A 77 0.21 8.36 2.94
C LYS A 77 -1.00 7.43 3.15
N ASP A 78 -1.30 6.59 2.15
CA ASP A 78 -2.50 5.75 2.08
C ASP A 78 -2.17 4.33 1.54
N THR A 79 -3.19 3.46 1.49
CA THR A 79 -3.18 2.07 0.98
C THR A 79 -2.14 1.16 1.64
N ASP A 80 -0.93 1.07 1.08
CA ASP A 80 0.19 0.26 1.58
C ASP A 80 0.95 0.91 2.75
N SER A 81 0.81 2.23 2.93
CA SER A 81 1.38 3.07 4.00
C SER A 81 2.92 3.11 4.08
N GLU A 82 3.48 4.32 3.97
CA GLU A 82 4.93 4.56 4.02
C GLU A 82 5.55 4.04 5.33
N GLU A 83 4.93 4.32 6.48
CA GLU A 83 5.47 3.89 7.78
C GLU A 83 5.42 2.36 7.97
N GLU A 84 4.41 1.70 7.41
CA GLU A 84 4.28 0.23 7.44
C GLU A 84 5.39 -0.45 6.63
N ILE A 85 5.62 0.04 5.41
CA ILE A 85 6.71 -0.40 4.53
C ILE A 85 8.06 -0.14 5.19
N ARG A 86 8.27 1.04 5.79
CA ARG A 86 9.52 1.40 6.47
C ARG A 86 9.86 0.45 7.62
N GLU A 87 8.88 0.10 8.47
CA GLU A 87 9.09 -0.85 9.56
C GLU A 87 9.26 -2.29 9.07
N ALA A 88 8.49 -2.71 8.04
CA ALA A 88 8.65 -4.00 7.37
C ALA A 88 10.03 -4.15 6.71
N PHE A 89 10.59 -3.06 6.17
CA PHE A 89 11.98 -3.03 5.70
C PHE A 89 12.97 -3.13 6.86
N ARG A 90 12.75 -2.40 7.95
CA ARG A 90 13.64 -2.40 9.12
C ARG A 90 13.79 -3.78 9.78
N VAL A 91 12.78 -4.65 9.64
CA VAL A 91 12.84 -6.08 9.99
C VAL A 91 13.92 -6.85 9.20
N PHE A 92 14.16 -6.49 7.94
CA PHE A 92 15.19 -7.08 7.08
C PHE A 92 16.57 -6.38 7.16
N ASP A 93 16.64 -5.14 7.66
CA ASP A 93 17.87 -4.32 7.72
C ASP A 93 18.97 -5.03 8.52
N LYS A 94 20.10 -5.28 7.83
CA LYS A 94 21.24 -6.07 8.31
C LYS A 94 22.03 -5.39 9.44
N ASP A 95 22.09 -4.05 9.43
CA ASP A 95 22.98 -3.25 10.28
C ASP A 95 22.25 -2.22 11.17
N GLY A 96 20.96 -1.95 10.92
CA GLY A 96 20.19 -0.86 11.52
C GLY A 96 20.48 0.52 10.92
N ASN A 97 21.05 0.55 9.70
CA ASN A 97 21.60 1.75 9.06
C ASN A 97 20.64 2.43 8.03
N GLY A 98 19.41 1.94 7.86
CA GLY A 98 18.44 2.51 6.91
C GLY A 98 18.58 1.98 5.48
N TYR A 99 19.22 0.81 5.31
CA TYR A 99 19.41 0.14 4.03
C TYR A 99 19.37 -1.39 4.21
N ILE A 100 19.21 -2.10 3.09
CA ILE A 100 19.21 -3.56 3.00
C ILE A 100 20.29 -4.01 1.99
N SER A 101 20.83 -5.22 2.13
CA SER A 101 21.73 -5.77 1.12
C SER A 101 20.96 -6.25 -0.11
N ALA A 102 21.47 -6.04 -1.32
CA ALA A 102 20.76 -6.37 -2.56
C ALA A 102 20.38 -7.86 -2.64
N ALA A 103 21.31 -8.75 -2.26
CA ALA A 103 21.06 -10.18 -2.17
C ALA A 103 20.01 -10.56 -1.09
N GLU A 104 19.90 -9.77 -0.02
CA GLU A 104 18.90 -9.99 1.05
C GLU A 104 17.49 -9.57 0.62
N LEU A 105 17.32 -8.40 -0.02
CA LEU A 105 16.03 -7.99 -0.58
C LEU A 105 15.62 -8.87 -1.77
N ARG A 106 16.57 -9.30 -2.62
CA ARG A 106 16.28 -10.31 -3.66
C ARG A 106 15.88 -11.66 -3.06
N HIS A 107 16.49 -12.06 -1.93
CA HIS A 107 16.05 -13.22 -1.16
C HIS A 107 14.61 -13.02 -0.68
N VAL A 108 14.32 -12.06 0.21
CA VAL A 108 12.95 -11.91 0.79
C VAL A 108 11.89 -11.75 -0.29
N MET A 109 12.16 -10.97 -1.33
CA MET A 109 11.16 -10.65 -2.34
C MET A 109 10.86 -11.81 -3.30
N THR A 110 11.68 -12.86 -3.27
CA THR A 110 11.48 -14.11 -4.05
C THR A 110 11.34 -15.36 -3.17
N ASN A 111 11.45 -15.22 -1.84
CA ASN A 111 11.22 -16.28 -0.84
C ASN A 111 9.92 -16.12 -0.06
N LEU A 112 9.45 -14.89 0.14
CA LEU A 112 8.36 -14.56 1.05
C LEU A 112 7.33 -13.65 0.36
N GLY A 113 6.06 -13.86 0.69
CA GLY A 113 4.98 -13.09 0.08
C GLY A 113 4.64 -13.52 -1.34
N GLU A 114 4.24 -12.53 -2.15
CA GLU A 114 3.72 -12.70 -3.51
C GLU A 114 4.78 -13.12 -4.56
N LYS A 115 6.07 -13.10 -4.19
CA LYS A 115 7.25 -13.59 -4.95
C LYS A 115 7.38 -13.02 -6.36
N LEU A 116 8.20 -11.96 -6.48
CA LEU A 116 8.51 -11.27 -7.73
C LEU A 116 9.18 -12.21 -8.75
N THR A 117 8.95 -11.95 -10.05
CA THR A 117 9.64 -12.65 -11.15
C THR A 117 11.11 -12.23 -11.27
N ASP A 118 11.84 -12.92 -12.13
CA ASP A 118 13.29 -12.80 -12.35
C ASP A 118 13.78 -11.39 -12.74
N GLU A 119 13.15 -10.74 -13.72
CA GLU A 119 13.42 -9.37 -14.15
C GLU A 119 12.72 -8.33 -13.25
N GLU A 120 11.60 -8.71 -12.63
CA GLU A 120 10.78 -7.86 -11.75
C GLU A 120 11.51 -7.51 -10.45
N VAL A 121 12.16 -8.50 -9.81
CA VAL A 121 13.03 -8.27 -8.66
C VAL A 121 14.33 -7.55 -9.06
N ASP A 122 14.83 -7.76 -10.29
CA ASP A 122 16.01 -7.06 -10.79
C ASP A 122 15.76 -5.56 -11.00
N GLU A 123 14.57 -5.20 -11.49
CA GLU A 123 14.11 -3.81 -11.60
C GLU A 123 14.07 -3.12 -10.22
N MET A 124 13.70 -3.86 -9.16
CA MET A 124 13.76 -3.38 -7.78
C MET A 124 15.21 -3.11 -7.35
N ILE A 125 16.15 -4.04 -7.57
CA ILE A 125 17.56 -3.81 -7.20
C ILE A 125 18.12 -2.59 -7.94
N ARG A 126 17.86 -2.47 -9.26
CA ARG A 126 18.36 -1.39 -10.13
C ARG A 126 17.99 0.01 -9.64
N GLU A 127 16.80 0.19 -9.08
CA GLU A 127 16.31 1.50 -8.59
C GLU A 127 16.45 1.71 -7.07
N ALA A 128 16.51 0.64 -6.26
CA ALA A 128 16.76 0.73 -4.82
C ALA A 128 18.26 0.86 -4.46
N ASP A 129 19.18 0.27 -5.24
CA ASP A 129 20.64 0.34 -5.07
C ASP A 129 21.20 1.69 -5.54
N ILE A 130 20.82 2.79 -4.86
CA ILE A 130 21.26 4.15 -5.19
C ILE A 130 22.78 4.36 -5.06
N ASP A 131 23.45 3.53 -4.27
CA ASP A 131 24.91 3.50 -4.15
C ASP A 131 25.62 2.80 -5.34
N GLY A 132 24.87 2.02 -6.14
CA GLY A 132 25.41 1.22 -7.25
C GLY A 132 26.43 0.15 -6.81
N ASP A 133 26.28 -0.37 -5.60
CA ASP A 133 27.28 -1.21 -4.91
C ASP A 133 26.64 -2.38 -4.13
N GLY A 134 25.46 -2.85 -4.55
CA GLY A 134 24.71 -3.93 -3.91
C GLY A 134 24.06 -3.56 -2.58
N GLN A 135 23.79 -2.28 -2.36
CA GLN A 135 23.26 -1.72 -1.11
C GLN A 135 21.93 -1.02 -1.41
N VAL A 136 20.83 -1.77 -1.31
CA VAL A 136 19.47 -1.29 -1.58
C VAL A 136 18.99 -0.37 -0.45
N ASN A 137 19.04 0.94 -0.69
CA ASN A 137 18.71 1.92 0.33
C ASN A 137 17.20 2.10 0.43
N TYR A 138 16.58 1.25 1.24
CA TYR A 138 15.14 1.21 1.36
C TYR A 138 14.55 2.54 1.83
N GLU A 139 15.23 3.36 2.64
CA GLU A 139 14.62 4.59 3.18
C GLU A 139 14.25 5.59 2.08
N GLU A 140 15.09 5.75 1.05
CA GLU A 140 14.73 6.49 -0.18
C GLU A 140 13.70 5.74 -1.03
N PHE A 141 13.81 4.41 -1.08
CA PHE A 141 12.94 3.54 -1.87
C PHE A 141 11.48 3.55 -1.39
N VAL A 142 11.22 3.55 -0.07
CA VAL A 142 9.86 3.65 0.48
C VAL A 142 9.21 4.94 0.01
N GLN A 143 9.96 6.04 0.13
CA GLN A 143 9.45 7.37 -0.18
C GLN A 143 9.11 7.48 -1.68
N MET A 144 9.94 6.87 -2.54
CA MET A 144 9.72 6.76 -3.98
C MET A 144 8.52 5.88 -4.33
N MET A 145 8.42 4.66 -3.77
CA MET A 145 7.34 3.72 -4.09
C MET A 145 5.96 4.31 -3.74
N THR A 146 5.86 4.92 -2.55
CA THR A 146 4.63 5.51 -2.01
C THR A 146 4.37 6.95 -2.46
N ALA A 147 5.14 7.49 -3.41
CA ALA A 147 5.02 8.88 -3.85
C ALA A 147 3.61 9.22 -4.37
N LYS A 148 3.11 10.41 -3.97
CA LYS A 148 1.75 10.92 -4.26
C LYS A 148 1.76 11.91 -5.43
N GLY B 1 3.99 -18.71 23.25
CA GLY B 1 4.79 -19.91 22.88
C GLY B 1 6.10 -19.54 22.20
N PRO B 2 6.99 -20.53 21.95
CA PRO B 2 8.26 -20.33 21.26
C PRO B 2 8.11 -19.94 19.78
N GLY B 3 9.16 -19.36 19.20
CA GLY B 3 9.20 -18.96 17.79
C GLY B 3 10.51 -18.27 17.38
N SER B 4 10.45 -17.48 16.29
CA SER B 4 11.58 -16.74 15.70
C SER B 4 11.09 -15.54 14.87
N LYS B 5 12.03 -14.75 14.32
CA LYS B 5 11.73 -13.64 13.39
C LYS B 5 10.95 -14.08 12.14
N ARG B 6 11.03 -15.34 11.71
CA ARG B 6 10.43 -15.85 10.45
C ARG B 6 8.92 -15.52 10.32
N LYS B 7 8.18 -15.54 11.43
CA LYS B 7 6.74 -15.20 11.50
C LYS B 7 6.45 -13.76 11.06
N GLN B 8 7.28 -12.80 11.49
CA GLN B 8 7.19 -11.39 11.07
C GLN B 8 7.88 -11.14 9.72
N GLU B 9 9.01 -11.79 9.47
CA GLU B 9 9.81 -11.67 8.25
C GLU B 9 8.99 -12.00 6.99
N GLU B 10 8.21 -13.10 7.03
CA GLU B 10 7.40 -13.54 5.90
C GLU B 10 6.26 -12.58 5.52
N VAL B 11 5.75 -11.83 6.49
CA VAL B 11 4.60 -10.91 6.32
C VAL B 11 5.04 -9.46 6.07
N SER B 12 6.21 -9.08 6.60
CA SER B 12 6.88 -7.81 6.30
C SER B 12 7.15 -7.70 4.80
N ALA B 13 7.56 -8.79 4.17
CA ALA B 13 7.83 -8.85 2.74
C ALA B 13 6.56 -8.48 1.94
N ILE B 14 5.37 -8.94 2.34
CA ILE B 14 4.12 -8.70 1.60
C ILE B 14 3.78 -7.21 1.50
N ILE B 15 4.01 -6.46 2.59
CA ILE B 15 3.78 -5.00 2.64
C ILE B 15 4.63 -4.28 1.57
N ILE B 16 5.88 -4.71 1.39
CA ILE B 16 6.79 -4.20 0.36
C ILE B 16 6.41 -4.72 -1.05
N GLN B 17 6.00 -5.99 -1.18
CA GLN B 17 5.55 -6.59 -2.45
C GLN B 17 4.38 -5.81 -3.06
N ARG B 18 3.40 -5.45 -2.22
CA ARG B 18 2.27 -4.57 -2.57
C ARG B 18 2.76 -3.22 -3.08
N ALA B 19 3.56 -2.52 -2.27
CA ALA B 19 4.09 -1.20 -2.58
C ALA B 19 4.95 -1.16 -3.85
N TYR B 20 5.70 -2.23 -4.11
CA TYR B 20 6.52 -2.33 -5.30
C TYR B 20 5.67 -2.42 -6.57
N ARG B 21 4.68 -3.32 -6.60
CA ARG B 21 3.75 -3.42 -7.75
C ARG B 21 2.87 -2.16 -7.89
N ARG B 22 2.51 -1.51 -6.77
CA ARG B 22 1.84 -0.19 -6.75
C ARG B 22 2.67 0.86 -7.47
N TYR B 23 3.99 0.86 -7.28
CA TYR B 23 4.93 1.69 -8.02
C TYR B 23 5.10 1.26 -9.49
N LEU B 24 5.15 -0.05 -9.78
CA LEU B 24 5.19 -0.53 -11.16
C LEU B 24 3.95 -0.11 -11.98
N LEU B 25 2.78 -0.01 -11.33
CA LEU B 25 1.58 0.58 -11.91
C LEU B 25 1.78 2.06 -12.26
N LYS B 26 2.31 2.87 -11.33
CA LYS B 26 2.65 4.29 -11.58
C LYS B 26 3.66 4.46 -12.72
N GLN B 27 4.61 3.53 -12.87
CA GLN B 27 5.57 3.52 -13.97
C GLN B 27 4.91 3.25 -15.33
N LYS B 28 4.06 2.22 -15.46
CA LYS B 28 3.44 1.83 -16.75
C LYS B 28 2.25 2.71 -17.19
N VAL B 29 1.51 3.31 -16.25
CA VAL B 29 0.35 4.18 -16.55
C VAL B 29 0.76 5.46 -17.29
N LYS B 30 -0.07 5.89 -18.26
CA LYS B 30 0.16 7.08 -19.10
C LYS B 30 0.10 8.39 -18.30
N LYS B 31 0.98 9.34 -18.66
CA LYS B 31 1.25 10.61 -17.96
C LYS B 31 1.93 11.64 -18.87
#